data_7SXO
#
_entry.id   7SXO
#
_cell.length_a   1.00
_cell.length_b   1.00
_cell.length_c   1.00
_cell.angle_alpha   90.00
_cell.angle_beta   90.00
_cell.angle_gamma   90.00
#
_symmetry.space_group_name_H-M   'P 1'
#
loop_
_entity.id
_entity.type
_entity.pdbx_description
1 polymer 'Lon protease homolog, mitochondrial'
2 polymer 'endogenous substrate'
3 non-polymer "ADENOSINE-5'-TRIPHOSPHATE"
4 non-polymer 'MAGNESIUM ION'
5 non-polymer "ADENOSINE-5'-DIPHOSPHATE"
#
loop_
_entity_poly.entity_id
_entity_poly.type
_entity_poly.pdbx_seq_one_letter_code
_entity_poly.pdbx_strand_id
1 'polypeptide(L)'
;MNHKVSSHHHHHHSAGMLALPIARRPLFPGFYKAVVISDERVMKAIKEMLDRQQPYIGAFMLKNSEEDTDVITDKNDVYD
VGVLAQITSAFPSKDEKTGTETMTALLYPHRRIKIDELFPPNEEKEKSKEQAKDTDTETTVVEDANNPEDQESTSPATPK
LEDIVVERIPDSELQHHKRVEATEEESEELDDIQEGEDINPTEFLKNYNVSLVNVLNLEDEPFDRKSPVINALTSEILKV
FKEISQLNTMFREQIATFSASIQSATTNIFEEPARLADFAAAVSAGEEDELQDILSSLNIEHRLEKSLLVLKKELMNAEL
QNKISKDVETKIQKRQREYYLMEQLKGIKRELGIDDGRDKLIDTYKERIKSLKLPDSVQKIFDDEITKLSTLETSMSEFG
VIRNYLDWLTSIPWGKHSKEQYSIPRAKKILDEDHYGMVDVKDRILEFIAVGKLLGKVDGKIICFVGPPGVGKTSIGKSI
ARALNRKFFRFSVGGMTDVAEIKGHRRTYIGALPGRVVQALKKCQTQNPLILIDEIDKIGHGGIHGDPSAALLEVLDPEQ
NNSFLDNYLDIPIDLSKVLFVCTANSLETIPRPLLDRMEVIELTGYVAEDKVKIAEQYLVPSAKKSAGLENSHVDMTEDA
ITALMKYYCRESGVRNLKKHIEKIYRKAALQVVKKLSIEDSPTSSADSKPKESVSSEEKAENNAKSSSEKTKDNNSEKTS
DDIEALKTSEKINVSISQKNLKDYVGPPVYTTDRLYETTPPGVVMGLAWTNMGGCSLYVESVLEQPLHNCKHPTFERTGQ
LGDVMKESSRLAYSFAKMYLAQKFPENRFFEKASIHLHCPEGATPKDGPSAGVTMATSFLSLALNKSIDPTVAMTGELTL
TGKVLRIGGLREKAVAAKRSGAKTIIFPKDNLNDWEELPDNVKEGLEPLAADWYNDIFQKLFKDVNTKEGNSVWKAEFEI
LDAKKEKD
;
A,B,C,D,E,F
2 'polypeptide(L)' (UNK)(UNK)(UNK)(UNK)(UNK)(UNK)(UNK)(UNK)(UNK)(UNK)(UNK)(UNK) G
#
loop_
_chem_comp.id
_chem_comp.type
_chem_comp.name
_chem_comp.formula
ADP non-polymer ADENOSINE-5'-DIPHOSPHATE 'C10 H15 N5 O10 P2'
ATP non-polymer ADENOSINE-5'-TRIPHOSPHATE 'C10 H16 N5 O13 P3'
MG non-polymer 'MAGNESIUM ION' 'Mg 2'
#
# COMPACT_ATOMS: atom_id res chain seq x y z
N THR A 364 -54.02 25.66 -26.59
CA THR A 364 -54.29 25.34 -25.20
C THR A 364 -53.53 26.28 -24.27
N TYR A 365 -52.28 26.57 -24.63
CA TYR A 365 -51.42 27.44 -23.83
C TYR A 365 -50.76 28.51 -24.71
N LYS A 366 -51.56 29.16 -25.55
CA LYS A 366 -51.01 30.17 -26.46
C LYS A 366 -50.55 31.42 -25.69
N GLU A 367 -51.17 31.70 -24.55
CA GLU A 367 -50.79 32.88 -23.77
C GLU A 367 -49.34 32.76 -23.29
N ARG A 368 -48.96 31.58 -22.80
CA ARG A 368 -47.60 31.39 -22.30
C ARG A 368 -46.56 31.59 -23.39
N ILE A 369 -46.77 30.96 -24.56
CA ILE A 369 -45.81 31.09 -25.64
C ILE A 369 -45.79 32.52 -26.19
N LYS A 370 -46.94 33.19 -26.21
CA LYS A 370 -46.97 34.58 -26.67
C LYS A 370 -46.20 35.49 -25.73
N SER A 371 -46.33 35.28 -24.42
CA SER A 371 -45.59 36.08 -23.45
C SER A 371 -44.11 35.68 -23.37
N LEU A 372 -43.76 34.49 -23.83
CA LEU A 372 -42.38 34.02 -23.69
C LEU A 372 -41.45 34.72 -24.68
N LYS A 373 -41.91 34.95 -25.91
CA LYS A 373 -41.08 35.44 -27.00
C LYS A 373 -39.91 34.48 -27.24
N LEU A 374 -40.26 33.26 -27.65
CA LEU A 374 -39.45 32.07 -27.88
C LEU A 374 -38.96 32.01 -29.32
N PRO A 375 -37.79 31.39 -29.54
CA PRO A 375 -37.18 31.39 -30.88
C PRO A 375 -38.01 30.65 -31.91
N ASP A 376 -37.56 30.75 -33.16
CA ASP A 376 -38.31 30.22 -34.30
C ASP A 376 -38.22 28.71 -34.41
N SER A 377 -37.04 28.13 -34.14
CA SER A 377 -36.89 26.68 -34.25
C SER A 377 -37.77 25.95 -33.24
N VAL A 378 -37.70 26.37 -31.97
CA VAL A 378 -38.59 25.81 -30.97
C VAL A 378 -40.04 26.14 -31.29
N GLN A 379 -40.28 27.27 -31.97
CA GLN A 379 -41.64 27.62 -32.38
C GLN A 379 -42.19 26.58 -33.35
N LYS A 380 -41.42 26.24 -34.39
CA LYS A 380 -41.91 25.27 -35.36
C LYS A 380 -41.97 23.86 -34.77
N ILE A 381 -41.06 23.53 -33.84
CA ILE A 381 -41.14 22.24 -33.18
C ILE A 381 -42.38 22.14 -32.32
N PHE A 382 -42.69 23.19 -31.55
CA PHE A 382 -43.93 23.22 -30.80
C PHE A 382 -45.14 23.15 -31.71
N ASP A 383 -45.07 23.81 -32.87
CA ASP A 383 -46.19 23.79 -33.80
C ASP A 383 -46.45 22.39 -34.32
N ASP A 384 -45.39 21.69 -34.74
CA ASP A 384 -45.59 20.34 -35.25
C ASP A 384 -46.05 19.39 -34.14
N GLU A 385 -45.53 19.57 -32.92
CA GLU A 385 -45.98 18.73 -31.80
C GLU A 385 -47.45 18.99 -31.48
N ILE A 386 -47.91 20.24 -31.51
CA ILE A 386 -49.30 20.52 -31.19
C ILE A 386 -50.22 20.05 -32.33
N THR A 387 -49.75 20.11 -33.58
CA THR A 387 -50.53 19.54 -34.67
C THR A 387 -50.65 18.03 -34.52
N LYS A 388 -49.57 17.36 -34.09
CA LYS A 388 -49.66 15.94 -33.79
C LYS A 388 -50.64 15.68 -32.64
N LEU A 389 -50.63 16.55 -31.64
CA LEU A 389 -51.58 16.43 -30.54
C LEU A 389 -53.02 16.51 -31.04
N SER A 390 -53.29 17.47 -31.94
CA SER A 390 -54.63 17.62 -32.48
C SER A 390 -55.07 16.43 -33.31
N THR A 391 -54.14 15.58 -33.75
CA THR A 391 -54.44 14.43 -34.57
C THR A 391 -54.15 13.11 -33.85
N LEU A 392 -54.14 13.11 -32.52
CA LEU A 392 -53.85 11.92 -31.74
C LEU A 392 -54.97 11.66 -30.74
N GLU A 393 -55.17 10.38 -30.42
CA GLU A 393 -56.21 9.98 -29.49
C GLU A 393 -55.89 10.42 -28.07
N THR A 394 -56.91 10.92 -27.37
CA THR A 394 -56.76 11.37 -26.00
C THR A 394 -57.02 10.28 -24.96
N SER A 395 -57.50 9.11 -25.39
CA SER A 395 -57.82 8.04 -24.45
C SER A 395 -56.56 7.46 -23.82
N MET A 396 -55.49 7.29 -24.60
CA MET A 396 -54.29 6.63 -24.13
C MET A 396 -53.41 7.62 -23.35
N SER A 397 -52.26 7.12 -22.90
CA SER A 397 -51.29 7.91 -22.16
C SER A 397 -50.50 8.86 -23.04
N GLU A 398 -50.62 8.74 -24.37
CA GLU A 398 -49.95 9.66 -25.27
C GLU A 398 -50.42 11.09 -25.04
N PHE A 399 -51.72 11.27 -24.82
CA PHE A 399 -52.25 12.59 -24.52
C PHE A 399 -51.61 13.16 -23.26
N GLY A 400 -51.49 12.33 -22.22
CA GLY A 400 -50.89 12.80 -20.98
C GLY A 400 -49.42 13.17 -21.13
N VAL A 401 -48.65 12.34 -21.83
CA VAL A 401 -47.22 12.62 -21.98
C VAL A 401 -47.00 13.84 -22.85
N ILE A 402 -47.82 14.01 -23.89
CA ILE A 402 -47.69 15.21 -24.73
C ILE A 402 -48.12 16.44 -23.95
N ARG A 403 -49.13 16.31 -23.08
CA ARG A 403 -49.52 17.42 -22.21
C ARG A 403 -48.37 17.81 -21.28
N ASN A 404 -47.69 16.81 -20.71
CA ASN A 404 -46.54 17.11 -19.84
C ASN A 404 -45.43 17.79 -20.63
N TYR A 405 -45.16 17.32 -21.85
CA TYR A 405 -44.15 17.95 -22.69
C TYR A 405 -44.53 19.40 -23.00
N LEU A 406 -45.79 19.65 -23.30
CA LEU A 406 -46.24 21.01 -23.60
C LEU A 406 -46.11 21.91 -22.37
N ASP A 407 -46.46 21.39 -21.19
CA ASP A 407 -46.30 22.16 -19.97
C ASP A 407 -44.84 22.50 -19.71
N TRP A 408 -43.95 21.53 -19.91
CA TRP A 408 -42.53 21.78 -19.70
C TRP A 408 -41.99 22.80 -20.72
N LEU A 409 -42.44 22.70 -21.97
CA LEU A 409 -42.00 23.67 -22.98
C LEU A 409 -42.48 25.07 -22.67
N THR A 410 -43.74 25.21 -22.26
CA THR A 410 -44.28 26.53 -21.94
C THR A 410 -43.70 27.08 -20.64
N SER A 411 -43.26 26.23 -19.73
CA SER A 411 -42.70 26.71 -18.47
C SER A 411 -41.31 27.29 -18.65
N ILE A 412 -40.58 26.86 -19.67
CA ILE A 412 -39.21 27.32 -19.87
C ILE A 412 -39.21 28.78 -20.29
N PRO A 413 -38.49 29.67 -19.59
CA PRO A 413 -38.39 31.09 -20.01
C PRO A 413 -37.45 31.26 -21.20
N TRP A 414 -37.99 31.03 -22.39
CA TRP A 414 -37.17 31.04 -23.60
C TRP A 414 -36.66 32.44 -23.90
N GLY A 415 -37.53 33.44 -23.88
CA GLY A 415 -37.13 34.79 -24.19
C GLY A 415 -37.17 35.73 -23.00
N LYS A 416 -37.80 35.28 -21.92
CA LYS A 416 -37.86 36.10 -20.71
C LYS A 416 -36.47 36.17 -20.08
N HIS A 417 -36.07 37.40 -19.71
CA HIS A 417 -34.76 37.61 -19.12
C HIS A 417 -34.87 38.72 -18.08
N SER A 418 -33.93 38.72 -17.15
CA SER A 418 -33.89 39.74 -16.10
C SER A 418 -33.33 41.04 -16.67
N LYS A 419 -33.26 42.06 -15.81
CA LYS A 419 -32.73 43.36 -16.17
C LYS A 419 -31.50 43.60 -15.29
N GLU A 420 -30.31 43.33 -15.83
CA GLU A 420 -29.08 43.57 -15.10
C GLU A 420 -28.96 45.05 -14.76
N GLN A 421 -28.66 45.34 -13.50
CA GLN A 421 -28.62 46.73 -13.05
C GLN A 421 -27.36 47.43 -13.55
N TYR A 422 -27.48 48.74 -13.74
CA TYR A 422 -26.40 49.56 -14.28
C TYR A 422 -25.81 50.51 -13.24
N SER A 423 -26.09 50.26 -11.96
CA SER A 423 -25.61 51.12 -10.86
C SER A 423 -24.57 50.34 -10.07
N ILE A 424 -23.30 50.62 -10.35
CA ILE A 424 -22.21 49.97 -9.59
C ILE A 424 -22.27 50.31 -8.11
N PRO A 425 -22.43 51.58 -7.69
CA PRO A 425 -22.51 51.84 -6.24
C PRO A 425 -23.65 51.11 -5.54
N ARG A 426 -24.78 50.93 -6.22
CA ARG A 426 -25.88 50.16 -5.62
C ARG A 426 -25.46 48.72 -5.39
N ALA A 427 -24.74 48.13 -6.35
CA ALA A 427 -24.21 46.78 -6.18
C ALA A 427 -23.23 46.72 -5.02
N LYS A 428 -22.38 47.74 -4.90
CA LYS A 428 -21.43 47.78 -3.79
C LYS A 428 -22.15 47.83 -2.45
N LYS A 429 -23.19 48.65 -2.34
CA LYS A 429 -23.95 48.72 -1.10
C LYS A 429 -24.63 47.39 -0.80
N ILE A 430 -25.22 46.76 -1.82
CA ILE A 430 -25.90 45.48 -1.61
C ILE A 430 -24.91 44.42 -1.13
N LEU A 431 -23.73 44.38 -1.74
CA LEU A 431 -22.73 43.39 -1.35
C LEU A 431 -22.18 43.66 0.04
N ASP A 432 -21.98 44.94 0.39
CA ASP A 432 -21.42 45.28 1.69
C ASP A 432 -22.46 45.19 2.81
N GLU A 433 -23.75 45.14 2.48
CA GLU A 433 -24.77 45.03 3.52
C GLU A 433 -24.65 43.73 4.30
N ASP A 434 -24.32 42.63 3.63
CA ASP A 434 -24.32 41.32 4.26
C ASP A 434 -22.95 40.87 4.75
N HIS A 435 -21.91 41.01 3.94
CA HIS A 435 -20.59 40.52 4.29
C HIS A 435 -19.61 41.69 4.37
N TYR A 436 -18.50 41.45 5.07
CA TYR A 436 -17.54 42.49 5.39
C TYR A 436 -16.18 42.28 4.72
N GLY A 437 -15.55 41.13 4.95
CA GLY A 437 -14.16 40.95 4.58
C GLY A 437 -13.86 40.32 3.24
N MET A 438 -14.88 40.06 2.41
CA MET A 438 -14.67 39.42 1.12
C MET A 438 -14.54 40.49 0.03
N VAL A 439 -13.38 41.17 0.07
CA VAL A 439 -13.13 42.27 -0.86
C VAL A 439 -12.92 41.74 -2.28
N ASP A 440 -12.22 40.62 -2.41
CA ASP A 440 -11.89 40.11 -3.74
C ASP A 440 -13.13 39.75 -4.54
N VAL A 441 -14.10 39.09 -3.89
CA VAL A 441 -15.33 38.72 -4.58
C VAL A 441 -16.10 39.97 -5.00
N LYS A 442 -16.15 40.98 -4.13
CA LYS A 442 -16.83 42.22 -4.47
C LYS A 442 -16.16 42.91 -5.67
N ASP A 443 -14.82 42.94 -5.69
CA ASP A 443 -14.12 43.53 -6.81
C ASP A 443 -14.38 42.76 -8.09
N ARG A 444 -14.39 41.42 -8.02
CA ARG A 444 -14.67 40.63 -9.20
C ARG A 444 -16.08 40.89 -9.73
N ILE A 445 -17.05 40.99 -8.83
CA ILE A 445 -18.43 41.27 -9.24
C ILE A 445 -18.52 42.67 -9.86
N LEU A 446 -17.82 43.64 -9.29
CA LEU A 446 -17.82 44.99 -9.86
C LEU A 446 -17.20 44.98 -11.26
N GLU A 447 -16.11 44.24 -11.45
CA GLU A 447 -15.52 44.14 -12.77
C GLU A 447 -16.48 43.48 -13.76
N PHE A 448 -17.19 42.45 -13.31
CA PHE A 448 -18.18 41.80 -14.18
C PHE A 448 -19.28 42.77 -14.57
N ILE A 449 -19.78 43.57 -13.63
CA ILE A 449 -20.82 44.55 -13.92
C ILE A 449 -20.30 45.59 -14.91
N ALA A 450 -19.07 46.07 -14.69
CA ALA A 450 -18.50 47.06 -15.60
C ALA A 450 -18.33 46.50 -17.00
N VAL A 451 -17.92 45.24 -17.11
CA VAL A 451 -17.82 44.59 -18.41
C VAL A 451 -19.21 44.52 -19.06
N GLY A 452 -20.23 44.20 -18.26
CA GLY A 452 -21.59 44.20 -18.78
C GLY A 452 -22.06 45.57 -19.24
N LYS A 453 -21.54 46.62 -18.62
CA LYS A 453 -21.91 47.98 -19.02
C LYS A 453 -21.45 48.29 -20.45
N LEU A 454 -20.24 47.85 -20.81
CA LEU A 454 -19.68 48.17 -22.12
C LEU A 454 -20.19 47.27 -23.23
N LEU A 455 -21.04 46.28 -22.91
CA LEU A 455 -21.58 45.39 -23.93
C LEU A 455 -23.09 45.26 -23.78
N GLY A 456 -23.69 44.37 -24.56
CA GLY A 456 -25.11 44.10 -24.46
C GLY A 456 -25.42 42.63 -24.54
N LYS A 457 -24.48 41.79 -24.10
CA LYS A 457 -24.64 40.34 -24.18
C LYS A 457 -24.54 39.71 -22.80
N VAL A 458 -23.95 40.43 -21.84
CA VAL A 458 -23.76 40.02 -20.44
C VAL A 458 -23.38 38.54 -20.38
N ASP A 459 -22.15 38.22 -20.77
CA ASP A 459 -21.72 36.83 -20.86
C ASP A 459 -21.73 36.16 -19.49
N GLY A 460 -22.08 34.88 -19.49
CA GLY A 460 -22.16 34.09 -18.27
C GLY A 460 -20.85 33.45 -17.88
N LYS A 461 -19.92 34.26 -17.34
CA LYS A 461 -18.62 33.76 -16.95
C LYS A 461 -18.73 32.77 -15.80
N ILE A 462 -17.67 31.98 -15.61
CA ILE A 462 -17.65 30.90 -14.64
C ILE A 462 -16.53 31.15 -13.64
N ILE A 463 -16.92 31.33 -12.37
CA ILE A 463 -16.01 31.68 -11.29
C ILE A 463 -16.20 30.66 -10.16
N CYS A 464 -15.09 30.26 -9.54
CA CYS A 464 -15.11 29.28 -8.46
C CYS A 464 -14.25 29.78 -7.31
N PHE A 465 -14.83 29.83 -6.12
CA PHE A 465 -14.13 30.26 -4.92
C PHE A 465 -13.55 29.04 -4.21
N VAL A 466 -12.24 29.06 -3.98
CA VAL A 466 -11.56 27.98 -3.27
C VAL A 466 -10.93 28.56 -2.01
N GLY A 467 -11.16 27.90 -0.88
CA GLY A 467 -10.65 28.37 0.39
C GLY A 467 -11.04 27.47 1.54
N PRO A 468 -10.55 27.80 2.74
CA PRO A 468 -10.86 27.00 3.93
C PRO A 468 -12.32 27.11 4.30
N PRO A 469 -12.86 26.13 5.02
CA PRO A 469 -14.29 26.17 5.38
C PRO A 469 -14.60 27.33 6.29
N GLY A 470 -15.85 27.82 6.18
CA GLY A 470 -16.33 28.88 7.04
C GLY A 470 -16.01 30.28 6.59
N VAL A 471 -15.45 30.46 5.39
CA VAL A 471 -15.10 31.80 4.91
C VAL A 471 -16.25 32.48 4.19
N GLY A 472 -17.41 31.83 4.07
CA GLY A 472 -18.56 32.44 3.45
C GLY A 472 -18.62 32.29 1.94
N LYS A 473 -17.91 31.32 1.36
CA LYS A 473 -17.92 31.14 -0.08
C LYS A 473 -19.25 30.63 -0.62
N THR A 474 -20.16 30.21 0.26
CA THR A 474 -21.51 29.78 -0.15
C THR A 474 -22.59 30.79 0.23
N SER A 475 -22.43 31.48 1.36
CA SER A 475 -23.47 32.41 1.80
C SER A 475 -23.53 33.65 0.91
N ILE A 476 -22.38 34.11 0.43
CA ILE A 476 -22.34 35.35 -0.35
C ILE A 476 -23.07 35.22 -1.68
N GLY A 477 -23.27 33.99 -2.18
CA GLY A 477 -23.86 33.83 -3.49
C GLY A 477 -25.22 34.49 -3.61
N LYS A 478 -26.09 34.28 -2.62
CA LYS A 478 -27.38 34.94 -2.60
C LYS A 478 -27.21 36.45 -2.71
N SER A 479 -26.27 37.00 -1.93
CA SER A 479 -26.01 38.44 -2.01
C SER A 479 -25.63 38.85 -3.42
N ILE A 480 -24.78 38.05 -4.09
CA ILE A 480 -24.42 38.34 -5.46
C ILE A 480 -25.67 38.36 -6.34
N ALA A 481 -26.58 37.42 -6.10
CA ALA A 481 -27.84 37.40 -6.85
C ALA A 481 -28.63 38.68 -6.61
N ARG A 482 -28.56 39.22 -5.40
CA ARG A 482 -29.21 40.51 -5.14
C ARG A 482 -28.42 41.67 -5.73
N ALA A 483 -27.10 41.50 -5.87
CA ALA A 483 -26.29 42.58 -6.45
C ALA A 483 -26.50 42.69 -7.95
N LEU A 484 -26.67 41.56 -8.63
CA LEU A 484 -26.82 41.54 -10.08
C LEU A 484 -28.27 41.60 -10.53
N ASN A 485 -29.23 41.70 -9.61
CA ASN A 485 -30.65 41.66 -9.93
C ASN A 485 -30.99 40.41 -10.73
N ARG A 486 -30.42 39.28 -10.32
CA ARG A 486 -30.55 38.01 -11.01
C ARG A 486 -31.23 37.00 -10.09
N LYS A 487 -32.01 36.11 -10.71
CA LYS A 487 -32.64 35.03 -9.96
C LYS A 487 -31.58 34.07 -9.42
N PHE A 488 -31.81 33.57 -8.21
CA PHE A 488 -30.85 32.72 -7.53
C PHE A 488 -31.35 31.28 -7.48
N PHE A 489 -30.45 30.34 -7.73
CA PHE A 489 -30.72 28.93 -7.56
C PHE A 489 -29.48 28.24 -7.03
N ARG A 490 -29.66 27.39 -6.02
CA ARG A 490 -28.58 26.63 -5.41
C ARG A 490 -28.70 25.18 -5.82
N PHE A 491 -27.62 24.61 -6.34
CA PHE A 491 -27.63 23.27 -6.91
C PHE A 491 -26.39 22.54 -6.43
N SER A 492 -26.59 21.53 -5.59
CA SER A 492 -25.49 20.81 -4.94
C SER A 492 -25.18 19.53 -5.71
N VAL A 493 -23.89 19.28 -5.92
CA VAL A 493 -23.44 18.11 -6.67
C VAL A 493 -22.61 17.23 -5.75
N GLY A 494 -22.89 17.28 -4.44
CA GLY A 494 -22.08 16.56 -3.48
C GLY A 494 -22.20 15.05 -3.60
N GLY A 495 -23.42 14.55 -3.79
CA GLY A 495 -23.62 13.12 -3.76
C GLY A 495 -24.16 12.51 -5.04
N MET A 496 -23.67 12.98 -6.18
CA MET A 496 -24.12 12.43 -7.46
C MET A 496 -23.50 11.08 -7.75
N THR A 497 -24.26 10.23 -8.44
CA THR A 497 -23.78 8.97 -8.95
C THR A 497 -24.17 8.71 -10.40
N ASP A 498 -24.98 9.57 -11.01
CA ASP A 498 -25.42 9.38 -12.39
C ASP A 498 -25.64 10.74 -13.03
N VAL A 499 -25.61 10.75 -14.36
CA VAL A 499 -25.84 11.98 -15.13
C VAL A 499 -27.32 12.33 -15.26
N ALA A 500 -28.22 11.42 -14.86
CA ALA A 500 -29.64 11.68 -15.00
C ALA A 500 -30.08 12.89 -14.18
N GLU A 501 -29.32 13.23 -13.14
CA GLU A 501 -29.64 14.42 -12.36
C GLU A 501 -29.38 15.70 -13.14
N ILE A 502 -28.42 15.68 -14.06
CA ILE A 502 -28.03 16.88 -14.80
C ILE A 502 -28.73 16.93 -16.15
N LYS A 503 -28.91 15.77 -16.77
CA LYS A 503 -29.43 15.69 -18.13
C LYS A 503 -30.79 15.01 -18.24
N GLY A 504 -31.33 14.47 -17.15
CA GLY A 504 -32.63 13.85 -17.23
C GLY A 504 -32.61 12.53 -17.99
N HIS A 505 -33.82 12.07 -18.32
CA HIS A 505 -34.01 10.83 -19.05
C HIS A 505 -34.66 11.11 -20.40
N ARG A 506 -34.56 10.13 -21.30
CA ARG A 506 -35.13 10.25 -22.63
C ARG A 506 -36.65 10.26 -22.57
N ARG A 507 -37.26 10.79 -23.63
CA ARG A 507 -38.72 10.81 -23.74
C ARG A 507 -39.32 9.41 -23.73
N THR A 508 -38.56 8.39 -24.11
CA THR A 508 -39.10 7.05 -24.23
C THR A 508 -39.47 6.45 -22.88
N TYR A 509 -38.79 6.86 -21.81
CA TYR A 509 -39.02 6.25 -20.51
C TYR A 509 -40.37 6.70 -19.92
N ILE A 510 -40.87 5.86 -19.01
CA ILE A 510 -42.23 6.02 -18.51
C ILE A 510 -42.39 7.32 -17.72
N GLY A 511 -41.50 7.56 -16.77
CA GLY A 511 -41.64 8.71 -15.89
C GLY A 511 -40.48 9.69 -15.96
N ALA A 512 -40.03 9.98 -17.17
CA ALA A 512 -38.86 10.83 -17.35
C ALA A 512 -39.16 12.28 -16.93
N LEU A 513 -38.19 12.89 -16.26
CA LEU A 513 -38.21 14.29 -15.89
C LEU A 513 -36.90 14.94 -16.32
N PRO A 514 -36.91 16.26 -16.54
CA PRO A 514 -35.68 16.94 -17.00
C PRO A 514 -34.59 16.95 -15.95
N GLY A 515 -33.44 17.50 -16.30
CA GLY A 515 -32.36 17.67 -15.34
C GLY A 515 -32.63 18.84 -14.42
N ARG A 516 -31.68 19.06 -13.50
CA ARG A 516 -31.84 20.13 -12.53
C ARG A 516 -31.61 21.51 -13.12
N VAL A 517 -30.90 21.62 -14.24
CA VAL A 517 -30.77 22.92 -14.90
C VAL A 517 -32.13 23.37 -15.44
N VAL A 518 -32.87 22.44 -16.05
CA VAL A 518 -34.21 22.76 -16.53
C VAL A 518 -35.14 23.06 -15.36
N GLN A 519 -34.98 22.34 -14.25
CA GLN A 519 -35.78 22.62 -13.06
C GLN A 519 -35.49 24.01 -12.53
N ALA A 520 -34.22 24.42 -12.51
CA ALA A 520 -33.86 25.77 -12.08
C ALA A 520 -34.45 26.81 -13.01
N LEU A 521 -34.38 26.57 -14.32
CA LEU A 521 -34.97 27.50 -15.28
C LEU A 521 -36.47 27.64 -15.07
N LYS A 522 -37.16 26.52 -14.83
CA LYS A 522 -38.59 26.57 -14.58
C LYS A 522 -38.91 27.30 -13.29
N LYS A 523 -38.14 27.04 -12.23
CA LYS A 523 -38.39 27.69 -10.95
C LYS A 523 -38.18 29.19 -11.03
N CYS A 524 -37.11 29.61 -11.71
CA CYS A 524 -36.82 31.03 -11.85
C CYS A 524 -37.82 31.75 -12.74
N GLN A 525 -38.42 31.04 -13.71
CA GLN A 525 -39.33 31.62 -14.70
C GLN A 525 -38.68 32.77 -15.47
N THR A 526 -37.36 32.81 -15.48
CA THR A 526 -36.61 33.89 -16.11
C THR A 526 -35.21 33.38 -16.43
N GLN A 527 -34.85 33.42 -17.71
CA GLN A 527 -33.51 32.99 -18.11
C GLN A 527 -32.47 33.95 -17.52
N ASN A 528 -31.20 33.56 -17.66
CA ASN A 528 -30.05 34.26 -17.09
C ASN A 528 -30.16 34.30 -15.57
N PRO A 529 -30.22 33.14 -14.88
CA PRO A 529 -30.19 33.16 -13.42
C PRO A 529 -28.79 33.04 -12.88
N LEU A 530 -28.65 33.00 -11.55
CA LEU A 530 -27.38 32.74 -10.89
C LEU A 530 -27.43 31.34 -10.31
N ILE A 531 -26.68 30.41 -10.90
CA ILE A 531 -26.68 29.02 -10.48
C ILE A 531 -25.42 28.78 -9.66
N LEU A 532 -25.60 28.44 -8.38
CA LEU A 532 -24.49 28.26 -7.45
C LEU A 532 -24.29 26.78 -7.19
N ILE A 533 -23.14 26.26 -7.63
CA ILE A 533 -22.77 24.86 -7.43
C ILE A 533 -21.98 24.76 -6.12
N ASP A 534 -22.36 23.82 -5.27
CA ASP A 534 -21.90 23.80 -3.89
C ASP A 534 -20.57 23.06 -3.72
N GLU A 535 -20.54 21.78 -4.06
CA GLU A 535 -19.39 20.93 -3.74
C GLU A 535 -18.86 20.30 -5.02
N ILE A 536 -17.98 21.02 -5.71
CA ILE A 536 -17.31 20.46 -6.88
C ILE A 536 -16.29 19.41 -6.45
N ASP A 537 -15.59 19.64 -5.35
CA ASP A 537 -14.60 18.68 -4.87
C ASP A 537 -15.23 17.34 -4.52
N LYS A 538 -16.53 17.29 -4.26
CA LYS A 538 -17.20 16.07 -3.86
C LYS A 538 -17.96 15.39 -4.98
N ILE A 539 -17.77 15.80 -6.23
CA ILE A 539 -18.50 15.20 -7.34
C ILE A 539 -18.10 13.73 -7.47
N GLY A 540 -19.07 12.84 -7.40
CA GLY A 540 -18.79 11.42 -7.44
C GLY A 540 -18.51 10.89 -8.83
N HIS A 541 -17.26 10.49 -9.08
CA HIS A 541 -16.91 9.86 -10.35
C HIS A 541 -17.72 8.58 -10.53
N GLY A 542 -17.79 7.77 -9.47
CA GLY A 542 -18.66 6.61 -9.47
C GLY A 542 -18.21 5.49 -10.39
N GLY A 543 -19.17 4.89 -11.10
CA GLY A 543 -18.91 3.75 -11.95
C GLY A 543 -19.53 3.88 -13.32
N ILE A 544 -20.38 2.91 -13.68
CA ILE A 544 -21.01 2.87 -14.99
C ILE A 544 -22.40 3.49 -14.90
N HIS A 545 -23.03 3.68 -16.06
CA HIS A 545 -24.36 4.29 -16.18
C HIS A 545 -24.32 5.77 -15.81
N GLY A 546 -23.31 6.47 -16.32
CA GLY A 546 -23.26 7.92 -16.20
C GLY A 546 -22.18 8.40 -15.25
N ASP A 547 -21.31 9.28 -15.77
CA ASP A 547 -20.32 9.96 -14.96
C ASP A 547 -20.70 11.43 -14.87
N PRO A 548 -21.17 11.94 -13.73
CA PRO A 548 -21.60 13.34 -13.66
C PRO A 548 -20.49 14.33 -13.92
N SER A 549 -19.23 13.93 -13.79
CA SER A 549 -18.13 14.84 -14.11
C SER A 549 -18.15 15.26 -15.57
N ALA A 550 -18.45 14.31 -16.47
CA ALA A 550 -18.52 14.63 -17.89
C ALA A 550 -19.64 15.63 -18.18
N ALA A 551 -20.82 15.40 -17.58
CA ALA A 551 -21.92 16.34 -17.76
C ALA A 551 -21.59 17.71 -17.19
N LEU A 552 -20.92 17.74 -16.04
CA LEU A 552 -20.50 19.01 -15.45
C LEU A 552 -19.53 19.74 -16.37
N LEU A 553 -18.58 19.02 -16.96
CA LEU A 553 -17.60 19.66 -17.83
C LEU A 553 -18.24 20.13 -19.13
N GLU A 554 -19.22 19.40 -19.64
CA GLU A 554 -19.88 19.80 -20.88
C GLU A 554 -20.98 20.84 -20.66
N VAL A 555 -21.36 21.09 -19.41
CA VAL A 555 -22.30 22.17 -19.14
C VAL A 555 -21.59 23.44 -18.66
N LEU A 556 -20.40 23.32 -18.09
CA LEU A 556 -19.68 24.49 -17.58
C LEU A 556 -18.71 25.09 -18.60
N ASP A 557 -18.49 24.43 -19.73
CA ASP A 557 -17.56 24.95 -20.73
C ASP A 557 -18.22 26.10 -21.49
N PRO A 558 -17.58 27.27 -21.59
CA PRO A 558 -18.22 28.41 -22.26
C PRO A 558 -18.56 28.17 -23.72
N GLU A 559 -17.76 27.37 -24.43
CA GLU A 559 -17.99 27.16 -25.86
C GLU A 559 -19.23 26.31 -26.13
N GLN A 560 -19.48 25.30 -25.29
CA GLN A 560 -20.54 24.33 -25.53
C GLN A 560 -21.86 24.72 -24.85
N ASN A 561 -21.87 25.83 -24.12
CA ASN A 561 -23.07 26.23 -23.39
C ASN A 561 -24.25 26.51 -24.31
N ASN A 562 -23.99 26.87 -25.57
CA ASN A 562 -25.07 27.18 -26.50
C ASN A 562 -25.84 25.93 -26.94
N SER A 563 -25.22 24.76 -26.84
CA SER A 563 -25.78 23.51 -27.38
C SER A 563 -25.76 22.42 -26.31
N PHE A 564 -26.32 22.74 -25.13
CA PHE A 564 -26.35 21.77 -24.04
C PHE A 564 -27.05 20.47 -24.46
N LEU A 565 -28.14 20.58 -25.21
CA LEU A 565 -28.87 19.43 -25.75
C LEU A 565 -29.33 18.49 -24.64
N ASP A 566 -30.26 19.01 -23.84
CA ASP A 566 -30.87 18.21 -22.77
C ASP A 566 -31.48 16.94 -23.32
N ASN A 567 -31.40 15.86 -22.54
CA ASN A 567 -31.91 14.58 -23.00
C ASN A 567 -33.44 14.58 -23.09
N TYR A 568 -34.11 15.10 -22.05
CA TYR A 568 -35.58 15.11 -22.07
C TYR A 568 -36.10 16.00 -23.18
N LEU A 569 -35.49 17.17 -23.36
CA LEU A 569 -35.82 18.11 -24.43
C LEU A 569 -34.59 18.23 -25.32
N ASP A 570 -34.57 17.48 -26.43
CA ASP A 570 -33.40 17.42 -27.30
C ASP A 570 -33.04 18.79 -27.87
N ILE A 571 -33.97 19.72 -27.89
CA ILE A 571 -33.69 21.07 -28.39
C ILE A 571 -32.67 21.75 -27.48
N PRO A 572 -31.73 22.52 -28.02
CA PRO A 572 -30.69 23.12 -27.19
C PRO A 572 -31.20 24.30 -26.37
N ILE A 573 -30.42 24.66 -25.35
CA ILE A 573 -30.71 25.78 -24.48
C ILE A 573 -29.45 26.64 -24.39
N ASP A 574 -29.61 27.96 -24.56
CA ASP A 574 -28.49 28.88 -24.54
C ASP A 574 -28.08 29.11 -23.10
N LEU A 575 -26.96 28.50 -22.69
CA LEU A 575 -26.44 28.65 -21.34
C LEU A 575 -25.23 29.58 -21.27
N SER A 576 -24.86 30.21 -22.38
CA SER A 576 -23.72 31.12 -22.38
C SER A 576 -24.02 32.42 -21.64
N LYS A 577 -25.28 32.68 -21.31
CA LYS A 577 -25.68 33.89 -20.59
C LYS A 577 -26.18 33.56 -19.18
N VAL A 578 -25.61 32.51 -18.57
CA VAL A 578 -25.98 32.07 -17.24
C VAL A 578 -24.74 32.13 -16.36
N LEU A 579 -24.85 32.79 -15.22
CA LEU A 579 -23.72 32.91 -14.29
C LEU A 579 -23.65 31.67 -13.42
N PHE A 580 -22.66 30.81 -13.69
CA PHE A 580 -22.42 29.60 -12.92
C PHE A 580 -21.36 29.90 -11.87
N VAL A 581 -21.79 30.20 -10.65
CA VAL A 581 -20.88 30.39 -9.54
C VAL A 581 -20.50 29.03 -8.98
N CYS A 582 -19.23 28.84 -8.67
CA CYS A 582 -18.69 27.57 -8.19
C CYS A 582 -18.15 27.75 -6.78
N THR A 583 -18.35 26.74 -5.94
CA THR A 583 -17.80 26.71 -4.59
C THR A 583 -16.95 25.46 -4.42
N ALA A 584 -15.76 25.63 -3.87
CA ALA A 584 -14.84 24.50 -3.69
C ALA A 584 -13.99 24.74 -2.45
N ASN A 585 -13.49 23.64 -1.88
CA ASN A 585 -12.60 23.67 -0.72
C ASN A 585 -11.19 23.22 -1.05
N SER A 586 -11.04 22.08 -1.72
CA SER A 586 -9.73 21.57 -2.11
C SER A 586 -9.53 21.81 -3.60
N LEU A 587 -8.43 22.48 -3.96
CA LEU A 587 -8.22 22.90 -5.33
C LEU A 587 -7.78 21.76 -6.24
N GLU A 588 -7.08 20.77 -5.70
CA GLU A 588 -6.51 19.71 -6.54
C GLU A 588 -7.49 18.58 -6.83
N THR A 589 -8.66 18.57 -6.19
CA THR A 589 -9.60 17.47 -6.41
C THR A 589 -10.34 17.60 -7.73
N ILE A 590 -10.61 18.82 -8.18
CA ILE A 590 -11.35 19.04 -9.43
C ILE A 590 -10.55 18.47 -10.59
N PRO A 591 -11.18 17.84 -11.58
CA PRO A 591 -10.44 17.35 -12.75
C PRO A 591 -9.73 18.50 -13.46
N ARG A 592 -8.55 18.17 -14.00
CA ARG A 592 -7.67 19.22 -14.54
C ARG A 592 -8.30 20.02 -15.66
N PRO A 593 -8.94 19.44 -16.68
CA PRO A 593 -9.58 20.29 -17.69
C PRO A 593 -10.66 21.19 -17.13
N LEU A 594 -11.48 20.67 -16.20
CA LEU A 594 -12.54 21.49 -15.63
C LEU A 594 -11.97 22.63 -14.80
N LEU A 595 -10.93 22.36 -14.01
CA LEU A 595 -10.30 23.42 -13.23
C LEU A 595 -9.65 24.47 -14.13
N ASP A 596 -8.92 24.02 -15.16
CA ASP A 596 -8.26 24.95 -16.07
C ASP A 596 -9.24 25.69 -16.96
N ARG A 597 -10.48 25.23 -17.06
CA ARG A 597 -11.47 25.86 -17.93
C ARG A 597 -12.28 26.95 -17.23
N MET A 598 -12.32 26.95 -15.90
CA MET A 598 -13.13 27.90 -15.13
C MET A 598 -12.23 28.80 -14.30
N GLU A 599 -12.64 30.06 -14.17
CA GLU A 599 -11.87 31.01 -13.38
C GLU A 599 -11.88 30.59 -11.91
N VAL A 600 -10.74 30.75 -11.24
CA VAL A 600 -10.58 30.35 -9.85
C VAL A 600 -10.11 31.54 -9.03
N ILE A 601 -10.74 31.76 -7.88
CA ILE A 601 -10.39 32.82 -6.95
C ILE A 601 -10.13 32.20 -5.60
N GLU A 602 -8.98 32.54 -5.01
CA GLU A 602 -8.57 32.01 -3.71
C GLU A 602 -9.06 32.96 -2.62
N LEU A 603 -9.93 32.45 -1.75
CA LEU A 603 -10.45 33.21 -0.61
C LEU A 603 -9.70 32.77 0.64
N THR A 604 -8.98 33.70 1.25
CA THR A 604 -8.23 33.41 2.45
C THR A 604 -9.12 33.58 3.69
N GLY A 605 -8.51 33.43 4.86
CA GLY A 605 -9.23 33.59 6.11
C GLY A 605 -9.30 35.03 6.55
N TYR A 606 -9.72 35.20 7.81
CA TYR A 606 -9.88 36.53 8.41
C TYR A 606 -8.91 36.68 9.58
N VAL A 607 -8.19 37.80 9.59
CA VAL A 607 -7.32 38.10 10.72
C VAL A 607 -8.20 38.33 11.97
N ALA A 608 -7.56 38.21 13.14
CA ALA A 608 -8.29 38.34 14.40
C ALA A 608 -9.08 39.65 14.47
N GLU A 609 -8.52 40.74 13.95
CA GLU A 609 -9.27 42.00 13.89
C GLU A 609 -10.44 41.90 12.94
N ASP A 610 -10.23 41.26 11.77
CA ASP A 610 -11.32 41.07 10.83
C ASP A 610 -12.41 40.18 11.42
N LYS A 611 -12.00 39.14 12.16
CA LYS A 611 -12.99 38.28 12.82
C LYS A 611 -13.74 39.03 13.90
N VAL A 612 -13.07 39.92 14.62
CA VAL A 612 -13.75 40.75 15.63
C VAL A 612 -14.78 41.64 14.95
N LYS A 613 -14.41 42.26 13.83
CA LYS A 613 -15.36 43.10 13.10
C LYS A 613 -16.55 42.28 12.62
N ILE A 614 -16.29 41.10 12.04
CA ILE A 614 -17.37 40.26 11.55
C ILE A 614 -18.30 39.86 12.68
N ALA A 615 -17.73 39.45 13.81
CA ALA A 615 -18.53 39.11 14.98
C ALA A 615 -19.42 40.28 15.38
N GLU A 616 -18.80 41.40 15.77
CA GLU A 616 -19.54 42.55 16.29
C GLU A 616 -20.58 43.06 15.29
N GLN A 617 -20.36 42.86 13.99
CA GLN A 617 -21.31 43.35 13.01
C GLN A 617 -22.47 42.39 12.79
N TYR A 618 -22.18 41.12 12.52
CA TYR A 618 -23.22 40.19 12.06
C TYR A 618 -23.51 39.04 13.03
N LEU A 619 -22.53 38.56 13.79
CA LEU A 619 -22.72 37.32 14.53
C LEU A 619 -23.28 37.57 15.93
N VAL A 620 -22.72 38.53 16.66
CA VAL A 620 -23.20 38.81 18.01
C VAL A 620 -24.66 39.25 18.03
N PRO A 621 -25.10 40.22 17.21
CA PRO A 621 -26.53 40.58 17.25
C PRO A 621 -27.44 39.48 16.76
N SER A 622 -27.04 38.76 15.70
CA SER A 622 -27.88 37.68 15.20
C SER A 622 -28.04 36.57 16.23
N ALA A 623 -26.95 36.19 16.89
CA ALA A 623 -27.04 35.16 17.93
C ALA A 623 -27.81 35.66 19.15
N LYS A 624 -27.66 36.93 19.50
CA LYS A 624 -28.42 37.48 20.62
C LYS A 624 -29.91 37.48 20.35
N LYS A 625 -30.31 37.86 19.13
CA LYS A 625 -31.73 37.92 18.81
C LYS A 625 -32.31 36.51 18.60
N SER A 626 -31.53 35.60 18.00
CA SER A 626 -31.98 34.24 17.81
C SER A 626 -32.08 33.47 19.12
N ALA A 627 -31.53 34.00 20.22
CA ALA A 627 -31.64 33.38 21.53
C ALA A 627 -32.76 33.98 22.37
N GLY A 628 -33.60 34.83 21.77
CA GLY A 628 -34.69 35.44 22.50
C GLY A 628 -34.25 36.40 23.58
N LEU A 629 -33.25 37.23 23.31
CA LEU A 629 -32.72 38.19 24.27
C LEU A 629 -32.92 39.60 23.72
N GLU A 630 -33.39 40.49 24.58
CA GLU A 630 -33.63 41.88 24.20
C GLU A 630 -32.43 42.74 24.57
N ASN A 631 -32.25 43.82 23.81
CA ASN A 631 -31.13 44.71 24.04
C ASN A 631 -31.21 45.34 25.44
N SER A 632 -30.08 45.87 25.89
CA SER A 632 -29.91 46.47 27.21
C SER A 632 -30.06 45.46 28.34
N HIS A 633 -30.00 44.16 28.04
CA HIS A 633 -30.05 43.12 29.05
C HIS A 633 -28.73 42.34 29.12
N VAL A 634 -28.28 41.77 28.01
CA VAL A 634 -27.04 41.01 27.96
C VAL A 634 -26.23 41.48 26.76
N ASP A 635 -24.93 41.68 26.97
CA ASP A 635 -24.03 42.11 25.91
C ASP A 635 -22.64 41.58 26.20
N MET A 636 -21.83 41.52 25.14
CA MET A 636 -20.44 41.07 25.24
C MET A 636 -19.52 42.25 24.97
N THR A 637 -18.63 42.53 25.91
CA THR A 637 -17.69 43.63 25.75
C THR A 637 -16.64 43.29 24.71
N GLU A 638 -15.99 44.33 24.19
CA GLU A 638 -15.00 44.14 23.12
C GLU A 638 -13.81 43.32 23.60
N ASP A 639 -13.36 43.53 24.84
CA ASP A 639 -12.24 42.77 25.35
C ASP A 639 -12.58 41.30 25.47
N ALA A 640 -13.85 40.98 25.78
CA ALA A 640 -14.27 39.58 25.80
C ALA A 640 -14.14 38.94 24.42
N ILE A 641 -14.53 39.67 23.37
CA ILE A 641 -14.42 39.14 22.02
C ILE A 641 -12.97 38.99 21.61
N THR A 642 -12.11 39.93 22.02
CA THR A 642 -10.68 39.80 21.71
C THR A 642 -10.08 38.59 22.44
N ALA A 643 -10.49 38.36 23.68
CA ALA A 643 -10.02 37.18 24.40
C ALA A 643 -10.52 35.90 23.74
N LEU A 644 -11.76 35.91 23.25
CA LEU A 644 -12.28 34.75 22.52
C LEU A 644 -11.48 34.49 21.26
N MET A 645 -11.08 35.56 20.56
CA MET A 645 -10.19 35.40 19.41
C MET A 645 -8.85 34.81 19.83
N LYS A 646 -8.27 35.31 20.93
CA LYS A 646 -6.92 34.93 21.30
C LYS A 646 -6.85 33.48 21.78
N TYR A 647 -7.77 33.07 22.65
CA TYR A 647 -7.65 31.79 23.34
C TYR A 647 -8.65 30.74 22.90
N TYR A 648 -9.62 31.07 22.06
CA TYR A 648 -10.64 30.06 21.76
C TYR A 648 -10.80 29.79 20.27
N CYS A 649 -10.74 30.82 19.43
CA CYS A 649 -10.96 30.66 17.99
C CYS A 649 -9.82 31.32 17.23
N ARG A 650 -8.94 30.50 16.66
CA ARG A 650 -7.81 31.00 15.89
C ARG A 650 -7.81 30.56 14.44
N GLU A 651 -8.72 29.67 14.03
CA GLU A 651 -8.75 29.22 12.64
C GLU A 651 -9.43 30.26 11.76
N SER A 652 -9.38 30.01 10.45
CA SER A 652 -9.84 31.00 9.48
C SER A 652 -11.36 31.13 9.48
N GLY A 653 -12.08 30.02 9.59
CA GLY A 653 -13.52 30.07 9.51
C GLY A 653 -14.16 30.74 10.70
N VAL A 654 -15.35 31.30 10.47
CA VAL A 654 -16.11 31.97 11.52
C VAL A 654 -17.21 31.09 12.08
N ARG A 655 -17.30 29.83 11.63
CA ARG A 655 -18.36 28.95 12.13
C ARG A 655 -18.13 28.60 13.60
N ASN A 656 -16.89 28.36 14.00
CA ASN A 656 -16.60 28.07 15.40
C ASN A 656 -16.84 29.30 16.27
N LEU A 657 -16.53 30.48 15.76
CA LEU A 657 -16.87 31.71 16.48
C LEU A 657 -18.38 31.84 16.64
N LYS A 658 -19.14 31.51 15.59
CA LYS A 658 -20.59 31.52 15.71
C LYS A 658 -21.06 30.52 16.77
N LYS A 659 -20.45 29.35 16.81
CA LYS A 659 -20.81 28.36 17.82
C LYS A 659 -20.52 28.87 19.23
N HIS A 660 -19.36 29.52 19.41
CA HIS A 660 -19.01 30.03 20.74
C HIS A 660 -19.95 31.15 21.18
N ILE A 661 -20.27 32.08 20.26
CA ILE A 661 -21.21 33.15 20.59
C ILE A 661 -22.58 32.57 20.92
N GLU A 662 -23.03 31.60 20.13
CA GLU A 662 -24.31 30.96 20.40
C GLU A 662 -24.31 30.27 21.75
N LYS A 663 -23.20 29.60 22.10
CA LYS A 663 -23.10 28.95 23.40
C LYS A 663 -23.16 29.97 24.54
N ILE A 664 -22.45 31.08 24.41
CA ILE A 664 -22.45 32.09 25.46
C ILE A 664 -23.85 32.68 25.65
N TYR A 665 -24.49 33.07 24.54
CA TYR A 665 -25.82 33.65 24.66
C TYR A 665 -26.86 32.63 25.07
N ARG A 666 -26.65 31.35 24.73
CA ARG A 666 -27.56 30.30 25.16
C ARG A 666 -27.46 30.07 26.66
N LYS A 667 -26.25 30.08 27.22
CA LYS A 667 -26.10 30.00 28.66
C LYS A 667 -26.68 31.23 29.36
N ALA A 668 -26.52 32.40 28.75
CA ALA A 668 -27.13 33.61 29.30
C ALA A 668 -28.66 33.49 29.32
N ALA A 669 -29.23 32.96 28.24
CA ALA A 669 -30.68 32.75 28.18
C ALA A 669 -31.12 31.73 29.22
N LEU A 670 -30.33 30.68 29.44
CA LEU A 670 -30.64 29.72 30.49
C LEU A 670 -30.65 30.40 31.86
N GLN A 671 -29.66 31.25 32.12
CA GLN A 671 -29.60 31.97 33.39
C GLN A 671 -30.82 32.89 33.55
N VAL A 672 -31.22 33.56 32.48
CA VAL A 672 -32.40 34.43 32.54
C VAL A 672 -33.65 33.62 32.82
N VAL A 673 -33.81 32.49 32.13
CA VAL A 673 -35.01 31.67 32.29
C VAL A 673 -35.02 31.00 33.67
N LYS A 674 -33.84 30.71 34.22
CA LYS A 674 -33.78 30.05 35.52
C LYS A 674 -34.45 30.86 36.61
N LYS A 675 -34.38 32.19 36.53
CA LYS A 675 -35.12 33.02 37.45
C LYS A 675 -36.61 32.92 37.17
N LEU A 676 -37.41 33.23 38.20
CA LEU A 676 -38.85 33.06 38.18
C LEU A 676 -39.47 33.59 36.89
N SER A 677 -40.15 32.70 36.15
CA SER A 677 -40.77 33.06 34.89
C SER A 677 -42.18 33.58 35.10
N LYS A 731 -33.38 43.97 37.99
CA LYS A 731 -33.16 44.20 36.57
C LYS A 731 -32.41 43.04 35.93
N ILE A 732 -32.86 42.64 34.74
CA ILE A 732 -32.22 41.56 33.99
C ILE A 732 -31.06 42.18 33.23
N ASN A 733 -29.89 42.21 33.86
CA ASN A 733 -28.70 42.81 33.26
C ASN A 733 -27.49 41.94 33.63
N VAL A 734 -27.01 41.18 32.65
CA VAL A 734 -25.85 40.32 32.82
C VAL A 734 -24.75 40.82 31.90
N SER A 735 -23.59 41.12 32.47
CA SER A 735 -22.45 41.61 31.72
C SER A 735 -21.43 40.49 31.56
N ILE A 736 -21.02 40.24 30.31
CA ILE A 736 -20.08 39.18 29.99
C ILE A 736 -18.79 39.83 29.52
N SER A 737 -17.71 39.60 30.27
CA SER A 737 -16.40 40.16 29.95
C SER A 737 -15.35 39.08 30.19
N GLN A 738 -14.08 39.48 30.15
CA GLN A 738 -12.99 38.52 30.33
C GLN A 738 -13.02 37.88 31.72
N LYS A 739 -13.57 38.57 32.71
CA LYS A 739 -13.58 38.05 34.07
C LYS A 739 -14.40 36.78 34.18
N ASN A 740 -15.58 36.75 33.55
CA ASN A 740 -16.49 35.62 33.64
C ASN A 740 -16.64 34.86 32.33
N LEU A 741 -15.84 35.18 31.32
CA LEU A 741 -15.93 34.45 30.06
C LEU A 741 -15.50 33.00 30.21
N LYS A 742 -14.65 32.71 31.20
CA LYS A 742 -14.24 31.32 31.46
C LYS A 742 -15.42 30.46 31.89
N ASP A 743 -16.46 31.06 32.48
CA ASP A 743 -17.61 30.31 32.98
C ASP A 743 -18.64 30.02 31.90
N TYR A 744 -18.43 30.48 30.66
CA TYR A 744 -19.37 30.27 29.58
C TYR A 744 -18.86 29.37 28.47
N VAL A 745 -17.54 29.29 28.28
CA VAL A 745 -16.98 28.46 27.21
C VAL A 745 -15.86 27.59 27.77
N GLY A 746 -15.81 27.46 29.10
CA GLY A 746 -14.83 26.63 29.74
C GLY A 746 -13.46 27.29 29.82
N PRO A 747 -12.41 26.47 29.88
CA PRO A 747 -11.06 27.01 30.01
C PRO A 747 -10.50 27.42 28.65
N PRO A 748 -9.50 28.31 28.63
CA PRO A 748 -8.88 28.69 27.35
C PRO A 748 -8.25 27.49 26.66
N VAL A 749 -8.33 27.49 25.34
CA VAL A 749 -7.79 26.39 24.54
C VAL A 749 -6.34 26.64 24.15
N TYR A 750 -5.99 27.88 23.80
CA TYR A 750 -4.66 28.23 23.33
C TYR A 750 -3.95 29.05 24.40
N THR A 751 -3.14 28.37 25.23
CA THR A 751 -2.29 29.06 26.19
C THR A 751 -1.18 29.79 25.45
N THR A 752 -0.67 30.86 26.07
CA THR A 752 0.36 31.68 25.44
C THR A 752 1.58 30.84 25.06
N ASP A 753 2.12 31.10 23.87
CA ASP A 753 3.18 30.31 23.28
C ASP A 753 4.56 30.96 23.40
N ARG A 754 4.68 32.04 24.16
CA ARG A 754 5.97 32.67 24.42
C ARG A 754 6.45 32.18 25.78
N LEU A 755 7.09 31.01 25.78
CA LEU A 755 7.54 30.37 27.01
C LEU A 755 8.97 30.74 27.39
N TYR A 756 9.27 32.03 27.34
CA TYR A 756 10.57 32.55 27.75
C TYR A 756 10.44 34.04 28.00
N GLU A 757 10.62 34.45 29.26
CA GLU A 757 10.58 35.88 29.58
C GLU A 757 11.87 36.59 29.15
N THR A 758 13.00 35.89 29.23
CA THR A 758 14.29 36.43 28.83
C THR A 758 15.10 35.30 28.21
N THR A 759 15.39 35.43 26.92
CA THR A 759 15.99 34.33 26.18
C THR A 759 17.45 34.14 26.60
N PRO A 760 17.83 32.94 27.03
CA PRO A 760 19.23 32.68 27.38
C PRO A 760 20.06 32.47 26.12
N PRO A 761 21.40 32.58 26.23
CA PRO A 761 22.25 32.36 25.05
C PRO A 761 22.05 30.97 24.48
N GLY A 762 22.09 30.89 23.14
CA GLY A 762 21.88 29.65 22.44
C GLY A 762 20.45 29.38 22.03
N VAL A 763 19.50 30.18 22.52
CA VAL A 763 18.07 29.99 22.23
C VAL A 763 17.61 31.11 21.31
N VAL A 764 16.80 30.75 20.31
CA VAL A 764 16.21 31.70 19.38
C VAL A 764 14.74 31.33 19.20
N MET A 765 13.93 32.32 18.82
CA MET A 765 12.50 32.14 18.61
C MET A 765 12.16 32.38 17.14
N GLY A 766 11.91 31.31 16.39
CA GLY A 766 11.51 31.39 15.01
C GLY A 766 10.02 31.15 14.84
N LEU A 767 9.56 31.34 13.61
CA LEU A 767 8.14 31.33 13.28
C LEU A 767 7.80 30.12 12.42
N ALA A 768 6.51 29.77 12.41
CA ALA A 768 6.05 28.60 11.68
C ALA A 768 4.60 28.80 11.25
N TRP A 769 4.21 28.06 10.23
CA TRP A 769 2.87 28.12 9.65
C TRP A 769 2.06 26.91 10.11
N THR A 770 0.79 27.14 10.43
CA THR A 770 -0.13 26.10 10.86
C THR A 770 -1.52 26.43 10.34
N ASN A 771 -2.39 25.41 10.35
CA ASN A 771 -3.78 25.62 9.94
C ASN A 771 -4.49 26.61 10.84
N MET A 772 -4.08 26.73 12.10
CA MET A 772 -4.61 27.72 13.01
C MET A 772 -3.95 29.09 12.86
N GLY A 773 -3.23 29.31 11.76
CA GLY A 773 -2.55 30.57 11.54
C GLY A 773 -1.05 30.47 11.72
N GLY A 774 -0.52 31.20 12.70
CA GLY A 774 0.89 31.15 12.96
C GLY A 774 1.23 30.35 14.21
N CYS A 775 2.53 30.09 14.37
CA CYS A 775 3.03 29.44 15.56
C CYS A 775 4.46 29.92 15.80
N SER A 776 4.90 29.80 17.06
CA SER A 776 6.22 30.26 17.47
C SER A 776 7.01 29.06 17.98
N LEU A 777 7.96 28.60 17.18
CA LEU A 777 8.80 27.47 17.56
C LEU A 777 10.16 27.97 18.01
N TYR A 778 10.65 27.40 19.11
CA TYR A 778 11.95 27.79 19.63
C TYR A 778 13.03 26.84 19.13
N VAL A 779 14.25 27.34 19.09
CA VAL A 779 15.43 26.57 18.68
C VAL A 779 16.46 26.74 19.79
N GLU A 780 16.80 25.66 20.47
CA GLU A 780 17.68 25.69 21.63
C GLU A 780 18.93 24.89 21.32
N SER A 781 20.08 25.58 21.33
CA SER A 781 21.38 24.94 21.19
C SER A 781 22.12 25.05 22.52
N VAL A 782 22.53 23.91 23.07
CA VAL A 782 23.22 23.87 24.34
C VAL A 782 24.46 22.99 24.22
N LEU A 783 25.31 23.07 25.23
CA LEU A 783 26.48 22.20 25.33
C LEU A 783 26.13 20.98 26.16
N GLU A 784 26.69 19.83 25.77
CA GLU A 784 26.49 18.61 26.56
C GLU A 784 27.06 18.76 27.96
N GLN A 785 28.25 19.35 28.07
CA GLN A 785 28.89 19.66 29.34
C GLN A 785 29.83 20.82 29.11
N PRO A 786 30.05 21.67 30.12
CA PRO A 786 30.89 22.86 29.89
C PRO A 786 32.35 22.53 29.70
N LEU A 787 32.90 21.66 30.54
CA LEU A 787 34.31 21.25 30.45
C LEU A 787 34.34 19.75 30.19
N HIS A 788 34.89 19.37 29.05
CA HIS A 788 34.90 17.98 28.63
C HIS A 788 35.90 17.15 29.45
N HIS A 792 36.56 16.23 20.31
CA HIS A 792 35.35 15.48 19.95
C HIS A 792 34.15 16.41 19.73
N PRO A 793 34.10 17.08 18.58
CA PRO A 793 32.98 17.99 18.26
C PRO A 793 31.75 17.27 17.73
N THR A 794 30.94 16.74 18.64
CA THR A 794 29.74 16.02 18.25
C THR A 794 28.56 16.98 18.09
N PHE A 795 27.76 16.74 17.05
CA PHE A 795 26.57 17.54 16.75
C PHE A 795 25.36 16.63 16.85
N GLU A 796 24.40 16.99 17.72
CA GLU A 796 23.22 16.19 17.95
C GLU A 796 21.97 17.00 17.66
N ARG A 797 20.97 16.37 17.04
CA ARG A 797 19.69 17.01 16.75
C ARG A 797 18.57 16.20 17.36
N THR A 798 17.57 16.91 17.91
CA THR A 798 16.44 16.29 18.57
C THR A 798 15.16 16.99 18.12
N GLY A 799 14.05 16.26 18.19
CA GLY A 799 12.78 16.77 17.71
C GLY A 799 12.40 16.17 16.36
N GLN A 800 11.10 16.21 16.08
CA GLN A 800 10.60 15.66 14.83
C GLN A 800 10.94 16.61 13.68
N LEU A 801 12.23 16.69 13.34
CA LEU A 801 12.68 17.72 12.40
C LEU A 801 12.27 17.40 10.98
N GLY A 802 12.43 16.16 10.55
CA GLY A 802 12.24 15.80 9.15
C GLY A 802 13.51 16.04 8.34
N ASP A 803 13.49 15.52 7.11
CA ASP A 803 14.69 15.52 6.28
C ASP A 803 15.15 16.94 5.95
N VAL A 804 14.24 17.80 5.52
CA VAL A 804 14.61 19.14 5.11
C VAL A 804 15.13 19.94 6.29
N MET A 805 14.49 19.82 7.45
CA MET A 805 14.93 20.57 8.61
C MET A 805 16.27 20.05 9.13
N LYS A 806 16.50 18.73 9.05
CA LYS A 806 17.80 18.20 9.43
C LYS A 806 18.90 18.69 8.50
N GLU A 807 18.61 18.74 7.20
CA GLU A 807 19.59 19.26 6.25
C GLU A 807 19.86 20.74 6.51
N SER A 808 18.82 21.51 6.85
CA SER A 808 19.01 22.91 7.20
C SER A 808 19.85 23.04 8.46
N SER A 809 19.66 22.14 9.43
CA SER A 809 20.46 22.17 10.64
C SER A 809 21.93 21.89 10.34
N ARG A 810 22.21 20.92 9.47
CA ARG A 810 23.60 20.66 9.10
C ARG A 810 24.21 21.84 8.35
N LEU A 811 23.43 22.45 7.46
CA LEU A 811 23.90 23.65 6.78
C LEU A 811 24.21 24.76 7.77
N ALA A 812 23.37 24.91 8.80
CA ALA A 812 23.62 25.91 9.83
C ALA A 812 24.88 25.59 10.63
N TYR A 813 25.09 24.32 10.95
CA TYR A 813 26.37 23.88 11.50
C TYR A 813 27.53 24.43 10.69
N SER A 814 27.56 24.10 9.40
CA SER A 814 28.70 24.45 8.56
C SER A 814 28.86 25.96 8.45
N PHE A 815 27.74 26.67 8.21
CA PHE A 815 27.81 28.11 8.04
C PHE A 815 28.26 28.81 9.31
N ALA A 816 27.76 28.36 10.47
CA ALA A 816 28.18 28.98 11.73
C ALA A 816 29.66 28.75 11.99
N LYS A 817 30.15 27.54 11.71
CA LYS A 817 31.57 27.28 11.89
C LYS A 817 32.41 28.20 11.00
N MET A 818 32.04 28.31 9.71
CA MET A 818 32.79 29.19 8.83
C MET A 818 32.68 30.65 9.24
N TYR A 819 31.50 31.08 9.70
CA TYR A 819 31.33 32.48 10.09
C TYR A 819 32.18 32.82 11.31
N LEU A 820 32.22 31.94 12.30
CA LEU A 820 33.11 32.16 13.43
C LEU A 820 34.57 32.16 13.01
N ALA A 821 34.94 31.26 12.10
CA ALA A 821 36.32 31.23 11.62
C ALA A 821 36.69 32.55 10.94
N GLN A 822 35.78 33.10 10.14
CA GLN A 822 36.07 34.32 9.40
C GLN A 822 36.07 35.55 10.31
N LYS A 823 35.09 35.66 11.21
CA LYS A 823 34.91 36.88 11.97
C LYS A 823 35.80 36.95 13.21
N PHE A 824 35.87 35.87 13.99
CA PHE A 824 36.67 35.81 15.21
C PHE A 824 37.68 34.68 15.03
N PRO A 825 38.89 34.98 14.55
CA PRO A 825 39.81 33.90 14.15
C PRO A 825 40.18 32.95 15.28
N GLU A 826 40.35 33.44 16.51
CA GLU A 826 40.78 32.62 17.62
C GLU A 826 39.64 32.34 18.61
N ASN A 827 38.40 32.38 18.14
CA ASN A 827 37.26 31.89 18.91
C ASN A 827 37.06 30.44 18.52
N ARG A 828 37.63 29.53 19.31
CA ARG A 828 37.72 28.12 18.96
C ARG A 828 36.58 27.29 19.54
N PHE A 829 35.39 27.87 19.71
CA PHE A 829 34.30 27.15 20.35
C PHE A 829 33.98 25.84 19.63
N PHE A 830 33.75 25.91 18.32
CA PHE A 830 33.34 24.72 17.57
C PHE A 830 34.45 23.68 17.46
N GLU A 831 35.67 24.01 17.85
CA GLU A 831 36.76 23.04 17.76
C GLU A 831 36.59 21.90 18.77
N LYS A 832 36.09 22.20 19.97
CA LYS A 832 35.99 21.22 21.03
C LYS A 832 34.66 21.39 21.77
N ALA A 833 33.58 21.52 21.03
CA ALA A 833 32.25 21.69 21.60
C ALA A 833 31.31 20.62 21.09
N SER A 834 30.47 20.11 21.99
CA SER A 834 29.46 19.10 21.67
C SER A 834 28.09 19.78 21.76
N ILE A 835 27.57 20.20 20.62
CA ILE A 835 26.34 20.98 20.55
C ILE A 835 25.15 20.04 20.41
N HIS A 836 24.11 20.30 21.20
CA HIS A 836 22.83 19.62 21.10
C HIS A 836 21.76 20.63 20.72
N LEU A 837 21.00 20.32 19.68
CA LEU A 837 19.98 21.19 19.14
C LEU A 837 18.61 20.57 19.35
N HIS A 838 17.67 21.35 19.85
CA HIS A 838 16.31 20.87 20.09
C HIS A 838 15.31 21.95 19.69
N CYS A 839 14.10 21.51 19.39
CA CYS A 839 12.97 22.40 19.17
C CYS A 839 11.88 22.04 20.18
N PRO A 840 11.56 22.93 21.14
CA PRO A 840 10.52 22.61 22.13
C PRO A 840 9.21 22.16 21.52
N GLU A 841 8.35 21.55 22.33
CA GLU A 841 7.16 20.84 21.86
C GLU A 841 7.57 19.77 20.85
N GLY A 842 8.32 18.78 21.36
CA GLY A 842 8.95 17.78 20.53
C GLY A 842 8.03 16.66 20.10
N ALA A 843 6.73 16.81 20.35
CA ALA A 843 5.74 15.86 19.88
C ALA A 843 5.10 16.28 18.56
N THR A 844 5.03 17.57 18.29
CA THR A 844 4.47 18.05 17.02
C THR A 844 5.50 17.91 15.91
N PRO A 845 5.16 17.24 14.81
CA PRO A 845 6.13 17.11 13.70
C PRO A 845 6.44 18.46 13.08
N LYS A 846 7.68 18.59 12.59
CA LYS A 846 8.16 19.79 11.95
C LYS A 846 8.80 19.42 10.62
N ASP A 847 9.03 20.44 9.78
CA ASP A 847 9.68 20.30 8.48
C ASP A 847 9.86 21.70 7.90
N GLY A 848 10.56 21.75 6.77
CA GLY A 848 10.74 22.99 6.05
C GLY A 848 12.05 23.68 6.34
N PRO A 849 12.60 24.37 5.35
CA PRO A 849 13.85 25.12 5.54
C PRO A 849 13.68 26.55 6.03
N SER A 850 12.46 26.96 6.36
CA SER A 850 12.22 28.35 6.75
C SER A 850 12.95 28.73 8.04
N ALA A 851 13.40 27.75 8.82
CA ALA A 851 14.19 28.01 10.01
C ALA A 851 15.69 27.90 9.75
N GLY A 852 16.11 28.13 8.51
CA GLY A 852 17.52 27.99 8.19
C GLY A 852 18.39 28.99 8.91
N VAL A 853 17.98 30.27 8.89
CA VAL A 853 18.77 31.30 9.57
C VAL A 853 18.67 31.15 11.08
N THR A 854 17.46 30.87 11.58
CA THR A 854 17.23 30.77 13.02
C THR A 854 18.26 29.89 13.69
N MET A 855 18.32 28.62 13.26
CA MET A 855 19.28 27.67 13.82
C MET A 855 20.69 28.26 13.80
N ALA A 856 21.09 28.81 12.65
CA ALA A 856 22.43 29.40 12.54
C ALA A 856 22.67 30.42 13.65
N THR A 857 21.72 31.35 13.81
CA THR A 857 21.85 32.36 14.85
C THR A 857 22.04 31.71 16.21
N SER A 858 21.27 30.66 16.49
CA SER A 858 21.38 29.96 17.76
C SER A 858 22.82 29.53 18.01
N PHE A 859 23.46 28.96 17.00
CA PHE A 859 24.86 28.56 17.16
C PHE A 859 25.72 29.78 17.45
N LEU A 860 25.56 30.84 16.65
CA LEU A 860 26.28 32.07 16.94
C LEU A 860 25.83 32.69 18.25
N SER A 861 24.63 32.35 18.72
CA SER A 861 24.21 32.76 20.05
C SER A 861 24.91 31.93 21.12
N LEU A 862 25.10 30.63 20.87
CA LEU A 862 25.68 29.76 21.88
C LEU A 862 27.18 29.99 22.01
N ALA A 863 27.88 30.15 20.89
CA ALA A 863 29.33 30.31 20.92
C ALA A 863 29.74 31.68 21.45
N LEU A 864 29.08 32.74 20.97
CA LEU A 864 29.44 34.09 21.36
C LEU A 864 28.93 34.46 22.76
N ASN A 865 28.03 33.65 23.32
CA ASN A 865 27.49 33.87 24.66
C ASN A 865 26.84 35.25 24.80
N SER A 867 20.46 36.35 24.84
CA SER A 867 21.20 37.51 24.40
C SER A 867 20.84 37.88 22.97
N ILE A 868 19.61 37.57 22.56
CA ILE A 868 19.17 37.77 21.19
C ILE A 868 17.95 38.69 21.18
N ASP A 869 17.90 39.63 22.13
CA ASP A 869 16.85 40.64 22.17
C ASP A 869 15.47 39.99 22.15
N PRO A 870 15.02 39.43 23.28
CA PRO A 870 13.84 38.54 23.28
C PRO A 870 12.61 39.06 22.54
N THR A 871 12.58 40.35 22.20
CA THR A 871 11.50 40.92 21.39
C THR A 871 11.81 40.85 19.89
N VAL A 872 12.61 39.87 19.47
CA VAL A 872 13.01 39.75 18.07
C VAL A 872 12.76 38.32 17.62
N ALA A 873 12.09 38.18 16.47
CA ALA A 873 11.89 36.89 15.82
C ALA A 873 12.38 36.97 14.38
N MET A 874 12.90 35.85 13.88
CA MET A 874 13.44 35.80 12.54
C MET A 874 13.12 34.48 11.87
N THR A 875 13.12 34.52 10.54
CA THR A 875 12.83 33.36 9.71
C THR A 875 13.49 33.57 8.36
N GLY A 876 13.71 32.47 7.66
CA GLY A 876 14.36 32.51 6.37
C GLY A 876 15.15 31.25 6.09
N GLU A 877 15.42 31.02 4.82
CA GLU A 877 16.17 29.86 4.36
C GLU A 877 17.61 30.28 4.07
N LEU A 878 18.56 29.49 4.56
CA LEU A 878 19.98 29.83 4.48
C LEU A 878 20.70 28.87 3.56
N THR A 879 21.68 29.39 2.83
CA THR A 879 22.58 28.60 1.99
C THR A 879 23.98 28.60 2.60
N LEU A 880 24.86 27.80 1.99
CA LEU A 880 26.23 27.70 2.49
C LEU A 880 26.97 29.03 2.36
N THR A 881 26.76 29.74 1.25
CA THR A 881 27.44 31.01 1.03
C THR A 881 26.93 32.11 1.95
N GLY A 882 25.80 31.89 2.62
CA GLY A 882 25.21 32.89 3.49
C GLY A 882 24.04 33.64 2.89
N LYS A 883 23.63 33.30 1.68
CA LYS A 883 22.47 33.95 1.07
C LYS A 883 21.19 33.51 1.77
N VAL A 884 20.25 34.44 1.88
CA VAL A 884 18.98 34.19 2.55
C VAL A 884 17.91 34.11 1.48
N LEU A 885 17.45 32.89 1.16
CA LEU A 885 16.44 32.70 0.15
C LEU A 885 15.05 32.96 0.72
N ARG A 886 14.07 33.02 -0.16
CA ARG A 886 12.71 33.38 0.22
C ARG A 886 11.99 32.20 0.88
N ILE A 887 10.87 32.51 1.53
CA ILE A 887 10.04 31.54 2.22
C ILE A 887 8.60 31.72 1.78
N GLY A 888 7.70 30.98 2.44
CA GLY A 888 6.28 31.12 2.21
C GLY A 888 5.53 31.31 3.52
N GLY A 889 4.27 31.72 3.41
CA GLY A 889 3.43 31.94 4.57
C GLY A 889 3.90 33.06 5.48
N LEU A 890 4.23 34.21 4.88
CA LEU A 890 4.73 35.34 5.66
C LEU A 890 3.65 35.90 6.58
N ARG A 891 2.39 35.90 6.13
CA ARG A 891 1.32 36.49 6.93
C ARG A 891 1.13 35.75 8.25
N GLU A 892 1.11 34.42 8.19
CA GLU A 892 0.93 33.63 9.41
C GLU A 892 2.12 33.80 10.35
N LYS A 893 3.33 33.85 9.80
CA LYS A 893 4.51 34.08 10.62
C LYS A 893 4.44 35.44 11.30
N ALA A 894 4.01 36.47 10.58
CA ALA A 894 3.88 37.79 11.18
C ALA A 894 2.82 37.81 12.28
N VAL A 895 1.70 37.11 12.05
CA VAL A 895 0.66 37.02 13.06
C VAL A 895 1.20 36.33 14.32
N ALA A 896 1.94 35.24 14.14
CA ALA A 896 2.51 34.54 15.29
C ALA A 896 3.52 35.40 16.03
N ALA A 897 4.36 36.13 15.29
CA ALA A 897 5.36 36.99 15.93
C ALA A 897 4.70 38.09 16.73
N LYS A 898 3.67 38.74 16.18
CA LYS A 898 2.97 39.78 16.92
C LYS A 898 2.25 39.20 18.13
N ARG A 899 1.65 38.02 17.98
CA ARG A 899 0.96 37.38 19.09
C ARG A 899 1.93 36.99 20.21
N SER A 900 3.12 36.52 19.85
CA SER A 900 4.11 36.05 20.81
C SER A 900 4.96 37.15 21.40
N GLY A 901 4.50 38.41 21.35
CA GLY A 901 5.23 39.50 21.95
C GLY A 901 6.56 39.82 21.31
N ALA A 902 6.64 39.76 19.99
CA ALA A 902 7.84 40.14 19.26
C ALA A 902 7.59 41.46 18.54
N LYS A 903 8.52 42.41 18.69
CA LYS A 903 8.42 43.72 18.09
C LYS A 903 9.29 43.87 16.85
N THR A 904 9.91 42.80 16.38
CA THR A 904 10.79 42.85 15.22
C THR A 904 10.74 41.52 14.49
N ILE A 905 10.57 41.57 13.17
CA ILE A 905 10.57 40.38 12.32
C ILE A 905 11.69 40.53 11.32
N ILE A 906 12.56 39.51 11.25
CA ILE A 906 13.62 39.45 10.26
C ILE A 906 13.22 38.42 9.22
N PHE A 907 12.97 38.88 8.01
CA PHE A 907 12.49 38.05 6.91
C PHE A 907 13.33 38.31 5.68
N PRO A 908 13.42 37.35 4.76
CA PRO A 908 14.28 37.54 3.58
C PRO A 908 13.80 38.71 2.72
N LYS A 909 14.75 39.34 2.04
CA LYS A 909 14.44 40.49 1.20
C LYS A 909 13.51 40.10 0.05
N ASP A 910 13.61 38.86 -0.43
CA ASP A 910 12.76 38.42 -1.53
C ASP A 910 11.29 38.36 -1.14
N ASN A 911 10.99 38.38 0.17
CA ASN A 911 9.62 38.43 0.65
C ASN A 911 9.15 39.84 0.93
N LEU A 912 9.96 40.85 0.62
CA LEU A 912 9.60 42.24 0.93
C LEU A 912 8.29 42.64 0.28
N ASN A 913 8.09 42.24 -0.98
CA ASN A 913 6.83 42.52 -1.66
C ASN A 913 5.66 41.92 -0.89
N ASP A 914 5.82 40.69 -0.40
CA ASP A 914 4.77 40.07 0.41
C ASP A 914 4.50 40.90 1.65
N TRP A 915 5.55 41.49 2.24
CA TRP A 915 5.35 42.37 3.40
C TRP A 915 4.48 43.56 3.05
N GLU A 916 4.55 44.03 1.80
CA GLU A 916 3.69 45.13 1.37
C GLU A 916 2.25 44.69 1.10
N GLU A 917 2.03 43.39 0.94
CA GLU A 917 0.68 42.88 0.69
C GLU A 917 -0.08 42.57 1.98
N LEU A 918 0.57 42.64 3.13
CA LEU A 918 -0.10 42.34 4.39
C LEU A 918 -1.04 43.49 4.76
N PRO A 919 -2.12 43.19 5.50
CA PRO A 919 -3.00 44.26 5.97
C PRO A 919 -2.27 45.21 6.90
N ASP A 920 -2.68 46.48 6.87
CA ASP A 920 -2.02 47.50 7.68
C ASP A 920 -2.16 47.23 9.17
N ASN A 921 -3.24 46.52 9.57
CA ASN A 921 -3.40 46.19 10.98
C ASN A 921 -2.44 45.09 11.41
N VAL A 922 -2.10 44.17 10.51
CA VAL A 922 -1.14 43.12 10.84
C VAL A 922 0.26 43.70 10.97
N LYS A 923 0.64 44.58 10.05
CA LYS A 923 2.01 45.10 10.01
C LYS A 923 2.31 46.03 11.17
N GLU A 924 1.30 46.68 11.75
CA GLU A 924 1.55 47.63 12.83
C GLU A 924 2.09 46.92 14.07
N GLY A 925 2.93 47.62 14.81
CA GLY A 925 3.57 47.05 15.99
C GLY A 925 4.78 46.19 15.71
N LEU A 926 5.17 46.03 14.46
CA LEU A 926 6.31 45.21 14.09
C LEU A 926 7.30 46.04 13.29
N GLU A 927 8.60 45.87 13.59
CA GLU A 927 9.63 46.59 12.89
C GLU A 927 10.30 45.66 11.87
N PRO A 928 10.09 45.86 10.59
CA PRO A 928 10.62 44.92 9.59
C PRO A 928 12.12 45.04 9.42
N LEU A 929 12.72 43.94 8.95
CA LEU A 929 14.13 43.93 8.58
C LEU A 929 14.30 42.94 7.43
N ALA A 930 14.34 43.46 6.20
CA ALA A 930 14.54 42.62 5.03
C ALA A 930 16.02 42.29 4.91
N ALA A 931 16.36 41.00 5.02
CA ALA A 931 17.74 40.54 5.01
C ALA A 931 18.05 39.89 3.66
N ASP A 932 19.14 40.32 3.05
CA ASP A 932 19.63 39.73 1.81
C ASP A 932 20.68 38.67 2.08
N TRP A 933 21.74 39.02 2.80
CA TRP A 933 22.73 38.08 3.28
C TRP A 933 22.63 37.97 4.81
N TYR A 934 23.28 36.95 5.35
CA TYR A 934 23.28 36.76 6.79
C TYR A 934 24.02 37.87 7.52
N ASN A 935 24.91 38.59 6.83
CA ASN A 935 25.65 39.68 7.47
C ASN A 935 24.71 40.75 8.01
N ASP A 936 23.59 41.00 7.34
CA ASP A 936 22.60 41.95 7.83
C ASP A 936 22.03 41.49 9.17
N ILE A 937 21.66 40.21 9.26
CA ILE A 937 21.12 39.67 10.51
C ILE A 937 22.16 39.73 11.62
N PHE A 938 23.40 39.36 11.31
CA PHE A 938 24.45 39.39 12.31
C PHE A 938 24.71 40.80 12.81
N GLN A 939 24.72 41.78 11.90
CA GLN A 939 24.94 43.16 12.32
C GLN A 939 23.74 43.73 13.08
N LYS A 940 22.54 43.24 12.79
CA LYS A 940 21.38 43.68 13.55
C LYS A 940 21.39 43.13 14.97
N LEU A 941 21.67 41.84 15.11
CA LEU A 941 21.59 41.19 16.43
C LEU A 941 22.91 41.25 17.18
N PHE A 942 23.99 40.76 16.56
CA PHE A 942 25.26 40.61 17.24
C PHE A 942 26.14 41.86 17.15
N LYS A 943 25.54 43.03 16.97
CA LYS A 943 26.29 44.26 17.10
C LYS A 943 26.59 44.54 18.57
N ASP A 944 27.44 45.54 18.80
CA ASP A 944 28.01 45.83 20.13
C ASP A 944 28.83 44.66 20.65
N VAL A 945 29.33 43.82 19.75
CA VAL A 945 30.21 42.71 20.09
C VAL A 945 31.46 42.89 19.24
N ASN A 946 32.45 43.60 19.79
CA ASN A 946 33.68 43.87 19.06
C ASN A 946 34.57 42.62 19.05
N THR A 947 35.57 42.65 18.16
CA THR A 947 36.45 41.50 18.01
C THR A 947 37.57 41.51 19.06
N LYS A 948 37.20 41.70 20.32
CA LYS A 948 38.12 41.55 21.43
C LYS A 948 37.53 40.73 22.57
N GLU A 949 36.22 40.80 22.78
CA GLU A 949 35.58 40.03 23.85
C GLU A 949 34.73 38.89 23.29
N GLY A 950 34.15 39.06 22.11
CA GLY A 950 33.51 37.96 21.43
C GLY A 950 34.55 37.07 20.78
N ASN A 951 35.76 37.60 20.68
CA ASN A 951 36.90 36.86 20.14
C ASN A 951 37.64 36.09 21.22
N SER A 952 37.53 36.51 22.48
CA SER A 952 38.23 35.90 23.61
C SER A 952 37.25 35.52 24.71
N VAL A 953 36.15 34.87 24.33
CA VAL A 953 35.13 34.51 25.29
C VAL A 953 35.40 33.16 25.94
N TRP A 954 36.05 32.22 25.23
CA TRP A 954 36.32 30.90 25.75
C TRP A 954 37.80 30.68 26.06
N LYS A 955 38.58 31.75 26.23
CA LYS A 955 40.00 31.59 26.51
C LYS A 955 40.23 30.91 27.85
N ALA A 956 39.47 31.31 28.88
CA ALA A 956 39.62 30.69 30.19
C ALA A 956 39.27 29.21 30.17
N GLU A 957 38.21 28.85 29.46
CA GLU A 957 37.80 27.44 29.36
C GLU A 957 38.73 26.63 28.45
N PHE A 958 39.53 27.30 27.62
CA PHE A 958 40.41 26.59 26.71
C PHE A 958 41.84 26.49 27.21
N GLU A 959 42.27 27.36 28.12
CA GLU A 959 43.58 27.16 28.74
C GLU A 959 43.59 25.87 29.55
N ILE A 960 42.48 25.54 30.21
CA ILE A 960 42.37 24.28 30.92
C ILE A 960 42.40 23.11 29.95
N LEU A 961 41.70 23.24 28.82
CA LEU A 961 41.69 22.17 27.83
C LEU A 961 43.08 21.93 27.25
N ASP A 962 43.82 23.00 26.96
CA ASP A 962 45.19 22.88 26.47
C ASP A 962 46.15 22.35 27.53
N ALA A 963 45.88 22.64 28.81
CA ALA A 963 46.73 22.12 29.88
C ALA A 963 46.69 20.60 29.92
N LYS A 964 45.50 20.01 29.76
CA LYS A 964 45.35 18.56 29.79
C LYS A 964 45.56 17.96 28.40
N SER B 418 -19.42 17.96 -52.60
CA SER B 418 -19.41 16.58 -53.05
C SER B 418 -18.04 16.19 -53.60
N LYS B 419 -17.18 17.19 -53.80
CA LYS B 419 -15.83 16.98 -54.30
C LYS B 419 -14.83 17.51 -53.28
N GLU B 420 -13.69 16.84 -53.17
CA GLU B 420 -12.67 17.22 -52.20
C GLU B 420 -11.77 18.31 -52.75
N GLN B 421 -11.24 19.13 -51.85
CA GLN B 421 -10.30 20.20 -52.19
C GLN B 421 -8.89 19.65 -52.13
N TYR B 422 -8.12 19.89 -53.19
CA TYR B 422 -6.77 19.36 -53.29
C TYR B 422 -5.69 20.44 -53.30
N SER B 423 -6.04 21.69 -53.06
CA SER B 423 -5.09 22.80 -53.12
C SER B 423 -4.34 22.87 -51.80
N ILE B 424 -3.07 22.45 -51.81
CA ILE B 424 -2.24 22.55 -50.60
C ILE B 424 -2.01 23.99 -50.16
N PRO B 425 -1.66 24.93 -51.06
CA PRO B 425 -1.37 26.30 -50.58
C PRO B 425 -2.53 26.96 -49.85
N ARG B 426 -3.78 26.74 -50.28
CA ARG B 426 -4.90 27.36 -49.59
C ARG B 426 -5.07 26.77 -48.19
N ALA B 427 -4.85 25.45 -48.05
CA ALA B 427 -4.89 24.85 -46.72
C ALA B 427 -3.79 25.40 -45.83
N LYS B 428 -2.60 25.59 -46.39
CA LYS B 428 -1.50 26.17 -45.61
C LYS B 428 -1.85 27.59 -45.16
N LYS B 429 -2.42 28.39 -46.05
CA LYS B 429 -2.79 29.76 -45.69
C LYS B 429 -3.90 29.77 -44.65
N ILE B 430 -4.83 28.81 -44.73
CA ILE B 430 -5.90 28.71 -43.74
C ILE B 430 -5.33 28.37 -42.37
N LEU B 431 -4.40 27.41 -42.33
CA LEU B 431 -3.78 27.05 -41.06
C LEU B 431 -2.86 28.13 -40.52
N ASP B 432 -2.33 29.01 -41.38
CA ASP B 432 -1.33 29.97 -40.93
C ASP B 432 -1.91 30.98 -39.95
N GLU B 433 -3.09 31.53 -40.24
CA GLU B 433 -3.59 32.63 -39.41
C GLU B 433 -4.14 32.16 -38.07
N ASP B 434 -4.45 30.86 -37.93
CA ASP B 434 -5.07 30.39 -36.69
C ASP B 434 -4.06 30.34 -35.55
N HIS B 435 -2.85 29.88 -35.81
CA HIS B 435 -1.81 29.77 -34.79
C HIS B 435 -0.52 30.39 -35.30
N TYR B 436 0.30 30.86 -34.35
CA TYR B 436 1.49 31.63 -34.71
C TYR B 436 2.64 30.74 -35.18
N GLY B 437 3.11 29.86 -34.32
CA GLY B 437 4.33 29.12 -34.61
C GLY B 437 4.23 27.62 -34.48
N MET B 438 3.06 27.06 -34.74
CA MET B 438 2.88 25.61 -34.75
C MET B 438 3.16 25.10 -36.16
N VAL B 439 4.43 24.74 -36.39
CA VAL B 439 4.86 24.38 -37.72
C VAL B 439 4.82 22.86 -37.96
N ASP B 440 5.08 22.05 -36.93
CA ASP B 440 5.11 20.61 -37.12
C ASP B 440 3.75 20.06 -37.50
N VAL B 441 2.69 20.53 -36.84
CA VAL B 441 1.35 20.05 -37.15
C VAL B 441 0.94 20.49 -38.55
N LYS B 442 1.27 21.73 -38.93
CA LYS B 442 0.98 22.20 -40.28
C LYS B 442 1.68 21.34 -41.32
N ASP B 443 2.98 21.06 -41.11
CA ASP B 443 3.71 20.22 -42.04
C ASP B 443 3.09 18.83 -42.12
N ARG B 444 2.73 18.24 -40.98
CA ARG B 444 2.16 16.89 -40.97
C ARG B 444 0.85 16.84 -41.72
N ILE B 445 -0.02 17.84 -41.52
CA ILE B 445 -1.26 17.85 -42.30
C ILE B 445 -0.95 18.10 -43.77
N LEU B 446 0.16 18.77 -44.09
CA LEU B 446 0.56 18.91 -45.48
C LEU B 446 0.90 17.56 -46.10
N GLU B 447 1.69 16.73 -45.41
CA GLU B 447 1.94 15.40 -45.97
C GLU B 447 0.68 14.56 -46.01
N PHE B 448 -0.23 14.75 -45.05
CA PHE B 448 -1.49 14.01 -45.08
C PHE B 448 -2.30 14.36 -46.33
N ILE B 449 -2.40 15.66 -46.63
CA ILE B 449 -3.13 16.09 -47.82
C ILE B 449 -2.42 15.61 -49.08
N ALA B 450 -1.09 15.64 -49.09
CA ALA B 450 -0.36 15.14 -50.25
C ALA B 450 -0.61 13.65 -50.49
N VAL B 451 -0.59 12.86 -49.41
CA VAL B 451 -0.84 11.43 -49.53
C VAL B 451 -2.26 11.18 -50.03
N GLY B 452 -3.22 11.93 -49.51
CA GLY B 452 -4.58 11.83 -50.03
C GLY B 452 -4.67 12.20 -51.50
N LYS B 453 -3.88 13.20 -51.91
CA LYS B 453 -3.86 13.59 -53.32
C LYS B 453 -3.31 12.48 -54.20
N LEU B 454 -2.27 11.78 -53.74
CA LEU B 454 -1.69 10.70 -54.54
C LEU B 454 -2.60 9.49 -54.64
N LEU B 455 -3.66 9.42 -53.85
CA LEU B 455 -4.59 8.30 -53.89
C LEU B 455 -5.97 8.76 -54.32
N GLY B 456 -6.84 7.80 -54.61
CA GLY B 456 -8.19 8.14 -55.05
C GLY B 456 -8.99 8.86 -53.99
N LYS B 457 -8.95 8.38 -52.76
CA LYS B 457 -9.67 8.99 -51.65
C LYS B 457 -8.82 8.93 -50.40
N VAL B 458 -8.99 9.91 -49.52
CA VAL B 458 -8.20 10.01 -48.30
C VAL B 458 -8.68 8.94 -47.33
N ASP B 459 -7.93 7.85 -47.21
CA ASP B 459 -8.25 6.77 -46.28
C ASP B 459 -6.96 6.09 -45.86
N GLY B 460 -7.04 5.38 -44.73
CA GLY B 460 -5.89 4.66 -44.22
C GLY B 460 -5.53 5.06 -42.81
N LYS B 461 -5.67 6.34 -42.49
CA LYS B 461 -5.35 6.86 -41.16
C LYS B 461 -6.41 7.86 -40.74
N ILE B 462 -6.61 7.96 -39.43
CA ILE B 462 -7.44 8.99 -38.82
C ILE B 462 -6.51 9.93 -38.06
N ILE B 463 -6.61 11.22 -38.39
CA ILE B 463 -5.64 12.19 -37.86
C ILE B 463 -5.85 12.35 -36.36
N CYS B 464 -4.76 12.19 -35.60
CA CYS B 464 -4.79 12.33 -34.16
C CYS B 464 -3.55 13.08 -33.70
N PHE B 465 -3.75 14.00 -32.76
CA PHE B 465 -2.70 14.89 -32.29
C PHE B 465 -2.34 14.53 -30.85
N VAL B 466 -1.06 14.69 -30.53
CA VAL B 466 -0.52 14.38 -29.21
C VAL B 466 0.17 15.61 -28.67
N GLY B 467 -0.19 16.02 -27.46
CA GLY B 467 0.41 17.17 -26.83
C GLY B 467 -0.24 17.53 -25.52
N PRO B 468 0.43 18.37 -24.73
CA PRO B 468 -0.16 18.79 -23.45
C PRO B 468 -1.39 19.64 -23.68
N PRO B 469 -2.36 19.60 -22.78
CA PRO B 469 -3.56 20.43 -22.95
C PRO B 469 -3.23 21.91 -22.86
N GLY B 470 -4.00 22.71 -23.61
CA GLY B 470 -3.84 24.15 -23.63
C GLY B 470 -3.07 24.70 -24.81
N VAL B 471 -2.52 23.84 -25.67
CA VAL B 471 -1.76 24.31 -26.83
C VAL B 471 -2.72 24.58 -27.97
N GLY B 472 -4.00 24.30 -27.76
CA GLY B 472 -5.02 24.57 -28.74
C GLY B 472 -5.38 23.42 -29.65
N LYS B 473 -5.57 22.22 -29.12
CA LYS B 473 -5.90 21.04 -29.93
C LYS B 473 -7.40 20.81 -30.05
N THR B 474 -8.20 21.86 -29.95
CA THR B 474 -9.64 21.75 -30.13
C THR B 474 -10.12 22.62 -31.27
N SER B 475 -9.43 23.73 -31.52
CA SER B 475 -9.71 24.59 -32.67
C SER B 475 -9.09 23.99 -33.91
N ILE B 476 -8.21 23.00 -33.72
CA ILE B 476 -7.58 22.34 -34.86
C ILE B 476 -8.61 21.61 -35.71
N GLY B 477 -9.66 21.07 -35.07
CA GLY B 477 -10.71 20.43 -35.84
C GLY B 477 -11.39 21.38 -36.81
N LYS B 478 -11.74 22.58 -36.32
CA LYS B 478 -12.34 23.58 -37.20
C LYS B 478 -11.36 24.07 -38.24
N SER B 479 -10.08 24.21 -37.87
CA SER B 479 -9.08 24.63 -38.85
C SER B 479 -8.94 23.61 -39.98
N ILE B 480 -8.90 22.32 -39.64
CA ILE B 480 -8.82 21.28 -40.66
C ILE B 480 -10.10 21.23 -41.48
N ALA B 481 -11.25 21.49 -40.84
CA ALA B 481 -12.50 21.55 -41.58
C ALA B 481 -12.47 22.67 -42.62
N ARG B 482 -11.97 23.85 -42.24
CA ARG B 482 -11.87 24.95 -43.19
C ARG B 482 -10.87 24.63 -44.29
N ALA B 483 -9.74 24.02 -43.93
CA ALA B 483 -8.72 23.69 -44.94
C ALA B 483 -9.25 22.68 -45.94
N LEU B 484 -9.95 21.65 -45.47
CA LEU B 484 -10.56 20.64 -46.32
C LEU B 484 -11.91 21.07 -46.88
N ASN B 485 -12.46 22.17 -46.37
CA ASN B 485 -13.71 22.76 -46.88
C ASN B 485 -14.88 21.79 -46.75
N ARG B 486 -14.96 21.12 -45.61
CA ARG B 486 -16.09 20.27 -45.26
C ARG B 486 -16.69 20.70 -43.93
N LYS B 487 -17.97 20.43 -43.76
CA LYS B 487 -18.68 20.88 -42.57
C LYS B 487 -18.10 20.23 -41.31
N PHE B 488 -18.01 21.01 -40.24
CA PHE B 488 -17.46 20.57 -38.97
C PHE B 488 -18.59 20.25 -37.99
N PHE B 489 -18.47 19.11 -37.31
CA PHE B 489 -19.42 18.71 -36.29
C PHE B 489 -18.63 18.25 -35.06
N ARG B 490 -19.06 18.69 -33.89
CA ARG B 490 -18.41 18.34 -32.63
C ARG B 490 -19.25 17.29 -31.91
N PHE B 491 -18.62 16.17 -31.56
CA PHE B 491 -19.29 15.05 -30.93
C PHE B 491 -18.67 14.78 -29.57
N SER B 492 -19.53 14.55 -28.57
CA SER B 492 -19.10 14.29 -27.21
C SER B 492 -19.29 12.81 -26.89
N VAL B 493 -18.18 12.10 -26.71
CA VAL B 493 -18.25 10.68 -26.33
C VAL B 493 -18.46 10.50 -24.83
N GLY B 494 -18.06 11.48 -24.02
CA GLY B 494 -18.19 11.39 -22.57
C GLY B 494 -19.62 11.27 -22.07
N GLY B 495 -20.61 11.59 -22.91
CA GLY B 495 -22.00 11.43 -22.53
C GLY B 495 -22.53 10.03 -22.67
N MET B 496 -21.71 9.09 -23.11
CA MET B 496 -22.11 7.69 -23.24
C MET B 496 -21.95 6.99 -21.89
N THR B 497 -22.92 6.15 -21.55
CA THR B 497 -22.90 5.37 -20.31
C THR B 497 -22.48 3.93 -20.54
N ASP B 498 -23.10 3.26 -21.51
CA ASP B 498 -22.77 1.88 -21.85
C ASP B 498 -22.74 1.73 -23.37
N VAL B 499 -22.41 0.52 -23.82
CA VAL B 499 -22.27 0.24 -25.24
C VAL B 499 -23.52 -0.43 -25.82
N ALA B 500 -24.55 -0.65 -25.01
CA ALA B 500 -25.73 -1.37 -25.43
C ALA B 500 -26.98 -0.51 -25.46
N GLU B 501 -27.27 0.22 -24.37
CA GLU B 501 -28.52 0.94 -24.26
C GLU B 501 -28.59 2.13 -25.23
N ILE B 502 -27.46 2.80 -25.48
CA ILE B 502 -27.46 4.04 -26.24
C ILE B 502 -27.29 3.79 -27.74
N LYS B 503 -26.94 2.58 -28.15
CA LYS B 503 -26.64 2.29 -29.55
C LYS B 503 -27.89 2.08 -30.40
N GLY B 504 -29.06 2.52 -29.95
CA GLY B 504 -30.26 2.45 -30.75
C GLY B 504 -31.37 1.69 -30.05
N HIS B 505 -32.54 1.73 -30.66
CA HIS B 505 -33.74 1.07 -30.15
C HIS B 505 -34.49 0.39 -31.28
N ARG B 506 -35.34 -0.56 -30.92
CA ARG B 506 -36.14 -1.27 -31.90
C ARG B 506 -37.12 -0.33 -32.57
N ARG B 507 -37.30 -0.50 -33.89
CA ARG B 507 -38.28 0.30 -34.61
C ARG B 507 -39.70 -0.01 -34.16
N THR B 508 -39.99 -1.29 -33.90
CA THR B 508 -41.33 -1.71 -33.51
C THR B 508 -41.74 -1.20 -32.14
N TYR B 509 -40.79 -0.83 -31.29
CA TYR B 509 -41.10 -0.35 -29.95
C TYR B 509 -41.47 1.13 -29.97
N ILE B 510 -42.21 1.54 -28.94
CA ILE B 510 -42.55 2.94 -28.78
C ILE B 510 -41.32 3.78 -28.42
N GLY B 511 -40.25 3.13 -28.00
CA GLY B 511 -39.04 3.80 -27.57
C GLY B 511 -38.01 4.07 -28.65
N ALA B 512 -38.42 4.07 -29.93
CA ALA B 512 -37.48 4.32 -31.01
C ALA B 512 -36.90 5.72 -30.91
N LEU B 513 -35.59 5.82 -31.11
CA LEU B 513 -34.88 7.09 -31.03
C LEU B 513 -33.68 7.02 -31.98
N PRO B 514 -33.50 8.02 -32.84
CA PRO B 514 -32.36 8.00 -33.77
C PRO B 514 -31.04 8.13 -33.02
N GLY B 515 -29.99 7.55 -33.62
CA GLY B 515 -28.67 7.62 -33.04
C GLY B 515 -27.98 8.95 -33.32
N ARG B 516 -26.81 9.12 -32.70
CA ARG B 516 -26.06 10.36 -32.84
C ARG B 516 -25.61 10.56 -34.29
N VAL B 517 -25.25 9.47 -34.96
CA VAL B 517 -24.86 9.54 -36.37
C VAL B 517 -26.00 10.11 -37.21
N VAL B 518 -27.25 9.85 -36.82
CA VAL B 518 -28.39 10.33 -37.59
C VAL B 518 -28.42 11.85 -37.62
N GLN B 519 -28.33 12.48 -36.44
CA GLN B 519 -28.38 13.94 -36.43
C GLN B 519 -27.09 14.54 -36.97
N ALA B 520 -25.95 13.85 -36.78
CA ALA B 520 -24.71 14.33 -37.38
C ALA B 520 -24.82 14.40 -38.90
N LEU B 521 -25.37 13.34 -39.51
CA LEU B 521 -25.49 13.30 -40.96
C LEU B 521 -26.55 14.28 -41.46
N LYS B 522 -27.67 14.42 -40.74
CA LYS B 522 -28.68 15.36 -41.21
C LYS B 522 -28.24 16.81 -41.02
N LYS B 523 -27.36 17.08 -40.05
CA LYS B 523 -26.82 18.42 -39.91
C LYS B 523 -25.77 18.71 -40.97
N CYS B 524 -24.89 17.75 -41.25
CA CYS B 524 -23.84 17.96 -42.24
C CYS B 524 -24.42 18.03 -43.65
N GLN B 525 -25.26 17.04 -44.00
CA GLN B 525 -25.83 16.93 -45.34
C GLN B 525 -24.75 16.97 -46.42
N THR B 526 -23.61 16.34 -46.12
CA THR B 526 -22.47 16.34 -47.03
C THR B 526 -21.68 15.06 -46.81
N GLN B 527 -21.18 14.50 -47.91
CA GLN B 527 -20.39 13.29 -47.83
C GLN B 527 -19.08 13.56 -47.09
N ASN B 528 -18.65 12.56 -46.30
CA ASN B 528 -17.43 12.62 -45.51
C ASN B 528 -17.46 13.80 -44.54
N PRO B 529 -18.30 13.76 -43.50
CA PRO B 529 -18.30 14.84 -42.51
C PRO B 529 -17.24 14.62 -41.45
N LEU B 530 -16.70 15.73 -40.96
CA LEU B 530 -15.66 15.67 -39.93
C LEU B 530 -16.30 15.57 -38.54
N ILE B 531 -15.82 14.62 -37.74
CA ILE B 531 -16.30 14.40 -36.40
C ILE B 531 -15.12 14.50 -35.44
N LEU B 532 -15.25 15.34 -34.42
CA LEU B 532 -14.21 15.56 -33.43
C LEU B 532 -14.64 14.94 -32.11
N ILE B 533 -13.82 14.04 -31.58
CA ILE B 533 -14.05 13.47 -30.25
C ILE B 533 -13.52 14.44 -29.21
N ASP B 534 -14.36 14.80 -28.24
CA ASP B 534 -14.00 15.83 -27.29
C ASP B 534 -12.94 15.34 -26.30
N GLU B 535 -13.24 14.27 -25.56
CA GLU B 535 -12.33 13.76 -24.56
C GLU B 535 -12.41 12.24 -24.54
N ILE B 536 -11.26 11.59 -24.65
CA ILE B 536 -11.16 10.13 -24.54
C ILE B 536 -10.32 9.79 -23.31
N ASP B 537 -9.25 10.57 -23.10
CA ASP B 537 -8.37 10.37 -21.95
C ASP B 537 -8.88 11.14 -20.74
N LYS B 538 -10.11 11.64 -20.82
CA LYS B 538 -10.72 12.38 -19.72
C LYS B 538 -12.13 11.88 -19.47
N ILE B 539 -12.38 10.60 -19.74
CA ILE B 539 -13.70 10.01 -19.54
C ILE B 539 -13.84 9.48 -18.12
N GLY B 546 -20.77 -1.51 -19.94
CA GLY B 546 -19.37 -1.92 -19.86
C GLY B 546 -18.40 -0.77 -19.93
N ASP B 547 -17.65 -0.70 -21.03
CA ASP B 547 -16.67 0.36 -21.23
C ASP B 547 -16.84 0.94 -22.63
N PRO B 548 -16.72 2.26 -22.80
CA PRO B 548 -16.93 2.83 -24.14
C PRO B 548 -15.84 2.50 -25.13
N SER B 549 -14.78 1.81 -24.70
CA SER B 549 -13.71 1.43 -25.62
C SER B 549 -14.23 0.48 -26.69
N ALA B 550 -15.14 -0.43 -26.34
CA ALA B 550 -15.72 -1.33 -27.32
C ALA B 550 -16.52 -0.56 -28.37
N ALA B 551 -17.33 0.40 -27.94
CA ALA B 551 -18.09 1.21 -28.89
C ALA B 551 -17.16 2.03 -29.78
N LEU B 552 -16.10 2.59 -29.20
CA LEU B 552 -15.14 3.37 -29.99
C LEU B 552 -14.46 2.48 -31.04
N LEU B 553 -14.08 1.27 -30.65
CA LEU B 553 -13.48 0.34 -31.61
C LEU B 553 -14.48 -0.03 -32.71
N GLU B 554 -15.74 -0.26 -32.34
CA GLU B 554 -16.73 -0.67 -33.35
C GLU B 554 -17.04 0.46 -34.32
N VAL B 555 -17.02 1.72 -33.85
CA VAL B 555 -17.37 2.84 -34.71
C VAL B 555 -16.16 3.46 -35.41
N LEU B 556 -14.94 3.12 -35.01
CA LEU B 556 -13.75 3.73 -35.60
C LEU B 556 -12.92 2.77 -36.44
N ASP B 557 -12.94 1.48 -36.16
CA ASP B 557 -12.15 0.54 -36.93
C ASP B 557 -12.73 0.40 -38.33
N PRO B 558 -11.94 0.67 -39.38
CA PRO B 558 -12.51 0.62 -40.75
C PRO B 558 -13.03 -0.75 -41.14
N GLU B 559 -12.53 -1.82 -40.51
CA GLU B 559 -13.00 -3.17 -40.84
C GLU B 559 -14.47 -3.35 -40.48
N GLN B 560 -15.00 -2.52 -39.59
CA GLN B 560 -16.39 -2.64 -39.13
C GLN B 560 -17.27 -1.48 -39.57
N ASN B 561 -16.70 -0.40 -40.10
CA ASN B 561 -17.49 0.76 -40.48
C ASN B 561 -18.26 0.54 -41.78
N ASN B 562 -17.90 -0.47 -42.58
CA ASN B 562 -18.55 -0.69 -43.85
C ASN B 562 -20.01 -1.11 -43.70
N SER B 563 -20.33 -1.85 -42.65
CA SER B 563 -21.68 -2.38 -42.43
C SER B 563 -22.13 -2.15 -41.00
N PHE B 564 -22.01 -0.90 -40.53
CA PHE B 564 -22.38 -0.57 -39.16
C PHE B 564 -23.84 -0.89 -38.89
N LEU B 565 -24.74 -0.44 -39.77
CA LEU B 565 -26.17 -0.78 -39.71
C LEU B 565 -26.78 -0.36 -38.36
N ASP B 566 -26.84 0.95 -38.15
CA ASP B 566 -27.44 1.49 -36.94
C ASP B 566 -28.88 1.00 -36.81
N ASN B 567 -29.33 0.84 -35.56
CA ASN B 567 -30.63 0.24 -35.30
C ASN B 567 -31.77 1.05 -35.93
N TYR B 568 -31.71 2.38 -35.78
CA TYR B 568 -32.76 3.23 -36.34
C TYR B 568 -32.54 3.53 -37.82
N LEU B 569 -31.34 3.28 -38.35
CA LEU B 569 -31.02 3.55 -39.74
C LEU B 569 -31.16 2.26 -40.54
N ASP B 570 -32.26 2.13 -41.28
CA ASP B 570 -32.44 0.96 -42.14
C ASP B 570 -31.44 0.96 -43.28
N ILE B 571 -31.19 2.13 -43.88
CA ILE B 571 -30.22 2.22 -44.97
C ILE B 571 -28.82 1.96 -44.42
N PRO B 572 -27.98 1.19 -45.11
CA PRO B 572 -26.60 1.01 -44.65
C PRO B 572 -25.82 2.31 -44.73
N ILE B 573 -24.89 2.47 -43.78
CA ILE B 573 -24.06 3.66 -43.68
C ILE B 573 -22.59 3.22 -43.68
N ASP B 574 -21.79 3.84 -44.53
CA ASP B 574 -20.36 3.55 -44.62
C ASP B 574 -19.60 4.62 -43.85
N LEU B 575 -19.21 4.30 -42.63
CA LEU B 575 -18.45 5.25 -41.80
C LEU B 575 -16.96 5.24 -42.09
N SER B 576 -16.48 4.30 -42.91
CA SER B 576 -15.07 4.29 -43.26
C SER B 576 -14.69 5.52 -44.06
N LYS B 577 -15.55 5.94 -44.98
CA LYS B 577 -15.31 7.17 -45.73
C LYS B 577 -15.40 8.39 -44.82
N VAL B 578 -16.14 8.29 -43.72
CA VAL B 578 -16.27 9.41 -42.80
C VAL B 578 -14.97 9.58 -42.01
N LEU B 579 -14.42 10.79 -42.01
CA LEU B 579 -13.16 11.07 -41.35
C LEU B 579 -13.41 11.68 -39.97
N PHE B 580 -12.61 11.26 -39.01
CA PHE B 580 -12.72 11.73 -37.63
C PHE B 580 -11.47 12.51 -37.24
N VAL B 581 -11.57 13.22 -36.12
CA VAL B 581 -10.48 14.03 -35.59
C VAL B 581 -10.18 13.56 -34.17
N CYS B 582 -8.89 13.42 -33.85
CA CYS B 582 -8.43 12.88 -32.59
C CYS B 582 -7.50 13.84 -31.86
N THR B 583 -7.72 13.98 -30.55
CA THR B 583 -6.87 14.76 -29.67
C THR B 583 -6.56 13.93 -28.44
N ALA B 584 -5.28 13.84 -28.07
CA ALA B 584 -4.88 13.06 -26.90
C ALA B 584 -3.93 13.89 -26.06
N ASN B 585 -4.16 13.90 -24.74
CA ASN B 585 -3.32 14.61 -23.79
C ASN B 585 -2.42 13.71 -22.98
N SER B 586 -2.89 12.52 -22.60
CA SER B 586 -2.11 11.56 -21.83
C SER B 586 -1.71 10.42 -22.75
N LEU B 587 -0.41 10.18 -22.87
CA LEU B 587 0.08 9.18 -23.81
C LEU B 587 -0.18 7.76 -23.32
N GLU B 588 -0.04 7.52 -22.01
CA GLU B 588 -0.12 6.16 -21.48
C GLU B 588 -1.54 5.67 -21.30
N THR B 589 -2.55 6.54 -21.41
CA THR B 589 -3.94 6.15 -21.23
C THR B 589 -4.69 5.95 -22.54
N ILE B 590 -4.00 6.03 -23.67
CA ILE B 590 -4.67 5.84 -24.97
C ILE B 590 -5.07 4.38 -25.13
N PRO B 591 -6.31 4.09 -25.50
CA PRO B 591 -6.72 2.69 -25.64
C PRO B 591 -5.96 1.97 -26.75
N ARG B 592 -5.80 0.67 -26.57
CA ARG B 592 -5.11 -0.14 -27.58
C ARG B 592 -5.77 -0.09 -28.96
N PRO B 593 -7.09 -0.14 -29.12
CA PRO B 593 -7.66 -0.05 -30.47
C PRO B 593 -7.25 1.20 -31.23
N LEU B 594 -7.12 2.34 -30.56
CA LEU B 594 -6.64 3.56 -31.20
C LEU B 594 -5.13 3.73 -31.09
N LEU B 595 -4.44 2.85 -30.35
CA LEU B 595 -2.99 2.91 -30.28
C LEU B 595 -2.35 2.46 -31.60
N ASP B 596 -3.04 1.59 -32.35
CA ASP B 596 -2.53 1.13 -33.64
C ASP B 596 -2.66 2.22 -34.71
N ARG B 597 -3.55 3.19 -34.52
CA ARG B 597 -3.79 4.24 -35.50
C ARG B 597 -3.44 5.61 -34.89
N MET B 598 -2.29 5.66 -34.23
CA MET B 598 -1.83 6.87 -33.57
C MET B 598 -0.51 7.32 -34.18
N GLU B 599 -0.39 8.64 -34.35
CA GLU B 599 0.83 9.26 -34.84
C GLU B 599 1.37 10.22 -33.78
N VAL B 600 2.69 10.26 -33.64
CA VAL B 600 3.35 11.03 -32.58
C VAL B 600 3.93 12.29 -33.21
N ILE B 601 3.37 13.44 -32.83
CA ILE B 601 3.90 14.75 -33.20
C ILE B 601 4.03 15.57 -31.92
N GLU B 602 5.25 15.99 -31.60
CA GLU B 602 5.52 16.70 -30.36
C GLU B 602 5.51 18.20 -30.59
N LEU B 603 4.90 18.93 -29.66
CA LEU B 603 4.89 20.38 -29.64
C LEU B 603 5.65 20.87 -28.41
N THR B 604 6.71 21.63 -28.62
CA THR B 604 7.53 22.12 -27.53
C THR B 604 6.97 23.43 -26.99
N GLY B 605 7.66 23.99 -25.99
CA GLY B 605 7.25 25.25 -25.42
C GLY B 605 7.55 26.43 -26.32
N TYR B 606 7.06 27.59 -25.91
CA TYR B 606 7.22 28.82 -26.66
C TYR B 606 8.30 29.68 -26.02
N VAL B 607 9.26 30.11 -26.84
CA VAL B 607 10.33 30.99 -26.38
C VAL B 607 9.70 32.37 -26.14
N ALA B 608 10.43 33.25 -25.45
CA ALA B 608 9.88 34.54 -25.02
C ALA B 608 9.26 35.32 -26.16
N GLU B 609 10.00 35.50 -27.26
CA GLU B 609 9.50 36.32 -28.34
C GLU B 609 8.32 35.66 -29.05
N ASP B 610 8.35 34.33 -29.18
CA ASP B 610 7.21 33.63 -29.77
C ASP B 610 5.96 33.78 -28.91
N LYS B 611 6.12 33.67 -27.59
CA LYS B 611 4.98 33.86 -26.69
C LYS B 611 4.43 35.27 -26.80
N VAL B 612 5.32 36.27 -26.86
CA VAL B 612 4.88 37.66 -26.99
C VAL B 612 4.11 37.84 -28.29
N LYS B 613 4.62 37.28 -29.39
CA LYS B 613 4.00 37.51 -30.68
C LYS B 613 2.64 36.82 -30.77
N ILE B 614 2.54 35.58 -30.29
CA ILE B 614 1.23 34.91 -30.33
C ILE B 614 0.24 35.62 -29.41
N ALA B 615 0.72 36.09 -28.24
CA ALA B 615 -0.16 36.81 -27.34
C ALA B 615 -0.71 38.07 -28.01
N GLU B 616 0.19 38.91 -28.54
CA GLU B 616 -0.24 40.14 -29.19
C GLU B 616 -1.12 39.86 -30.40
N GLN B 617 -0.90 38.74 -31.09
CA GLN B 617 -1.70 38.45 -32.28
C GLN B 617 -3.11 38.00 -31.92
N TYR B 618 -3.26 37.15 -30.91
CA TYR B 618 -4.55 36.52 -30.66
C TYR B 618 -5.15 36.87 -29.31
N LEU B 619 -4.39 36.76 -28.22
CA LEU B 619 -5.01 36.84 -26.89
C LEU B 619 -5.38 38.27 -26.53
N VAL B 620 -4.51 39.24 -26.83
CA VAL B 620 -4.80 40.63 -26.49
C VAL B 620 -6.05 41.15 -27.19
N PRO B 621 -6.22 40.99 -28.52
CA PRO B 621 -7.50 41.39 -29.12
C PRO B 621 -8.69 40.61 -28.59
N SER B 622 -8.50 39.32 -28.30
CA SER B 622 -9.60 38.51 -27.79
C SER B 622 -10.07 39.00 -26.42
N ALA B 623 -9.12 39.25 -25.51
CA ALA B 623 -9.48 39.75 -24.20
C ALA B 623 -10.03 41.17 -24.27
N LYS B 624 -9.51 41.98 -25.20
CA LYS B 624 -10.04 43.34 -25.37
C LYS B 624 -11.48 43.31 -25.85
N LYS B 625 -11.80 42.40 -26.78
CA LYS B 625 -13.17 42.26 -27.24
C LYS B 625 -14.07 41.64 -26.18
N SER B 626 -13.50 40.80 -25.30
CA SER B 626 -14.28 40.25 -24.20
C SER B 626 -14.77 41.35 -23.27
N ALA B 627 -13.93 42.35 -23.00
CA ALA B 627 -14.32 43.51 -22.23
C ALA B 627 -14.92 44.61 -23.10
N GLY B 628 -14.91 44.45 -24.42
CA GLY B 628 -15.49 45.42 -25.32
C GLY B 628 -14.83 46.78 -25.25
N LEU B 629 -13.50 46.81 -25.27
CA LEU B 629 -12.73 48.05 -25.19
C LEU B 629 -12.25 48.45 -26.57
N GLU B 630 -12.56 49.68 -26.96
CA GLU B 630 -12.10 50.19 -28.25
C GLU B 630 -10.59 50.44 -28.21
N ASN B 631 -9.95 50.33 -29.36
CA ASN B 631 -8.52 50.53 -29.46
C ASN B 631 -8.17 52.00 -29.20
N SER B 632 -6.88 52.24 -28.97
CA SER B 632 -6.30 53.53 -28.62
C SER B 632 -6.76 54.04 -27.26
N HIS B 633 -7.50 53.23 -26.49
CA HIS B 633 -7.89 53.56 -25.13
C HIS B 633 -7.14 52.73 -24.10
N VAL B 634 -7.17 51.40 -24.24
CA VAL B 634 -6.42 50.50 -23.37
C VAL B 634 -5.51 49.66 -24.25
N ASP B 635 -4.20 49.74 -24.00
CA ASP B 635 -3.22 49.01 -24.79
C ASP B 635 -2.20 48.36 -23.84
N MET B 636 -1.61 47.28 -24.32
CA MET B 636 -0.59 46.55 -23.58
C MET B 636 0.76 46.74 -24.27
N THR B 637 1.71 47.34 -23.55
CA THR B 637 3.05 47.49 -24.08
C THR B 637 3.80 46.16 -24.07
N GLU B 638 4.78 46.05 -24.96
CA GLU B 638 5.50 44.79 -25.10
C GLU B 638 6.29 44.44 -23.84
N ASP B 639 6.86 45.43 -23.16
CA ASP B 639 7.62 45.14 -21.95
C ASP B 639 6.71 44.59 -20.85
N ALA B 640 5.48 45.10 -20.77
CA ALA B 640 4.53 44.58 -19.79
C ALA B 640 4.18 43.13 -20.08
N ILE B 641 3.99 42.79 -21.36
CA ILE B 641 3.70 41.40 -21.72
C ILE B 641 4.89 40.50 -21.40
N THR B 642 6.11 40.98 -21.68
CA THR B 642 7.30 40.18 -21.36
C THR B 642 7.41 39.93 -19.86
N ALA B 643 7.20 40.97 -19.05
CA ALA B 643 7.23 40.80 -17.61
C ALA B 643 6.14 39.85 -17.15
N LEU B 644 4.94 39.97 -17.73
CA LEU B 644 3.83 39.12 -17.32
C LEU B 644 4.13 37.66 -17.60
N MET B 645 4.64 37.34 -18.80
CA MET B 645 4.94 35.94 -19.08
C MET B 645 6.10 35.46 -18.24
N LYS B 646 7.09 36.33 -18.01
CA LYS B 646 8.29 35.90 -17.30
C LYS B 646 8.00 35.62 -15.83
N TYR B 647 7.11 36.38 -15.21
CA TYR B 647 6.89 36.29 -13.78
C TYR B 647 5.56 35.64 -13.40
N TYR B 648 4.69 35.32 -14.36
CA TYR B 648 3.39 34.80 -13.97
C TYR B 648 3.00 33.51 -14.69
N CYS B 649 3.36 33.37 -15.97
CA CYS B 649 2.86 32.29 -16.80
C CYS B 649 4.01 31.40 -17.24
N ARG B 650 3.92 30.10 -16.94
CA ARG B 650 4.94 29.14 -17.34
C ARG B 650 4.39 27.83 -17.86
N GLU B 651 3.07 27.67 -17.94
CA GLU B 651 2.48 26.39 -18.32
C GLU B 651 2.73 26.10 -19.80
N SER B 652 2.63 24.81 -20.14
CA SER B 652 2.81 24.39 -21.53
C SER B 652 1.73 25.00 -22.43
N GLY B 653 0.49 25.01 -21.96
CA GLY B 653 -0.59 25.65 -22.69
C GLY B 653 -0.56 27.15 -22.54
N VAL B 654 -1.48 27.81 -23.25
CA VAL B 654 -1.57 29.26 -23.23
C VAL B 654 -2.84 29.74 -22.54
N ARG B 655 -3.44 28.90 -21.69
CA ARG B 655 -4.63 29.30 -20.95
C ARG B 655 -4.31 30.32 -19.86
N ASN B 656 -3.17 30.15 -19.19
CA ASN B 656 -2.82 31.05 -18.09
C ASN B 656 -2.61 32.48 -18.59
N LEU B 657 -1.92 32.64 -19.73
CA LEU B 657 -1.71 33.97 -20.29
C LEU B 657 -3.04 34.59 -20.70
N LYS B 658 -3.94 33.78 -21.27
CA LYS B 658 -5.26 34.27 -21.64
C LYS B 658 -6.03 34.75 -20.41
N LYS B 659 -5.98 33.97 -19.32
CA LYS B 659 -6.65 34.39 -18.09
C LYS B 659 -6.06 35.68 -17.53
N HIS B 660 -4.73 35.79 -17.54
CA HIS B 660 -4.10 37.00 -17.02
C HIS B 660 -4.47 38.23 -17.83
N ILE B 661 -4.45 38.11 -19.16
CA ILE B 661 -4.81 39.25 -20.02
C ILE B 661 -6.29 39.59 -19.85
N GLU B 662 -7.14 38.58 -19.72
CA GLU B 662 -8.56 38.84 -19.49
C GLU B 662 -8.79 39.57 -18.18
N LYS B 663 -8.08 39.17 -17.13
CA LYS B 663 -8.20 39.86 -15.84
C LYS B 663 -7.72 41.30 -15.93
N ILE B 664 -6.59 41.51 -16.63
CA ILE B 664 -6.08 42.86 -16.80
C ILE B 664 -7.08 43.74 -17.53
N TYR B 665 -7.68 43.22 -18.60
CA TYR B 665 -8.63 44.01 -19.37
C TYR B 665 -9.94 44.20 -18.61
N ARG B 666 -10.34 43.24 -17.79
CA ARG B 666 -11.51 43.43 -16.93
C ARG B 666 -11.28 44.56 -15.94
N LYS B 667 -10.11 44.59 -15.31
CA LYS B 667 -9.79 45.67 -14.38
C LYS B 667 -9.72 47.02 -15.11
N ALA B 668 -9.14 47.02 -16.32
CA ALA B 668 -9.09 48.26 -17.09
C ALA B 668 -10.48 48.75 -17.46
N ALA B 669 -11.37 47.85 -17.86
CA ALA B 669 -12.73 48.23 -18.18
C ALA B 669 -13.45 48.76 -16.94
N LEU B 670 -13.23 48.14 -15.79
CA LEU B 670 -13.82 48.65 -14.56
C LEU B 670 -13.33 50.06 -14.25
N GLN B 671 -12.03 50.29 -14.41
CA GLN B 671 -11.48 51.62 -14.16
C GLN B 671 -12.07 52.65 -15.12
N VAL B 672 -12.18 52.30 -16.40
CA VAL B 672 -12.73 53.21 -17.40
C VAL B 672 -14.19 53.53 -17.08
N VAL B 673 -14.97 52.51 -16.72
CA VAL B 673 -16.38 52.74 -16.41
C VAL B 673 -16.52 53.62 -15.17
N LYS B 674 -15.72 53.35 -14.14
CA LYS B 674 -15.77 54.17 -12.93
C LYS B 674 -15.32 55.60 -13.20
N LYS B 675 -14.41 55.80 -14.15
CA LYS B 675 -13.94 57.13 -14.50
C LYS B 675 -14.92 57.87 -15.41
N LEU B 676 -15.71 57.14 -16.19
CA LEU B 676 -16.65 57.72 -17.16
C LEU B 676 -15.93 58.64 -18.14
N LYS B 731 -8.61 60.61 -18.56
CA LYS B 731 -8.27 60.50 -19.98
C LYS B 731 -8.80 59.20 -20.57
N ILE B 732 -9.23 59.25 -21.83
CA ILE B 732 -9.78 58.08 -22.49
C ILE B 732 -8.70 57.03 -22.72
N ASN B 733 -7.43 57.44 -22.77
CA ASN B 733 -6.33 56.53 -23.06
C ASN B 733 -5.60 56.18 -21.76
N VAL B 734 -5.44 54.89 -21.51
CA VAL B 734 -4.71 54.39 -20.35
C VAL B 734 -3.72 53.33 -20.83
N SER B 735 -2.51 53.37 -20.30
CA SER B 735 -1.44 52.47 -20.70
C SER B 735 -1.04 51.56 -19.56
N ILE B 736 -0.63 50.34 -19.91
CA ILE B 736 -0.17 49.34 -18.97
C ILE B 736 1.27 48.99 -19.34
N SER B 737 2.17 49.10 -18.37
CA SER B 737 3.59 48.90 -18.61
C SER B 737 4.25 48.46 -17.32
N GLN B 738 5.59 48.53 -17.30
CA GLN B 738 6.36 48.15 -16.12
C GLN B 738 5.98 48.95 -14.89
N LYS B 739 5.63 50.24 -15.04
CA LYS B 739 5.28 51.11 -13.93
C LYS B 739 3.77 51.18 -13.71
N ASN B 740 3.01 50.36 -14.42
CA ASN B 740 1.56 50.36 -14.29
C ASN B 740 1.05 48.99 -13.87
N LEU B 741 1.71 47.93 -14.32
CA LEU B 741 1.27 46.58 -14.01
C LEU B 741 1.76 46.17 -12.63
N LYS B 742 1.07 46.62 -11.59
CA LYS B 742 1.36 46.18 -10.23
C LYS B 742 0.05 45.86 -9.53
N ASP B 743 -1.05 46.45 -10.00
CA ASP B 743 -2.37 46.27 -9.43
C ASP B 743 -3.34 45.72 -10.46
N TYR B 744 -2.85 44.87 -11.36
CA TYR B 744 -3.68 44.27 -12.39
C TYR B 744 -3.71 42.75 -12.31
N VAL B 745 -2.60 42.12 -11.93
CA VAL B 745 -2.53 40.68 -11.73
C VAL B 745 -2.10 40.30 -10.33
N GLY B 746 -1.61 41.25 -9.53
CA GLY B 746 -1.18 40.98 -8.19
C GLY B 746 0.33 41.02 -8.04
N PRO B 747 0.85 40.24 -7.10
CA PRO B 747 2.29 40.26 -6.84
C PRO B 747 3.02 39.30 -7.78
N PRO B 748 4.33 39.46 -7.94
CA PRO B 748 5.10 38.55 -8.80
C PRO B 748 5.27 37.18 -8.18
N VAL B 749 4.27 36.30 -8.38
CA VAL B 749 4.28 34.99 -7.75
C VAL B 749 5.56 34.22 -8.09
N TYR B 750 5.92 34.21 -9.37
CA TYR B 750 7.12 33.51 -9.83
C TYR B 750 8.28 34.51 -9.85
N THR B 751 9.26 34.28 -8.99
CA THR B 751 10.47 35.11 -8.94
C THR B 751 11.56 34.40 -9.73
N THR B 752 11.92 34.96 -10.88
CA THR B 752 12.88 34.34 -11.79
C THR B 752 14.25 35.01 -11.75
N ASP B 753 14.52 35.80 -10.70
CA ASP B 753 15.79 36.50 -10.56
C ASP B 753 16.75 35.78 -9.63
N ARG B 754 16.71 34.45 -9.63
CA ARG B 754 17.59 33.65 -8.76
C ARG B 754 19.02 33.71 -9.31
N LEU B 755 19.83 34.61 -8.73
CA LEU B 755 21.17 34.85 -9.23
C LEU B 755 22.12 35.12 -8.08
N TYR B 756 23.41 34.95 -8.37
CA TYR B 756 24.50 35.53 -7.60
C TYR B 756 25.09 36.67 -8.42
N GLU B 757 25.25 37.84 -7.79
CA GLU B 757 25.79 38.99 -8.51
C GLU B 757 27.19 38.68 -9.04
N THR B 758 28.07 38.19 -8.19
CA THR B 758 29.35 37.64 -8.59
C THR B 758 29.54 36.30 -7.88
N THR B 759 29.99 35.30 -8.62
CA THR B 759 30.05 33.94 -8.09
C THR B 759 31.30 33.78 -7.23
N PRO B 760 31.17 33.46 -5.95
CA PRO B 760 32.36 33.21 -5.12
C PRO B 760 33.01 31.88 -5.49
N PRO B 761 34.27 31.69 -5.14
CA PRO B 761 34.92 30.40 -5.44
C PRO B 761 34.22 29.25 -4.75
N GLY B 762 34.09 28.14 -5.48
CA GLY B 762 33.41 26.96 -4.97
C GLY B 762 31.96 26.85 -5.37
N VAL B 763 31.40 27.85 -6.06
CA VAL B 763 30.01 27.86 -6.49
C VAL B 763 29.97 27.76 -8.01
N VAL B 764 29.11 26.90 -8.53
CA VAL B 764 28.97 26.70 -9.97
C VAL B 764 27.48 26.71 -10.32
N MET B 765 27.16 27.32 -11.45
CA MET B 765 25.78 27.39 -11.95
C MET B 765 25.57 26.32 -13.01
N GLY B 766 24.60 25.44 -12.78
CA GLY B 766 24.19 24.45 -13.76
C GLY B 766 22.72 24.58 -14.09
N LEU B 767 22.29 23.76 -15.04
CA LEU B 767 20.94 23.81 -15.57
C LEU B 767 20.20 22.52 -15.25
N ALA B 768 18.89 22.65 -15.04
CA ALA B 768 18.04 21.51 -14.72
C ALA B 768 16.74 21.62 -15.49
N TRP B 769 16.11 20.47 -15.71
CA TRP B 769 14.88 20.38 -16.48
C TRP B 769 13.69 20.16 -15.54
N THR B 770 12.60 20.87 -15.81
CA THR B 770 11.34 20.71 -15.09
C THR B 770 10.21 20.77 -16.09
N ASN B 771 9.04 20.29 -15.66
CA ASN B 771 7.88 20.32 -16.54
C ASN B 771 7.38 21.75 -16.82
N MET B 772 7.88 22.74 -16.10
CA MET B 772 7.64 24.14 -16.41
C MET B 772 8.80 24.78 -17.17
N GLY B 773 9.65 23.98 -17.80
CA GLY B 773 10.76 24.51 -18.57
C GLY B 773 12.12 24.21 -17.98
N GLY B 774 12.92 25.26 -17.77
CA GLY B 774 14.24 25.12 -17.22
C GLY B 774 14.35 25.68 -15.81
N CYS B 775 15.48 25.41 -15.18
CA CYS B 775 15.74 25.89 -13.83
C CYS B 775 17.25 26.04 -13.64
N SER B 776 17.62 27.01 -12.81
CA SER B 776 19.03 27.28 -12.50
C SER B 776 19.37 26.58 -11.19
N LEU B 777 20.11 25.48 -11.30
CA LEU B 777 20.53 24.72 -10.13
C LEU B 777 21.94 25.15 -9.73
N TYR B 778 22.08 25.69 -8.54
CA TYR B 778 23.38 26.10 -8.06
C TYR B 778 24.03 24.97 -7.27
N VAL B 779 25.36 24.94 -7.29
CA VAL B 779 26.14 23.93 -6.57
C VAL B 779 27.18 24.68 -5.75
N GLU B 780 27.11 24.56 -4.43
CA GLU B 780 28.03 25.27 -3.54
C GLU B 780 28.81 24.25 -2.74
N SER B 781 30.13 24.23 -2.93
CA SER B 781 31.04 23.43 -2.14
C SER B 781 31.86 24.38 -1.27
N VAL B 782 31.78 24.20 0.04
CA VAL B 782 32.47 25.09 0.97
C VAL B 782 33.29 24.25 1.95
N LEU B 783 34.17 24.92 2.66
CA LEU B 783 34.98 24.31 3.70
C LEU B 783 34.39 24.65 5.06
N GLU B 784 34.34 23.68 5.95
CA GLU B 784 33.88 23.95 7.31
C GLU B 784 34.91 24.70 8.14
N GLN B 785 36.19 24.56 7.82
CA GLN B 785 37.28 25.23 8.52
C GLN B 785 38.33 25.69 7.52
N PRO B 786 39.12 26.72 7.87
CA PRO B 786 40.06 27.29 6.90
C PRO B 786 41.33 26.46 6.68
N LEU B 787 41.18 25.16 6.45
CA LEU B 787 42.25 24.26 6.01
C LEU B 787 43.32 24.05 7.06
N HIS B 788 43.24 24.78 8.18
CA HIS B 788 44.17 24.56 9.29
C HIS B 788 43.48 24.22 10.59
N ASN B 789 42.18 24.46 10.71
CA ASN B 789 41.39 23.90 11.80
C ASN B 789 40.80 22.55 11.43
N CYS B 790 40.92 22.14 10.18
CA CYS B 790 40.51 20.81 9.76
C CYS B 790 41.50 19.76 10.26
N LYS B 791 40.99 18.57 10.52
CA LYS B 791 41.83 17.50 11.03
C LYS B 791 41.68 16.23 10.20
N HIS B 792 40.48 16.00 9.66
CA HIS B 792 40.21 14.79 8.88
C HIS B 792 39.52 15.17 7.58
N PRO B 793 39.90 14.57 6.45
CA PRO B 793 39.21 14.85 5.18
C PRO B 793 37.85 14.15 5.14
N THR B 794 36.79 14.95 5.10
CA THR B 794 35.43 14.42 5.08
C THR B 794 34.64 15.09 3.97
N PHE B 795 33.69 14.36 3.41
CA PHE B 795 32.78 14.87 2.39
C PHE B 795 31.35 14.63 2.84
N GLU B 796 30.55 15.69 2.83
CA GLU B 796 29.13 15.59 3.14
C GLU B 796 28.35 16.42 2.14
N ARG B 797 27.17 15.93 1.77
CA ARG B 797 26.33 16.57 0.77
C ARG B 797 24.91 16.73 1.31
N THR B 798 24.28 17.84 0.98
CA THR B 798 22.92 18.15 1.41
C THR B 798 22.05 18.42 0.19
N GLY B 799 20.82 18.84 0.43
CA GLY B 799 19.86 18.97 -0.65
C GLY B 799 19.23 17.65 -1.01
N GLN B 800 18.02 17.71 -1.54
CA GLN B 800 17.27 16.51 -1.91
C GLN B 800 17.87 15.94 -3.20
N LEU B 801 19.07 15.38 -3.06
CA LEU B 801 19.85 14.97 -4.22
C LEU B 801 19.33 13.69 -4.86
N GLY B 802 18.90 12.72 -4.06
CA GLY B 802 18.51 11.43 -4.59
C GLY B 802 19.72 10.53 -4.81
N ASP B 803 19.43 9.25 -5.05
CA ASP B 803 20.49 8.26 -5.15
C ASP B 803 21.40 8.51 -6.35
N VAL B 804 20.81 8.82 -7.51
CA VAL B 804 21.60 9.00 -8.71
C VAL B 804 22.53 10.20 -8.58
N MET B 805 22.01 11.31 -8.05
CA MET B 805 22.86 12.49 -7.91
C MET B 805 23.87 12.34 -6.78
N LYS B 806 23.55 11.58 -5.73
CA LYS B 806 24.56 11.29 -4.70
C LYS B 806 25.70 10.48 -5.27
N GLU B 807 25.39 9.46 -6.08
CA GLU B 807 26.43 8.69 -6.75
C GLU B 807 27.24 9.58 -7.70
N SER B 808 26.55 10.45 -8.43
CA SER B 808 27.24 11.36 -9.35
C SER B 808 28.17 12.30 -8.59
N SER B 809 27.75 12.78 -7.43
CA SER B 809 28.59 13.65 -6.61
C SER B 809 29.82 12.91 -6.11
N ARG B 810 29.64 11.67 -5.64
CA ARG B 810 30.79 10.90 -5.18
C ARG B 810 31.78 10.67 -6.31
N LEU B 811 31.26 10.32 -7.49
CA LEU B 811 32.11 10.14 -8.67
C LEU B 811 32.83 11.43 -9.02
N ALA B 812 32.10 12.55 -9.02
CA ALA B 812 32.68 13.83 -9.42
C ALA B 812 33.78 14.26 -8.46
N TYR B 813 33.59 14.02 -7.17
CA TYR B 813 34.61 14.42 -6.20
C TYR B 813 35.82 13.49 -6.22
N SER B 814 35.63 12.19 -6.45
CA SER B 814 36.79 11.33 -6.67
C SER B 814 37.58 11.76 -7.90
N PHE B 815 36.87 12.06 -8.99
CA PHE B 815 37.54 12.53 -10.20
C PHE B 815 38.23 13.87 -9.96
N ALA B 816 37.61 14.76 -9.18
CA ALA B 816 38.21 16.05 -8.89
C ALA B 816 39.49 15.87 -8.07
N LYS B 817 39.47 14.98 -7.09
CA LYS B 817 40.68 14.69 -6.32
C LYS B 817 41.80 14.21 -7.24
N MET B 818 41.50 13.21 -8.08
CA MET B 818 42.52 12.67 -8.96
C MET B 818 43.02 13.71 -9.95
N TYR B 819 42.11 14.52 -10.50
CA TYR B 819 42.48 15.52 -11.49
C TYR B 819 43.36 16.61 -10.88
N LEU B 820 42.99 17.08 -9.68
CA LEU B 820 43.80 18.09 -9.02
C LEU B 820 45.18 17.55 -8.65
N ALA B 821 45.24 16.29 -8.21
CA ALA B 821 46.55 15.71 -7.89
C ALA B 821 47.37 15.46 -9.14
N GLN B 822 46.72 15.26 -10.30
CA GLN B 822 47.45 15.04 -11.53
C GLN B 822 48.00 16.35 -12.11
N LYS B 823 47.15 17.38 -12.20
CA LYS B 823 47.57 18.63 -12.82
C LYS B 823 48.47 19.44 -11.91
N PHE B 824 48.19 19.44 -10.61
CA PHE B 824 48.99 20.16 -9.61
C PHE B 824 49.45 19.13 -8.58
N PRO B 825 50.61 18.49 -8.81
CA PRO B 825 51.00 17.34 -7.97
C PRO B 825 51.11 17.65 -6.49
N GLU B 826 51.62 18.83 -6.12
CA GLU B 826 51.83 19.17 -4.71
C GLU B 826 50.82 20.18 -4.19
N ASN B 827 49.60 20.17 -4.72
CA ASN B 827 48.49 20.92 -4.14
C ASN B 827 47.71 19.94 -3.27
N ARG B 828 47.89 20.05 -1.95
CA ARG B 828 47.38 19.06 -0.99
C ARG B 828 46.02 19.46 -0.42
N PHE B 829 45.19 20.15 -1.21
CA PHE B 829 43.91 20.62 -0.70
C PHE B 829 43.02 19.47 -0.22
N PHE B 830 42.93 18.41 -1.02
CA PHE B 830 42.05 17.28 -0.70
C PHE B 830 42.57 16.43 0.47
N GLU B 831 43.79 16.67 0.93
CA GLU B 831 44.33 15.86 2.03
C GLU B 831 43.58 16.12 3.33
N LYS B 832 43.22 17.37 3.60
CA LYS B 832 42.57 17.73 4.84
C LYS B 832 41.24 18.47 4.68
N ALA B 833 40.79 18.72 3.45
CA ALA B 833 39.59 19.51 3.24
C ALA B 833 38.36 18.79 3.77
N SER B 834 37.52 19.52 4.51
CA SER B 834 36.23 19.03 4.97
C SER B 834 35.16 19.68 4.10
N ILE B 835 34.90 19.07 2.95
CA ILE B 835 34.01 19.65 1.95
C ILE B 835 32.56 19.45 2.38
N HIS B 836 31.75 20.50 2.22
CA HIS B 836 30.31 20.44 2.37
C HIS B 836 29.69 20.86 1.05
N LEU B 837 28.84 20.00 0.50
CA LEU B 837 28.18 20.23 -0.78
C LEU B 837 26.71 20.51 -0.57
N HIS B 838 26.20 21.55 -1.23
CA HIS B 838 24.80 21.92 -1.10
C HIS B 838 24.27 22.39 -2.45
N CYS B 839 22.97 22.21 -2.64
CA CYS B 839 22.26 22.76 -3.79
C CYS B 839 21.18 23.71 -3.25
N PRO B 840 21.28 25.02 -3.51
CA PRO B 840 20.26 25.96 -3.01
C PRO B 840 18.84 25.57 -3.37
N GLU B 841 17.87 26.15 -2.68
CA GLU B 841 16.48 25.70 -2.70
C GLU B 841 16.44 24.22 -2.27
N GLY B 842 16.80 24.00 -1.02
CA GLY B 842 16.98 22.66 -0.49
C GLY B 842 15.70 21.97 -0.08
N ALA B 843 14.57 22.38 -0.66
CA ALA B 843 13.28 21.75 -0.40
C ALA B 843 12.71 21.04 -1.62
N THR B 844 12.97 21.53 -2.83
CA THR B 844 12.48 20.88 -4.03
C THR B 844 13.33 19.65 -4.34
N PRO B 845 12.72 18.47 -4.49
CA PRO B 845 13.50 17.28 -4.83
C PRO B 845 14.20 17.42 -6.17
N LYS B 846 15.42 16.91 -6.23
CA LYS B 846 16.23 16.92 -7.44
C LYS B 846 16.81 15.53 -7.66
N ASP B 847 17.20 15.26 -8.90
CA ASP B 847 17.80 13.98 -9.27
C ASP B 847 18.47 14.13 -10.63
N GLY B 848 19.14 13.06 -11.07
CA GLY B 848 19.76 13.03 -12.36
C GLY B 848 21.25 13.29 -12.31
N PRO B 849 22.00 12.64 -13.20
CA PRO B 849 23.46 12.84 -13.27
C PRO B 849 23.91 14.00 -14.15
N SER B 850 22.97 14.81 -14.66
CA SER B 850 23.32 15.87 -15.60
C SER B 850 24.19 16.95 -14.96
N ALA B 851 24.29 16.98 -13.63
CA ALA B 851 25.13 17.93 -12.93
C ALA B 851 26.51 17.36 -12.60
N GLY B 852 26.86 16.21 -13.19
CA GLY B 852 28.11 15.56 -12.85
C GLY B 852 29.33 16.45 -13.05
N VAL B 853 29.38 17.16 -14.18
CA VAL B 853 30.47 18.10 -14.41
C VAL B 853 30.33 19.30 -13.47
N THR B 854 29.10 19.74 -13.21
CA THR B 854 28.87 20.93 -12.40
C THR B 854 29.48 20.77 -11.02
N MET B 855 29.34 19.59 -10.44
CA MET B 855 29.97 19.33 -9.15
C MET B 855 31.47 19.14 -9.28
N ALA B 856 31.91 18.52 -10.38
CA ALA B 856 33.35 18.33 -10.59
C ALA B 856 34.06 19.68 -10.71
N THR B 857 33.43 20.63 -11.39
CA THR B 857 33.98 21.98 -11.47
C THR B 857 33.96 22.68 -10.11
N SER B 858 33.10 22.25 -9.19
CA SER B 858 33.01 22.92 -7.90
C SER B 858 34.27 22.69 -7.08
N PHE B 859 34.58 21.42 -6.77
CA PHE B 859 35.74 21.11 -5.94
C PHE B 859 37.00 21.77 -6.48
N LEU B 860 37.28 21.58 -7.78
CA LEU B 860 38.47 22.18 -8.38
C LEU B 860 38.47 23.68 -8.17
N SER B 861 37.33 24.34 -8.40
CA SER B 861 37.22 25.76 -8.10
C SER B 861 37.56 26.03 -6.64
N LEU B 862 36.91 25.29 -5.73
CA LEU B 862 37.25 25.42 -4.31
C LEU B 862 38.68 25.00 -4.05
N ALA B 863 39.23 24.11 -4.88
CA ALA B 863 40.63 23.72 -4.71
C ALA B 863 41.58 24.82 -5.17
N LEU B 864 41.13 25.69 -6.08
CA LEU B 864 41.97 26.75 -6.61
C LEU B 864 41.54 28.13 -6.16
N ASN B 865 40.46 28.25 -5.39
CA ASN B 865 39.99 29.52 -4.86
C ASN B 865 39.75 30.54 -5.98
N LYS B 866 39.13 30.09 -7.06
CA LYS B 866 38.92 30.91 -8.25
C LYS B 866 37.43 30.95 -8.61
N SER B 867 36.98 32.12 -9.04
CA SER B 867 35.61 32.28 -9.51
C SER B 867 35.42 31.58 -10.86
N ILE B 868 34.16 31.40 -11.25
CA ILE B 868 33.83 30.52 -12.36
C ILE B 868 33.09 31.35 -13.42
N ASP B 869 33.44 32.64 -13.52
CA ASP B 869 32.91 33.50 -14.58
C ASP B 869 31.38 33.46 -14.63
N PRO B 870 30.71 34.16 -13.71
CA PRO B 870 29.27 33.95 -13.48
C PRO B 870 28.37 34.01 -14.71
N THR B 871 28.91 34.39 -15.86
CA THR B 871 28.16 34.41 -17.11
C THR B 871 28.15 33.06 -17.82
N VAL B 872 28.71 32.02 -17.19
CA VAL B 872 28.87 30.71 -17.81
C VAL B 872 27.97 29.70 -17.10
N ALA B 873 27.18 28.98 -17.87
CA ALA B 873 26.39 27.85 -17.37
C ALA B 873 27.09 26.54 -17.70
N MET B 874 26.57 25.44 -17.15
CA MET B 874 27.25 24.17 -17.29
C MET B 874 26.25 23.03 -17.12
N THR B 875 26.44 21.96 -17.90
CA THR B 875 25.69 20.73 -17.74
C THR B 875 26.43 19.62 -18.46
N GLY B 876 26.20 18.40 -18.03
CA GLY B 876 26.83 17.23 -18.64
C GLY B 876 27.14 16.15 -17.63
N GLU B 877 27.07 14.90 -18.09
CA GLU B 877 27.39 13.76 -17.26
C GLU B 877 28.91 13.68 -17.04
N LEU B 878 29.33 12.69 -16.26
CA LEU B 878 30.75 12.52 -15.97
C LEU B 878 31.01 11.09 -15.54
N THR B 879 32.15 10.56 -15.96
CA THR B 879 32.65 9.27 -15.53
C THR B 879 34.00 9.45 -14.84
N LEU B 880 34.49 8.36 -14.25
CA LEU B 880 35.74 8.43 -13.50
C LEU B 880 36.94 8.71 -14.39
N THR B 881 36.82 8.50 -15.71
CA THR B 881 37.91 8.77 -16.63
C THR B 881 37.93 10.20 -17.15
N GLY B 882 36.91 11.00 -16.82
CA GLY B 882 36.84 12.38 -17.25
C GLY B 882 35.94 12.63 -18.45
N LYS B 883 35.43 11.58 -19.08
CA LYS B 883 34.53 11.74 -20.22
C LYS B 883 33.19 12.33 -19.77
N VAL B 884 32.58 13.10 -20.67
CA VAL B 884 31.28 13.72 -20.43
C VAL B 884 30.28 13.03 -21.35
N LEU B 885 29.28 12.38 -20.76
CA LEU B 885 28.32 11.60 -21.53
C LEU B 885 27.09 12.44 -21.88
N ARG B 886 26.18 11.82 -22.63
CA ARG B 886 25.01 12.53 -23.13
C ARG B 886 24.01 12.79 -22.01
N ILE B 887 23.32 13.92 -22.08
CA ILE B 887 22.28 14.29 -21.13
C ILE B 887 20.95 14.32 -21.86
N GLY B 888 19.87 14.30 -21.08
CA GLY B 888 18.53 14.32 -21.63
C GLY B 888 17.81 15.64 -21.43
N GLY B 889 17.61 16.37 -22.52
CA GLY B 889 16.92 17.65 -22.46
C GLY B 889 17.87 18.83 -22.52
N LEU B 890 17.97 19.45 -23.69
CA LEU B 890 18.86 20.59 -23.89
C LEU B 890 18.13 21.89 -24.15
N ARG B 891 16.95 21.85 -24.78
CA ARG B 891 16.22 23.08 -25.07
C ARG B 891 15.82 23.81 -23.78
N GLU B 892 15.31 23.06 -22.80
CA GLU B 892 14.92 23.67 -21.53
C GLU B 892 16.13 24.22 -20.79
N LYS B 893 17.25 23.49 -20.80
CA LYS B 893 18.46 23.97 -20.16
C LYS B 893 18.97 25.25 -20.82
N ALA B 894 18.96 25.29 -22.16
CA ALA B 894 19.39 26.49 -22.87
C ALA B 894 18.47 27.67 -22.57
N VAL B 895 17.17 27.42 -22.51
CA VAL B 895 16.21 28.47 -22.19
C VAL B 895 16.46 29.01 -20.79
N ALA B 896 16.71 28.11 -19.83
CA ALA B 896 17.00 28.55 -18.47
C ALA B 896 18.30 29.34 -18.41
N ALA B 897 19.32 28.90 -19.15
CA ALA B 897 20.60 29.62 -19.16
C ALA B 897 20.43 31.02 -19.73
N LYS B 898 19.72 31.15 -20.85
CA LYS B 898 19.50 32.46 -21.44
C LYS B 898 18.65 33.35 -20.53
N ARG B 899 17.62 32.76 -19.90
CA ARG B 899 16.74 33.53 -19.03
C ARG B 899 17.48 34.05 -17.81
N SER B 900 18.38 33.24 -17.25
CA SER B 900 19.09 33.61 -16.03
C SER B 900 20.32 34.47 -16.30
N GLY B 901 20.62 34.80 -17.55
CA GLY B 901 21.71 35.70 -17.85
C GLY B 901 23.03 35.04 -18.19
N ALA B 902 23.06 33.74 -18.41
CA ALA B 902 24.29 33.07 -18.78
C ALA B 902 24.64 33.37 -20.23
N LYS B 903 25.86 33.84 -20.46
CA LYS B 903 26.33 34.17 -21.79
C LYS B 903 27.09 33.02 -22.46
N THR B 904 27.23 31.89 -21.78
CA THR B 904 27.93 30.73 -22.33
C THR B 904 27.36 29.48 -21.69
N ILE B 905 26.99 28.51 -22.52
CA ILE B 905 26.42 27.25 -22.07
C ILE B 905 27.37 26.13 -22.46
N ILE B 906 27.64 25.23 -21.53
CA ILE B 906 28.55 24.10 -21.75
C ILE B 906 27.73 22.82 -21.73
N PHE B 907 27.76 22.09 -22.82
CA PHE B 907 27.01 20.85 -22.98
C PHE B 907 27.92 19.79 -23.59
N PRO B 908 27.60 18.51 -23.39
CA PRO B 908 28.46 17.45 -23.93
C PRO B 908 28.48 17.46 -25.45
N LYS B 909 29.58 16.94 -26.01
CA LYS B 909 29.70 16.85 -27.46
C LYS B 909 28.64 15.93 -28.05
N ASP B 910 28.21 14.92 -27.29
CA ASP B 910 27.14 14.05 -27.76
C ASP B 910 25.81 14.79 -27.91
N ASN B 911 25.68 15.96 -27.29
CA ASN B 911 24.50 16.80 -27.42
C ASN B 911 24.64 17.88 -28.47
N LEU B 912 25.71 17.82 -29.29
CA LEU B 912 25.90 18.82 -30.34
C LEU B 912 24.78 18.76 -31.36
N ASN B 913 24.35 17.55 -31.74
CA ASN B 913 23.27 17.44 -32.70
C ASN B 913 21.94 17.93 -32.14
N ASP B 914 21.74 17.86 -30.82
CA ASP B 914 20.57 18.50 -30.24
C ASP B 914 20.64 20.02 -30.37
N TRP B 915 21.85 20.57 -30.36
CA TRP B 915 22.02 22.02 -30.42
C TRP B 915 21.64 22.60 -31.77
N GLU B 916 21.53 21.77 -32.81
CA GLU B 916 21.23 22.25 -34.15
C GLU B 916 19.75 22.40 -34.43
N GLU B 917 18.89 21.59 -33.80
CA GLU B 917 17.45 21.72 -33.98
C GLU B 917 16.84 22.83 -33.14
N LEU B 918 17.62 23.44 -32.25
CA LEU B 918 17.12 24.55 -31.47
C LEU B 918 16.86 25.76 -32.38
N PRO B 919 15.83 26.55 -32.09
CA PRO B 919 15.58 27.75 -32.89
C PRO B 919 16.72 28.76 -32.78
N ASP B 920 16.88 29.56 -33.82
CA ASP B 920 17.96 30.56 -33.83
C ASP B 920 17.79 31.57 -32.72
N ASN B 921 16.56 31.81 -32.26
CA ASN B 921 16.36 32.71 -31.13
C ASN B 921 16.82 32.07 -29.82
N VAL B 922 16.60 30.76 -29.68
CA VAL B 922 17.08 30.06 -28.48
C VAL B 922 18.60 30.06 -28.44
N LYS B 923 19.23 29.79 -29.59
CA LYS B 923 20.69 29.77 -29.67
C LYS B 923 21.30 31.16 -29.70
N GLU B 924 20.50 32.21 -29.82
CA GLU B 924 21.03 33.56 -29.89
C GLU B 924 21.51 34.01 -28.51
N GLY B 925 22.70 34.59 -28.48
CA GLY B 925 23.26 35.11 -27.24
C GLY B 925 23.99 34.09 -26.39
N LEU B 926 23.99 32.82 -26.77
CA LEU B 926 24.66 31.77 -26.02
C LEU B 926 25.84 31.23 -26.84
N GLU B 927 27.03 31.27 -26.25
CA GLU B 927 28.21 30.72 -26.90
C GLU B 927 28.35 29.25 -26.53
N PRO B 928 28.27 28.33 -27.48
CA PRO B 928 28.30 26.91 -27.15
C PRO B 928 29.70 26.41 -26.84
N LEU B 929 29.75 25.27 -26.15
CA LEU B 929 31.00 24.56 -25.88
C LEU B 929 30.70 23.06 -25.92
N ALA B 930 30.99 22.43 -27.05
CA ALA B 930 30.86 20.98 -27.16
C ALA B 930 32.11 20.34 -26.57
N ALA B 931 32.02 19.83 -25.35
CA ALA B 931 33.16 19.27 -24.64
C ALA B 931 33.07 17.76 -24.65
N ASP B 932 34.13 17.11 -25.12
CA ASP B 932 34.21 15.66 -25.13
C ASP B 932 34.80 15.13 -23.83
N TRP B 933 35.92 15.71 -23.39
CA TRP B 933 36.54 15.37 -22.12
C TRP B 933 36.51 16.59 -21.21
N TYR B 934 36.66 16.34 -19.90
CA TYR B 934 36.68 17.44 -18.94
C TYR B 934 37.86 18.38 -19.15
N ASN B 935 38.88 17.94 -19.89
CA ASN B 935 40.04 18.79 -20.16
C ASN B 935 39.62 20.06 -20.90
N ASP B 936 38.64 19.95 -21.79
CA ASP B 936 38.16 21.12 -22.51
C ASP B 936 37.53 22.14 -21.55
N ILE B 937 36.70 21.66 -20.62
CA ILE B 937 36.07 22.56 -19.64
C ILE B 937 37.13 23.20 -18.76
N PHE B 938 38.10 22.40 -18.29
CA PHE B 938 39.16 22.94 -17.45
C PHE B 938 39.97 23.99 -18.19
N GLN B 939 40.27 23.75 -19.46
CA GLN B 939 41.01 24.72 -20.25
C GLN B 939 40.23 26.01 -20.45
N LYS B 940 38.94 25.91 -20.78
CA LYS B 940 38.16 27.11 -21.01
C LYS B 940 38.00 27.92 -19.73
N LEU B 941 37.73 27.26 -18.60
CA LEU B 941 37.50 28.00 -17.36
C LEU B 941 38.82 28.42 -16.71
N PHE B 942 39.68 27.45 -16.39
CA PHE B 942 40.95 27.74 -15.72
C PHE B 942 42.08 27.92 -16.73
N LYS B 943 41.84 28.83 -17.68
CA LYS B 943 42.86 29.15 -18.68
C LYS B 943 44.05 29.87 -18.04
N ASP B 944 43.79 30.79 -17.12
CA ASP B 944 44.81 31.66 -16.56
C ASP B 944 45.41 31.14 -15.26
N VAL B 945 45.08 29.92 -14.86
CA VAL B 945 45.65 29.28 -13.69
C VAL B 945 46.54 28.13 -14.19
N ASN B 946 47.83 28.22 -13.90
CA ASN B 946 48.76 27.21 -14.37
C ASN B 946 50.02 27.22 -13.52
N THR B 947 50.58 26.03 -13.32
CA THR B 947 51.89 25.81 -12.68
C THR B 947 51.91 26.49 -11.32
N LYS B 948 52.78 27.47 -11.08
CA LYS B 948 53.07 27.92 -9.72
C LYS B 948 51.86 28.55 -9.04
N GLU B 949 51.15 29.43 -9.76
CA GLU B 949 50.06 30.18 -9.12
C GLU B 949 48.94 29.26 -8.66
N GLY B 950 48.60 28.26 -9.46
CA GLY B 950 47.57 27.31 -9.11
C GLY B 950 48.04 26.14 -8.27
N ASN B 951 49.31 26.15 -7.85
CA ASN B 951 49.86 25.05 -7.06
C ASN B 951 50.11 25.45 -5.61
N SER B 952 50.56 26.67 -5.35
CA SER B 952 50.89 27.13 -4.01
C SER B 952 49.76 27.98 -3.45
N VAL B 953 48.51 27.61 -3.77
CA VAL B 953 47.36 28.33 -3.25
C VAL B 953 47.22 28.08 -1.75
N TRP B 954 47.06 26.81 -1.38
CA TRP B 954 46.96 26.42 0.03
C TRP B 954 48.36 26.08 0.52
N LYS B 955 49.16 27.11 0.72
CA LYS B 955 50.55 26.95 1.15
C LYS B 955 50.82 27.57 2.51
N ALA B 956 50.30 28.77 2.77
CA ALA B 956 50.58 29.44 4.04
C ALA B 956 50.00 28.67 5.22
N GLU B 957 48.77 28.16 5.08
CA GLU B 957 48.11 27.46 6.16
C GLU B 957 48.38 25.95 6.15
N PHE B 958 49.03 25.43 5.11
CA PHE B 958 49.61 24.10 5.19
C PHE B 958 51.00 24.10 5.81
N GLU B 959 51.61 25.28 5.96
CA GLU B 959 52.78 25.40 6.82
C GLU B 959 52.41 25.37 8.29
N ILE B 960 51.14 25.62 8.61
CA ILE B 960 50.65 25.58 9.98
C ILE B 960 50.28 24.14 10.32
N LEU B 961 50.73 23.67 11.48
CA LEU B 961 50.44 22.33 11.98
C LEU B 961 50.93 21.25 11.02
N ASP B 962 52.25 21.26 10.80
CA ASP B 962 52.94 20.17 10.12
C ASP B 962 53.63 19.24 11.09
N ALA B 963 54.42 19.78 12.01
CA ALA B 963 55.04 19.02 13.09
C ALA B 963 54.39 19.45 14.40
N LYS B 964 53.84 18.48 15.13
CA LYS B 964 53.16 18.77 16.39
C LYS B 964 54.15 19.09 17.50
N GLU C 420 -6.46 -28.38 -44.43
CA GLU C 420 -6.54 -28.91 -45.79
C GLU C 420 -5.46 -29.96 -46.02
N GLN C 421 -4.55 -29.69 -46.95
CA GLN C 421 -3.46 -30.58 -47.29
C GLN C 421 -2.14 -29.97 -46.83
N TYR C 422 -1.23 -30.81 -46.37
CA TYR C 422 0.04 -30.37 -45.80
C TYR C 422 1.16 -30.74 -46.76
N SER C 423 1.60 -29.78 -47.56
CA SER C 423 2.70 -29.95 -48.51
C SER C 423 3.90 -29.14 -48.01
N ILE C 424 4.99 -29.84 -47.68
CA ILE C 424 6.16 -29.17 -47.13
C ILE C 424 6.79 -28.18 -48.11
N PRO C 425 7.05 -28.53 -49.37
CA PRO C 425 7.78 -27.58 -50.24
C PRO C 425 7.05 -26.28 -50.49
N ARG C 426 5.76 -26.32 -50.82
CA ARG C 426 5.03 -25.09 -51.10
C ARG C 426 4.87 -24.25 -49.84
N ALA C 427 4.68 -24.88 -48.68
CA ALA C 427 4.64 -24.13 -47.44
C ALA C 427 5.97 -23.45 -47.15
N LYS C 428 7.07 -24.16 -47.41
CA LYS C 428 8.39 -23.56 -47.23
C LYS C 428 8.58 -22.36 -48.15
N LYS C 429 8.16 -22.50 -49.41
CA LYS C 429 8.27 -21.37 -50.34
C LYS C 429 7.42 -20.19 -49.89
N ILE C 430 6.20 -20.45 -49.42
CA ILE C 430 5.34 -19.38 -48.94
C ILE C 430 5.96 -18.67 -47.76
N LEU C 431 6.51 -19.43 -46.80
CA LEU C 431 7.14 -18.83 -45.63
C LEU C 431 8.37 -18.02 -46.04
N ASP C 432 9.15 -18.52 -47.00
CA ASP C 432 10.33 -17.79 -47.44
C ASP C 432 9.95 -16.51 -48.16
N GLU C 433 8.83 -16.52 -48.90
CA GLU C 433 8.38 -15.31 -49.55
C GLU C 433 7.84 -14.29 -48.56
N ASP C 434 7.11 -14.76 -47.54
CA ASP C 434 6.50 -13.83 -46.58
C ASP C 434 7.53 -13.22 -45.64
N HIS C 435 8.47 -14.02 -45.15
CA HIS C 435 9.47 -13.55 -44.20
C HIS C 435 10.85 -14.03 -44.62
N TYR C 436 11.88 -13.36 -44.12
CA TYR C 436 13.25 -13.52 -44.61
C TYR C 436 14.17 -14.21 -43.61
N GLY C 437 14.31 -13.67 -42.40
CA GLY C 437 15.35 -14.14 -41.50
C GLY C 437 14.87 -15.10 -40.42
N MET C 438 13.69 -15.67 -40.60
CA MET C 438 13.10 -16.56 -39.61
C MET C 438 13.36 -18.02 -39.94
N VAL C 439 14.65 -18.38 -40.01
CA VAL C 439 15.02 -19.74 -40.37
C VAL C 439 14.54 -20.74 -39.33
N ASP C 440 14.79 -20.44 -38.05
CA ASP C 440 14.43 -21.38 -37.00
C ASP C 440 12.92 -21.48 -36.83
N VAL C 441 12.21 -20.36 -36.90
CA VAL C 441 10.76 -20.39 -36.79
C VAL C 441 10.14 -21.13 -37.98
N LYS C 442 10.72 -20.92 -39.18
CA LYS C 442 10.26 -21.68 -40.34
C LYS C 442 10.49 -23.17 -40.15
N ASP C 443 11.63 -23.54 -39.55
CA ASP C 443 11.89 -24.95 -39.27
C ASP C 443 10.87 -25.51 -38.30
N ARG C 444 10.52 -24.75 -37.27
CA ARG C 444 9.51 -25.21 -36.31
C ARG C 444 8.14 -25.37 -36.99
N ILE C 445 7.77 -24.42 -37.85
CA ILE C 445 6.50 -24.51 -38.56
C ILE C 445 6.50 -25.72 -39.50
N LEU C 446 7.64 -25.99 -40.14
CA LEU C 446 7.74 -27.18 -40.99
C LEU C 446 7.63 -28.45 -40.16
N GLU C 447 8.19 -28.44 -38.95
CA GLU C 447 8.01 -29.57 -38.04
C GLU C 447 6.54 -29.78 -37.71
N PHE C 448 5.83 -28.69 -37.43
CA PHE C 448 4.39 -28.79 -37.15
C PHE C 448 3.63 -29.35 -38.34
N ILE C 449 3.96 -28.87 -39.55
CA ILE C 449 3.28 -29.34 -40.75
C ILE C 449 3.56 -30.82 -40.98
N ALA C 450 4.81 -31.24 -40.79
CA ALA C 450 5.16 -32.66 -40.95
C ALA C 450 4.44 -33.53 -39.93
N VAL C 451 4.35 -33.04 -38.68
CA VAL C 451 3.63 -33.80 -37.65
C VAL C 451 2.16 -33.94 -38.05
N GLY C 452 1.55 -32.86 -38.54
CA GLY C 452 0.17 -32.92 -38.97
C GLY C 452 -0.05 -33.75 -40.22
N LYS C 453 1.00 -33.93 -41.04
CA LYS C 453 0.85 -34.66 -42.29
C LYS C 453 0.52 -36.13 -42.05
N LEU C 454 1.22 -36.78 -41.10
CA LEU C 454 1.01 -38.20 -40.86
C LEU C 454 -0.33 -38.50 -40.19
N LEU C 455 -1.05 -37.48 -39.73
CA LEU C 455 -2.35 -37.65 -39.10
C LEU C 455 -3.44 -37.19 -40.06
N GLY C 456 -4.60 -37.85 -39.99
CA GLY C 456 -5.72 -37.48 -40.85
C GLY C 456 -6.30 -36.12 -40.55
N LYS C 457 -6.03 -35.58 -39.35
CA LYS C 457 -6.54 -34.28 -38.98
C LYS C 457 -5.67 -33.69 -37.88
N VAL C 458 -5.32 -32.41 -38.04
CA VAL C 458 -4.61 -31.69 -36.98
C VAL C 458 -5.58 -31.45 -35.83
N ASP C 459 -5.13 -31.77 -34.61
CA ASP C 459 -5.99 -31.72 -33.43
C ASP C 459 -6.09 -30.32 -32.82
N GLY C 460 -5.78 -29.28 -33.58
CA GLY C 460 -5.87 -27.92 -33.06
C GLY C 460 -4.91 -27.63 -31.94
N LYS C 461 -3.67 -28.10 -32.04
CA LYS C 461 -2.67 -27.84 -31.01
C LYS C 461 -2.35 -26.35 -30.95
N ILE C 462 -2.10 -25.86 -29.75
CA ILE C 462 -1.88 -24.43 -29.52
C ILE C 462 -0.40 -24.11 -29.63
N ILE C 463 -0.06 -23.12 -30.44
CA ILE C 463 1.32 -22.68 -30.65
C ILE C 463 1.45 -21.26 -30.11
N CYS C 464 2.46 -21.04 -29.28
CA CYS C 464 2.71 -19.73 -28.68
C CYS C 464 4.07 -19.20 -29.12
N PHE C 465 4.11 -17.92 -29.43
CA PHE C 465 5.33 -17.23 -29.86
C PHE C 465 5.78 -16.28 -28.76
N VAL C 466 7.07 -16.30 -28.45
CA VAL C 466 7.64 -15.42 -27.44
C VAL C 466 8.83 -14.68 -28.06
N GLY C 467 8.78 -13.35 -28.03
CA GLY C 467 9.84 -12.52 -28.55
C GLY C 467 9.56 -11.05 -28.36
N PRO C 468 10.58 -10.21 -28.50
CA PRO C 468 10.39 -8.76 -28.39
C PRO C 468 9.45 -8.27 -29.47
N PRO C 469 8.60 -7.29 -29.16
CA PRO C 469 7.71 -6.72 -30.17
C PRO C 469 8.51 -6.08 -31.30
N GLY C 470 7.96 -6.15 -32.51
CA GLY C 470 8.62 -5.63 -33.69
C GLY C 470 9.30 -6.68 -34.55
N VAL C 471 9.41 -7.92 -34.08
CA VAL C 471 10.03 -8.97 -34.89
C VAL C 471 9.09 -9.54 -35.93
N GLY C 472 7.81 -9.20 -35.87
CA GLY C 472 6.84 -9.64 -36.84
C GLY C 472 5.95 -10.80 -36.44
N LYS C 473 5.88 -11.12 -35.15
CA LYS C 473 5.14 -12.31 -34.72
C LYS C 473 3.64 -12.20 -34.95
N THR C 474 3.12 -11.01 -35.27
CA THR C 474 1.75 -10.87 -35.72
C THR C 474 1.59 -11.11 -37.22
N SER C 475 2.69 -11.29 -37.95
CA SER C 475 2.62 -11.53 -39.39
C SER C 475 2.67 -13.00 -39.76
N ILE C 476 3.20 -13.85 -38.89
CA ILE C 476 3.24 -15.29 -39.16
C ILE C 476 1.82 -15.86 -39.26
N GLY C 477 0.84 -15.21 -38.63
CA GLY C 477 -0.52 -15.72 -38.69
C GLY C 477 -1.03 -15.83 -40.11
N LYS C 478 -0.83 -14.78 -40.92
CA LYS C 478 -1.26 -14.83 -42.32
C LYS C 478 -0.49 -15.89 -43.09
N SER C 479 0.82 -15.98 -42.86
CA SER C 479 1.65 -16.92 -43.60
C SER C 479 1.23 -18.36 -43.32
N ILE C 480 1.00 -18.70 -42.06
CA ILE C 480 0.60 -20.07 -41.73
C ILE C 480 -0.84 -20.32 -42.17
N ALA C 481 -1.71 -19.30 -42.10
CA ALA C 481 -3.08 -19.49 -42.54
C ALA C 481 -3.16 -19.78 -44.03
N ARG C 482 -2.38 -19.05 -44.84
CA ARG C 482 -2.39 -19.30 -46.28
C ARG C 482 -1.48 -20.44 -46.70
N ALA C 483 -0.58 -20.89 -45.82
CA ALA C 483 0.17 -22.11 -46.09
C ALA C 483 -0.71 -23.33 -45.91
N LEU C 484 -1.60 -23.30 -44.92
CA LEU C 484 -2.64 -24.30 -44.75
C LEU C 484 -3.89 -23.98 -45.55
N ASN C 485 -3.88 -22.87 -46.30
CA ASN C 485 -5.01 -22.43 -47.12
C ASN C 485 -6.26 -22.23 -46.27
N ARG C 486 -6.12 -21.40 -45.23
CA ARG C 486 -7.20 -21.14 -44.31
C ARG C 486 -7.28 -19.64 -44.02
N LYS C 487 -8.45 -19.22 -43.56
CA LYS C 487 -8.67 -17.82 -43.21
C LYS C 487 -7.98 -17.47 -41.90
N PHE C 488 -7.63 -16.20 -41.76
CA PHE C 488 -6.96 -15.69 -40.57
C PHE C 488 -7.93 -14.84 -39.75
N PHE C 489 -7.95 -15.07 -38.44
CA PHE C 489 -8.78 -14.31 -37.51
C PHE C 489 -7.89 -13.67 -36.45
N ARG C 490 -8.28 -12.48 -36.01
CA ARG C 490 -7.53 -11.74 -35.00
C ARG C 490 -8.42 -11.52 -33.79
N PHE C 491 -7.80 -11.51 -32.60
CA PHE C 491 -8.54 -11.31 -31.36
C PHE C 491 -7.65 -10.59 -30.36
N SER C 492 -8.18 -9.53 -29.76
CA SER C 492 -7.45 -8.74 -28.77
C SER C 492 -7.99 -9.03 -27.38
N VAL C 493 -7.09 -9.46 -26.48
CA VAL C 493 -7.47 -9.75 -25.09
C VAL C 493 -7.38 -8.52 -24.20
N GLY C 494 -6.67 -7.48 -24.63
CA GLY C 494 -6.52 -6.29 -23.80
C GLY C 494 -7.78 -5.48 -23.62
N GLY C 495 -8.85 -5.80 -24.35
CA GLY C 495 -10.09 -5.07 -24.23
C GLY C 495 -11.21 -5.86 -23.60
N MET C 496 -10.92 -7.09 -23.18
CA MET C 496 -11.92 -7.95 -22.57
C MET C 496 -11.55 -8.18 -21.11
N THR C 497 -12.55 -8.18 -20.23
CA THR C 497 -12.32 -8.38 -18.81
C THR C 497 -13.28 -9.42 -18.26
N ASP C 498 -14.44 -9.58 -18.91
CA ASP C 498 -15.49 -10.46 -18.43
C ASP C 498 -15.62 -11.68 -19.33
N VAL C 499 -16.07 -12.79 -18.74
CA VAL C 499 -16.27 -14.03 -19.48
C VAL C 499 -17.61 -14.03 -20.20
N ALA C 500 -18.54 -13.14 -19.80
CA ALA C 500 -19.87 -13.15 -20.40
C ALA C 500 -19.82 -12.87 -21.90
N GLU C 501 -18.84 -12.07 -22.33
CA GLU C 501 -18.69 -11.76 -23.76
C GLU C 501 -18.13 -12.93 -24.56
N ILE C 502 -17.67 -13.99 -23.90
CA ILE C 502 -17.09 -15.16 -24.56
C ILE C 502 -18.10 -16.28 -24.72
N LYS C 503 -18.82 -16.62 -23.64
CA LYS C 503 -19.75 -17.74 -23.70
C LYS C 503 -20.93 -17.47 -24.63
N GLY C 504 -21.24 -16.21 -24.90
CA GLY C 504 -22.26 -15.88 -25.87
C GLY C 504 -23.50 -15.28 -25.21
N HIS C 505 -24.27 -14.56 -26.02
CA HIS C 505 -25.51 -13.94 -25.58
C HIS C 505 -26.66 -14.40 -26.47
N ARG C 506 -27.78 -14.74 -25.84
CA ARG C 506 -28.95 -15.16 -26.60
C ARG C 506 -29.57 -13.98 -27.33
N ARG C 507 -30.20 -14.27 -28.47
CA ARG C 507 -30.78 -13.24 -29.30
C ARG C 507 -32.09 -12.69 -28.76
N THR C 508 -32.64 -13.29 -27.69
CA THR C 508 -33.84 -12.74 -27.08
C THR C 508 -33.60 -11.37 -26.45
N TYR C 509 -32.41 -11.15 -25.90
CA TYR C 509 -32.09 -9.87 -25.29
C TYR C 509 -32.09 -8.76 -26.32
N ILE C 510 -32.73 -7.64 -25.97
CA ILE C 510 -32.74 -6.48 -26.86
C ILE C 510 -31.38 -5.79 -26.86
N GLY C 511 -30.75 -5.70 -25.69
CA GLY C 511 -29.52 -4.94 -25.55
C GLY C 511 -28.25 -5.72 -25.84
N ALA C 512 -28.35 -7.06 -25.86
CA ALA C 512 -27.17 -7.88 -26.09
C ALA C 512 -26.59 -7.64 -27.48
N LEU C 513 -25.27 -7.66 -27.55
CA LEU C 513 -24.52 -7.48 -28.78
C LEU C 513 -23.58 -8.65 -28.96
N PRO C 514 -23.37 -9.11 -30.20
CA PRO C 514 -22.45 -10.23 -30.42
C PRO C 514 -21.04 -9.88 -30.01
N GLY C 515 -20.36 -10.85 -29.41
CA GLY C 515 -18.97 -10.70 -29.04
C GLY C 515 -18.05 -11.19 -30.13
N ARG C 516 -16.74 -11.21 -29.81
CA ARG C 516 -15.76 -11.74 -30.75
C ARG C 516 -15.97 -13.23 -30.99
N VAL C 517 -16.28 -13.99 -29.94
CA VAL C 517 -16.47 -15.43 -30.10
C VAL C 517 -17.69 -15.72 -30.96
N VAL C 518 -18.81 -15.06 -30.68
CA VAL C 518 -20.04 -15.30 -31.44
C VAL C 518 -19.85 -14.88 -32.89
N GLN C 519 -19.28 -13.70 -33.11
CA GLN C 519 -19.09 -13.21 -34.48
C GLN C 519 -18.13 -14.12 -35.25
N ALA C 520 -17.05 -14.56 -34.61
CA ALA C 520 -16.12 -15.47 -35.26
C ALA C 520 -16.78 -16.79 -35.61
N LEU C 521 -17.53 -17.37 -34.66
CA LEU C 521 -18.24 -18.62 -34.94
C LEU C 521 -19.23 -18.45 -36.09
N LYS C 522 -19.80 -17.25 -36.21
CA LYS C 522 -20.70 -16.98 -37.32
C LYS C 522 -19.95 -16.92 -38.66
N LYS C 523 -18.83 -16.20 -38.71
CA LYS C 523 -18.20 -15.88 -39.98
C LYS C 523 -17.08 -16.85 -40.38
N CYS C 524 -16.78 -17.86 -39.57
CA CYS C 524 -15.82 -18.88 -40.02
C CYS C 524 -16.38 -19.65 -41.21
N GLN C 525 -17.60 -20.17 -41.08
CA GLN C 525 -18.30 -20.93 -42.11
C GLN C 525 -17.54 -22.18 -42.54
N THR C 526 -16.47 -22.55 -41.83
CA THR C 526 -15.68 -23.72 -42.18
C THR C 526 -14.99 -24.23 -40.92
N GLN C 527 -14.81 -25.55 -40.84
CA GLN C 527 -14.12 -26.13 -39.71
C GLN C 527 -12.64 -25.79 -39.75
N ASN C 528 -11.98 -25.94 -38.60
CA ASN C 528 -10.56 -25.66 -38.41
C ASN C 528 -10.22 -24.20 -38.72
N PRO C 529 -10.65 -23.25 -37.90
CA PRO C 529 -10.24 -21.86 -38.08
C PRO C 529 -8.88 -21.61 -37.42
N LEU C 530 -8.46 -20.35 -37.43
CA LEU C 530 -7.22 -19.94 -36.80
C LEU C 530 -7.40 -18.53 -36.24
N ILE C 531 -7.16 -18.37 -34.95
CA ILE C 531 -7.33 -17.10 -34.25
C ILE C 531 -6.02 -16.71 -33.57
N LEU C 532 -5.58 -15.48 -33.80
CA LEU C 532 -4.34 -14.96 -33.24
C LEU C 532 -4.64 -14.10 -32.03
N ILE C 533 -4.01 -14.42 -30.91
CA ILE C 533 -4.14 -13.69 -29.65
C ILE C 533 -3.20 -12.49 -29.69
N ASP C 534 -3.72 -11.32 -29.32
CA ASP C 534 -2.93 -10.09 -29.43
C ASP C 534 -1.70 -10.13 -28.53
N GLU C 535 -1.87 -10.55 -27.28
CA GLU C 535 -0.77 -10.50 -26.32
C GLU C 535 -1.13 -11.34 -25.10
N ILE C 536 -0.10 -11.91 -24.47
CA ILE C 536 -0.27 -12.56 -23.18
C ILE C 536 0.22 -11.70 -22.02
N ASP C 537 1.14 -10.76 -22.28
CA ASP C 537 1.62 -9.84 -21.25
C ASP C 537 0.59 -8.77 -20.92
N LYS C 538 -0.48 -8.64 -21.71
CA LYS C 538 -1.55 -7.67 -21.49
C LYS C 538 -2.76 -8.42 -20.96
N ILE C 539 -2.88 -8.46 -19.64
CA ILE C 539 -3.97 -9.18 -18.99
C ILE C 539 -5.29 -8.42 -19.16
N ILE C 544 -13.40 -4.45 -13.37
CA ILE C 544 -14.28 -4.75 -12.26
C ILE C 544 -15.25 -5.87 -12.64
N HIS C 545 -15.59 -6.70 -11.66
CA HIS C 545 -16.54 -7.80 -11.84
C HIS C 545 -16.11 -8.75 -12.96
N GLY C 546 -14.82 -9.02 -13.06
CA GLY C 546 -14.31 -9.92 -14.08
C GLY C 546 -12.82 -10.10 -14.05
N ASP C 547 -12.37 -11.34 -14.23
CA ASP C 547 -10.94 -11.68 -14.26
C ASP C 547 -10.62 -12.32 -15.60
N PRO C 548 -9.98 -11.59 -16.51
CA PRO C 548 -9.65 -12.15 -17.82
C PRO C 548 -8.66 -13.31 -17.77
N SER C 549 -7.88 -13.43 -16.69
CA SER C 549 -6.93 -14.53 -16.59
C SER C 549 -7.64 -15.88 -16.60
N ALA C 550 -8.73 -16.00 -15.84
CA ALA C 550 -9.49 -17.24 -15.84
C ALA C 550 -10.11 -17.52 -17.20
N ALA C 551 -10.59 -16.48 -17.88
CA ALA C 551 -11.17 -16.66 -19.20
C ALA C 551 -10.14 -17.19 -20.19
N LEU C 552 -8.95 -16.58 -20.23
CA LEU C 552 -7.93 -17.08 -21.14
C LEU C 552 -7.40 -18.43 -20.68
N LEU C 553 -7.48 -18.74 -19.39
CA LEU C 553 -7.15 -20.07 -18.91
C LEU C 553 -8.08 -21.12 -19.49
N GLU C 554 -9.40 -20.90 -19.37
CA GLU C 554 -10.34 -21.89 -19.91
C GLU C 554 -10.31 -21.92 -21.42
N VAL C 555 -9.94 -20.81 -22.07
CA VAL C 555 -9.79 -20.82 -23.53
C VAL C 555 -8.57 -21.65 -23.94
N LEU C 556 -7.46 -21.50 -23.20
CA LEU C 556 -6.20 -22.12 -23.59
C LEU C 556 -5.91 -23.44 -22.87
N ASP C 557 -6.87 -23.98 -22.12
CA ASP C 557 -6.67 -25.25 -21.45
C ASP C 557 -7.04 -26.39 -22.40
N PRO C 558 -6.09 -27.21 -22.84
CA PRO C 558 -6.43 -28.30 -23.78
C PRO C 558 -7.43 -29.30 -23.22
N GLU C 559 -7.36 -29.60 -21.92
CA GLU C 559 -8.26 -30.57 -21.32
C GLU C 559 -9.70 -30.06 -21.20
N GLN C 560 -9.86 -28.79 -20.81
CA GLN C 560 -11.18 -28.21 -20.66
C GLN C 560 -11.70 -27.55 -21.93
N ASN C 561 -10.88 -27.52 -23.00
CA ASN C 561 -11.30 -26.90 -24.25
C ASN C 561 -12.44 -27.66 -24.92
N ASN C 562 -12.54 -28.97 -24.69
CA ASN C 562 -13.49 -29.80 -25.40
C ASN C 562 -14.88 -29.82 -24.75
N SER C 563 -15.09 -29.03 -23.69
CA SER C 563 -16.34 -29.10 -22.95
C SER C 563 -17.16 -27.82 -23.06
N PHE C 564 -17.27 -27.27 -24.26
CA PHE C 564 -18.09 -26.08 -24.45
C PHE C 564 -19.58 -26.41 -24.39
N LEU C 565 -20.05 -27.22 -25.34
CA LEU C 565 -21.41 -27.77 -25.34
C LEU C 565 -22.46 -26.67 -25.17
N ASP C 566 -22.48 -25.75 -26.12
CA ASP C 566 -23.42 -24.64 -26.07
C ASP C 566 -24.78 -25.06 -26.65
N ASN C 567 -25.84 -24.54 -26.05
CA ASN C 567 -27.19 -24.89 -26.50
C ASN C 567 -27.63 -24.03 -27.68
N TYR C 568 -26.84 -23.03 -28.05
CA TYR C 568 -27.20 -22.17 -29.17
C TYR C 568 -27.30 -22.96 -30.46
N LEU C 569 -26.37 -23.87 -30.70
CA LEU C 569 -26.35 -24.71 -31.89
C LEU C 569 -26.93 -26.07 -31.54
N ASP C 570 -27.95 -26.49 -32.29
CA ASP C 570 -28.55 -27.80 -32.04
C ASP C 570 -27.55 -28.93 -32.25
N ILE C 571 -26.77 -28.86 -33.33
CA ILE C 571 -25.73 -29.87 -33.55
C ILE C 571 -24.55 -29.60 -32.61
N PRO C 572 -24.00 -30.62 -31.96
CA PRO C 572 -22.83 -30.39 -31.10
C PRO C 572 -21.63 -29.94 -31.93
N ILE C 573 -20.78 -29.12 -31.29
CA ILE C 573 -19.60 -28.57 -31.94
C ILE C 573 -18.39 -28.86 -31.06
N ASP C 574 -17.22 -28.90 -31.70
CA ASP C 574 -15.96 -29.15 -31.03
C ASP C 574 -15.06 -27.94 -31.14
N LEU C 575 -14.46 -27.54 -30.01
CA LEU C 575 -13.56 -26.41 -29.96
C LEU C 575 -12.11 -26.79 -30.25
N SER C 576 -11.84 -28.06 -30.54
CA SER C 576 -10.49 -28.51 -30.83
C SER C 576 -10.03 -28.16 -32.24
N LYS C 577 -10.80 -27.36 -32.98
CA LYS C 577 -10.44 -26.96 -34.33
C LYS C 577 -9.68 -25.64 -34.38
N VAL C 578 -9.42 -25.01 -33.24
CA VAL C 578 -8.82 -23.69 -33.19
C VAL C 578 -7.34 -23.83 -32.87
N LEU C 579 -6.50 -23.15 -33.65
CA LEU C 579 -5.06 -23.11 -33.43
C LEU C 579 -4.73 -21.75 -32.84
N PHE C 580 -4.83 -21.65 -31.51
CA PHE C 580 -4.52 -20.40 -30.83
C PHE C 580 -3.04 -20.05 -30.99
N VAL C 581 -2.79 -18.77 -31.26
CA VAL C 581 -1.45 -18.26 -31.45
C VAL C 581 -1.24 -17.11 -30.47
N CYS C 582 -0.21 -17.21 -29.65
CA CYS C 582 0.02 -16.28 -28.54
C CYS C 582 1.08 -15.25 -28.91
N THR C 583 1.37 -14.36 -27.95
CA THR C 583 2.31 -13.26 -28.17
C THR C 583 2.80 -12.80 -26.79
N ALA C 584 4.12 -12.78 -26.60
CA ALA C 584 4.69 -12.38 -25.33
C ALA C 584 6.09 -11.83 -25.55
N ASN C 585 6.47 -10.87 -24.69
CA ASN C 585 7.80 -10.29 -24.71
C ASN C 585 8.73 -10.93 -23.68
N SER C 586 8.33 -10.90 -22.41
CA SER C 586 9.12 -11.46 -21.32
C SER C 586 8.35 -12.61 -20.68
N LEU C 587 9.03 -13.73 -20.47
CA LEU C 587 8.40 -14.92 -19.93
C LEU C 587 7.99 -14.78 -18.46
N GLU C 588 8.45 -13.73 -17.77
CA GLU C 588 8.11 -13.55 -16.37
C GLU C 588 6.61 -13.29 -16.20
N THR C 589 6.02 -12.49 -17.09
CA THR C 589 4.62 -12.11 -16.94
C THR C 589 3.68 -13.30 -17.05
N ILE C 590 4.06 -14.33 -17.82
CA ILE C 590 3.21 -15.50 -18.03
C ILE C 590 3.18 -16.33 -16.75
N PRO C 591 2.01 -16.58 -16.18
CA PRO C 591 1.94 -17.43 -14.98
C PRO C 591 2.36 -18.85 -15.26
N ARG C 592 2.93 -19.48 -14.24
CA ARG C 592 3.39 -20.87 -14.36
C ARG C 592 2.30 -21.85 -14.74
N PRO C 593 1.08 -21.80 -14.17
CA PRO C 593 0.04 -22.73 -14.62
C PRO C 593 -0.27 -22.62 -16.10
N LEU C 594 -0.18 -21.42 -16.67
CA LEU C 594 -0.31 -21.27 -18.11
C LEU C 594 0.94 -21.75 -18.83
N LEU C 595 2.12 -21.48 -18.27
CA LEU C 595 3.38 -21.80 -18.94
C LEU C 595 3.57 -23.30 -19.10
N ASP C 596 3.23 -24.08 -18.08
CA ASP C 596 3.50 -25.51 -18.12
C ASP C 596 2.68 -26.24 -19.17
N ARG C 597 1.50 -25.72 -19.52
CA ARG C 597 0.64 -26.33 -20.54
C ARG C 597 0.75 -25.61 -21.88
N MET C 598 1.74 -24.73 -22.04
CA MET C 598 1.92 -23.95 -23.25
C MET C 598 3.33 -24.19 -23.80
N GLU C 599 3.43 -24.39 -25.11
CA GLU C 599 4.72 -24.58 -25.76
C GLU C 599 5.18 -23.23 -26.31
N VAL C 600 6.34 -22.78 -25.86
CA VAL C 600 6.91 -21.50 -26.26
C VAL C 600 7.86 -21.71 -27.44
N ILE C 601 7.68 -20.92 -28.50
CA ILE C 601 8.61 -20.86 -29.61
C ILE C 601 9.29 -19.52 -29.54
N GLU C 602 10.62 -19.53 -29.41
CA GLU C 602 11.38 -18.31 -29.20
C GLU C 602 11.75 -17.67 -30.53
N LEU C 603 11.53 -16.36 -30.61
CA LEU C 603 11.95 -15.54 -31.75
C LEU C 603 12.95 -14.51 -31.26
N THR C 604 14.12 -14.49 -31.87
CA THR C 604 15.20 -13.59 -31.48
C THR C 604 15.26 -12.42 -32.45
N GLY C 605 16.19 -11.51 -32.18
CA GLY C 605 16.34 -10.32 -32.99
C GLY C 605 17.04 -10.58 -34.30
N TYR C 606 17.17 -9.53 -35.10
CA TYR C 606 17.81 -9.59 -36.40
C TYR C 606 19.11 -8.79 -36.35
N VAL C 607 20.18 -9.37 -36.90
CA VAL C 607 21.46 -8.68 -37.03
C VAL C 607 21.31 -7.58 -38.07
N ALA C 608 22.31 -6.70 -38.17
CA ALA C 608 22.24 -5.56 -39.06
C ALA C 608 21.90 -5.98 -40.49
N GLU C 609 22.63 -6.97 -41.01
CA GLU C 609 22.39 -7.41 -42.39
C GLU C 609 20.98 -7.98 -42.56
N ASP C 610 20.54 -8.79 -41.61
CA ASP C 610 19.20 -9.39 -41.72
C ASP C 610 18.12 -8.31 -41.70
N LYS C 611 18.26 -7.31 -40.82
CA LYS C 611 17.28 -6.24 -40.78
C LYS C 611 17.32 -5.39 -42.03
N VAL C 612 18.51 -5.17 -42.60
CA VAL C 612 18.61 -4.41 -43.85
C VAL C 612 17.89 -5.14 -44.97
N LYS C 613 18.10 -6.45 -45.09
CA LYS C 613 17.40 -7.22 -46.11
C LYS C 613 15.89 -7.21 -45.87
N ILE C 614 15.46 -7.38 -44.62
CA ILE C 614 14.04 -7.39 -44.30
C ILE C 614 13.41 -6.05 -44.69
N ALA C 615 14.08 -4.95 -44.35
CA ALA C 615 13.61 -3.63 -44.75
C ALA C 615 13.48 -3.54 -46.26
N GLU C 616 14.59 -3.72 -46.97
CA GLU C 616 14.61 -3.51 -48.42
C GLU C 616 13.64 -4.42 -49.15
N GLN C 617 13.29 -5.57 -48.56
CA GLN C 617 12.40 -6.50 -49.23
C GLN C 617 10.94 -6.36 -48.84
N TYR C 618 10.63 -5.83 -47.66
CA TYR C 618 9.23 -5.79 -47.28
C TYR C 618 8.74 -4.42 -46.84
N LEU C 619 9.57 -3.65 -46.13
CA LEU C 619 9.09 -2.41 -45.54
C LEU C 619 9.14 -1.26 -46.55
N VAL C 620 10.22 -1.18 -47.32
CA VAL C 620 10.35 -0.12 -48.32
C VAL C 620 9.22 -0.18 -49.36
N PRO C 621 8.94 -1.32 -50.00
CA PRO C 621 7.82 -1.33 -50.95
C PRO C 621 6.46 -1.08 -50.32
N SER C 622 6.22 -1.66 -49.14
CA SER C 622 4.93 -1.49 -48.48
C SER C 622 4.70 -0.04 -48.07
N ALA C 623 5.73 0.61 -47.50
CA ALA C 623 5.59 2.01 -47.13
C ALA C 623 5.49 2.90 -48.36
N LYS C 624 6.21 2.55 -49.43
CA LYS C 624 6.11 3.31 -50.67
C LYS C 624 4.70 3.25 -51.24
N LYS C 625 4.09 2.07 -51.23
CA LYS C 625 2.72 1.94 -51.72
C LYS C 625 1.74 2.63 -50.78
N SER C 626 1.99 2.58 -49.47
CA SER C 626 1.10 3.24 -48.52
C SER C 626 1.08 4.74 -48.74
N ALA C 627 2.23 5.34 -49.01
CA ALA C 627 2.33 6.77 -49.27
C ALA C 627 1.84 7.15 -50.67
N GLY C 628 1.22 6.21 -51.40
CA GLY C 628 0.76 6.49 -52.75
C GLY C 628 1.87 6.74 -53.74
N LEU C 629 3.00 6.06 -53.60
CA LEU C 629 4.14 6.22 -54.49
C LEU C 629 4.44 4.89 -55.17
N GLU C 630 4.26 4.86 -56.49
CA GLU C 630 4.67 3.70 -57.27
C GLU C 630 6.19 3.62 -57.29
N ASN C 631 6.71 2.40 -57.39
CA ASN C 631 8.15 2.20 -57.27
C ASN C 631 8.89 2.84 -58.45
N SER C 632 10.21 2.82 -58.36
CA SER C 632 11.11 3.45 -59.34
C SER C 632 10.90 4.96 -59.41
N HIS C 633 10.52 5.56 -58.29
CA HIS C 633 10.45 7.01 -58.17
C HIS C 633 11.41 7.57 -57.13
N VAL C 634 11.42 7.03 -55.92
CA VAL C 634 12.36 7.42 -54.88
C VAL C 634 13.04 6.16 -54.36
N ASP C 635 14.35 6.24 -54.14
CA ASP C 635 15.14 5.08 -53.76
C ASP C 635 16.04 5.44 -52.59
N MET C 636 16.43 4.41 -51.84
CA MET C 636 17.35 4.55 -50.71
C MET C 636 18.60 3.74 -50.99
N THR C 637 19.76 4.39 -50.89
CA THR C 637 21.02 3.70 -51.10
C THR C 637 21.38 2.84 -49.89
N GLU C 638 22.30 1.90 -50.10
CA GLU C 638 22.67 0.97 -49.04
C GLU C 638 23.28 1.70 -47.84
N ASP C 639 24.19 2.65 -48.12
CA ASP C 639 24.81 3.39 -47.03
C ASP C 639 23.78 4.21 -46.26
N ALA C 640 22.84 4.83 -46.97
CA ALA C 640 21.82 5.65 -46.32
C ALA C 640 20.94 4.81 -45.40
N ILE C 641 20.46 3.65 -45.90
CA ILE C 641 19.58 2.83 -45.09
C ILE C 641 20.33 2.21 -43.91
N THR C 642 21.59 1.83 -44.12
CA THR C 642 22.39 1.31 -43.00
C THR C 642 22.60 2.37 -41.94
N ALA C 643 22.90 3.61 -42.34
CA ALA C 643 23.02 4.69 -41.37
C ALA C 643 21.69 4.93 -40.66
N LEU C 644 20.58 4.81 -41.38
CA LEU C 644 19.27 5.02 -40.79
C LEU C 644 18.99 3.98 -39.71
N MET C 645 19.25 2.71 -40.00
CA MET C 645 18.93 1.68 -39.00
C MET C 645 20.02 1.56 -37.94
N LYS C 646 21.17 2.21 -38.12
CA LYS C 646 22.19 2.24 -37.09
C LYS C 646 21.99 3.40 -36.12
N TYR C 647 21.96 4.63 -36.64
CA TYR C 647 21.91 5.81 -35.79
C TYR C 647 20.51 6.14 -35.28
N TYR C 648 19.46 5.57 -35.88
CA TYR C 648 18.10 5.83 -35.45
C TYR C 648 17.40 4.60 -34.86
N CYS C 649 17.81 3.40 -35.25
CA CYS C 649 17.19 2.17 -34.79
C CYS C 649 18.16 1.41 -33.90
N ARG C 650 17.69 1.00 -32.73
CA ARG C 650 18.52 0.25 -31.79
C ARG C 650 17.90 -1.08 -31.37
N GLU C 651 16.58 -1.14 -31.24
CA GLU C 651 15.93 -2.35 -30.77
C GLU C 651 15.88 -3.40 -31.88
N SER C 652 15.69 -4.66 -31.49
CA SER C 652 15.74 -5.77 -32.42
C SER C 652 14.58 -5.79 -33.40
N GLY C 653 13.46 -5.15 -33.07
CA GLY C 653 12.31 -5.13 -33.95
C GLY C 653 12.47 -4.14 -35.08
N VAL C 654 11.42 -4.09 -35.92
CA VAL C 654 11.40 -3.21 -37.08
C VAL C 654 10.29 -2.17 -36.98
N ARG C 655 9.68 -2.00 -35.81
CA ARG C 655 8.64 -0.99 -35.64
C ARG C 655 9.18 0.41 -35.89
N ASN C 656 10.29 0.74 -35.24
CA ASN C 656 10.91 2.05 -35.45
C ASN C 656 11.41 2.21 -36.88
N LEU C 657 11.98 1.15 -37.46
CA LEU C 657 12.42 1.19 -38.84
C LEU C 657 11.24 1.44 -39.78
N LYS C 658 10.13 0.75 -39.57
CA LYS C 658 8.95 0.95 -40.40
C LYS C 658 8.40 2.37 -40.26
N LYS C 659 8.37 2.87 -39.02
CA LYS C 659 7.89 4.24 -38.80
C LYS C 659 8.78 5.26 -39.50
N HIS C 660 10.10 5.08 -39.41
CA HIS C 660 11.02 6.00 -40.07
C HIS C 660 10.86 5.95 -41.59
N ILE C 661 10.71 4.75 -42.15
CA ILE C 661 10.53 4.64 -43.60
C ILE C 661 9.24 5.30 -44.03
N GLU C 662 8.16 5.09 -43.27
CA GLU C 662 6.89 5.72 -43.60
C GLU C 662 6.99 7.24 -43.53
N LYS C 663 7.67 7.77 -42.51
CA LYS C 663 7.84 9.21 -42.40
C LYS C 663 8.66 9.77 -43.57
N ILE C 664 9.74 9.07 -43.94
CA ILE C 664 10.56 9.53 -45.07
C ILE C 664 9.75 9.54 -46.35
N TYR C 665 8.93 8.50 -46.57
CA TYR C 665 8.15 8.44 -47.80
C TYR C 665 7.00 9.44 -47.80
N ARG C 666 6.44 9.75 -46.64
CA ARG C 666 5.45 10.83 -46.57
C ARG C 666 6.09 12.17 -46.92
N LYS C 667 7.30 12.41 -46.40
CA LYS C 667 8.02 13.64 -46.75
C LYS C 667 8.33 13.68 -48.24
N ALA C 668 8.71 12.54 -48.82
CA ALA C 668 8.99 12.48 -50.25
C ALA C 668 7.73 12.75 -51.07
N ALA C 669 6.60 12.22 -50.63
CA ALA C 669 5.34 12.50 -51.31
C ALA C 669 5.00 13.98 -51.26
N LEU C 670 5.19 14.62 -50.09
CA LEU C 670 4.95 16.06 -50.01
C LEU C 670 5.89 16.82 -50.93
N GLN C 671 7.15 16.40 -51.00
CA GLN C 671 8.12 17.07 -51.88
C GLN C 671 7.72 16.93 -53.34
N VAL C 672 7.29 15.73 -53.75
CA VAL C 672 6.93 15.54 -55.15
C VAL C 672 5.65 16.27 -55.50
N VAL C 673 4.73 16.42 -54.53
CA VAL C 673 3.56 17.27 -54.76
C VAL C 673 3.99 18.72 -54.93
N LYS C 674 4.92 19.18 -54.09
CA LYS C 674 5.41 20.55 -54.22
C LYS C 674 6.08 20.76 -55.59
N LYS C 675 6.82 19.78 -56.08
CA LYS C 675 7.39 19.85 -57.42
C LYS C 675 6.34 19.65 -58.51
N LEU C 676 5.32 18.83 -58.23
CA LEU C 676 4.24 18.56 -59.17
C LEU C 676 4.77 18.03 -60.50
N SER C 677 5.77 17.16 -60.41
CA SER C 677 6.38 16.57 -61.60
C SER C 677 6.14 15.08 -61.66
N LYS C 731 15.29 15.32 -61.00
CA LYS C 731 13.92 15.29 -61.51
C LYS C 731 13.00 14.47 -60.58
N ILE C 732 12.11 13.69 -61.17
CA ILE C 732 11.21 12.85 -60.38
C ILE C 732 12.01 11.84 -59.55
N ASN C 733 13.03 11.24 -60.16
CA ASN C 733 13.86 10.26 -59.47
C ASN C 733 14.89 10.98 -58.61
N VAL C 734 14.72 10.91 -57.29
CA VAL C 734 15.67 11.48 -56.33
C VAL C 734 16.25 10.34 -55.51
N SER C 735 17.56 10.38 -55.30
CA SER C 735 18.28 9.32 -54.59
C SER C 735 18.72 9.81 -53.23
N ILE C 736 18.54 8.97 -52.22
CA ILE C 736 18.93 9.28 -50.84
C ILE C 736 20.30 8.63 -50.61
N SER C 737 21.35 9.46 -50.63
CA SER C 737 22.72 9.01 -50.44
C SER C 737 23.16 9.31 -49.01
N GLN C 738 24.45 9.10 -48.72
CA GLN C 738 25.00 9.37 -47.41
C GLN C 738 25.65 10.74 -47.29
N LYS C 739 26.11 11.32 -48.40
CA LYS C 739 26.67 12.67 -48.34
C LYS C 739 25.61 13.69 -47.93
N ASN C 740 24.39 13.52 -48.44
CA ASN C 740 23.24 14.33 -48.06
C ASN C 740 22.24 13.52 -47.22
N LEU C 741 22.77 12.64 -46.38
CA LEU C 741 21.94 11.66 -45.67
C LEU C 741 20.93 12.31 -44.73
N LYS C 742 19.66 12.25 -45.11
CA LYS C 742 18.53 12.64 -44.27
C LYS C 742 18.75 13.95 -43.51
N ASP C 743 19.39 14.93 -44.17
CA ASP C 743 19.60 16.22 -43.52
C ASP C 743 18.29 16.97 -43.34
N TYR C 744 17.25 16.60 -44.10
CA TYR C 744 15.96 17.26 -43.99
C TYR C 744 15.12 16.75 -42.83
N VAL C 745 15.54 15.65 -42.19
CA VAL C 745 14.76 15.07 -41.09
C VAL C 745 15.61 15.01 -39.83
N GLY C 746 16.83 15.53 -39.90
CA GLY C 746 17.68 15.64 -38.73
C GLY C 746 18.93 14.78 -38.80
N PRO C 747 19.84 15.01 -37.86
CA PRO C 747 21.10 14.27 -37.85
C PRO C 747 20.97 12.99 -37.04
N PRO C 748 22.03 12.18 -36.96
CA PRO C 748 21.97 10.98 -36.11
C PRO C 748 21.61 11.33 -34.68
N VAL C 749 20.83 10.46 -34.05
CA VAL C 749 20.34 10.67 -32.70
C VAL C 749 20.94 9.68 -31.71
N TYR C 750 21.18 8.44 -32.14
CA TYR C 750 21.79 7.42 -31.31
C TYR C 750 23.18 7.10 -31.84
N THR C 751 24.18 7.13 -30.97
CA THR C 751 25.55 6.79 -31.34
C THR C 751 26.25 6.18 -30.14
N THR C 752 26.95 5.07 -30.36
CA THR C 752 27.62 4.37 -29.28
C THR C 752 29.09 4.09 -29.61
N ASP C 753 29.39 3.89 -30.88
CA ASP C 753 30.74 3.46 -31.28
C ASP C 753 31.64 4.65 -31.61
N ARG C 754 31.69 5.64 -30.70
CA ARG C 754 32.65 6.72 -30.82
C ARG C 754 33.22 7.15 -29.46
N LEU C 755 33.12 6.31 -28.43
CA LEU C 755 33.54 6.70 -27.09
C LEU C 755 35.03 7.03 -27.04
N TYR C 756 35.86 6.00 -27.22
CA TYR C 756 37.31 6.19 -27.28
C TYR C 756 37.98 4.89 -27.72
N GLU C 757 38.96 5.00 -28.63
CA GLU C 757 39.66 3.81 -29.11
C GLU C 757 40.53 3.21 -28.01
N THR C 758 41.49 3.98 -27.50
CA THR C 758 42.42 3.49 -26.49
C THR C 758 41.72 3.46 -25.13
N THR C 759 41.67 2.27 -24.53
CA THR C 759 41.05 2.11 -23.22
C THR C 759 42.11 2.23 -22.14
N PRO C 760 41.96 3.15 -21.18
CA PRO C 760 42.99 3.33 -20.15
C PRO C 760 42.99 2.17 -19.17
N PRO C 761 44.06 2.00 -18.39
CA PRO C 761 44.09 0.94 -17.39
C PRO C 761 42.98 1.11 -16.35
N GLY C 762 42.41 -0.01 -15.92
CA GLY C 762 41.32 -0.01 -14.99
C GLY C 762 39.95 0.03 -15.62
N VAL C 763 39.87 0.21 -16.93
CA VAL C 763 38.61 0.26 -17.66
C VAL C 763 38.54 -0.95 -18.58
N VAL C 764 37.39 -1.63 -18.60
CA VAL C 764 37.20 -2.79 -19.47
C VAL C 764 35.73 -2.86 -19.88
N MET C 765 35.51 -3.37 -21.08
CA MET C 765 34.16 -3.52 -21.61
C MET C 765 33.52 -4.81 -21.11
N GLY C 766 32.18 -4.80 -21.04
CA GLY C 766 31.44 -6.00 -20.72
C GLY C 766 30.08 -5.93 -21.37
N LEU C 767 29.43 -7.07 -21.47
CA LEU C 767 28.15 -7.19 -22.15
C LEU C 767 27.03 -7.43 -21.16
N ALA C 768 25.86 -6.88 -21.46
CA ALA C 768 24.69 -7.02 -20.62
C ALA C 768 23.47 -7.27 -21.49
N TRP C 769 22.48 -7.95 -20.91
CA TRP C 769 21.24 -8.33 -21.59
C TRP C 769 20.07 -7.65 -20.91
N THR C 770 19.20 -7.04 -21.70
CA THR C 770 17.97 -6.43 -21.20
C THR C 770 16.86 -6.73 -22.19
N ASN C 771 15.63 -6.38 -21.79
CA ASN C 771 14.48 -6.59 -22.66
C ASN C 771 14.61 -5.83 -23.98
N MET C 772 15.28 -4.68 -23.95
CA MET C 772 15.57 -3.96 -25.19
C MET C 772 16.47 -4.80 -26.09
N GLY C 773 17.48 -5.42 -25.52
CA GLY C 773 18.40 -6.26 -26.27
C GLY C 773 19.76 -6.29 -25.57
N GLY C 774 20.80 -6.49 -26.36
CA GLY C 774 22.14 -6.47 -25.83
C GLY C 774 22.69 -5.07 -25.72
N CYS C 775 23.64 -4.90 -24.80
CA CYS C 775 24.29 -3.60 -24.62
C CYS C 775 25.70 -3.82 -24.08
N SER C 776 26.53 -2.80 -24.21
CA SER C 776 27.92 -2.84 -23.76
C SER C 776 28.09 -1.83 -22.63
N LEU C 777 28.25 -2.33 -21.41
CA LEU C 777 28.54 -1.49 -20.25
C LEU C 777 30.03 -1.52 -19.96
N TYR C 778 30.60 -0.36 -19.70
CA TYR C 778 31.99 -0.32 -19.28
C TYR C 778 32.08 -0.48 -17.76
N VAL C 779 33.26 -0.90 -17.31
CA VAL C 779 33.56 -1.02 -15.89
C VAL C 779 34.90 -0.32 -15.67
N GLU C 780 34.89 0.74 -14.86
CA GLU C 780 36.07 1.56 -14.64
C GLU C 780 36.46 1.49 -13.18
N SER C 781 37.66 0.97 -12.92
CA SER C 781 38.25 0.97 -11.58
C SER C 781 39.39 1.98 -11.57
N VAL C 782 39.29 2.97 -10.69
CA VAL C 782 40.29 4.03 -10.62
C VAL C 782 40.75 4.21 -9.19
N LEU C 783 41.87 4.91 -9.04
CA LEU C 783 42.34 5.35 -7.74
C LEU C 783 41.75 6.71 -7.44
N GLU C 784 41.21 6.87 -6.23
CA GLU C 784 40.66 8.15 -5.82
C GLU C 784 41.74 9.23 -5.76
N GLN C 785 43.00 8.84 -5.72
CA GLN C 785 44.15 9.73 -5.59
C GLN C 785 45.40 8.94 -5.93
N PRO C 786 46.51 9.59 -6.31
CA PRO C 786 47.73 8.84 -6.60
C PRO C 786 48.20 8.04 -5.38
N LEU C 787 48.80 6.88 -5.66
CA LEU C 787 49.10 5.94 -4.58
C LEU C 787 50.16 6.47 -3.63
N HIS C 788 51.04 7.37 -4.09
CA HIS C 788 52.12 7.84 -3.25
C HIS C 788 51.64 8.71 -2.10
N ASN C 789 50.43 9.25 -2.17
CA ASN C 789 49.88 10.10 -1.11
C ASN C 789 48.48 9.65 -0.72
N CYS C 790 48.27 8.34 -0.62
CA CYS C 790 46.99 7.79 -0.16
C CYS C 790 47.25 6.75 0.92
N LYS C 791 46.21 6.52 1.72
CA LYS C 791 46.29 5.57 2.83
C LYS C 791 44.90 4.99 3.04
N HIS C 792 44.81 4.09 4.03
CA HIS C 792 43.54 3.48 4.44
C HIS C 792 42.82 2.87 3.26
N PRO C 793 43.28 1.71 2.76
CA PRO C 793 42.66 1.09 1.58
C PRO C 793 41.16 0.90 1.73
N THR C 794 40.38 1.54 0.85
CA THR C 794 38.93 1.46 0.87
C THR C 794 38.42 1.08 -0.52
N PHE C 795 37.24 0.48 -0.54
CA PHE C 795 36.59 0.03 -1.77
C PHE C 795 35.25 0.75 -1.90
N GLU C 796 35.04 1.46 -3.00
CA GLU C 796 33.83 2.23 -3.23
C GLU C 796 33.16 1.76 -4.51
N ARG C 797 31.83 1.71 -4.49
CA ARG C 797 31.03 1.30 -5.64
C ARG C 797 29.97 2.35 -5.95
N THR C 798 29.83 2.69 -7.23
CA THR C 798 28.76 3.56 -7.68
C THR C 798 27.98 2.92 -8.82
N GLY C 799 27.06 3.66 -9.41
CA GLY C 799 26.15 3.11 -10.39
C GLY C 799 25.02 2.34 -9.73
N GLN C 800 23.99 2.06 -10.52
CA GLN C 800 22.81 1.35 -10.01
C GLN C 800 23.07 -0.15 -10.05
N LEU C 801 24.00 -0.58 -9.19
CA LEU C 801 24.49 -1.95 -9.24
C LEU C 801 23.43 -2.95 -8.77
N GLY C 802 22.81 -2.68 -7.63
CA GLY C 802 21.91 -3.65 -7.03
C GLY C 802 22.66 -4.66 -6.17
N ASP C 803 21.87 -5.50 -5.50
CA ASP C 803 22.42 -6.40 -4.49
C ASP C 803 23.36 -7.43 -5.10
N VAL C 804 22.92 -8.11 -6.16
CA VAL C 804 23.72 -9.18 -6.74
C VAL C 804 24.99 -8.62 -7.36
N MET C 805 24.89 -7.48 -8.05
CA MET C 805 26.06 -6.88 -8.67
C MET C 805 27.04 -6.36 -7.63
N LYS C 806 26.53 -5.81 -6.52
CA LYS C 806 27.41 -5.38 -5.44
C LYS C 806 28.14 -6.56 -4.81
N GLU C 807 27.43 -7.68 -4.62
CA GLU C 807 28.08 -8.88 -4.09
C GLU C 807 29.14 -9.40 -5.06
N SER C 808 28.85 -9.35 -6.36
CA SER C 808 29.84 -9.74 -7.36
C SER C 808 31.05 -8.82 -7.32
N SER C 809 30.81 -7.52 -7.10
CA SER C 809 31.92 -6.57 -6.99
C SER C 809 32.80 -6.88 -5.78
N ARG C 810 32.18 -7.21 -4.64
CA ARG C 810 32.97 -7.59 -3.47
C ARG C 810 33.75 -8.88 -3.72
N LEU C 811 33.12 -9.83 -4.41
CA LEU C 811 33.81 -11.07 -4.77
C LEU C 811 35.01 -10.77 -5.67
N ALA C 812 34.85 -9.85 -6.62
CA ALA C 812 35.97 -9.49 -7.49
C ALA C 812 37.07 -8.79 -6.72
N TYR C 813 36.70 -7.90 -5.78
CA TYR C 813 37.66 -7.35 -4.83
C TYR C 813 38.52 -8.45 -4.22
N SER C 814 37.87 -9.41 -3.57
CA SER C 814 38.61 -10.45 -2.86
C SER C 814 39.45 -11.30 -3.82
N PHE C 815 38.87 -11.66 -4.97
CA PHE C 815 39.59 -12.52 -5.91
C PHE C 815 40.83 -11.84 -6.45
N ALA C 816 40.72 -10.56 -6.83
CA ALA C 816 41.89 -9.85 -7.34
C ALA C 816 42.94 -9.68 -6.26
N LYS C 817 42.51 -9.37 -5.03
CA LYS C 817 43.47 -9.22 -3.93
C LYS C 817 44.25 -10.50 -3.70
N MET C 818 43.56 -11.65 -3.75
CA MET C 818 44.27 -12.92 -3.59
C MET C 818 45.10 -13.27 -4.82
N TYR C 819 44.62 -12.90 -6.02
CA TYR C 819 45.28 -13.31 -7.25
C TYR C 819 46.62 -12.61 -7.43
N LEU C 820 46.69 -11.32 -7.11
CA LEU C 820 47.98 -10.64 -7.19
C LEU C 820 48.99 -11.26 -6.24
N ALA C 821 48.57 -11.57 -5.01
CA ALA C 821 49.48 -12.22 -4.06
C ALA C 821 49.92 -13.59 -4.58
N GLN C 822 49.01 -14.33 -5.21
CA GLN C 822 49.37 -15.64 -5.74
C GLN C 822 50.37 -15.52 -6.88
N LYS C 823 50.20 -14.53 -7.76
CA LYS C 823 51.03 -14.41 -8.95
C LYS C 823 52.22 -13.48 -8.77
N PHE C 824 52.00 -12.28 -8.23
CA PHE C 824 53.04 -11.27 -8.07
C PHE C 824 53.18 -10.95 -6.59
N PRO C 825 54.01 -11.70 -5.85
CA PRO C 825 54.11 -11.48 -4.40
C PRO C 825 54.59 -10.10 -4.01
N GLU C 826 55.46 -9.48 -4.80
CA GLU C 826 56.05 -8.20 -4.44
C GLU C 826 55.20 -7.00 -4.86
N ASN C 827 54.05 -7.22 -5.50
CA ASN C 827 53.15 -6.15 -5.88
C ASN C 827 52.18 -5.92 -4.73
N ARG C 828 52.40 -4.84 -3.97
CA ARG C 828 51.59 -4.50 -2.79
C ARG C 828 50.55 -3.44 -3.11
N PHE C 829 49.95 -3.48 -4.30
CA PHE C 829 49.03 -2.42 -4.71
C PHE C 829 47.84 -2.33 -3.77
N PHE C 830 47.14 -3.44 -3.55
CA PHE C 830 45.93 -3.42 -2.73
C PHE C 830 46.20 -3.21 -1.26
N GLU C 831 47.47 -3.25 -0.83
CA GLU C 831 47.78 -3.02 0.57
C GLU C 831 47.45 -1.59 0.98
N LYS C 832 47.74 -0.61 0.12
CA LYS C 832 47.54 0.79 0.45
C LYS C 832 46.91 1.54 -0.73
N ALA C 833 45.85 0.98 -1.30
CA ALA C 833 45.15 1.61 -2.42
C ALA C 833 43.67 1.72 -2.12
N SER C 834 43.09 2.87 -2.43
CA SER C 834 41.65 3.10 -2.31
C SER C 834 41.05 3.04 -3.71
N ILE C 835 40.19 2.07 -3.94
CA ILE C 835 39.66 1.77 -5.27
C ILE C 835 38.25 2.34 -5.38
N HIS C 836 37.93 2.90 -6.55
CA HIS C 836 36.59 3.39 -6.86
C HIS C 836 36.13 2.70 -8.14
N LEU C 837 34.98 2.04 -8.06
CA LEU C 837 34.44 1.25 -9.17
C LEU C 837 33.17 1.92 -9.69
N HIS C 838 33.09 2.11 -11.00
CA HIS C 838 31.92 2.72 -11.61
C HIS C 838 31.56 1.98 -12.89
N CYS C 839 30.28 2.05 -13.24
CA CYS C 839 29.79 1.62 -14.54
C CYS C 839 29.19 2.83 -15.24
N PRO C 840 29.77 3.31 -16.36
CA PRO C 840 29.26 4.50 -17.04
C PRO C 840 27.77 4.45 -17.32
N GLU C 841 27.17 5.62 -17.56
CA GLU C 841 25.73 5.78 -17.65
C GLU C 841 25.06 5.31 -16.36
N GLY C 842 25.40 6.01 -15.28
CA GLY C 842 24.98 5.62 -13.95
C GLY C 842 23.52 5.89 -13.63
N ALA C 843 22.72 6.14 -14.66
CA ALA C 843 21.28 6.28 -14.50
C ALA C 843 20.51 5.01 -14.84
N THR C 844 21.08 4.16 -15.68
CA THR C 844 20.39 2.92 -16.06
C THR C 844 20.60 1.85 -15.00
N PRO C 845 19.53 1.27 -14.45
CA PRO C 845 19.71 0.20 -13.47
C PRO C 845 20.40 -1.02 -14.07
N LYS C 846 21.22 -1.67 -13.25
CA LYS C 846 21.97 -2.85 -13.66
C LYS C 846 21.79 -3.94 -12.60
N ASP C 847 22.07 -5.18 -13.00
CA ASP C 847 21.96 -6.33 -12.11
C ASP C 847 22.58 -7.53 -12.80
N GLY C 848 22.70 -8.62 -12.05
CA GLY C 848 23.20 -9.87 -12.58
C GLY C 848 24.67 -10.10 -12.30
N PRO C 849 25.06 -11.36 -12.16
CA PRO C 849 26.47 -11.69 -11.94
C PRO C 849 27.30 -11.85 -13.21
N SER C 850 26.72 -11.56 -14.37
CA SER C 850 27.41 -11.78 -15.64
C SER C 850 28.66 -10.92 -15.79
N ALA C 851 28.81 -9.88 -14.98
CA ALA C 851 30.00 -9.04 -15.00
C ALA C 851 31.03 -9.44 -13.96
N GLY C 852 30.89 -10.62 -13.36
CA GLY C 852 31.82 -11.03 -12.32
C GLY C 852 33.26 -11.04 -12.76
N VAL C 853 33.54 -11.59 -13.95
CA VAL C 853 34.89 -11.55 -14.48
C VAL C 853 35.22 -10.18 -15.08
N THR C 854 34.20 -9.39 -15.45
CA THR C 854 34.46 -8.07 -15.99
C THR C 854 35.08 -7.15 -14.95
N MET C 855 34.58 -7.18 -13.72
CA MET C 855 35.11 -6.33 -12.67
C MET C 855 36.47 -6.82 -12.20
N ALA C 856 36.63 -8.13 -12.01
CA ALA C 856 37.90 -8.66 -11.53
C ALA C 856 39.04 -8.36 -12.49
N THR C 857 38.75 -8.24 -13.79
CA THR C 857 39.78 -7.87 -14.76
C THR C 857 40.17 -6.41 -14.60
N SER C 858 39.23 -5.55 -14.21
CA SER C 858 39.53 -4.12 -14.10
C SER C 858 40.56 -3.86 -13.01
N PHE C 859 40.32 -4.42 -11.82
CA PHE C 859 41.20 -4.17 -10.68
C PHE C 859 42.64 -4.58 -11.00
N LEU C 860 42.81 -5.79 -11.51
CA LEU C 860 44.13 -6.23 -11.95
C LEU C 860 44.68 -5.27 -12.99
N SER C 861 43.85 -4.85 -13.94
CA SER C 861 44.26 -3.85 -14.92
C SER C 861 44.70 -2.56 -14.24
N LEU C 862 43.95 -2.14 -13.22
CA LEU C 862 44.36 -0.97 -12.45
C LEU C 862 45.61 -1.27 -11.64
N ALA C 863 45.74 -2.50 -11.15
CA ALA C 863 46.88 -2.86 -10.31
C ALA C 863 48.15 -3.02 -11.13
N LEU C 864 48.04 -3.63 -12.31
CA LEU C 864 49.20 -3.90 -13.16
C LEU C 864 49.52 -2.75 -14.10
N ASN C 865 48.70 -1.71 -14.13
CA ASN C 865 48.89 -0.55 -15.00
C ASN C 865 49.00 -0.99 -16.47
N LYS C 866 48.09 -1.86 -16.88
CA LYS C 866 48.13 -2.48 -18.20
C LYS C 866 46.76 -2.37 -18.86
N SER C 867 46.75 -2.04 -20.14
CA SER C 867 45.52 -1.95 -20.91
C SER C 867 45.00 -3.34 -21.25
N ILE C 868 43.76 -3.39 -21.74
CA ILE C 868 43.06 -4.66 -21.90
C ILE C 868 42.65 -4.87 -23.36
N ASP C 869 43.47 -4.37 -24.30
CA ASP C 869 43.25 -4.62 -25.72
C ASP C 869 41.84 -4.21 -26.12
N PRO C 870 41.58 -2.91 -26.28
CA PRO C 870 40.20 -2.40 -26.32
C PRO C 870 39.24 -3.07 -27.30
N THR C 871 39.75 -3.94 -28.17
CA THR C 871 38.91 -4.64 -29.14
C THR C 871 38.39 -5.98 -28.64
N VAL C 872 38.17 -6.11 -27.33
CA VAL C 872 37.70 -7.36 -26.72
C VAL C 872 36.49 -7.07 -25.85
N ALA C 873 35.57 -8.02 -25.80
CA ALA C 873 34.41 -7.97 -24.93
C ALA C 873 34.46 -9.14 -23.97
N MET C 874 33.85 -8.97 -22.80
CA MET C 874 33.98 -9.93 -21.72
C MET C 874 32.65 -10.09 -20.98
N THR C 875 32.40 -11.31 -20.53
CA THR C 875 31.24 -11.64 -19.71
C THR C 875 31.49 -12.96 -19.00
N GLY C 876 30.83 -13.17 -17.89
CA GLY C 876 30.96 -14.40 -17.13
C GLY C 876 30.79 -14.15 -15.65
N GLU C 877 30.40 -15.22 -14.94
CA GLU C 877 30.20 -15.17 -13.50
C GLU C 877 31.41 -15.78 -12.79
N LEU C 878 31.90 -15.08 -11.77
CA LEU C 878 33.12 -15.47 -11.08
C LEU C 878 32.80 -15.90 -9.64
N THR C 879 33.59 -16.87 -9.16
CA THR C 879 33.50 -17.34 -7.78
C THR C 879 34.81 -17.05 -7.05
N LEU C 880 34.82 -17.36 -5.76
CA LEU C 880 35.99 -17.06 -4.94
C LEU C 880 37.21 -17.87 -5.38
N THR C 881 37.01 -19.15 -5.72
CA THR C 881 38.12 -19.99 -6.14
C THR C 881 38.65 -19.59 -7.51
N GLY C 882 37.89 -18.84 -8.29
CA GLY C 882 38.35 -18.37 -9.58
C GLY C 882 37.87 -19.21 -10.75
N LYS C 883 36.58 -19.55 -10.75
CA LYS C 883 35.97 -20.29 -11.86
C LYS C 883 34.88 -19.45 -12.50
N VAL C 884 34.76 -19.58 -13.82
CA VAL C 884 33.77 -18.83 -14.59
C VAL C 884 32.56 -19.74 -14.82
N LEU C 885 31.39 -19.28 -14.39
CA LEU C 885 30.16 -20.06 -14.45
C LEU C 885 29.26 -19.58 -15.57
N ARG C 886 28.20 -20.34 -15.81
CA ARG C 886 27.27 -20.08 -16.92
C ARG C 886 26.53 -18.77 -16.70
N ILE C 887 26.26 -18.08 -17.81
CA ILE C 887 25.54 -16.81 -17.81
C ILE C 887 24.23 -16.96 -18.57
N GLY C 888 23.30 -16.05 -18.28
CA GLY C 888 21.97 -16.08 -18.86
C GLY C 888 21.78 -15.33 -20.16
N GLY C 889 22.27 -15.89 -21.27
CA GLY C 889 22.02 -15.30 -22.57
C GLY C 889 23.25 -14.77 -23.28
N LEU C 890 23.70 -15.49 -24.32
CA LEU C 890 24.91 -15.13 -25.04
C LEU C 890 24.63 -14.53 -26.42
N ARG C 891 23.47 -14.79 -27.02
CA ARG C 891 23.22 -14.29 -28.37
C ARG C 891 23.19 -12.77 -28.41
N GLU C 892 22.38 -12.16 -27.54
CA GLU C 892 22.31 -10.70 -27.51
C GLU C 892 23.62 -10.09 -27.04
N LYS C 893 24.33 -10.76 -26.12
CA LYS C 893 25.64 -10.28 -25.71
C LYS C 893 26.62 -10.28 -26.87
N ALA C 894 26.61 -11.35 -27.69
CA ALA C 894 27.48 -11.41 -28.85
C ALA C 894 27.10 -10.35 -29.88
N VAL C 895 25.80 -10.12 -30.07
CA VAL C 895 25.36 -9.07 -31.01
C VAL C 895 25.84 -7.71 -30.54
N ALA C 896 25.71 -7.43 -29.24
CA ALA C 896 26.16 -6.16 -28.70
C ALA C 896 27.68 -6.01 -28.83
N ALA C 897 28.42 -7.09 -28.60
CA ALA C 897 29.87 -7.05 -28.75
C ALA C 897 30.26 -6.75 -30.20
N LYS C 898 29.57 -7.39 -31.15
CA LYS C 898 29.86 -7.12 -32.56
C LYS C 898 29.52 -5.69 -32.93
N ARG C 899 28.40 -5.18 -32.41
CA ARG C 899 27.98 -3.81 -32.72
C ARG C 899 28.90 -2.77 -32.10
N SER C 900 29.59 -3.11 -31.02
CA SER C 900 30.43 -2.16 -30.30
C SER C 900 31.86 -2.11 -30.83
N GLY C 901 32.14 -2.80 -31.93
CA GLY C 901 33.46 -2.79 -32.52
C GLY C 901 34.44 -3.79 -31.93
N ALA C 902 34.00 -4.68 -31.05
CA ALA C 902 34.87 -5.68 -30.47
C ALA C 902 35.15 -6.79 -31.46
N LYS C 903 36.39 -7.25 -31.49
CA LYS C 903 36.80 -8.35 -32.37
C LYS C 903 37.03 -9.66 -31.62
N THR C 904 36.98 -9.64 -30.30
CA THR C 904 37.16 -10.84 -29.50
C THR C 904 36.11 -10.85 -28.39
N ILE C 905 35.57 -12.04 -28.10
CA ILE C 905 34.57 -12.19 -27.05
C ILE C 905 35.03 -13.30 -26.11
N ILE C 906 34.99 -13.02 -24.80
CA ILE C 906 35.39 -13.98 -23.78
C ILE C 906 34.14 -14.38 -23.01
N PHE C 907 33.78 -15.66 -23.09
CA PHE C 907 32.57 -16.19 -22.49
C PHE C 907 32.89 -17.48 -21.75
N PRO C 908 32.06 -17.88 -20.80
CA PRO C 908 32.32 -19.13 -20.07
C PRO C 908 32.24 -20.35 -20.98
N LYS C 909 33.04 -21.36 -20.66
CA LYS C 909 33.03 -22.59 -21.45
C LYS C 909 31.69 -23.32 -21.34
N ASP C 910 31.03 -23.20 -20.19
CA ASP C 910 29.71 -23.82 -20.02
C ASP C 910 28.70 -23.28 -21.04
N ASN C 911 28.94 -22.08 -21.57
CA ASN C 911 28.05 -21.48 -22.57
C ASN C 911 28.45 -21.85 -23.99
N LEU C 912 29.45 -22.71 -24.18
CA LEU C 912 29.87 -23.10 -25.52
C LEU C 912 28.70 -23.64 -26.34
N ASN C 913 27.80 -24.37 -25.70
CA ASN C 913 26.62 -24.88 -26.38
C ASN C 913 25.87 -23.75 -27.06
N ASP C 914 25.61 -22.65 -26.34
CA ASP C 914 24.95 -21.50 -26.93
C ASP C 914 25.75 -20.96 -28.11
N TRP C 915 27.08 -20.95 -27.98
CA TRP C 915 27.92 -20.46 -29.08
C TRP C 915 27.77 -21.31 -30.32
N GLU C 916 27.37 -22.59 -30.16
CA GLU C 916 27.14 -23.46 -31.30
C GLU C 916 25.73 -23.33 -31.86
N GLU C 917 24.83 -22.64 -31.17
CA GLU C 917 23.48 -22.42 -31.66
C GLU C 917 23.29 -21.04 -32.29
N LEU C 918 24.34 -20.21 -32.30
CA LEU C 918 24.23 -18.90 -32.91
C LEU C 918 24.23 -19.03 -34.44
N PRO C 919 23.52 -18.13 -35.13
CA PRO C 919 23.60 -18.10 -36.59
C PRO C 919 25.03 -17.85 -37.05
N ASP C 920 25.38 -18.45 -38.18
CA ASP C 920 26.76 -18.37 -38.67
C ASP C 920 27.16 -16.94 -39.00
N ASN C 921 26.20 -16.07 -39.30
CA ASN C 921 26.53 -14.70 -39.66
C ASN C 921 27.07 -13.91 -38.48
N VAL C 922 26.70 -14.27 -37.26
CA VAL C 922 27.18 -13.56 -36.08
C VAL C 922 28.66 -13.88 -35.84
N LYS C 923 29.07 -15.12 -36.06
CA LYS C 923 30.33 -15.62 -35.55
C LYS C 923 31.57 -15.14 -36.30
N GLU C 924 31.42 -14.56 -37.49
CA GLU C 924 32.61 -14.06 -38.18
C GLU C 924 33.07 -12.76 -37.53
N GLY C 925 34.40 -12.60 -37.46
CA GLY C 925 34.99 -11.43 -36.86
C GLY C 925 35.24 -11.52 -35.37
N LEU C 926 34.63 -12.49 -34.70
CA LEU C 926 34.79 -12.69 -33.26
C LEU C 926 35.58 -13.96 -33.00
N GLU C 927 36.65 -13.85 -32.22
CA GLU C 927 37.44 -15.01 -31.84
C GLU C 927 36.94 -15.53 -30.50
N PRO C 928 36.33 -16.70 -30.45
CA PRO C 928 35.82 -17.21 -29.16
C PRO C 928 36.94 -17.56 -28.21
N LEU C 929 36.65 -17.44 -26.92
CA LEU C 929 37.57 -17.86 -25.86
C LEU C 929 36.73 -18.44 -24.72
N ALA C 930 36.57 -19.76 -24.72
CA ALA C 930 35.86 -20.44 -23.65
C ALA C 930 36.82 -20.69 -22.50
N ALA C 931 36.47 -20.18 -21.32
CA ALA C 931 37.34 -20.25 -20.15
C ALA C 931 36.59 -20.91 -18.99
N ASP C 932 37.27 -21.82 -18.30
CA ASP C 932 36.74 -22.40 -17.08
C ASP C 932 37.21 -21.63 -15.86
N TRP C 933 38.52 -21.51 -15.70
CA TRP C 933 39.13 -20.73 -14.62
C TRP C 933 39.57 -19.37 -15.16
N TYR C 934 39.84 -18.45 -14.22
CA TYR C 934 40.31 -17.13 -14.61
C TYR C 934 41.73 -17.14 -15.17
N ASN C 935 42.48 -18.22 -14.98
CA ASN C 935 43.83 -18.28 -15.53
C ASN C 935 43.81 -18.17 -17.05
N ASP C 936 42.79 -18.74 -17.70
CA ASP C 936 42.67 -18.63 -19.15
C ASP C 936 42.53 -17.18 -19.58
N ILE C 937 41.66 -16.42 -18.90
CA ILE C 937 41.47 -15.02 -19.23
C ILE C 937 42.73 -14.22 -18.96
N PHE C 938 43.40 -14.50 -17.83
CA PHE C 938 44.61 -13.77 -17.49
C PHE C 938 45.71 -14.01 -18.53
N GLN C 939 45.87 -15.26 -18.98
CA GLN C 939 46.85 -15.55 -20.01
C GLN C 939 46.46 -14.92 -21.34
N LYS C 940 45.17 -14.90 -21.67
CA LYS C 940 44.74 -14.30 -22.92
C LYS C 940 45.02 -12.80 -22.94
N LEU C 941 44.77 -12.11 -21.83
CA LEU C 941 44.89 -10.66 -21.80
C LEU C 941 46.29 -10.21 -21.38
N PHE C 942 46.79 -10.71 -20.26
CA PHE C 942 48.08 -10.25 -19.71
C PHE C 942 49.14 -11.22 -20.18
N LYS C 943 49.66 -10.97 -21.39
CA LYS C 943 50.69 -11.82 -21.98
C LYS C 943 52.09 -11.30 -21.72
N ASP C 944 52.28 -9.98 -21.80
CA ASP C 944 53.60 -9.37 -21.67
C ASP C 944 53.86 -8.85 -20.26
N VAL C 945 53.30 -9.51 -19.24
CA VAL C 945 53.50 -9.14 -17.84
C VAL C 945 54.21 -10.32 -17.18
N ASN C 946 55.54 -10.28 -17.16
CA ASN C 946 56.32 -11.33 -16.54
C ASN C 946 56.42 -11.12 -15.03
N THR C 947 56.91 -12.15 -14.34
CA THR C 947 57.02 -12.11 -12.88
C THR C 947 58.07 -11.13 -12.38
N LYS C 948 58.95 -10.62 -13.25
CA LYS C 948 59.96 -9.65 -12.85
C LYS C 948 59.47 -8.22 -12.91
N GLU C 949 58.66 -7.87 -13.92
CA GLU C 949 58.12 -6.52 -14.04
C GLU C 949 56.71 -6.40 -13.46
N GLY C 950 55.95 -7.50 -13.41
CA GLY C 950 54.62 -7.44 -12.86
C GLY C 950 54.57 -7.12 -11.38
N ASN C 951 55.49 -7.68 -10.61
CA ASN C 951 55.55 -7.42 -9.17
C ASN C 951 56.30 -6.16 -8.83
N SER C 952 56.89 -5.48 -9.82
CA SER C 952 57.55 -4.19 -9.61
C SER C 952 56.99 -3.23 -10.65
N VAL C 953 55.84 -2.62 -10.32
CA VAL C 953 55.19 -1.64 -11.16
C VAL C 953 55.15 -0.28 -10.49
N TRP C 954 54.74 -0.24 -9.23
CA TRP C 954 54.72 1.02 -8.48
C TRP C 954 56.11 1.34 -7.93
N LYS C 955 56.62 0.43 -7.12
CA LYS C 955 57.96 0.56 -6.56
C LYS C 955 58.32 1.93 -6.04
N ALA C 956 58.69 2.85 -6.91
CA ALA C 956 58.97 4.21 -6.46
C ALA C 956 57.77 4.83 -5.78
N GLU C 957 56.55 4.38 -6.09
CA GLU C 957 55.38 4.87 -5.37
C GLU C 957 55.41 4.43 -3.91
N PHE C 958 55.94 3.24 -3.63
CA PHE C 958 56.10 2.75 -2.28
C PHE C 958 57.44 3.13 -1.67
N GLU C 959 58.29 3.83 -2.41
CA GLU C 959 59.54 4.36 -1.88
C GLU C 959 59.36 5.72 -1.23
N ILE C 960 58.16 6.29 -1.30
CA ILE C 960 57.86 7.60 -0.75
C ILE C 960 56.98 7.49 0.50
N LEU C 961 55.90 6.70 0.41
CA LEU C 961 54.97 6.55 1.51
C LEU C 961 55.47 5.61 2.60
N ASP C 962 56.59 4.93 2.38
CA ASP C 962 57.18 4.03 3.36
C ASP C 962 58.35 4.67 4.09
N ALA C 963 58.39 6.00 4.16
CA ALA C 963 59.47 6.71 4.82
C ALA C 963 58.99 8.06 5.35
N THR D 364 -40.96 -25.17 -18.87
CA THR D 364 -40.13 -25.25 -20.06
C THR D 364 -39.19 -26.45 -19.99
N TYR D 365 -38.38 -26.50 -18.92
CA TYR D 365 -37.41 -27.56 -18.71
C TYR D 365 -37.73 -28.36 -17.46
N LYS D 366 -39.02 -28.59 -17.21
CA LYS D 366 -39.44 -29.29 -16.00
C LYS D 366 -39.05 -30.76 -16.00
N GLU D 367 -38.75 -31.34 -17.17
CA GLU D 367 -38.39 -32.75 -17.23
C GLU D 367 -37.10 -33.02 -16.47
N ARG D 368 -36.09 -32.15 -16.65
CA ARG D 368 -34.84 -32.32 -15.91
C ARG D 368 -35.06 -32.17 -14.42
N ILE D 369 -35.91 -31.21 -14.02
CA ILE D 369 -36.21 -31.02 -12.60
C ILE D 369 -36.85 -32.28 -12.02
N LYS D 370 -37.79 -32.87 -12.75
CA LYS D 370 -38.43 -34.09 -12.29
C LYS D 370 -37.43 -35.24 -12.20
N SER D 371 -36.55 -35.36 -13.18
CA SER D 371 -35.63 -36.50 -13.24
C SER D 371 -34.45 -36.35 -12.28
N LEU D 372 -34.17 -35.14 -11.80
CA LEU D 372 -32.96 -34.91 -11.01
C LEU D 372 -33.08 -35.35 -9.57
N LYS D 373 -34.27 -35.73 -9.10
CA LYS D 373 -34.49 -36.25 -7.74
C LYS D 373 -34.01 -35.23 -6.70
N LEU D 374 -34.73 -34.11 -6.68
CA LEU D 374 -34.37 -33.00 -5.81
C LEU D 374 -34.77 -33.28 -4.35
N PRO D 375 -33.99 -32.78 -3.39
CA PRO D 375 -34.45 -32.75 -2.00
C PRO D 375 -35.69 -31.86 -1.85
N ASP D 376 -36.34 -31.98 -0.69
CA ASP D 376 -37.66 -31.39 -0.51
C ASP D 376 -37.61 -29.86 -0.60
N SER D 377 -36.73 -29.24 0.19
CA SER D 377 -36.72 -27.77 0.26
C SER D 377 -36.31 -27.15 -1.07
N VAL D 378 -35.27 -27.69 -1.71
CA VAL D 378 -34.81 -27.14 -2.98
C VAL D 378 -35.85 -27.35 -4.06
N GLN D 379 -36.56 -28.49 -4.02
CA GLN D 379 -37.63 -28.73 -4.97
C GLN D 379 -38.77 -27.73 -4.77
N LYS D 380 -39.12 -27.45 -3.51
CA LYS D 380 -40.14 -26.44 -3.24
C LYS D 380 -39.72 -25.07 -3.77
N ILE D 381 -38.46 -24.71 -3.54
CA ILE D 381 -37.96 -23.41 -4.01
C ILE D 381 -38.05 -23.34 -5.54
N PHE D 382 -37.61 -24.39 -6.22
CA PHE D 382 -37.61 -24.37 -7.69
C PHE D 382 -39.03 -24.36 -8.23
N ASP D 383 -39.95 -25.09 -7.60
CA ASP D 383 -41.34 -25.08 -8.04
C ASP D 383 -41.96 -23.71 -7.85
N ASP D 384 -41.67 -23.05 -6.73
CA ASP D 384 -42.17 -21.70 -6.53
C ASP D 384 -41.60 -20.75 -7.59
N GLU D 385 -40.31 -20.89 -7.89
CA GLU D 385 -39.69 -20.03 -8.91
C GLU D 385 -40.35 -20.24 -10.28
N ILE D 386 -40.58 -21.50 -10.65
CA ILE D 386 -41.13 -21.77 -11.98
C ILE D 386 -42.59 -21.33 -12.05
N THR D 387 -43.36 -21.52 -10.98
CA THR D 387 -44.76 -21.09 -11.00
C THR D 387 -44.89 -19.58 -10.92
N LYS D 388 -43.89 -18.89 -10.38
CA LYS D 388 -43.87 -17.43 -10.46
C LYS D 388 -43.47 -16.95 -11.85
N LEU D 389 -42.53 -17.63 -12.49
CA LEU D 389 -42.12 -17.24 -13.84
C LEU D 389 -43.20 -17.55 -14.87
N SER D 390 -44.07 -18.52 -14.58
CA SER D 390 -45.08 -18.92 -15.56
C SER D 390 -45.99 -17.77 -15.93
N THR D 391 -46.38 -16.95 -14.95
CA THR D 391 -47.26 -15.82 -15.19
C THR D 391 -46.52 -14.55 -15.59
N LEU D 392 -45.20 -14.58 -15.64
CA LEU D 392 -44.41 -13.39 -15.96
C LEU D 392 -44.39 -13.15 -17.47
N GLU D 393 -44.53 -11.89 -17.86
CA GLU D 393 -44.52 -11.53 -19.27
C GLU D 393 -43.09 -11.59 -19.82
N THR D 394 -42.96 -12.11 -21.04
CA THR D 394 -41.64 -12.33 -21.62
C THR D 394 -41.01 -11.06 -22.18
N SER D 395 -41.77 -9.96 -22.28
CA SER D 395 -41.26 -8.77 -22.95
C SER D 395 -40.17 -8.07 -22.15
N MET D 396 -40.31 -8.01 -20.83
CA MET D 396 -39.35 -7.26 -20.02
C MET D 396 -38.00 -7.96 -19.97
N SER D 397 -36.94 -7.18 -19.74
CA SER D 397 -35.62 -7.74 -19.57
C SER D 397 -35.50 -8.51 -18.26
N GLU D 398 -36.40 -8.23 -17.30
CA GLU D 398 -36.42 -8.99 -16.06
C GLU D 398 -36.74 -10.46 -16.31
N PHE D 399 -37.56 -10.74 -17.33
CA PHE D 399 -37.79 -12.12 -17.72
C PHE D 399 -36.50 -12.78 -18.20
N GLY D 400 -35.70 -12.05 -18.98
CA GLY D 400 -34.41 -12.58 -19.39
C GLY D 400 -33.49 -12.83 -18.22
N VAL D 401 -33.46 -11.90 -17.26
CA VAL D 401 -32.61 -12.06 -16.09
C VAL D 401 -33.03 -13.29 -15.28
N ILE D 402 -34.33 -13.46 -15.08
CA ILE D 402 -34.80 -14.58 -14.27
C ILE D 402 -34.61 -15.91 -15.00
N ARG D 403 -34.75 -15.93 -16.33
CA ARG D 403 -34.49 -17.19 -17.04
C ARG D 403 -33.00 -17.51 -17.05
N ASN D 404 -32.14 -16.48 -17.08
CA ASN D 404 -30.72 -16.72 -16.91
C ASN D 404 -30.41 -17.28 -15.53
N TYR D 405 -31.08 -16.76 -14.51
CA TYR D 405 -30.93 -17.33 -13.17
C TYR D 405 -31.37 -18.79 -13.14
N LEU D 406 -32.50 -19.10 -13.79
CA LEU D 406 -32.94 -20.50 -13.82
C LEU D 406 -31.98 -21.38 -14.59
N ASP D 407 -31.33 -20.85 -15.63
CA ASP D 407 -30.29 -21.60 -16.33
C ASP D 407 -29.11 -21.89 -15.41
N TRP D 408 -28.65 -20.88 -14.67
CA TRP D 408 -27.57 -21.09 -13.71
C TRP D 408 -27.99 -21.99 -12.55
N LEU D 409 -29.29 -22.10 -12.29
CA LEU D 409 -29.79 -22.82 -11.13
C LEU D 409 -30.01 -24.30 -11.43
N THR D 410 -30.75 -24.59 -12.50
CA THR D 410 -31.06 -25.98 -12.86
C THR D 410 -29.85 -26.74 -13.35
N SER D 411 -28.73 -26.06 -13.62
CA SER D 411 -27.54 -26.73 -14.14
C SER D 411 -26.94 -27.68 -13.12
N ILE D 412 -27.04 -27.37 -11.83
CA ILE D 412 -26.43 -28.22 -10.81
C ILE D 412 -27.22 -29.52 -10.68
N PRO D 413 -26.57 -30.68 -10.82
CA PRO D 413 -27.28 -31.95 -10.64
C PRO D 413 -27.48 -32.29 -9.17
N TRP D 414 -28.57 -31.77 -8.59
CA TRP D 414 -28.78 -31.88 -7.15
C TRP D 414 -28.91 -33.32 -6.69
N GLY D 415 -29.23 -34.24 -7.60
CA GLY D 415 -29.41 -35.63 -7.22
C GLY D 415 -28.84 -36.63 -8.20
N LYS D 416 -27.93 -36.18 -9.06
CA LYS D 416 -27.29 -37.04 -10.06
C LYS D 416 -25.86 -37.33 -9.59
N HIS D 417 -25.60 -38.57 -9.20
CA HIS D 417 -24.29 -39.00 -8.75
C HIS D 417 -23.92 -40.30 -9.43
N SER D 418 -22.63 -40.47 -9.70
CA SER D 418 -22.14 -41.67 -10.37
C SER D 418 -22.12 -42.85 -9.41
N LYS D 419 -21.73 -44.02 -9.91
CA LYS D 419 -21.67 -45.24 -9.13
C LYS D 419 -20.23 -45.53 -8.72
N GLU D 420 -20.02 -45.74 -7.42
CA GLU D 420 -18.69 -46.01 -6.91
C GLU D 420 -18.17 -47.35 -7.42
N GLN D 421 -16.86 -47.47 -7.52
CA GLN D 421 -16.19 -48.68 -7.97
C GLN D 421 -15.78 -49.52 -6.77
N TYR D 422 -16.09 -50.82 -6.83
CA TYR D 422 -15.85 -51.72 -5.71
C TYR D 422 -14.72 -52.70 -5.95
N SER D 423 -14.13 -52.75 -7.15
CA SER D 423 -13.14 -53.75 -7.49
C SER D 423 -11.75 -53.26 -7.11
N ILE D 424 -11.15 -53.89 -6.11
CA ILE D 424 -9.77 -53.57 -5.73
C ILE D 424 -8.79 -53.87 -6.86
N PRO D 425 -8.77 -55.06 -7.46
CA PRO D 425 -7.80 -55.29 -8.55
C PRO D 425 -7.98 -54.35 -9.74
N ARG D 426 -9.23 -54.00 -10.06
CA ARG D 426 -9.45 -53.06 -11.16
C ARG D 426 -8.88 -51.69 -10.84
N ALA D 427 -9.07 -51.21 -9.60
CA ALA D 427 -8.49 -49.93 -9.20
C ALA D 427 -6.97 -49.99 -9.26
N LYS D 428 -6.38 -51.08 -8.78
CA LYS D 428 -4.93 -51.20 -8.82
C LYS D 428 -4.41 -51.21 -10.25
N LYS D 429 -5.06 -51.96 -11.14
CA LYS D 429 -4.59 -52.05 -12.51
C LYS D 429 -4.81 -50.75 -13.28
N ILE D 430 -5.83 -49.98 -12.90
CA ILE D 430 -5.98 -48.65 -13.51
C ILE D 430 -4.91 -47.71 -13.00
N LEU D 431 -4.57 -47.80 -11.70
CA LEU D 431 -3.61 -46.86 -11.12
C LEU D 431 -2.20 -47.11 -11.64
N ASP D 432 -1.75 -48.36 -11.64
CA ASP D 432 -0.36 -48.62 -12.01
C ASP D 432 -0.09 -48.49 -13.50
N GLU D 433 -1.13 -48.54 -14.33
CA GLU D 433 -0.93 -48.40 -15.77
C GLU D 433 -0.64 -46.95 -16.16
N ASP D 434 -0.92 -45.99 -15.29
CA ASP D 434 -0.71 -44.58 -15.58
C ASP D 434 0.53 -44.00 -14.95
N HIS D 435 1.00 -44.57 -13.83
CA HIS D 435 2.18 -44.06 -13.16
C HIS D 435 2.96 -45.23 -12.56
N TYR D 436 4.24 -45.00 -12.31
CA TYR D 436 5.18 -46.07 -11.98
C TYR D 436 5.58 -46.10 -10.51
N GLY D 437 6.12 -45.01 -9.98
CA GLY D 437 6.79 -45.07 -8.69
C GLY D 437 6.08 -44.42 -7.53
N MET D 438 5.12 -43.55 -7.81
CA MET D 438 4.36 -42.87 -6.75
C MET D 438 3.40 -43.88 -6.14
N VAL D 439 3.77 -44.41 -4.96
CA VAL D 439 3.07 -45.54 -4.37
C VAL D 439 2.17 -45.08 -3.23
N ASP D 440 2.54 -44.00 -2.55
CA ASP D 440 1.77 -43.54 -1.40
C ASP D 440 0.36 -43.13 -1.81
N VAL D 441 0.23 -42.42 -2.94
CA VAL D 441 -1.09 -42.03 -3.42
C VAL D 441 -1.91 -43.25 -3.81
N LYS D 442 -1.26 -44.25 -4.42
CA LYS D 442 -1.95 -45.48 -4.77
C LYS D 442 -2.46 -46.19 -3.52
N ASP D 443 -1.65 -46.25 -2.47
CA ASP D 443 -2.09 -46.87 -1.23
C ASP D 443 -3.25 -46.10 -0.61
N ARG D 444 -3.20 -44.77 -0.64
CA ARG D 444 -4.31 -43.97 -0.13
C ARG D 444 -5.60 -44.23 -0.89
N ILE D 445 -5.50 -44.31 -2.23
CA ILE D 445 -6.68 -44.57 -3.04
C ILE D 445 -7.22 -45.96 -2.77
N LEU D 446 -6.33 -46.94 -2.59
CA LEU D 446 -6.78 -48.29 -2.27
C LEU D 446 -7.47 -48.34 -0.91
N GLU D 447 -6.95 -47.60 0.07
CA GLU D 447 -7.62 -47.52 1.37
C GLU D 447 -9.00 -46.90 1.23
N PHE D 448 -9.11 -45.83 0.43
CA PHE D 448 -10.41 -45.21 0.19
C PHE D 448 -11.37 -46.19 -0.46
N ILE D 449 -10.89 -46.95 -1.45
CA ILE D 449 -11.74 -47.92 -2.14
C ILE D 449 -12.21 -49.00 -1.19
N ALA D 450 -11.31 -49.51 -0.35
CA ALA D 450 -11.68 -50.55 0.61
C ALA D 450 -12.70 -50.04 1.61
N VAL D 451 -12.50 -48.82 2.12
CA VAL D 451 -13.44 -48.25 3.08
C VAL D 451 -14.80 -48.05 2.43
N GLY D 452 -14.83 -47.54 1.20
CA GLY D 452 -16.09 -47.37 0.50
C GLY D 452 -16.80 -48.69 0.25
N LYS D 453 -16.05 -49.73 -0.10
CA LYS D 453 -16.65 -51.05 -0.32
C LYS D 453 -17.19 -51.64 0.98
N LEU D 454 -16.47 -51.45 2.09
CA LEU D 454 -16.90 -52.04 3.36
C LEU D 454 -18.21 -51.46 3.86
N LEU D 455 -18.55 -50.23 3.46
CA LEU D 455 -19.80 -49.60 3.83
C LEU D 455 -20.66 -49.40 2.59
N GLY D 456 -21.82 -48.78 2.78
CA GLY D 456 -22.67 -48.47 1.63
C GLY D 456 -22.05 -47.43 0.72
N LYS D 457 -21.51 -46.36 1.31
CA LYS D 457 -20.92 -45.27 0.54
C LYS D 457 -20.11 -44.35 1.44
N VAL D 458 -18.87 -44.07 1.05
CA VAL D 458 -17.98 -43.20 1.82
C VAL D 458 -17.37 -42.17 0.88
N ASP D 459 -17.49 -40.89 1.25
CA ASP D 459 -16.92 -39.79 0.48
C ASP D 459 -16.67 -38.63 1.41
N GLY D 460 -15.79 -37.72 0.99
CA GLY D 460 -15.60 -36.49 1.72
C GLY D 460 -14.17 -36.07 2.00
N LYS D 461 -13.28 -37.04 2.17
CA LYS D 461 -11.91 -36.73 2.57
C LYS D 461 -11.20 -35.91 1.48
N ILE D 462 -10.38 -34.96 1.93
CA ILE D 462 -9.62 -34.09 1.03
C ILE D 462 -8.14 -34.37 1.23
N ILE D 463 -7.41 -34.48 0.12
CA ILE D 463 -6.01 -34.87 0.12
C ILE D 463 -5.22 -33.88 -0.72
N CYS D 464 -4.00 -33.55 -0.29
CA CYS D 464 -3.13 -32.66 -1.04
C CYS D 464 -1.80 -33.34 -1.29
N PHE D 465 -1.16 -32.95 -2.38
CA PHE D 465 0.12 -33.49 -2.79
C PHE D 465 1.16 -32.39 -2.72
N VAL D 466 2.30 -32.68 -2.10
CA VAL D 466 3.39 -31.71 -1.95
C VAL D 466 4.64 -32.30 -2.59
N GLY D 467 5.25 -31.54 -3.51
CA GLY D 467 6.46 -31.98 -4.16
C GLY D 467 7.00 -30.99 -5.17
N PRO D 468 8.21 -31.24 -5.64
CA PRO D 468 8.82 -30.37 -6.65
C PRO D 468 8.15 -30.57 -8.01
N PRO D 469 8.34 -29.64 -8.94
CA PRO D 469 7.80 -29.83 -10.28
C PRO D 469 8.39 -31.05 -10.97
N GLY D 470 7.57 -31.69 -11.80
CA GLY D 470 7.99 -32.86 -12.54
C GLY D 470 7.73 -34.18 -11.86
N VAL D 471 7.25 -34.18 -10.61
CA VAL D 471 6.95 -35.44 -9.93
C VAL D 471 5.76 -36.13 -10.58
N GLY D 472 4.75 -35.36 -10.96
CA GLY D 472 3.54 -35.90 -11.57
C GLY D 472 2.29 -35.84 -10.71
N LYS D 473 2.23 -34.92 -9.75
CA LYS D 473 1.05 -34.83 -8.89
C LYS D 473 -0.16 -34.31 -9.64
N THR D 474 0.05 -33.47 -10.66
CA THR D 474 -1.08 -32.98 -11.46
C THR D 474 -1.62 -34.07 -12.38
N SER D 475 -0.73 -34.87 -12.96
CA SER D 475 -1.17 -35.89 -13.90
C SER D 475 -1.99 -36.99 -13.23
N ILE D 476 -1.70 -37.29 -11.96
CA ILE D 476 -2.42 -38.36 -11.28
C ILE D 476 -3.87 -38.02 -10.97
N GLY D 477 -4.29 -36.76 -11.17
CA GLY D 477 -5.68 -36.43 -10.94
C GLY D 477 -6.61 -37.21 -11.84
N LYS D 478 -6.29 -37.25 -13.14
CA LYS D 478 -7.10 -38.01 -14.09
C LYS D 478 -7.01 -39.50 -13.80
N SER D 479 -5.83 -39.99 -13.41
CA SER D 479 -5.68 -41.41 -13.09
C SER D 479 -6.54 -41.81 -11.91
N ILE D 480 -6.59 -40.97 -10.87
CA ILE D 480 -7.43 -41.24 -9.71
C ILE D 480 -8.90 -41.16 -10.08
N ALA D 481 -9.27 -40.18 -10.91
CA ALA D 481 -10.66 -40.06 -11.34
C ALA D 481 -11.10 -41.30 -12.10
N ARG D 482 -10.25 -41.82 -12.99
CA ARG D 482 -10.58 -43.03 -13.72
C ARG D 482 -10.57 -44.26 -12.81
N ALA D 483 -9.67 -44.29 -11.81
CA ALA D 483 -9.62 -45.40 -10.88
C ALA D 483 -10.81 -45.43 -9.94
N LEU D 484 -11.31 -44.26 -9.55
CA LEU D 484 -12.50 -44.18 -8.70
C LEU D 484 -13.79 -44.14 -9.50
N ASN D 485 -13.70 -44.20 -10.83
CA ASN D 485 -14.87 -44.18 -11.71
C ASN D 485 -15.70 -42.91 -11.48
N ARG D 486 -15.02 -41.77 -11.43
CA ARG D 486 -15.67 -40.49 -11.21
C ARG D 486 -15.04 -39.45 -12.14
N LYS D 487 -15.76 -38.35 -12.32
CA LYS D 487 -15.34 -37.31 -13.26
C LYS D 487 -14.28 -36.41 -12.63
N PHE D 488 -13.68 -35.57 -13.46
CA PHE D 488 -12.52 -34.76 -13.08
C PHE D 488 -12.76 -33.30 -13.42
N PHE D 489 -12.21 -32.42 -12.58
CA PHE D 489 -12.19 -30.99 -12.84
C PHE D 489 -10.90 -30.41 -12.27
N ARG D 490 -10.38 -29.39 -12.95
CA ARG D 490 -9.14 -28.73 -12.56
C ARG D 490 -9.42 -27.29 -12.16
N PHE D 491 -8.91 -26.89 -11.00
CA PHE D 491 -9.18 -25.60 -10.40
C PHE D 491 -7.87 -24.88 -10.14
N SER D 492 -7.74 -23.66 -10.65
CA SER D 492 -6.50 -22.89 -10.52
C SER D 492 -6.71 -21.74 -9.54
N VAL D 493 -5.80 -21.62 -8.58
CA VAL D 493 -5.88 -20.58 -7.55
C VAL D 493 -4.55 -19.83 -7.54
N GLY D 494 -3.78 -19.98 -8.62
CA GLY D 494 -2.47 -19.35 -8.68
C GLY D 494 -2.53 -17.84 -8.66
N GLY D 495 -3.41 -17.26 -9.47
CA GLY D 495 -3.53 -15.82 -9.55
C GLY D 495 -4.67 -15.26 -8.74
N MET D 496 -5.16 -16.04 -7.78
CA MET D 496 -6.33 -15.64 -7.01
C MET D 496 -5.98 -14.52 -6.04
N THR D 497 -6.84 -13.51 -5.98
CA THR D 497 -6.65 -12.41 -5.04
C THR D 497 -7.94 -11.93 -4.39
N ASP D 498 -9.07 -12.58 -4.63
CA ASP D 498 -10.34 -12.14 -4.06
C ASP D 498 -11.31 -13.31 -4.02
N VAL D 499 -12.39 -13.12 -3.23
CA VAL D 499 -13.40 -14.16 -3.05
C VAL D 499 -14.53 -14.06 -4.06
N ALA D 500 -14.45 -13.14 -5.02
CA ALA D 500 -15.57 -12.92 -5.92
C ALA D 500 -15.87 -14.15 -6.77
N GLU D 501 -14.82 -14.83 -7.24
CA GLU D 501 -14.98 -15.98 -8.11
C GLU D 501 -15.07 -17.31 -7.35
N ILE D 502 -15.00 -17.27 -6.02
CA ILE D 502 -15.10 -18.50 -5.23
C ILE D 502 -16.52 -18.64 -4.71
N LYS D 503 -16.98 -17.66 -3.94
CA LYS D 503 -18.33 -17.69 -3.37
C LYS D 503 -19.38 -17.07 -4.28
N GLY D 504 -18.98 -16.29 -5.28
CA GLY D 504 -19.93 -15.68 -6.18
C GLY D 504 -20.36 -14.28 -5.77
N HIS D 505 -21.38 -13.80 -6.46
CA HIS D 505 -21.93 -12.47 -6.26
C HIS D 505 -23.43 -12.57 -6.01
N ARG D 506 -24.09 -11.41 -6.03
CA ARG D 506 -25.54 -11.38 -5.94
C ARG D 506 -26.17 -11.98 -7.19
N ARG D 507 -27.45 -12.35 -7.06
CA ARG D 507 -28.11 -13.15 -8.08
C ARG D 507 -28.30 -12.36 -9.36
N THR D 508 -29.11 -11.30 -9.31
CA THR D 508 -29.61 -10.64 -10.50
C THR D 508 -28.79 -9.41 -10.92
N TYR D 509 -27.51 -9.38 -10.58
CA TYR D 509 -26.62 -8.38 -11.17
C TYR D 509 -26.39 -8.70 -12.64
N ILE D 510 -26.29 -7.65 -13.45
CA ILE D 510 -26.08 -7.84 -14.89
C ILE D 510 -24.72 -8.49 -15.16
N GLY D 511 -23.67 -7.97 -14.53
CA GLY D 511 -22.33 -8.45 -14.73
C GLY D 511 -21.86 -9.52 -13.75
N ALA D 512 -22.75 -10.08 -12.94
CA ALA D 512 -22.35 -11.05 -11.93
C ALA D 512 -21.98 -12.38 -12.57
N LEU D 513 -20.96 -13.02 -12.00
CA LEU D 513 -20.57 -14.36 -12.36
C LEU D 513 -20.53 -15.20 -11.09
N PRO D 514 -21.19 -16.35 -11.07
CA PRO D 514 -21.21 -17.17 -9.85
C PRO D 514 -19.82 -17.70 -9.50
N GLY D 515 -19.75 -18.33 -8.34
CA GLY D 515 -18.49 -18.88 -7.89
C GLY D 515 -17.99 -19.99 -8.78
N ARG D 516 -16.67 -20.21 -8.74
CA ARG D 516 -16.08 -21.23 -9.60
C ARG D 516 -16.40 -22.65 -9.14
N VAL D 517 -16.80 -22.83 -7.88
CA VAL D 517 -17.13 -24.17 -7.40
C VAL D 517 -18.43 -24.68 -8.02
N VAL D 518 -19.46 -23.83 -8.09
CA VAL D 518 -20.69 -24.24 -8.74
C VAL D 518 -20.48 -24.38 -10.24
N GLN D 519 -19.62 -23.55 -10.82
CA GLN D 519 -19.25 -23.73 -12.22
C GLN D 519 -18.57 -25.08 -12.44
N ALA D 520 -17.70 -25.48 -11.53
CA ALA D 520 -17.06 -26.79 -11.61
C ALA D 520 -18.08 -27.91 -11.51
N LEU D 521 -19.05 -27.76 -10.59
CA LEU D 521 -20.11 -28.75 -10.46
C LEU D 521 -20.92 -28.85 -11.76
N LYS D 522 -21.18 -27.71 -12.40
CA LYS D 522 -21.88 -27.72 -13.68
C LYS D 522 -21.05 -28.41 -14.76
N LYS D 523 -19.75 -28.12 -14.81
CA LYS D 523 -18.89 -28.74 -15.81
C LYS D 523 -18.83 -30.25 -15.63
N CYS D 524 -18.72 -30.72 -14.39
CA CYS D 524 -18.79 -32.15 -14.13
C CYS D 524 -20.19 -32.68 -14.43
N GLN D 525 -21.22 -31.91 -14.11
CA GLN D 525 -22.62 -32.27 -14.33
C GLN D 525 -22.99 -33.57 -13.62
N THR D 526 -22.31 -33.87 -12.52
CA THR D 526 -22.57 -35.08 -11.75
C THR D 526 -21.95 -34.91 -10.37
N GLN D 527 -22.69 -35.26 -9.33
CA GLN D 527 -22.21 -35.12 -7.96
C GLN D 527 -21.05 -36.07 -7.70
N ASN D 528 -20.55 -36.03 -6.47
CA ASN D 528 -19.34 -36.73 -6.05
C ASN D 528 -18.15 -36.65 -7.02
N PRO D 529 -17.87 -35.46 -7.59
CA PRO D 529 -16.80 -35.38 -8.58
C PRO D 529 -15.42 -35.32 -7.94
N LEU D 530 -14.39 -35.14 -8.74
CA LEU D 530 -13.01 -35.03 -8.26
C LEU D 530 -12.49 -33.68 -8.71
N ILE D 531 -12.45 -32.71 -7.80
CA ILE D 531 -12.00 -31.35 -8.09
C ILE D 531 -10.58 -31.21 -7.56
N LEU D 532 -9.62 -30.99 -8.47
CA LEU D 532 -8.22 -30.90 -8.12
C LEU D 532 -7.81 -29.43 -8.12
N ILE D 533 -7.55 -28.89 -6.93
CA ILE D 533 -7.01 -27.55 -6.80
C ILE D 533 -5.55 -27.54 -7.23
N ASP D 534 -5.20 -26.64 -8.15
CA ASP D 534 -3.87 -26.65 -8.73
C ASP D 534 -2.84 -26.10 -7.76
N GLU D 535 -3.14 -25.00 -7.09
CA GLU D 535 -2.17 -24.34 -6.22
C GLU D 535 -2.86 -23.87 -4.95
N ILE D 536 -2.16 -24.05 -3.82
CA ILE D 536 -2.63 -23.55 -2.53
C ILE D 536 -1.53 -22.67 -1.93
N ASP D 537 -0.29 -22.96 -2.30
CA ASP D 537 0.85 -22.18 -1.83
C ASP D 537 1.05 -20.89 -2.62
N LYS D 538 0.37 -20.74 -3.76
CA LYS D 538 0.48 -19.54 -4.58
C LYS D 538 -0.71 -18.60 -4.41
N ILE D 539 -1.51 -18.80 -3.36
CA ILE D 539 -2.66 -17.93 -3.12
C ILE D 539 -2.17 -16.52 -2.82
N GLY D 540 -2.85 -15.53 -3.37
CA GLY D 540 -2.51 -14.15 -3.09
C GLY D 540 -2.77 -13.80 -1.64
N HIS D 541 -1.99 -12.85 -1.13
CA HIS D 541 -2.15 -12.42 0.25
C HIS D 541 -3.54 -11.84 0.49
N GLY D 542 -4.01 -11.02 -0.45
CA GLY D 542 -5.35 -10.46 -0.36
C GLY D 542 -5.40 -9.10 0.30
N GLY D 543 -5.74 -8.08 -0.47
CA GLY D 543 -5.92 -6.74 0.07
C GLY D 543 -7.38 -6.39 0.20
N ILE D 544 -7.90 -5.63 -0.76
CA ILE D 544 -9.30 -5.29 -0.80
C ILE D 544 -9.98 -6.18 -1.84
N HIS D 545 -11.31 -6.17 -1.83
CA HIS D 545 -12.22 -6.88 -2.74
C HIS D 545 -12.31 -8.37 -2.43
N GLY D 546 -11.59 -8.89 -1.46
CA GLY D 546 -11.74 -10.28 -1.06
C GLY D 546 -10.43 -10.93 -0.65
N ASP D 547 -10.53 -11.87 0.27
CA ASP D 547 -9.40 -12.68 0.72
C ASP D 547 -9.72 -14.15 0.49
N PRO D 548 -9.21 -14.77 -0.58
CA PRO D 548 -9.64 -16.14 -0.93
C PRO D 548 -9.31 -17.19 0.12
N SER D 549 -8.39 -16.91 1.06
CA SER D 549 -8.04 -17.90 2.07
C SER D 549 -9.24 -18.26 2.94
N ALA D 550 -10.04 -17.26 3.34
CA ALA D 550 -11.22 -17.54 4.15
C ALA D 550 -12.25 -18.33 3.37
N ALA D 551 -12.44 -18.02 2.08
CA ALA D 551 -13.37 -18.78 1.26
C ALA D 551 -12.93 -20.23 1.13
N LEU D 552 -11.63 -20.46 0.94
CA LEU D 552 -11.11 -21.82 0.87
C LEU D 552 -11.29 -22.54 2.21
N LEU D 553 -11.11 -21.81 3.32
CA LEU D 553 -11.37 -22.38 4.64
C LEU D 553 -12.82 -22.84 4.76
N GLU D 554 -13.75 -22.00 4.31
CA GLU D 554 -15.16 -22.38 4.37
C GLU D 554 -15.46 -23.56 3.47
N VAL D 555 -14.83 -23.61 2.29
CA VAL D 555 -15.11 -24.68 1.34
C VAL D 555 -14.59 -26.02 1.84
N LEU D 556 -13.36 -26.03 2.38
CA LEU D 556 -12.67 -27.28 2.69
C LEU D 556 -12.97 -27.81 4.09
N ASP D 557 -13.81 -27.15 4.86
CA ASP D 557 -14.16 -27.67 6.18
C ASP D 557 -14.99 -28.94 6.03
N PRO D 558 -14.59 -30.05 6.66
CA PRO D 558 -15.32 -31.32 6.45
C PRO D 558 -16.77 -31.28 6.86
N GLU D 559 -17.12 -30.51 7.90
CA GLU D 559 -18.50 -30.48 8.38
C GLU D 559 -19.32 -29.35 7.77
N GLN D 560 -18.68 -28.26 7.35
CA GLN D 560 -19.39 -27.14 6.75
C GLN D 560 -19.83 -27.41 5.32
N ASN D 561 -19.35 -28.49 4.71
CA ASN D 561 -19.67 -28.78 3.31
C ASN D 561 -21.16 -28.96 3.08
N ASN D 562 -21.90 -29.37 4.12
CA ASN D 562 -23.33 -29.55 3.98
C ASN D 562 -24.08 -28.22 3.87
N SER D 563 -23.43 -27.12 4.21
CA SER D 563 -24.06 -25.79 4.23
C SER D 563 -23.16 -24.77 3.57
N PHE D 564 -22.70 -25.08 2.35
CA PHE D 564 -21.75 -24.21 1.65
C PHE D 564 -22.25 -22.78 1.54
N LEU D 565 -23.55 -22.60 1.24
CA LEU D 565 -24.19 -21.29 1.22
C LEU D 565 -23.49 -20.35 0.21
N ASP D 566 -23.62 -20.72 -1.05
CA ASP D 566 -23.08 -19.90 -2.13
C ASP D 566 -23.79 -18.56 -2.20
N ASN D 567 -23.06 -17.53 -2.64
CA ASN D 567 -23.66 -16.21 -2.74
C ASN D 567 -24.67 -16.13 -3.89
N TYR D 568 -24.35 -16.75 -5.03
CA TYR D 568 -25.25 -16.69 -6.18
C TYR D 568 -26.55 -17.42 -5.90
N LEU D 569 -26.48 -18.60 -5.28
CA LEU D 569 -27.65 -19.41 -4.96
C LEU D 569 -27.80 -19.46 -3.45
N ASP D 570 -28.86 -18.83 -2.93
CA ASP D 570 -29.07 -18.79 -1.49
C ASP D 570 -29.26 -20.19 -0.91
N ILE D 571 -29.81 -21.11 -1.70
CA ILE D 571 -29.88 -22.51 -1.26
C ILE D 571 -28.46 -23.07 -1.16
N PRO D 572 -28.10 -23.75 -0.07
CA PRO D 572 -26.74 -24.29 0.03
C PRO D 572 -26.61 -25.68 -0.54
N ILE D 573 -25.51 -25.89 -1.26
CA ILE D 573 -25.23 -27.15 -1.94
C ILE D 573 -24.46 -28.06 -1.02
N ASP D 574 -24.60 -29.36 -1.23
CA ASP D 574 -23.92 -30.37 -0.41
C ASP D 574 -22.59 -30.70 -1.07
N LEU D 575 -21.49 -30.33 -0.40
CA LEU D 575 -20.15 -30.66 -0.87
C LEU D 575 -19.56 -31.86 -0.15
N SER D 576 -20.38 -32.59 0.62
CA SER D 576 -19.87 -33.73 1.38
C SER D 576 -19.34 -34.84 0.47
N LYS D 577 -20.04 -35.11 -0.64
CA LYS D 577 -19.62 -36.19 -1.51
C LYS D 577 -18.49 -35.78 -2.45
N VAL D 578 -18.21 -34.49 -2.57
CA VAL D 578 -17.19 -34.02 -3.49
C VAL D 578 -15.81 -34.37 -2.97
N LEU D 579 -14.95 -34.87 -3.85
CA LEU D 579 -13.58 -35.24 -3.51
C LEU D 579 -12.65 -34.10 -3.92
N PHE D 580 -12.13 -33.38 -2.93
CA PHE D 580 -11.25 -32.25 -3.17
C PHE D 580 -9.80 -32.72 -3.10
N VAL D 581 -9.21 -32.94 -4.27
CA VAL D 581 -7.79 -33.22 -4.37
C VAL D 581 -7.05 -31.90 -4.44
N CYS D 582 -5.80 -31.91 -4.01
CA CYS D 582 -4.99 -30.71 -3.85
C CYS D 582 -3.58 -30.90 -4.37
N THR D 583 -3.01 -29.83 -4.92
CA THR D 583 -1.64 -29.82 -5.40
C THR D 583 -0.94 -28.58 -4.88
N ALA D 584 0.28 -28.75 -4.38
CA ALA D 584 1.07 -27.64 -3.87
C ALA D 584 2.55 -28.00 -3.95
N ASN D 585 3.40 -26.98 -3.89
CA ASN D 585 4.84 -27.16 -3.94
C ASN D 585 5.48 -27.05 -2.56
N SER D 586 5.22 -25.94 -1.85
CA SER D 586 5.81 -25.69 -0.54
C SER D 586 4.71 -25.69 0.52
N LEU D 587 4.95 -26.43 1.60
CA LEU D 587 3.96 -26.55 2.67
C LEU D 587 3.91 -25.32 3.57
N GLU D 588 5.03 -24.61 3.72
CA GLU D 588 5.11 -23.55 4.72
C GLU D 588 4.27 -22.33 4.34
N THR D 589 4.07 -22.09 3.05
CA THR D 589 3.33 -20.91 2.63
C THR D 589 1.85 -21.00 3.00
N ILE D 590 1.29 -22.21 2.99
CA ILE D 590 -0.12 -22.39 3.33
C ILE D 590 -0.35 -21.99 4.79
N PRO D 591 -1.36 -21.17 5.08
CA PRO D 591 -1.62 -20.82 6.48
C PRO D 591 -2.11 -22.01 7.28
N ARG D 592 -1.86 -21.94 8.59
CA ARG D 592 -2.18 -23.06 9.48
C ARG D 592 -3.67 -23.43 9.47
N PRO D 593 -4.61 -22.48 9.49
CA PRO D 593 -6.03 -22.89 9.40
C PRO D 593 -6.34 -23.78 8.21
N LEU D 594 -5.76 -23.50 7.03
CA LEU D 594 -6.01 -24.35 5.86
C LEU D 594 -5.40 -25.73 6.04
N LEU D 595 -4.14 -25.78 6.46
CA LEU D 595 -3.44 -27.05 6.62
C LEU D 595 -4.05 -27.93 7.71
N ASP D 596 -4.75 -27.32 8.67
CA ASP D 596 -5.34 -28.11 9.76
C ASP D 596 -6.42 -29.05 9.25
N ARG D 597 -7.25 -28.60 8.31
CA ARG D 597 -8.39 -29.38 7.85
C ARG D 597 -8.09 -30.25 6.64
N MET D 598 -6.85 -30.27 6.17
CA MET D 598 -6.48 -31.01 4.96
C MET D 598 -5.29 -31.93 5.27
N GLU D 599 -5.38 -33.17 4.79
CA GLU D 599 -4.28 -34.10 4.91
C GLU D 599 -3.33 -33.96 3.72
N VAL D 600 -2.04 -34.19 3.98
CA VAL D 600 -1.00 -33.95 2.99
C VAL D 600 -0.19 -35.23 2.76
N ILE D 601 0.21 -35.43 1.53
CA ILE D 601 1.09 -36.53 1.13
C ILE D 601 2.28 -35.94 0.39
N GLU D 602 3.48 -36.34 0.81
CA GLU D 602 4.71 -35.81 0.25
C GLU D 602 5.10 -36.63 -0.98
N LEU D 603 5.03 -36.03 -2.16
CA LEU D 603 5.43 -36.66 -3.40
C LEU D 603 6.83 -36.18 -3.74
N THR D 604 7.80 -37.09 -3.68
CA THR D 604 9.20 -36.73 -3.78
C THR D 604 9.73 -37.00 -5.19
N GLY D 605 11.03 -36.78 -5.37
CA GLY D 605 11.67 -36.92 -6.66
C GLY D 605 11.89 -38.36 -7.05
N TYR D 606 12.65 -38.53 -8.13
CA TYR D 606 12.90 -39.84 -8.72
C TYR D 606 14.39 -40.10 -8.83
N VAL D 607 14.78 -41.36 -8.70
CA VAL D 607 16.16 -41.78 -8.84
C VAL D 607 16.46 -41.91 -10.33
N ALA D 608 17.74 -41.99 -10.70
CA ALA D 608 18.11 -42.07 -12.11
C ALA D 608 17.50 -43.30 -12.77
N GLU D 609 17.58 -44.46 -12.12
CA GLU D 609 16.97 -45.66 -12.68
C GLU D 609 15.45 -45.52 -12.73
N ASP D 610 14.84 -44.92 -11.71
CA ASP D 610 13.40 -44.68 -11.74
C ASP D 610 13.02 -43.72 -12.85
N LYS D 611 13.84 -42.69 -13.07
CA LYS D 611 13.59 -41.77 -14.18
C LYS D 611 13.68 -42.48 -15.53
N VAL D 612 14.68 -43.36 -15.69
CA VAL D 612 14.80 -44.12 -16.94
C VAL D 612 13.57 -45.01 -17.14
N LYS D 613 13.13 -45.68 -16.07
CA LYS D 613 11.95 -46.53 -16.18
C LYS D 613 10.72 -45.73 -16.56
N ILE D 614 10.51 -44.59 -15.90
CA ILE D 614 9.35 -43.75 -16.19
C ILE D 614 9.40 -43.27 -17.64
N ALA D 615 10.58 -42.80 -18.06
CA ALA D 615 10.76 -42.34 -19.44
C ALA D 615 10.37 -43.43 -20.42
N GLU D 616 11.08 -44.57 -20.38
CA GLU D 616 10.85 -45.62 -21.36
C GLU D 616 9.42 -46.13 -21.32
N GLN D 617 8.81 -46.22 -20.14
CA GLN D 617 7.48 -46.79 -20.04
C GLN D 617 6.40 -45.84 -20.54
N TYR D 618 6.50 -44.55 -20.22
CA TYR D 618 5.39 -43.64 -20.50
C TYR D 618 5.75 -42.47 -21.40
N LEU D 619 6.90 -41.83 -21.18
CA LEU D 619 7.18 -40.59 -21.87
C LEU D 619 7.48 -40.82 -23.36
N VAL D 620 8.24 -41.87 -23.66
CA VAL D 620 8.55 -42.17 -25.06
C VAL D 620 7.29 -42.51 -25.86
N PRO D 621 6.42 -43.43 -25.43
CA PRO D 621 5.19 -43.67 -26.21
C PRO D 621 4.27 -42.46 -26.27
N SER D 622 4.21 -41.65 -25.21
CA SER D 622 3.34 -40.48 -25.23
C SER D 622 3.82 -39.47 -26.28
N ALA D 623 5.13 -39.21 -26.35
CA ALA D 623 5.64 -38.32 -27.37
C ALA D 623 5.53 -38.94 -28.76
N LYS D 624 5.68 -40.26 -28.85
CA LYS D 624 5.53 -40.93 -30.14
C LYS D 624 4.13 -40.77 -30.69
N LYS D 625 3.12 -40.96 -29.84
CA LYS D 625 1.73 -40.82 -30.29
C LYS D 625 1.33 -39.36 -30.45
N SER D 626 1.93 -38.45 -29.68
CA SER D 626 1.64 -37.03 -29.86
C SER D 626 2.07 -36.55 -31.23
N ALA D 627 3.23 -37.00 -31.71
CA ALA D 627 3.68 -36.71 -33.07
C ALA D 627 3.07 -37.65 -34.09
N GLY D 628 2.32 -38.66 -33.67
CA GLY D 628 1.64 -39.55 -34.58
C GLY D 628 2.53 -40.40 -35.45
N LEU D 629 3.56 -41.01 -34.86
CA LEU D 629 4.46 -41.89 -35.58
C LEU D 629 4.05 -43.34 -35.40
N GLU D 630 4.08 -44.09 -36.50
CA GLU D 630 3.75 -45.50 -36.46
C GLU D 630 4.78 -46.27 -35.63
N ASN D 631 4.31 -47.31 -34.94
CA ASN D 631 5.16 -48.06 -34.05
C ASN D 631 6.19 -48.89 -34.84
N SER D 632 7.23 -49.32 -34.13
CA SER D 632 8.30 -50.15 -34.68
C SER D 632 9.10 -49.43 -35.77
N HIS D 633 9.06 -48.11 -35.79
CA HIS D 633 9.83 -47.32 -36.75
C HIS D 633 10.88 -46.45 -36.06
N VAL D 634 10.49 -45.62 -35.10
CA VAL D 634 11.39 -44.72 -34.41
C VAL D 634 11.34 -45.03 -32.91
N ASP D 635 12.51 -45.22 -32.31
CA ASP D 635 12.61 -45.52 -30.89
C ASP D 635 13.88 -44.89 -30.34
N MET D 636 13.90 -44.72 -29.02
CA MET D 636 15.04 -44.16 -28.31
C MET D 636 15.68 -45.25 -27.46
N THR D 637 17.00 -45.41 -27.62
CA THR D 637 17.72 -46.41 -26.86
C THR D 637 17.94 -45.95 -25.42
N GLU D 638 18.19 -46.92 -24.54
CA GLU D 638 18.35 -46.62 -23.12
C GLU D 638 19.55 -45.72 -22.87
N ASP D 639 20.66 -45.97 -23.57
CA ASP D 639 21.86 -45.17 -23.37
C ASP D 639 21.62 -43.72 -23.73
N ALA D 640 20.85 -43.47 -24.81
CA ALA D 640 20.55 -42.10 -25.19
C ALA D 640 19.76 -41.38 -24.11
N ILE D 641 18.74 -42.03 -23.55
CA ILE D 641 17.92 -41.40 -22.52
C ILE D 641 18.73 -41.14 -21.27
N THR D 642 19.53 -42.13 -20.84
CA THR D 642 20.31 -41.95 -19.61
C THR D 642 21.39 -40.88 -19.81
N ALA D 643 22.00 -40.81 -20.99
CA ALA D 643 22.97 -39.76 -21.26
C ALA D 643 22.30 -38.39 -21.26
N LEU D 644 21.13 -38.28 -21.89
CA LEU D 644 20.42 -37.02 -21.90
C LEU D 644 20.12 -36.54 -20.49
N MET D 645 19.53 -37.41 -19.66
CA MET D 645 19.18 -37.00 -18.31
C MET D 645 20.41 -36.71 -17.46
N LYS D 646 21.47 -37.50 -17.59
CA LYS D 646 22.63 -37.36 -16.72
C LYS D 646 23.49 -36.16 -17.10
N TYR D 647 23.66 -35.89 -18.39
CA TYR D 647 24.64 -34.93 -18.87
C TYR D 647 23.99 -33.74 -19.55
N TYR D 648 22.66 -33.62 -19.49
CA TYR D 648 21.95 -32.53 -20.14
C TYR D 648 20.94 -31.84 -19.23
N CYS D 649 20.56 -32.43 -18.11
CA CYS D 649 19.53 -31.88 -17.25
C CYS D 649 19.92 -32.08 -15.80
N ARG D 650 19.36 -31.24 -14.92
CA ARG D 650 19.59 -31.32 -13.49
C ARG D 650 18.33 -31.28 -12.65
N GLU D 651 17.16 -31.05 -13.23
CA GLU D 651 15.94 -30.91 -12.46
C GLU D 651 15.53 -32.24 -11.83
N SER D 652 14.85 -32.15 -10.69
CA SER D 652 14.55 -33.33 -9.88
C SER D 652 13.37 -34.13 -10.40
N GLY D 653 12.56 -33.57 -11.28
CA GLY D 653 11.43 -34.27 -11.86
C GLY D 653 11.77 -34.90 -13.19
N VAL D 654 10.77 -35.01 -14.05
CA VAL D 654 10.97 -35.57 -15.39
C VAL D 654 10.40 -34.62 -16.44
N ARG D 655 10.18 -33.36 -16.05
CA ARG D 655 9.58 -32.42 -16.99
C ARG D 655 10.55 -32.03 -18.11
N ASN D 656 11.78 -31.68 -17.76
CA ASN D 656 12.75 -31.31 -18.79
C ASN D 656 13.03 -32.48 -19.72
N LEU D 657 13.11 -33.69 -19.15
CA LEU D 657 13.22 -34.89 -19.97
C LEU D 657 12.05 -35.02 -20.93
N LYS D 658 10.84 -34.70 -20.46
CA LYS D 658 9.67 -34.82 -21.32
C LYS D 658 9.72 -33.83 -22.48
N LYS D 659 10.09 -32.57 -22.19
CA LYS D 659 10.21 -31.58 -23.26
C LYS D 659 11.30 -31.97 -24.26
N HIS D 660 12.44 -32.47 -23.75
CA HIS D 660 13.50 -32.90 -24.65
C HIS D 660 13.05 -34.05 -25.55
N ILE D 661 12.34 -35.02 -24.97
CA ILE D 661 11.85 -36.16 -25.75
C ILE D 661 10.85 -35.70 -26.80
N GLU D 662 9.95 -34.79 -26.41
CA GLU D 662 8.96 -34.28 -27.37
C GLU D 662 9.63 -33.53 -28.51
N LYS D 663 10.62 -32.69 -28.21
CA LYS D 663 11.32 -31.97 -29.27
C LYS D 663 12.08 -32.92 -30.19
N ILE D 664 12.73 -33.93 -29.61
CA ILE D 664 13.47 -34.90 -30.41
C ILE D 664 12.52 -35.67 -31.32
N TYR D 665 11.34 -36.05 -30.81
CA TYR D 665 10.40 -36.79 -31.62
C TYR D 665 9.75 -35.90 -32.69
N ARG D 666 9.55 -34.62 -32.41
CA ARG D 666 9.09 -33.71 -33.45
C ARG D 666 10.12 -33.60 -34.57
N LYS D 667 11.40 -33.50 -34.21
CA LYS D 667 12.45 -33.47 -35.22
C LYS D 667 12.47 -34.78 -36.02
N ALA D 668 12.29 -35.91 -35.34
CA ALA D 668 12.24 -37.20 -36.03
C ALA D 668 11.06 -37.28 -36.99
N ALA D 669 9.90 -36.74 -36.57
CA ALA D 669 8.74 -36.69 -37.46
C ALA D 669 9.02 -35.85 -38.69
N LEU D 670 9.65 -34.68 -38.49
CA LEU D 670 10.01 -33.84 -39.63
C LEU D 670 10.96 -34.57 -40.57
N GLN D 671 11.94 -35.29 -40.01
CA GLN D 671 12.89 -36.02 -40.83
C GLN D 671 12.20 -37.14 -41.61
N VAL D 672 11.29 -37.87 -40.97
CA VAL D 672 10.70 -39.04 -41.63
C VAL D 672 9.64 -38.64 -42.65
N VAL D 673 8.95 -37.52 -42.44
CA VAL D 673 7.96 -37.08 -43.41
C VAL D 673 8.64 -36.61 -44.69
N LYS D 674 9.78 -35.95 -44.57
CA LYS D 674 10.46 -35.37 -45.72
C LYS D 674 10.99 -36.41 -46.70
N LYS D 675 11.07 -37.68 -46.30
CA LYS D 675 11.53 -38.73 -47.19
C LYS D 675 10.43 -39.67 -47.67
N LEU D 676 9.29 -39.70 -46.98
CA LEU D 676 8.15 -40.54 -47.35
C LEU D 676 8.54 -42.01 -47.47
N GLU D 730 18.94 -44.12 -46.44
CA GLU D 730 19.69 -45.34 -46.22
C GLU D 730 18.89 -46.33 -45.36
N LYS D 731 17.93 -45.81 -44.61
CA LYS D 731 17.10 -46.64 -43.76
C LYS D 731 15.76 -45.95 -43.53
N ILE D 732 14.70 -46.75 -43.48
CA ILE D 732 13.37 -46.20 -43.24
C ILE D 732 13.08 -46.04 -41.76
N ASN D 733 13.93 -46.56 -40.88
CA ASN D 733 13.76 -46.46 -39.44
C ASN D 733 14.81 -45.53 -38.87
N VAL D 734 14.44 -44.76 -37.85
CA VAL D 734 15.33 -43.78 -37.22
C VAL D 734 15.71 -44.30 -35.84
N SER D 735 17.01 -44.37 -35.57
CA SER D 735 17.53 -44.81 -34.28
C SER D 735 18.25 -43.66 -33.61
N ILE D 736 17.93 -43.41 -32.34
CA ILE D 736 18.50 -42.31 -31.58
C ILE D 736 19.37 -42.90 -30.46
N SER D 737 20.65 -42.55 -30.46
CA SER D 737 21.61 -43.12 -29.51
C SER D 737 22.66 -42.07 -29.18
N GLN D 738 23.77 -42.53 -28.59
CA GLN D 738 24.86 -41.64 -28.21
C GLN D 738 25.49 -40.98 -29.43
N LYS D 739 25.73 -41.75 -30.49
CA LYS D 739 26.52 -41.24 -31.62
C LYS D 739 25.79 -40.15 -32.40
N ASN D 740 24.47 -40.12 -32.35
CA ASN D 740 23.67 -39.14 -33.09
C ASN D 740 22.82 -38.30 -32.14
N LEU D 741 23.22 -38.23 -30.88
CA LEU D 741 22.47 -37.45 -29.90
C LEU D 741 22.69 -35.95 -30.12
N LYS D 742 23.94 -35.55 -30.37
CA LYS D 742 24.26 -34.15 -30.57
C LYS D 742 23.98 -33.72 -32.02
N ASP D 743 22.82 -34.10 -32.52
CA ASP D 743 22.34 -33.67 -33.84
C ASP D 743 20.88 -33.28 -33.72
N TYR D 744 20.25 -33.68 -32.61
CA TYR D 744 18.86 -33.37 -32.33
C TYR D 744 18.69 -32.27 -31.29
N VAL D 745 19.60 -32.15 -30.33
CA VAL D 745 19.47 -31.17 -29.26
C VAL D 745 20.70 -30.28 -29.23
N GLY D 746 21.82 -30.76 -29.73
CA GLY D 746 23.03 -29.99 -29.78
C GLY D 746 24.05 -30.39 -28.71
N PRO D 747 25.09 -29.58 -28.55
CA PRO D 747 26.14 -29.88 -27.56
C PRO D 747 25.56 -30.00 -26.16
N PRO D 748 26.25 -30.72 -25.27
CA PRO D 748 25.76 -30.84 -23.89
C PRO D 748 25.80 -29.52 -23.15
N VAL D 749 24.98 -29.46 -22.09
CA VAL D 749 24.80 -28.22 -21.34
C VAL D 749 25.57 -28.27 -20.03
N TYR D 750 25.19 -29.19 -19.14
CA TYR D 750 25.74 -29.26 -17.80
C TYR D 750 26.79 -30.35 -17.71
N THR D 751 27.25 -30.61 -16.48
CA THR D 751 28.22 -31.66 -16.21
C THR D 751 27.99 -32.12 -14.77
N THR D 752 28.12 -33.43 -14.52
CA THR D 752 27.83 -33.97 -13.19
C THR D 752 28.71 -33.31 -12.13
N ASP D 753 30.02 -33.50 -12.23
CA ASP D 753 30.97 -32.79 -11.37
C ASP D 753 31.20 -31.41 -11.97
N ARG D 754 30.25 -30.51 -11.74
CA ARG D 754 30.16 -29.24 -12.45
C ARG D 754 31.19 -28.21 -12.01
N LEU D 755 31.44 -28.06 -10.71
CA LEU D 755 32.46 -27.10 -10.31
C LEU D 755 33.87 -27.65 -10.54
N TYR D 756 34.25 -28.69 -9.80
CA TYR D 756 35.60 -29.25 -9.99
C TYR D 756 35.61 -30.66 -9.40
N GLU D 757 36.40 -31.53 -10.03
CA GLU D 757 36.54 -32.89 -9.55
C GLU D 757 37.26 -32.94 -8.21
N THR D 758 38.24 -32.06 -8.01
CA THR D 758 38.97 -31.96 -6.75
C THR D 758 38.44 -30.76 -5.97
N THR D 759 38.89 -30.61 -4.73
CA THR D 759 38.40 -29.53 -3.89
C THR D 759 39.55 -28.85 -3.16
N PRO D 760 39.76 -27.55 -3.39
CA PRO D 760 40.78 -26.82 -2.64
C PRO D 760 40.35 -26.63 -1.19
N PRO D 761 41.30 -26.36 -0.29
CA PRO D 761 40.93 -26.14 1.11
C PRO D 761 39.97 -24.96 1.26
N GLY D 762 39.02 -25.11 2.17
CA GLY D 762 38.01 -24.09 2.41
C GLY D 762 36.72 -24.27 1.65
N VAL D 763 36.67 -25.21 0.71
CA VAL D 763 35.47 -25.45 -0.10
C VAL D 763 34.83 -26.75 0.38
N VAL D 764 33.52 -26.70 0.62
CA VAL D 764 32.78 -27.84 1.16
C VAL D 764 31.46 -27.97 0.39
N MET D 765 31.17 -29.20 -0.06
CA MET D 765 29.89 -29.49 -0.68
C MET D 765 28.77 -29.56 0.35
N GLY D 766 27.56 -29.19 -0.05
CA GLY D 766 26.42 -29.30 0.83
C GLY D 766 25.15 -29.43 0.02
N LEU D 767 24.09 -29.87 0.70
CA LEU D 767 22.81 -30.13 0.07
C LEU D 767 21.79 -29.08 0.47
N ALA D 768 20.76 -28.94 -0.35
CA ALA D 768 19.69 -27.98 -0.08
C ALA D 768 18.41 -28.46 -0.75
N TRP D 769 17.29 -27.93 -0.28
CA TRP D 769 15.97 -28.28 -0.80
C TRP D 769 15.20 -26.99 -1.02
N THR D 770 14.87 -26.70 -2.27
CA THR D 770 14.11 -25.52 -2.64
C THR D 770 12.79 -25.95 -3.28
N ASN D 771 12.03 -24.96 -3.77
CA ASN D 771 10.74 -25.25 -4.39
C ASN D 771 10.87 -26.14 -5.61
N MET D 772 12.01 -26.06 -6.31
CA MET D 772 12.25 -26.91 -7.47
C MET D 772 12.79 -28.28 -7.11
N GLY D 773 13.03 -28.55 -5.83
CA GLY D 773 13.49 -29.86 -5.41
C GLY D 773 14.85 -29.86 -4.73
N GLY D 774 15.53 -30.99 -4.74
CA GLY D 774 16.85 -31.07 -4.16
C GLY D 774 17.91 -30.47 -5.07
N CYS D 775 18.98 -29.98 -4.44
CA CYS D 775 20.08 -29.37 -5.18
C CYS D 775 21.33 -29.42 -4.31
N SER D 776 22.47 -29.17 -4.95
CA SER D 776 23.76 -29.14 -4.27
C SER D 776 24.37 -27.76 -4.40
N LEU D 777 24.72 -27.17 -3.26
CA LEU D 777 25.40 -25.88 -3.22
C LEU D 777 26.78 -26.06 -2.58
N TYR D 778 27.76 -25.35 -3.11
CA TYR D 778 29.09 -25.35 -2.52
C TYR D 778 29.22 -24.18 -1.56
N VAL D 779 30.21 -24.28 -0.68
CA VAL D 779 30.52 -23.24 0.29
C VAL D 779 32.01 -22.99 0.21
N GLU D 780 32.40 -21.76 -0.13
CA GLU D 780 33.80 -21.42 -0.37
C GLU D 780 34.23 -20.39 0.67
N SER D 781 35.18 -20.75 1.50
CA SER D 781 35.82 -19.84 2.44
C SER D 781 37.25 -19.60 1.96
N VAL D 782 37.60 -18.34 1.72
CA VAL D 782 38.92 -17.99 1.23
C VAL D 782 39.47 -16.86 2.08
N LEU D 783 40.78 -16.63 1.96
CA LEU D 783 41.44 -15.50 2.57
C LEU D 783 41.44 -14.35 1.56
N GLU D 784 40.65 -13.32 1.84
CA GLU D 784 40.58 -12.15 0.95
C GLU D 784 41.79 -11.26 1.17
N GLN D 785 42.99 -11.83 1.03
CA GLN D 785 44.22 -11.18 1.44
C GLN D 785 45.39 -12.05 0.98
N PRO D 786 46.62 -11.55 0.99
CA PRO D 786 47.77 -12.44 0.75
C PRO D 786 47.92 -13.51 1.81
N LEU D 787 48.97 -14.33 1.70
CA LEU D 787 49.20 -15.48 2.57
C LEU D 787 48.88 -15.15 4.03
N HIS D 788 49.50 -14.11 4.58
CA HIS D 788 49.03 -13.52 5.82
C HIS D 788 49.48 -12.07 5.93
N ASN D 789 48.59 -11.13 5.60
CA ASN D 789 48.80 -9.72 5.87
C ASN D 789 47.72 -9.15 6.78
N CYS D 790 46.46 -9.22 6.33
CA CYS D 790 45.27 -8.87 7.11
C CYS D 790 45.45 -7.66 8.02
N LYS D 791 46.18 -7.85 9.12
CA LYS D 791 46.37 -6.83 10.15
C LYS D 791 45.08 -6.56 10.90
N HIS D 792 44.01 -7.28 10.57
CA HIS D 792 42.73 -7.18 11.23
C HIS D 792 41.88 -8.41 10.88
N PRO D 793 41.38 -9.12 11.89
CA PRO D 793 40.51 -10.28 11.62
C PRO D 793 39.10 -9.83 11.30
N THR D 794 38.66 -10.08 10.07
CA THR D 794 37.33 -9.69 9.61
C THR D 794 36.65 -10.88 8.94
N PHE D 795 35.33 -10.96 9.10
CA PHE D 795 34.52 -12.02 8.51
C PHE D 795 33.51 -11.37 7.58
N GLU D 796 33.58 -11.72 6.29
CA GLU D 796 32.67 -11.20 5.28
C GLU D 796 31.96 -12.37 4.61
N ARG D 797 30.67 -12.18 4.30
CA ARG D 797 29.89 -13.20 3.64
C ARG D 797 29.05 -12.57 2.54
N THR D 798 28.99 -13.25 1.40
CA THR D 798 28.19 -12.77 0.26
C THR D 798 27.26 -13.87 -0.24
N GLY D 799 26.61 -13.63 -1.37
CA GLY D 799 25.53 -14.46 -1.82
C GLY D 799 24.21 -14.07 -1.18
N GLN D 800 23.13 -14.60 -1.76
CA GLN D 800 21.77 -14.31 -1.26
C GLN D 800 21.50 -15.21 -0.06
N LEU D 801 22.18 -14.90 1.05
CA LEU D 801 22.18 -15.79 2.20
C LEU D 801 20.84 -15.79 2.93
N GLY D 802 20.27 -14.62 3.18
CA GLY D 802 19.11 -14.51 4.02
C GLY D 802 19.46 -14.46 5.50
N ASP D 803 18.46 -14.12 6.31
CA ASP D 803 18.70 -13.87 7.73
C ASP D 803 19.12 -15.15 8.45
N VAL D 804 18.38 -16.25 8.22
CA VAL D 804 18.67 -17.49 8.94
C VAL D 804 20.06 -18.00 8.57
N MET D 805 20.40 -17.97 7.28
CA MET D 805 21.69 -18.49 6.86
C MET D 805 22.83 -17.57 7.27
N LYS D 806 22.60 -16.27 7.33
CA LYS D 806 23.62 -15.37 7.88
C LYS D 806 23.87 -15.65 9.36
N GLU D 807 22.79 -15.89 10.12
CA GLU D 807 22.96 -16.26 11.52
C GLU D 807 23.71 -17.58 11.65
N SER D 808 23.42 -18.54 10.76
CA SER D 808 24.16 -19.79 10.76
C SER D 808 25.64 -19.56 10.45
N SER D 809 25.93 -18.63 9.54
CA SER D 809 27.31 -18.30 9.22
C SER D 809 28.04 -17.72 10.43
N ARG D 810 27.39 -16.82 11.17
CA ARG D 810 28.01 -16.25 12.36
C ARG D 810 28.23 -17.33 13.44
N LEU D 811 27.24 -18.20 13.62
CA LEU D 811 27.38 -19.29 14.58
C LEU D 811 28.54 -20.21 14.19
N ALA D 812 28.68 -20.50 12.90
CA ALA D 812 29.80 -21.33 12.44
C ALA D 812 31.13 -20.62 12.62
N TYR D 813 31.17 -19.30 12.39
CA TYR D 813 32.34 -18.50 12.74
C TYR D 813 32.79 -18.79 14.16
N SER D 814 31.88 -18.55 15.11
CA SER D 814 32.23 -18.68 16.53
C SER D 814 32.61 -20.12 16.87
N PHE D 815 31.84 -21.08 16.37
CA PHE D 815 32.11 -22.47 16.69
C PHE D 815 33.45 -22.93 16.15
N ALA D 816 33.79 -22.54 14.91
CA ALA D 816 35.08 -22.93 14.34
C ALA D 816 36.23 -22.30 15.11
N LYS D 817 36.09 -21.02 15.49
CA LYS D 817 37.13 -20.39 16.29
C LYS D 817 37.36 -21.14 17.59
N MET D 818 36.27 -21.44 18.31
CA MET D 818 36.40 -22.15 19.58
C MET D 818 36.95 -23.56 19.37
N TYR D 819 36.53 -24.23 18.30
CA TYR D 819 36.96 -25.61 18.06
C TYR D 819 38.45 -25.68 17.78
N LEU D 820 38.98 -24.76 16.97
CA LEU D 820 40.43 -24.71 16.78
C LEU D 820 41.14 -24.39 18.08
N ALA D 821 40.69 -23.32 18.77
CA ALA D 821 41.40 -22.91 19.97
C ALA D 821 41.34 -23.96 21.06
N GLN D 822 40.42 -24.91 20.97
CA GLN D 822 40.37 -26.04 21.90
C GLN D 822 41.25 -27.20 21.45
N LYS D 823 41.00 -27.71 20.23
CA LYS D 823 41.71 -28.90 19.78
C LYS D 823 43.17 -28.60 19.45
N PHE D 824 43.43 -27.50 18.76
CA PHE D 824 44.78 -27.11 18.34
C PHE D 824 45.14 -25.82 19.05
N PRO D 825 45.88 -25.90 20.17
CA PRO D 825 46.06 -24.71 21.01
C PRO D 825 46.78 -23.56 20.33
N GLU D 826 47.99 -23.80 19.80
CA GLU D 826 48.81 -22.73 19.25
C GLU D 826 48.62 -22.53 17.75
N ASN D 827 47.46 -22.91 17.22
CA ASN D 827 47.08 -22.58 15.84
C ASN D 827 46.30 -21.27 15.91
N ARG D 828 46.97 -20.16 15.56
CA ARG D 828 46.42 -18.82 15.73
C ARG D 828 45.86 -18.26 14.42
N PHE D 829 45.23 -19.10 13.60
CA PHE D 829 44.76 -18.66 12.29
C PHE D 829 43.74 -17.53 12.41
N PHE D 830 42.72 -17.72 13.26
CA PHE D 830 41.65 -16.74 13.37
C PHE D 830 42.06 -15.45 14.06
N GLU D 831 43.27 -15.39 14.64
CA GLU D 831 43.72 -14.15 15.25
C GLU D 831 43.85 -13.04 14.22
N LYS D 832 44.37 -13.37 13.03
CA LYS D 832 44.58 -12.37 11.98
C LYS D 832 44.15 -12.91 10.61
N ALA D 833 42.98 -13.53 10.52
CA ALA D 833 42.48 -14.06 9.26
C ALA D 833 41.28 -13.25 8.81
N SER D 834 41.37 -12.70 7.60
CA SER D 834 40.25 -12.02 6.96
C SER D 834 39.61 -12.99 5.98
N ILE D 835 38.45 -13.54 6.35
CA ILE D 835 37.81 -14.62 5.62
C ILE D 835 36.63 -14.09 4.82
N HIS D 836 36.50 -14.57 3.59
CA HIS D 836 35.39 -14.28 2.72
C HIS D 836 34.64 -15.58 2.42
N LEU D 837 33.34 -15.57 2.65
CA LEU D 837 32.48 -16.73 2.49
C LEU D 837 31.51 -16.49 1.34
N HIS D 838 31.46 -17.43 0.40
CA HIS D 838 30.58 -17.31 -0.75
C HIS D 838 29.92 -18.64 -1.06
N CYS D 839 28.65 -18.58 -1.45
CA CYS D 839 27.95 -19.73 -1.99
C CYS D 839 27.77 -19.53 -3.48
N PRO D 840 28.34 -20.38 -4.33
CA PRO D 840 28.20 -20.20 -5.78
C PRO D 840 26.75 -20.17 -6.22
N GLU D 841 26.55 -19.79 -7.48
CA GLU D 841 25.23 -19.45 -8.02
C GLU D 841 24.63 -18.29 -7.21
N GLY D 842 25.33 -17.16 -7.24
CA GLY D 842 24.98 -16.00 -6.44
C GLY D 842 23.67 -15.34 -6.82
N ALA D 843 23.11 -15.68 -7.97
CA ALA D 843 21.81 -15.14 -8.38
C ALA D 843 20.64 -15.95 -7.85
N THR D 844 20.90 -17.08 -7.20
CA THR D 844 19.84 -17.93 -6.68
C THR D 844 19.69 -17.71 -5.18
N PRO D 845 18.55 -17.21 -4.72
CA PRO D 845 18.38 -17.00 -3.27
C PRO D 845 18.47 -18.31 -2.50
N LYS D 846 19.07 -18.23 -1.31
CA LYS D 846 19.20 -19.37 -0.42
C LYS D 846 18.71 -18.99 0.97
N ASP D 847 18.40 -20.01 1.77
CA ASP D 847 17.93 -19.82 3.13
C ASP D 847 17.95 -21.16 3.84
N GLY D 848 17.73 -21.12 5.15
CA GLY D 848 17.68 -22.31 5.96
C GLY D 848 18.97 -22.58 6.70
N PRO D 849 18.88 -23.17 7.89
CA PRO D 849 20.06 -23.51 8.68
C PRO D 849 20.69 -24.85 8.34
N SER D 850 20.22 -25.52 7.29
CA SER D 850 20.70 -26.86 6.98
C SER D 850 22.18 -26.89 6.61
N ALA D 851 22.77 -25.74 6.30
CA ALA D 851 24.18 -25.65 5.98
C ALA D 851 25.04 -25.26 7.17
N GLY D 852 24.47 -25.28 8.38
CA GLY D 852 25.21 -24.83 9.54
C GLY D 852 26.50 -25.60 9.75
N VAL D 853 26.44 -26.93 9.64
CA VAL D 853 27.66 -27.73 9.71
C VAL D 853 28.52 -27.50 8.47
N THR D 854 27.88 -27.32 7.31
CA THR D 854 28.60 -27.18 6.05
C THR D 854 29.57 -26.01 6.11
N MET D 855 29.15 -24.90 6.72
CA MET D 855 30.06 -23.77 6.89
C MET D 855 31.12 -24.07 7.94
N ALA D 856 30.74 -24.78 9.01
CA ALA D 856 31.69 -25.07 10.08
C ALA D 856 32.85 -25.92 9.58
N THR D 857 32.55 -26.86 8.68
CA THR D 857 33.61 -27.64 8.06
C THR D 857 34.47 -26.79 7.13
N SER D 858 33.87 -25.75 6.52
CA SER D 858 34.60 -24.92 5.57
C SER D 858 35.75 -24.18 6.25
N PHE D 859 35.43 -23.32 7.22
CA PHE D 859 36.44 -22.52 7.90
C PHE D 859 37.54 -23.41 8.47
N LEU D 860 37.16 -24.45 9.20
CA LEU D 860 38.13 -25.39 9.74
C LEU D 860 39.05 -25.91 8.64
N SER D 861 38.47 -26.33 7.51
CA SER D 861 39.28 -26.75 6.38
C SER D 861 40.19 -25.62 5.92
N LEU D 862 39.62 -24.42 5.73
CA LEU D 862 40.44 -23.27 5.35
C LEU D 862 41.51 -22.99 6.40
N ALA D 863 41.23 -23.33 7.67
CA ALA D 863 42.17 -23.12 8.75
C ALA D 863 43.11 -24.29 8.96
N LEU D 864 42.95 -25.39 8.22
CA LEU D 864 43.86 -26.52 8.31
C LEU D 864 44.54 -26.83 6.98
N ASN D 865 44.26 -26.06 5.93
CA ASN D 865 44.88 -26.25 4.62
C ASN D 865 44.67 -27.68 4.12
N LYS D 866 43.46 -28.19 4.28
CA LYS D 866 43.13 -29.58 3.97
C LYS D 866 41.86 -29.63 3.13
N SER D 867 41.77 -30.66 2.29
CA SER D 867 40.60 -30.91 1.48
C SER D 867 39.61 -31.81 2.23
N ILE D 868 38.40 -31.90 1.69
CA ILE D 868 37.29 -32.56 2.38
C ILE D 868 36.76 -33.73 1.55
N ASP D 869 37.65 -34.40 0.81
CA ASP D 869 37.29 -35.61 0.08
C ASP D 869 36.10 -35.36 -0.84
N PRO D 870 36.31 -34.70 -1.99
CA PRO D 870 35.20 -34.14 -2.80
C PRO D 870 34.02 -35.06 -3.04
N THR D 871 34.17 -36.37 -2.79
CA THR D 871 33.06 -37.30 -2.90
C THR D 871 32.20 -37.34 -1.64
N VAL D 872 32.25 -36.29 -0.81
CA VAL D 872 31.51 -36.24 0.45
C VAL D 872 30.61 -35.01 0.43
N ALA D 873 29.34 -35.21 0.76
CA ALA D 873 28.37 -34.13 0.89
C ALA D 873 27.76 -34.18 2.30
N MET D 874 27.56 -33.01 2.90
CA MET D 874 27.12 -32.94 4.28
C MET D 874 25.95 -31.97 4.41
N THR D 875 25.21 -32.15 5.51
CA THR D 875 24.08 -31.28 5.84
C THR D 875 23.79 -31.41 7.32
N GLY D 876 23.09 -30.43 7.86
CA GLY D 876 22.69 -30.42 9.25
C GLY D 876 22.76 -29.04 9.86
N GLU D 877 22.07 -28.88 10.99
CA GLU D 877 22.04 -27.63 11.73
C GLU D 877 23.04 -27.69 12.88
N LEU D 878 23.77 -26.61 13.08
CA LEU D 878 24.82 -26.53 14.09
C LEU D 878 24.42 -25.55 15.18
N THR D 879 24.79 -25.88 16.42
CA THR D 879 24.62 -25.01 17.57
C THR D 879 25.98 -24.61 18.11
N LEU D 880 25.97 -23.66 19.04
CA LEU D 880 27.22 -23.13 19.58
C LEU D 880 28.01 -24.15 20.36
N THR D 881 27.36 -25.19 20.88
CA THR D 881 28.03 -26.23 21.66
C THR D 881 28.48 -27.42 20.81
N GLY D 882 28.23 -27.39 19.51
CA GLY D 882 28.60 -28.47 18.63
C GLY D 882 27.51 -29.48 18.34
N LYS D 883 26.37 -29.38 19.02
CA LYS D 883 25.28 -30.31 18.79
C LYS D 883 24.70 -30.12 17.39
N VAL D 884 24.32 -31.23 16.76
CA VAL D 884 23.75 -31.22 15.41
C VAL D 884 22.27 -31.55 15.55
N LEU D 885 21.42 -30.68 15.00
CA LEU D 885 19.98 -30.80 15.14
C LEU D 885 19.32 -31.32 13.87
N ARG D 886 18.03 -31.57 13.96
CA ARG D 886 17.25 -32.12 12.85
C ARG D 886 17.16 -31.13 11.70
N ILE D 887 16.94 -31.66 10.50
CA ILE D 887 16.77 -30.86 9.30
C ILE D 887 15.46 -31.26 8.62
N GLY D 888 14.77 -30.28 8.04
CA GLY D 888 13.50 -30.48 7.41
C GLY D 888 13.56 -31.01 5.99
N GLY D 889 13.80 -32.30 5.83
CA GLY D 889 13.83 -32.90 4.50
C GLY D 889 15.17 -33.52 4.13
N LEU D 890 15.21 -34.85 4.05
CA LEU D 890 16.43 -35.58 3.78
C LEU D 890 16.42 -36.34 2.47
N ARG D 891 15.27 -36.89 2.06
CA ARG D 891 15.22 -37.73 0.87
C ARG D 891 15.61 -36.95 -0.38
N GLU D 892 15.09 -35.73 -0.52
CA GLU D 892 15.49 -34.89 -1.65
C GLU D 892 16.97 -34.56 -1.58
N LYS D 893 17.48 -34.29 -0.38
CA LYS D 893 18.91 -34.01 -0.21
C LYS D 893 19.75 -35.23 -0.60
N ALA D 894 19.31 -36.42 -0.20
CA ALA D 894 20.04 -37.64 -0.56
C ALA D 894 20.01 -37.87 -2.07
N VAL D 895 18.86 -37.62 -2.71
CA VAL D 895 18.77 -37.77 -4.15
C VAL D 895 19.70 -36.79 -4.85
N ALA D 896 19.74 -35.54 -4.38
CA ALA D 896 20.64 -34.55 -4.97
C ALA D 896 22.10 -34.95 -4.78
N ALA D 897 22.44 -35.48 -3.60
CA ALA D 897 23.82 -35.93 -3.36
C ALA D 897 24.18 -37.09 -4.29
N LYS D 898 23.27 -38.03 -4.49
CA LYS D 898 23.53 -39.14 -5.40
C LYS D 898 23.69 -38.66 -6.83
N ARG D 899 22.87 -37.69 -7.24
CA ARG D 899 22.92 -37.19 -8.61
C ARG D 899 24.25 -36.51 -8.91
N SER D 900 24.78 -35.77 -7.95
CA SER D 900 25.97 -34.95 -8.18
C SER D 900 27.27 -35.72 -7.99
N GLY D 901 27.22 -37.02 -7.72
CA GLY D 901 28.41 -37.83 -7.63
C GLY D 901 28.97 -38.05 -6.25
N ALA D 902 28.23 -37.69 -5.20
CA ALA D 902 28.69 -37.90 -3.84
C ALA D 902 28.47 -39.35 -3.43
N LYS D 903 29.47 -39.93 -2.74
CA LYS D 903 29.38 -41.30 -2.25
C LYS D 903 29.17 -41.39 -0.75
N THR D 904 29.59 -40.38 0.02
CA THR D 904 29.39 -40.34 1.45
C THR D 904 28.53 -39.14 1.80
N ILE D 905 27.47 -39.39 2.58
CA ILE D 905 26.53 -38.35 2.97
C ILE D 905 26.53 -38.25 4.49
N ILE D 906 26.65 -37.02 5.00
CA ILE D 906 26.65 -36.76 6.44
C ILE D 906 25.35 -36.05 6.78
N PHE D 907 24.55 -36.67 7.62
CA PHE D 907 23.26 -36.14 8.04
C PHE D 907 23.13 -36.26 9.55
N PRO D 908 22.30 -35.42 10.18
CA PRO D 908 22.15 -35.49 11.64
C PRO D 908 21.55 -36.81 12.09
N LYS D 909 21.92 -37.22 13.31
CA LYS D 909 21.42 -38.47 13.85
C LYS D 909 19.91 -38.47 14.00
N ASP D 910 19.31 -37.29 14.23
CA ASP D 910 17.87 -37.20 14.36
C ASP D 910 17.15 -37.65 13.09
N ASN D 911 17.80 -37.50 11.95
CA ASN D 911 17.24 -37.91 10.67
C ASN D 911 17.53 -39.38 10.35
N LEU D 912 18.14 -40.11 11.27
CA LEU D 912 18.47 -41.51 11.02
C LEU D 912 17.21 -42.31 10.69
N ASN D 913 16.14 -42.09 11.45
CA ASN D 913 14.86 -42.73 11.12
C ASN D 913 14.40 -42.32 9.73
N ASP D 914 14.54 -41.03 9.39
CA ASP D 914 14.21 -40.58 8.05
C ASP D 914 15.09 -41.26 7.01
N TRP D 915 16.30 -41.67 7.40
CA TRP D 915 17.16 -42.42 6.50
C TRP D 915 16.71 -43.86 6.36
N GLU D 916 16.08 -44.42 7.40
CA GLU D 916 15.68 -45.82 7.35
C GLU D 916 14.46 -46.03 6.47
N GLU D 917 13.60 -45.02 6.35
CA GLU D 917 12.39 -45.13 5.53
C GLU D 917 12.64 -44.86 4.05
N LEU D 918 13.88 -44.53 3.67
CA LEU D 918 14.18 -44.27 2.28
C LEU D 918 14.10 -45.56 1.46
N PRO D 919 13.75 -45.47 0.18
CA PRO D 919 13.75 -46.66 -0.67
C PRO D 919 15.15 -47.19 -0.86
N ASP D 920 15.23 -48.49 -1.17
CA ASP D 920 16.52 -49.15 -1.30
C ASP D 920 17.34 -48.59 -2.45
N ASN D 921 16.70 -48.00 -3.45
CA ASN D 921 17.44 -47.42 -4.56
C ASN D 921 18.09 -46.09 -4.18
N VAL D 922 17.44 -45.31 -3.32
CA VAL D 922 18.03 -44.06 -2.86
C VAL D 922 19.24 -44.33 -1.97
N LYS D 923 19.10 -45.27 -1.03
CA LYS D 923 20.19 -45.55 -0.09
C LYS D 923 21.37 -46.23 -0.78
N GLU D 924 21.12 -46.95 -1.87
CA GLU D 924 22.19 -47.66 -2.55
C GLU D 924 23.17 -46.67 -3.17
N GLY D 925 24.47 -46.97 -3.04
CA GLY D 925 25.51 -46.12 -3.56
C GLY D 925 25.90 -44.96 -2.68
N LEU D 926 25.26 -44.80 -1.52
CA LEU D 926 25.55 -43.72 -0.59
C LEU D 926 25.96 -44.32 0.76
N GLU D 927 27.04 -43.78 1.33
CA GLU D 927 27.54 -44.28 2.61
C GLU D 927 26.98 -43.42 3.74
N PRO D 928 26.14 -43.97 4.61
CA PRO D 928 25.55 -43.15 5.67
C PRO D 928 26.57 -42.79 6.74
N LEU D 929 26.29 -41.66 7.41
CA LEU D 929 27.03 -41.28 8.61
C LEU D 929 26.14 -40.36 9.43
N ALA D 930 25.58 -40.89 10.53
CA ALA D 930 24.74 -40.11 11.41
C ALA D 930 25.59 -39.51 12.52
N ALA D 931 25.69 -38.18 12.54
CA ALA D 931 26.54 -37.46 13.49
C ALA D 931 25.66 -36.84 14.57
N ASP D 932 25.97 -37.16 15.83
CA ASP D 932 25.28 -36.54 16.95
C ASP D 932 25.93 -35.20 17.30
N TRP D 933 27.23 -35.21 17.55
CA TRP D 933 28.02 -34.00 17.77
C TRP D 933 28.92 -33.76 16.57
N TYR D 934 29.49 -32.56 16.51
CA TYR D 934 30.40 -32.24 15.41
C TYR D 934 31.72 -33.01 15.51
N ASN D 935 32.04 -33.54 16.69
CA ASN D 935 33.26 -34.33 16.83
C ASN D 935 33.25 -35.53 15.89
N ASP D 936 32.08 -36.13 15.65
CA ASP D 936 32.00 -37.25 14.73
C ASP D 936 32.36 -36.80 13.31
N ILE D 937 31.86 -35.64 12.89
CA ILE D 937 32.19 -35.12 11.56
C ILE D 937 33.67 -34.83 11.45
N PHE D 938 34.25 -34.20 12.48
CA PHE D 938 35.67 -33.86 12.46
C PHE D 938 36.53 -35.13 12.40
N GLN D 939 36.14 -36.16 13.16
CA GLN D 939 36.89 -37.42 13.12
C GLN D 939 36.75 -38.10 11.78
N LYS D 940 35.56 -38.05 11.17
CA LYS D 940 35.37 -38.67 9.87
C LYS D 940 36.20 -37.98 8.79
N LEU D 941 36.25 -36.65 8.80
CA LEU D 941 36.91 -35.92 7.73
C LEU D 941 38.39 -35.68 8.02
N PHE D 942 38.70 -35.01 9.14
CA PHE D 942 40.08 -34.66 9.48
C PHE D 942 40.69 -35.82 10.27
N LYS D 943 41.17 -36.81 9.55
CA LYS D 943 41.73 -38.02 10.15
C LYS D 943 43.25 -37.93 10.32
N ASP D 944 43.97 -37.64 9.23
CA ASP D 944 45.42 -37.66 9.26
C ASP D 944 46.02 -36.52 10.09
N VAL D 945 45.22 -35.55 10.52
CA VAL D 945 45.72 -34.50 11.39
C VAL D 945 46.18 -35.13 12.70
N ASN D 946 47.44 -34.92 13.05
CA ASN D 946 48.09 -35.62 14.16
C ASN D 946 48.21 -34.76 15.41
N THR D 947 47.44 -33.66 15.49
CA THR D 947 47.45 -32.67 16.56
C THR D 947 48.76 -31.86 16.53
N LYS D 948 49.72 -32.25 15.69
CA LYS D 948 50.92 -31.47 15.44
C LYS D 948 51.14 -31.13 13.98
N GLU D 949 50.60 -31.93 13.05
CA GLU D 949 50.61 -31.58 11.64
C GLU D 949 49.60 -30.48 11.32
N GLY D 950 48.40 -30.56 11.87
CA GLY D 950 47.40 -29.54 11.68
C GLY D 950 47.58 -28.40 12.66
N ASN D 951 48.58 -28.54 13.53
CA ASN D 951 48.99 -27.47 14.44
C ASN D 951 50.26 -26.84 13.90
N SER D 952 50.40 -25.53 14.12
CA SER D 952 51.54 -24.76 13.63
C SER D 952 51.64 -24.83 12.11
N VAL D 953 50.50 -24.92 11.43
CA VAL D 953 50.49 -24.92 9.96
C VAL D 953 51.03 -23.60 9.43
N TRP D 954 50.49 -22.49 9.94
CA TRP D 954 50.98 -21.16 9.58
C TRP D 954 52.04 -20.66 10.55
N LYS D 955 53.04 -21.51 10.82
CA LYS D 955 54.16 -21.08 11.65
C LYS D 955 55.08 -20.14 10.88
N ALA D 956 55.36 -20.46 9.61
CA ALA D 956 56.18 -19.59 8.79
C ALA D 956 55.44 -18.28 8.49
N GLU D 957 54.15 -18.38 8.14
CA GLU D 957 53.37 -17.21 7.76
C GLU D 957 53.15 -16.24 8.91
N PHE D 958 53.37 -16.67 10.15
CA PHE D 958 53.21 -15.81 11.32
C PHE D 958 54.53 -15.29 11.86
N GLU D 959 55.59 -16.10 11.80
CA GLU D 959 56.86 -15.67 12.36
C GLU D 959 57.56 -14.64 11.47
N ILE D 960 57.54 -14.86 10.16
CA ILE D 960 58.34 -14.01 9.28
C ILE D 960 57.77 -12.60 9.20
N LEU D 961 56.45 -12.46 9.19
CA LEU D 961 55.81 -11.16 8.99
C LEU D 961 54.94 -10.73 10.16
N ASP D 962 54.02 -11.60 10.62
CA ASP D 962 53.08 -11.20 11.65
C ASP D 962 53.72 -11.15 13.03
N ALA D 963 54.90 -11.72 13.20
CA ALA D 963 55.61 -11.74 14.48
C ALA D 963 54.75 -12.32 15.60
N THR E 364 -53.47 -16.46 -0.92
CA THR E 364 -52.07 -16.81 -1.15
C THR E 364 -51.20 -16.34 0.01
N TYR E 365 -51.24 -15.04 0.28
CA TYR E 365 -50.47 -14.46 1.38
C TYR E 365 -51.28 -14.32 2.66
N LYS E 366 -52.57 -14.64 2.64
CA LYS E 366 -53.44 -14.36 3.78
C LYS E 366 -53.22 -15.35 4.92
N GLU E 367 -53.01 -16.63 4.61
CA GLU E 367 -52.93 -17.65 5.65
C GLU E 367 -51.73 -17.43 6.56
N ARG E 368 -50.56 -17.14 5.97
CA ARG E 368 -49.37 -16.91 6.79
C ARG E 368 -49.56 -15.71 7.70
N ILE E 369 -49.85 -14.55 7.12
CA ILE E 369 -50.00 -13.33 7.90
C ILE E 369 -51.10 -13.49 8.95
N LYS E 370 -52.09 -14.36 8.70
CA LYS E 370 -53.05 -14.70 9.73
C LYS E 370 -52.39 -15.51 10.85
N SER E 371 -51.50 -16.44 10.50
CA SER E 371 -50.99 -17.42 11.46
C SER E 371 -49.71 -16.99 12.17
N LEU E 372 -49.11 -15.86 11.79
CA LEU E 372 -47.84 -15.44 12.40
C LEU E 372 -47.94 -14.26 13.36
N LYS E 373 -49.09 -13.57 13.43
CA LYS E 373 -49.31 -12.51 14.43
C LYS E 373 -48.25 -11.41 14.32
N LEU E 374 -48.29 -10.72 13.19
CA LEU E 374 -47.30 -9.70 12.88
C LEU E 374 -47.58 -8.42 13.67
N PRO E 375 -46.55 -7.61 13.96
CA PRO E 375 -46.76 -6.34 14.66
C PRO E 375 -47.64 -5.38 13.87
N ASP E 376 -47.96 -4.26 14.53
CA ASP E 376 -48.93 -3.31 13.97
C ASP E 376 -48.36 -2.55 12.77
N SER E 377 -47.12 -2.06 12.89
CA SER E 377 -46.55 -1.24 11.82
C SER E 377 -46.40 -2.05 10.53
N VAL E 378 -45.87 -3.27 10.63
CA VAL E 378 -45.77 -4.12 9.46
C VAL E 378 -47.15 -4.52 8.96
N GLN E 379 -48.14 -4.61 9.85
CA GLN E 379 -49.51 -4.88 9.40
C GLN E 379 -50.02 -3.75 8.52
N LYS E 380 -49.79 -2.50 8.94
CA LYS E 380 -50.22 -1.36 8.13
C LYS E 380 -49.45 -1.33 6.80
N ILE E 381 -48.15 -1.63 6.83
CA ILE E 381 -47.37 -1.66 5.60
C ILE E 381 -47.92 -2.72 4.65
N PHE E 382 -48.24 -3.91 5.17
CA PHE E 382 -48.79 -4.96 4.34
C PHE E 382 -50.15 -4.57 3.76
N ASP E 383 -50.99 -3.93 4.57
CA ASP E 383 -52.30 -3.49 4.08
C ASP E 383 -52.14 -2.47 2.95
N ASP E 384 -51.22 -1.51 3.13
CA ASP E 384 -50.96 -0.54 2.06
C ASP E 384 -50.40 -1.24 0.82
N GLU E 385 -49.58 -2.26 1.02
CA GLU E 385 -49.00 -2.98 -0.12
C GLU E 385 -50.06 -3.71 -0.91
N ILE E 386 -50.98 -4.39 -0.23
CA ILE E 386 -52.04 -5.08 -0.97
C ILE E 386 -53.01 -4.09 -1.60
N THR E 387 -53.23 -2.94 -0.95
CA THR E 387 -54.03 -1.90 -1.58
C THR E 387 -53.37 -1.42 -2.87
N LYS E 388 -52.05 -1.26 -2.86
CA LYS E 388 -51.31 -0.92 -4.08
C LYS E 388 -51.42 -2.02 -5.13
N LEU E 389 -51.30 -3.28 -4.70
CA LEU E 389 -51.34 -4.40 -5.65
C LEU E 389 -52.72 -4.56 -6.28
N SER E 390 -53.79 -4.20 -5.54
CA SER E 390 -55.13 -4.31 -6.11
C SER E 390 -55.30 -3.42 -7.33
N THR E 391 -54.59 -2.29 -7.40
CA THR E 391 -54.61 -1.42 -8.55
C THR E 391 -53.50 -1.73 -9.55
N LEU E 392 -52.70 -2.76 -9.30
CA LEU E 392 -51.60 -3.14 -10.17
C LEU E 392 -51.97 -4.36 -11.01
N GLU E 393 -51.27 -4.51 -12.13
CA GLU E 393 -51.49 -5.64 -13.03
C GLU E 393 -50.15 -6.24 -13.43
N THR E 394 -50.19 -7.48 -13.91
CA THR E 394 -49.00 -8.24 -14.25
C THR E 394 -48.25 -7.66 -15.46
N SER E 395 -48.84 -6.71 -16.17
CA SER E 395 -48.28 -6.25 -17.44
C SER E 395 -46.89 -5.65 -17.26
N MET E 396 -46.69 -4.84 -16.22
CA MET E 396 -45.41 -4.19 -15.98
C MET E 396 -44.68 -4.86 -14.82
N SER E 397 -43.42 -4.46 -14.63
CA SER E 397 -42.57 -5.05 -13.61
C SER E 397 -42.87 -4.53 -12.21
N GLU E 398 -43.70 -3.50 -12.09
CA GLU E 398 -44.10 -3.01 -10.77
C GLU E 398 -44.81 -4.10 -9.98
N PHE E 399 -45.70 -4.84 -10.64
CA PHE E 399 -46.36 -5.97 -9.97
C PHE E 399 -45.35 -7.02 -9.54
N GLY E 400 -44.34 -7.29 -10.37
CA GLY E 400 -43.34 -8.28 -10.00
C GLY E 400 -42.53 -7.87 -8.79
N VAL E 401 -42.06 -6.62 -8.76
CA VAL E 401 -41.26 -6.17 -7.63
C VAL E 401 -42.13 -6.10 -6.37
N ILE E 402 -43.40 -5.71 -6.51
CA ILE E 402 -44.29 -5.69 -5.36
C ILE E 402 -44.53 -7.09 -4.82
N ARG E 403 -44.73 -8.07 -5.72
CA ARG E 403 -44.93 -9.44 -5.29
C ARG E 403 -43.70 -9.98 -4.58
N ASN E 404 -42.50 -9.67 -5.10
CA ASN E 404 -41.28 -10.09 -4.41
C ASN E 404 -41.15 -9.44 -3.04
N TYR E 405 -41.49 -8.15 -2.94
CA TYR E 405 -41.43 -7.45 -1.67
C TYR E 405 -42.38 -8.09 -0.65
N LEU E 406 -43.61 -8.40 -1.08
CA LEU E 406 -44.56 -9.04 -0.18
C LEU E 406 -44.12 -10.45 0.20
N ASP E 407 -43.53 -11.19 -0.73
CA ASP E 407 -43.02 -12.53 -0.40
C ASP E 407 -41.94 -12.44 0.67
N TRP E 408 -41.01 -11.50 0.51
CA TRP E 408 -39.97 -11.31 1.51
C TRP E 408 -40.55 -10.88 2.85
N LEU E 409 -41.54 -9.98 2.82
CA LEU E 409 -42.16 -9.53 4.07
C LEU E 409 -42.87 -10.66 4.78
N THR E 410 -43.57 -11.52 4.04
CA THR E 410 -44.30 -12.63 4.63
C THR E 410 -43.39 -13.76 5.08
N SER E 411 -42.20 -13.89 4.48
CA SER E 411 -41.32 -15.01 4.82
C SER E 411 -40.85 -14.96 6.27
N ILE E 412 -40.70 -13.76 6.84
CA ILE E 412 -40.13 -13.63 8.18
C ILE E 412 -41.12 -14.18 9.21
N PRO E 413 -40.67 -15.01 10.15
CA PRO E 413 -41.52 -15.47 11.28
C PRO E 413 -41.68 -14.39 12.33
N TRP E 414 -42.65 -13.51 12.10
CA TRP E 414 -42.74 -12.27 12.88
C TRP E 414 -43.06 -12.55 14.35
N GLY E 415 -43.97 -13.48 14.62
CA GLY E 415 -44.42 -13.66 15.98
C GLY E 415 -44.46 -15.09 16.50
N LYS E 416 -43.65 -15.97 15.94
CA LYS E 416 -43.57 -17.34 16.38
C LYS E 416 -42.17 -17.64 16.91
N HIS E 417 -42.12 -18.25 18.09
CA HIS E 417 -40.87 -18.65 18.73
C HIS E 417 -40.87 -20.18 18.90
N SER E 418 -39.83 -20.68 19.56
CA SER E 418 -39.68 -22.10 19.83
C SER E 418 -40.03 -22.39 21.28
N LYS E 419 -40.01 -23.68 21.63
CA LYS E 419 -40.28 -24.11 22.99
C LYS E 419 -38.98 -24.06 23.79
N GLU E 420 -38.89 -23.10 24.71
CA GLU E 420 -37.65 -22.90 25.46
C GLU E 420 -37.39 -24.09 26.38
N GLN E 421 -36.11 -24.43 26.52
CA GLN E 421 -35.73 -25.56 27.36
C GLN E 421 -36.03 -25.27 28.82
N TYR E 422 -36.58 -26.27 29.51
CA TYR E 422 -36.97 -26.13 30.90
C TYR E 422 -36.33 -27.14 31.84
N SER E 423 -35.72 -28.20 31.32
CA SER E 423 -35.13 -29.25 32.15
C SER E 423 -33.61 -29.12 32.14
N ILE E 424 -33.05 -28.82 33.30
CA ILE E 424 -31.58 -28.75 33.42
C ILE E 424 -30.92 -30.10 33.14
N PRO E 425 -31.35 -31.23 33.73
CA PRO E 425 -30.59 -32.47 33.52
C PRO E 425 -30.59 -32.97 32.09
N ARG E 426 -31.73 -32.92 31.38
CA ARG E 426 -31.75 -33.41 30.02
C ARG E 426 -30.94 -32.51 29.10
N ALA E 427 -30.96 -31.20 29.34
CA ALA E 427 -30.10 -30.29 28.56
C ALA E 427 -28.63 -30.57 28.83
N LYS E 428 -28.27 -30.83 30.09
CA LYS E 428 -26.89 -31.16 30.41
C LYS E 428 -26.45 -32.45 29.72
N LYS E 429 -27.32 -33.46 29.72
CA LYS E 429 -26.98 -34.72 29.05
C LYS E 429 -26.90 -34.55 27.54
N ILE E 430 -27.74 -33.69 26.96
CA ILE E 430 -27.63 -33.40 25.53
C ILE E 430 -26.30 -32.72 25.23
N LEU E 431 -25.89 -31.79 26.09
CA LEU E 431 -24.62 -31.10 25.88
C LEU E 431 -23.44 -32.06 26.01
N ASP E 432 -23.49 -32.95 27.00
CA ASP E 432 -22.34 -33.79 27.34
C ASP E 432 -22.17 -35.00 26.42
N GLU E 433 -23.14 -35.31 25.57
CA GLU E 433 -23.03 -36.51 24.75
C GLU E 433 -22.18 -36.29 23.50
N ASP E 434 -21.76 -35.06 23.23
CA ASP E 434 -20.98 -34.76 22.02
C ASP E 434 -19.66 -34.06 22.28
N HIS E 435 -19.45 -33.47 23.47
CA HIS E 435 -18.18 -32.83 23.79
C HIS E 435 -17.83 -33.15 25.23
N TYR E 436 -16.54 -33.14 25.53
CA TYR E 436 -16.03 -33.61 26.81
C TYR E 436 -15.68 -32.49 27.79
N GLY E 437 -14.79 -31.58 27.39
CA GLY E 437 -14.12 -30.73 28.36
C GLY E 437 -14.59 -29.30 28.48
N MET E 438 -15.53 -28.86 27.64
CA MET E 438 -16.00 -27.48 27.68
C MET E 438 -16.94 -27.28 28.87
N VAL E 439 -16.33 -27.25 30.05
CA VAL E 439 -17.10 -27.02 31.27
C VAL E 439 -17.62 -25.58 31.31
N ASP E 440 -16.86 -24.62 30.79
CA ASP E 440 -17.29 -23.22 30.81
C ASP E 440 -18.52 -23.01 29.94
N VAL E 441 -18.50 -23.55 28.72
CA VAL E 441 -19.63 -23.37 27.81
C VAL E 441 -20.88 -24.08 28.35
N LYS E 442 -20.71 -25.29 28.88
CA LYS E 442 -21.84 -26.01 29.46
C LYS E 442 -22.41 -25.27 30.66
N ASP E 443 -21.54 -24.72 31.50
CA ASP E 443 -22.01 -23.95 32.65
C ASP E 443 -22.75 -22.69 32.20
N ARG E 444 -22.25 -22.03 31.15
CA ARG E 444 -22.93 -20.85 30.63
C ARG E 444 -24.31 -21.20 30.09
N ILE E 445 -24.42 -22.32 29.39
CA ILE E 445 -25.72 -22.73 28.86
C ILE E 445 -26.67 -23.09 29.99
N LEU E 446 -26.17 -23.77 31.03
CA LEU E 446 -27.00 -24.10 32.18
C LEU E 446 -27.48 -22.85 32.89
N GLU E 447 -26.60 -21.85 33.05
CA GLU E 447 -27.01 -20.59 33.64
C GLU E 447 -28.06 -19.88 32.79
N PHE E 448 -27.89 -19.92 31.47
CA PHE E 448 -28.88 -19.34 30.56
C PHE E 448 -30.25 -19.99 30.76
N ILE E 449 -30.27 -21.33 30.83
CA ILE E 449 -31.53 -22.04 31.03
C ILE E 449 -32.13 -21.68 32.38
N ALA E 450 -31.30 -21.61 33.43
CA ALA E 450 -31.79 -21.27 34.76
C ALA E 450 -32.40 -19.88 34.79
N VAL E 451 -31.74 -18.92 34.14
CA VAL E 451 -32.28 -17.55 34.08
C VAL E 451 -33.59 -17.53 33.31
N GLY E 452 -33.65 -18.23 32.18
CA GLY E 452 -34.87 -18.29 31.41
C GLY E 452 -36.02 -18.95 32.14
N LYS E 453 -35.73 -19.87 33.05
CA LYS E 453 -36.80 -20.55 33.79
C LYS E 453 -37.48 -19.62 34.78
N LEU E 454 -36.74 -18.73 35.44
CA LEU E 454 -37.29 -17.88 36.47
C LEU E 454 -38.10 -16.70 35.94
N LEU E 455 -38.00 -16.39 34.66
CA LEU E 455 -38.74 -15.27 34.07
C LEU E 455 -39.93 -15.71 33.23
N GLY E 456 -39.84 -16.86 32.57
CA GLY E 456 -40.83 -17.28 31.62
C GLY E 456 -40.58 -16.78 30.21
N LYS E 457 -39.71 -15.79 30.06
CA LYS E 457 -39.29 -15.27 28.77
C LYS E 457 -37.79 -15.55 28.59
N VAL E 458 -37.28 -15.19 27.42
CA VAL E 458 -35.87 -15.37 27.11
C VAL E 458 -35.32 -14.10 26.48
N ASP E 459 -34.01 -13.90 26.63
CA ASP E 459 -33.31 -12.77 26.03
C ASP E 459 -32.14 -13.30 25.22
N GLY E 460 -31.92 -12.70 24.06
CA GLY E 460 -30.85 -13.15 23.19
C GLY E 460 -29.52 -12.49 23.52
N LYS E 461 -28.69 -13.19 24.28
CA LYS E 461 -27.38 -12.67 24.65
C LYS E 461 -26.37 -12.93 23.53
N ILE E 462 -25.33 -12.10 23.50
CA ILE E 462 -24.26 -12.21 22.51
C ILE E 462 -23.03 -12.79 23.18
N ILE E 463 -22.51 -13.86 22.60
CA ILE E 463 -21.40 -14.61 23.21
C ILE E 463 -20.38 -14.97 22.15
N CYS E 464 -19.10 -14.84 22.47
CA CYS E 464 -18.01 -15.15 21.56
C CYS E 464 -17.12 -16.23 22.14
N PHE E 465 -16.58 -17.07 21.26
CA PHE E 465 -15.67 -18.14 21.63
C PHE E 465 -14.30 -17.86 21.03
N VAL E 466 -13.26 -17.92 21.85
CA VAL E 466 -11.88 -17.70 21.41
C VAL E 466 -11.01 -18.84 21.89
N GLY E 467 -10.15 -19.33 21.01
CA GLY E 467 -9.25 -20.40 21.33
C GLY E 467 -8.45 -20.89 20.12
N PRO E 468 -7.50 -21.78 20.36
CA PRO E 468 -6.71 -22.34 19.25
C PRO E 468 -7.58 -23.22 18.37
N PRO E 469 -7.20 -23.39 17.10
CA PRO E 469 -8.03 -24.21 16.20
C PRO E 469 -8.13 -25.65 16.67
N GLY E 470 -9.30 -26.24 16.42
CA GLY E 470 -9.55 -27.63 16.74
C GLY E 470 -10.15 -27.88 18.10
N VAL E 471 -10.28 -26.86 18.95
CA VAL E 471 -10.84 -27.08 20.28
C VAL E 471 -12.32 -27.42 20.23
N GLY E 472 -13.01 -27.09 19.14
CA GLY E 472 -14.41 -27.39 19.00
C GLY E 472 -15.34 -26.20 19.09
N LYS E 473 -14.90 -25.03 18.64
CA LYS E 473 -15.75 -23.84 18.72
C LYS E 473 -16.96 -23.94 17.79
N THR E 474 -16.76 -24.42 16.56
CA THR E 474 -17.87 -24.48 15.60
C THR E 474 -18.82 -25.62 15.89
N SER E 475 -18.29 -26.78 16.31
CA SER E 475 -19.14 -27.96 16.49
C SER E 475 -20.08 -27.81 17.68
N ILE E 476 -19.66 -27.10 18.73
CA ILE E 476 -20.48 -26.98 19.92
C ILE E 476 -21.76 -26.19 19.67
N GLY E 477 -21.80 -25.41 18.58
CA GLY E 477 -22.98 -24.61 18.31
C GLY E 477 -24.23 -25.46 18.06
N LYS E 478 -24.08 -26.53 17.28
CA LYS E 478 -25.21 -27.41 17.02
C LYS E 478 -25.71 -28.07 18.29
N SER E 479 -24.79 -28.51 19.15
CA SER E 479 -25.19 -29.12 20.42
C SER E 479 -25.90 -28.12 21.31
N ILE E 480 -25.42 -26.87 21.34
CA ILE E 480 -26.06 -25.83 22.15
C ILE E 480 -27.47 -25.56 21.63
N ALA E 481 -27.61 -25.46 20.31
CA ALA E 481 -28.92 -25.20 19.72
C ALA E 481 -29.88 -26.35 19.99
N ARG E 482 -29.40 -27.58 19.92
CA ARG E 482 -30.25 -28.72 20.22
C ARG E 482 -30.67 -28.74 21.69
N ALA E 483 -29.73 -28.43 22.60
CA ALA E 483 -30.05 -28.40 24.02
C ALA E 483 -31.07 -27.31 24.34
N LEU E 484 -30.94 -26.15 23.69
CA LEU E 484 -31.86 -25.04 23.90
C LEU E 484 -33.13 -25.14 23.06
N ASN E 485 -33.26 -26.19 22.24
CA ASN E 485 -34.43 -26.38 21.38
C ASN E 485 -34.61 -25.19 20.43
N ARG E 486 -33.50 -24.66 19.93
CA ARG E 486 -33.51 -23.54 19.00
C ARG E 486 -32.97 -24.00 17.65
N LYS E 487 -33.61 -23.55 16.58
CA LYS E 487 -33.12 -23.88 15.25
C LYS E 487 -31.78 -23.25 14.99
N PHE E 488 -30.87 -24.00 14.37
CA PHE E 488 -29.48 -23.60 14.23
C PHE E 488 -29.22 -23.15 12.79
N PHE E 489 -28.59 -21.98 12.66
CA PHE E 489 -28.08 -21.49 11.39
C PHE E 489 -26.67 -21.00 11.57
N ARG E 490 -25.77 -21.42 10.67
CA ARG E 490 -24.37 -21.05 10.73
C ARG E 490 -24.06 -20.11 9.57
N PHE E 491 -23.52 -18.94 9.90
CA PHE E 491 -23.18 -17.92 8.92
C PHE E 491 -21.67 -17.74 8.92
N SER E 492 -21.03 -18.12 7.81
CA SER E 492 -19.58 -18.02 7.67
C SER E 492 -19.26 -16.71 6.96
N VAL E 493 -18.52 -15.83 7.63
CA VAL E 493 -18.34 -14.46 7.19
C VAL E 493 -16.87 -14.10 7.05
N GLY E 494 -16.03 -15.10 6.77
CA GLY E 494 -14.59 -14.85 6.72
C GLY E 494 -14.19 -13.95 5.57
N GLY E 495 -14.84 -14.08 4.42
CA GLY E 495 -14.38 -13.45 3.21
C GLY E 495 -15.09 -12.20 2.72
N MET E 496 -15.98 -11.60 3.51
CA MET E 496 -16.70 -10.43 3.01
C MET E 496 -15.79 -9.21 2.94
N THR E 497 -16.02 -8.39 1.92
CA THR E 497 -15.41 -7.08 1.79
C THR E 497 -16.48 -5.99 1.77
N ASP E 498 -17.75 -6.36 1.56
CA ASP E 498 -18.83 -5.40 1.42
C ASP E 498 -19.91 -5.69 2.46
N VAL E 499 -20.69 -4.66 2.78
CA VAL E 499 -21.75 -4.79 3.78
C VAL E 499 -23.04 -5.36 3.20
N ALA E 500 -23.09 -5.63 1.89
CA ALA E 500 -24.34 -6.03 1.26
C ALA E 500 -24.89 -7.32 1.86
N GLU E 501 -24.01 -8.25 2.22
CA GLU E 501 -24.47 -9.51 2.79
C GLU E 501 -25.05 -9.36 4.19
N ILE E 502 -24.81 -8.23 4.85
CA ILE E 502 -25.32 -8.00 6.21
C ILE E 502 -26.56 -7.13 6.21
N LYS E 503 -26.52 -6.01 5.48
CA LYS E 503 -27.61 -5.06 5.47
C LYS E 503 -28.50 -5.15 4.24
N GLY E 504 -28.10 -5.88 3.21
CA GLY E 504 -28.91 -6.02 2.01
C GLY E 504 -28.79 -4.83 1.08
N HIS E 505 -29.63 -4.86 0.05
CA HIS E 505 -29.67 -3.83 -0.97
C HIS E 505 -31.07 -3.25 -1.10
N ARG E 506 -31.16 -1.98 -1.47
CA ARG E 506 -32.45 -1.33 -1.63
C ARG E 506 -33.22 -1.96 -2.79
N ARG E 507 -34.55 -2.00 -2.64
CA ARG E 507 -35.39 -2.68 -3.62
C ARG E 507 -35.36 -2.00 -4.99
N THR E 508 -34.84 -0.77 -5.08
CA THR E 508 -34.71 -0.12 -6.37
C THR E 508 -33.78 -0.90 -7.30
N TYR E 509 -32.68 -1.41 -6.76
CA TYR E 509 -31.73 -2.17 -7.56
C TYR E 509 -32.32 -3.51 -8.00
N ILE E 510 -31.95 -3.95 -9.20
CA ILE E 510 -32.41 -5.24 -9.70
C ILE E 510 -31.78 -6.38 -8.90
N GLY E 511 -30.50 -6.24 -8.56
CA GLY E 511 -29.82 -7.25 -7.77
C GLY E 511 -29.96 -7.02 -6.27
N ALA E 512 -31.20 -6.84 -5.82
CA ALA E 512 -31.48 -6.51 -4.43
C ALA E 512 -31.92 -7.75 -3.69
N LEU E 513 -31.14 -8.16 -2.70
CA LEU E 513 -31.46 -9.27 -1.80
C LEU E 513 -31.30 -8.79 -0.37
N PRO E 514 -32.20 -9.21 0.53
CA PRO E 514 -32.05 -8.86 1.94
C PRO E 514 -30.72 -9.36 2.50
N GLY E 515 -30.34 -8.76 3.63
CA GLY E 515 -29.16 -9.22 4.33
C GLY E 515 -29.29 -10.65 4.79
N ARG E 516 -28.14 -11.28 5.04
CA ARG E 516 -28.14 -12.69 5.39
C ARG E 516 -28.80 -12.95 6.73
N VAL E 517 -28.96 -11.93 7.58
CA VAL E 517 -29.69 -12.11 8.83
C VAL E 517 -31.17 -12.33 8.55
N VAL E 518 -31.74 -11.55 7.63
CA VAL E 518 -33.14 -11.73 7.27
C VAL E 518 -33.35 -13.08 6.59
N GLN E 519 -32.43 -13.45 5.70
CA GLN E 519 -32.53 -14.76 5.04
C GLN E 519 -32.38 -15.90 6.04
N ALA E 520 -31.52 -15.72 7.05
CA ALA E 520 -31.39 -16.73 8.09
C ALA E 520 -32.67 -16.85 8.91
N LEU E 521 -33.29 -15.71 9.23
CA LEU E 521 -34.57 -15.74 9.95
C LEU E 521 -35.65 -16.44 9.13
N LYS E 522 -35.67 -16.19 7.81
CA LYS E 522 -36.61 -16.89 6.95
C LYS E 522 -36.34 -18.38 6.92
N LYS E 523 -35.06 -18.77 6.78
CA LYS E 523 -34.71 -20.18 6.68
C LYS E 523 -35.06 -20.93 7.96
N CYS E 524 -34.80 -20.33 9.12
CA CYS E 524 -35.18 -20.95 10.37
C CYS E 524 -36.70 -21.05 10.51
N GLN E 525 -37.44 -20.18 9.83
CA GLN E 525 -38.90 -20.14 9.88
C GLN E 525 -39.42 -19.97 11.30
N THR E 526 -38.57 -19.46 12.21
CA THR E 526 -38.93 -19.27 13.60
C THR E 526 -37.96 -18.28 14.21
N GLN E 527 -38.50 -17.22 14.81
CA GLN E 527 -37.65 -16.25 15.48
C GLN E 527 -37.01 -16.89 16.70
N ASN E 528 -36.15 -16.12 17.36
CA ASN E 528 -35.29 -16.60 18.44
C ASN E 528 -34.46 -17.80 17.95
N PRO E 529 -33.69 -17.66 16.86
CA PRO E 529 -32.82 -18.77 16.45
C PRO E 529 -31.44 -18.66 17.09
N LEU E 530 -30.54 -19.58 16.75
CA LEU E 530 -29.14 -19.50 17.14
C LEU E 530 -28.33 -19.27 15.87
N ILE E 531 -27.74 -18.09 15.74
CA ILE E 531 -26.94 -17.72 14.59
C ILE E 531 -25.47 -17.83 14.98
N LEU E 532 -24.77 -18.77 14.36
CA LEU E 532 -23.35 -19.01 14.64
C LEU E 532 -22.52 -18.28 13.60
N ILE E 533 -21.83 -17.23 14.04
CA ILE E 533 -20.95 -16.46 13.17
C ILE E 533 -19.57 -17.10 13.24
N ASP E 534 -19.18 -17.80 12.17
CA ASP E 534 -18.03 -18.69 12.22
C ASP E 534 -16.71 -17.95 12.41
N GLU E 535 -16.50 -16.83 11.72
CA GLU E 535 -15.23 -16.13 11.79
C GLU E 535 -15.45 -14.67 12.13
N ILE E 536 -14.66 -14.13 13.05
CA ILE E 536 -14.69 -12.71 13.35
C ILE E 536 -13.29 -12.15 13.13
N ASP E 537 -12.29 -13.00 13.29
CA ASP E 537 -10.90 -12.58 13.03
C ASP E 537 -10.65 -12.36 11.55
N LYS E 538 -11.26 -13.17 10.69
CA LYS E 538 -10.98 -13.12 9.25
C LYS E 538 -11.73 -12.00 8.55
N ILE E 539 -12.58 -11.25 9.26
CA ILE E 539 -13.39 -10.19 8.67
C ILE E 539 -12.48 -9.24 7.89
N GLY E 540 -12.74 -9.09 6.60
CA GLY E 540 -11.94 -8.20 5.78
C GLY E 540 -12.26 -6.74 6.05
N HIS E 541 -11.35 -6.05 6.72
CA HIS E 541 -11.55 -4.65 7.04
C HIS E 541 -11.38 -3.74 5.82
N GLY E 542 -10.36 -4.00 5.00
CA GLY E 542 -10.18 -3.28 3.75
C GLY E 542 -10.14 -1.77 3.89
N GLY E 543 -11.19 -1.12 3.42
CA GLY E 543 -11.24 0.33 3.34
C GLY E 543 -12.53 0.78 2.69
N ILE E 544 -12.42 1.64 1.68
CA ILE E 544 -13.57 2.06 0.89
C ILE E 544 -14.13 0.84 0.17
N HIS E 545 -15.35 0.99 -0.38
CA HIS E 545 -16.14 -0.05 -1.07
C HIS E 545 -16.81 -0.98 -0.06
N GLY E 546 -16.80 -0.65 1.22
CA GLY E 546 -17.52 -1.44 2.21
C GLY E 546 -16.74 -1.75 3.46
N ASP E 547 -17.44 -1.81 4.60
CA ASP E 547 -16.84 -2.16 5.88
C ASP E 547 -17.85 -2.96 6.69
N PRO E 548 -17.81 -4.29 6.59
CA PRO E 548 -18.79 -5.12 7.32
C PRO E 548 -18.67 -5.03 8.84
N SER E 549 -17.54 -4.52 9.35
CA SER E 549 -17.35 -4.45 10.80
C SER E 549 -18.40 -3.57 11.45
N ALA E 550 -18.66 -2.39 10.89
CA ALA E 550 -19.65 -1.49 11.48
C ALA E 550 -21.05 -2.06 11.33
N ALA E 551 -21.32 -2.78 10.24
CA ALA E 551 -22.59 -3.47 10.10
C ALA E 551 -22.77 -4.50 11.21
N LEU E 552 -21.70 -5.23 11.54
CA LEU E 552 -21.77 -6.17 12.65
C LEU E 552 -21.98 -5.44 13.97
N LEU E 553 -21.33 -4.29 14.15
CA LEU E 553 -21.60 -3.45 15.32
C LEU E 553 -23.08 -3.14 15.44
N GLU E 554 -23.70 -2.77 14.33
CA GLU E 554 -25.15 -2.53 14.34
C GLU E 554 -25.93 -3.79 14.70
N VAL E 555 -25.52 -4.93 14.14
CA VAL E 555 -26.22 -6.18 14.42
C VAL E 555 -25.99 -6.63 15.85
N LEU E 556 -24.75 -6.57 16.33
CA LEU E 556 -24.37 -7.12 17.63
C LEU E 556 -24.41 -6.09 18.75
N ASP E 557 -25.24 -5.07 18.64
CA ASP E 557 -25.43 -4.14 19.74
C ASP E 557 -26.48 -4.68 20.70
N PRO E 558 -26.16 -4.85 21.99
CA PRO E 558 -27.13 -5.47 22.90
C PRO E 558 -28.42 -4.68 23.08
N GLU E 559 -28.43 -3.39 22.78
CA GLU E 559 -29.61 -2.56 22.96
C GLU E 559 -30.20 -2.05 21.65
N GLN E 560 -29.52 -2.26 20.53
CA GLN E 560 -30.02 -1.82 19.23
C GLN E 560 -30.61 -2.97 18.41
N ASN E 561 -30.80 -4.13 19.02
CA ASN E 561 -31.32 -5.28 18.29
C ASN E 561 -32.77 -5.09 17.87
N ASN E 562 -33.49 -4.13 18.45
CA ASN E 562 -34.87 -3.90 18.11
C ASN E 562 -35.05 -3.10 16.82
N SER E 563 -33.99 -2.49 16.29
CA SER E 563 -34.05 -1.58 15.16
C SER E 563 -32.97 -1.91 14.14
N PHE E 564 -32.88 -3.19 13.75
CA PHE E 564 -31.87 -3.61 12.78
C PHE E 564 -31.96 -2.81 11.49
N LEU E 565 -33.18 -2.65 10.97
CA LEU E 565 -33.46 -1.79 9.82
C LEU E 565 -32.63 -2.19 8.59
N ASP E 566 -32.93 -3.38 8.10
CA ASP E 566 -32.29 -3.88 6.89
C ASP E 566 -32.61 -2.98 5.70
N ASN E 567 -31.67 -2.91 4.76
CA ASN E 567 -31.85 -2.01 3.62
C ASN E 567 -32.98 -2.47 2.72
N TYR E 568 -33.09 -3.78 2.47
CA TYR E 568 -34.13 -4.28 1.57
C TYR E 568 -35.51 -4.14 2.18
N LEU E 569 -35.62 -4.19 3.50
CA LEU E 569 -36.89 -4.07 4.21
C LEU E 569 -36.80 -2.84 5.09
N ASP E 570 -37.38 -1.73 4.64
CA ASP E 570 -37.30 -0.47 5.36
C ASP E 570 -37.91 -0.56 6.76
N ILE E 571 -38.79 -1.53 6.99
CA ILE E 571 -39.34 -1.73 8.33
C ILE E 571 -38.29 -2.41 9.21
N PRO E 572 -38.12 -1.98 10.46
CA PRO E 572 -37.15 -2.66 11.33
C PRO E 572 -37.65 -4.04 11.77
N ILE E 573 -36.69 -4.87 12.15
CA ILE E 573 -36.98 -6.20 12.69
C ILE E 573 -36.33 -6.32 14.06
N ASP E 574 -36.85 -7.25 14.86
CA ASP E 574 -36.40 -7.45 16.23
C ASP E 574 -35.39 -8.58 16.28
N LEU E 575 -34.21 -8.30 16.81
CA LEU E 575 -33.16 -9.30 17.00
C LEU E 575 -32.80 -9.50 18.46
N SER E 576 -33.61 -8.98 19.39
CA SER E 576 -33.28 -9.06 20.81
C SER E 576 -33.40 -10.47 21.37
N LYS E 577 -34.02 -11.39 20.64
CA LYS E 577 -34.15 -12.77 21.08
C LYS E 577 -33.10 -13.69 20.48
N VAL E 578 -32.43 -13.27 19.41
CA VAL E 578 -31.45 -14.11 18.74
C VAL E 578 -30.24 -14.31 19.64
N LEU E 579 -29.84 -15.56 19.83
CA LEU E 579 -28.66 -15.90 20.62
C LEU E 579 -27.47 -15.95 19.66
N PHE E 580 -26.80 -14.81 19.49
CA PHE E 580 -25.65 -14.74 18.60
C PHE E 580 -24.44 -15.42 19.23
N VAL E 581 -23.83 -16.34 18.50
CA VAL E 581 -22.63 -17.04 18.93
C VAL E 581 -21.53 -16.77 17.92
N CYS E 582 -20.46 -16.11 18.36
CA CYS E 582 -19.35 -15.78 17.49
C CYS E 582 -18.21 -16.78 17.72
N THR E 583 -17.18 -16.71 16.88
CA THR E 583 -16.07 -17.66 16.96
C THR E 583 -14.85 -17.02 16.32
N ALA E 584 -13.75 -16.93 17.07
CA ALA E 584 -12.53 -16.33 16.58
C ALA E 584 -11.34 -17.04 17.21
N ASN E 585 -10.18 -16.94 16.56
CA ASN E 585 -8.95 -17.53 17.06
C ASN E 585 -8.12 -16.57 17.90
N SER E 586 -8.11 -15.29 17.53
CA SER E 586 -7.38 -14.27 18.27
C SER E 586 -8.33 -13.16 18.71
N LEU E 587 -7.82 -12.26 19.55
CA LEU E 587 -8.62 -11.17 20.09
C LEU E 587 -8.03 -9.80 19.82
N GLU E 588 -6.87 -9.71 19.17
CA GLU E 588 -6.20 -8.44 18.93
C GLU E 588 -6.54 -7.83 17.57
N THR E 589 -7.36 -8.51 16.77
CA THR E 589 -7.75 -7.97 15.47
C THR E 589 -9.10 -7.27 15.50
N ILE E 590 -9.99 -7.69 16.39
CA ILE E 590 -11.36 -7.18 16.45
C ILE E 590 -11.32 -5.74 16.93
N PRO E 591 -12.09 -4.83 16.32
CA PRO E 591 -12.13 -3.45 16.82
C PRO E 591 -12.70 -3.38 18.23
N ARG E 592 -12.23 -2.40 18.99
CA ARG E 592 -12.70 -2.24 20.37
C ARG E 592 -14.21 -2.04 20.48
N PRO E 593 -14.87 -1.21 19.66
CA PRO E 593 -16.34 -1.13 19.77
C PRO E 593 -17.04 -2.46 19.52
N LEU E 594 -16.51 -3.29 18.60
CA LEU E 594 -17.12 -4.60 18.38
C LEU E 594 -16.85 -5.54 19.54
N LEU E 595 -15.64 -5.48 20.11
CA LEU E 595 -15.30 -6.38 21.21
C LEU E 595 -16.01 -5.99 22.50
N ASP E 596 -16.40 -4.71 22.63
CA ASP E 596 -17.02 -4.25 23.87
C ASP E 596 -18.41 -4.83 24.05
N ARG E 597 -19.13 -5.07 22.95
CA ARG E 597 -20.49 -5.58 23.00
C ARG E 597 -20.54 -7.10 22.95
N MET E 598 -19.40 -7.78 22.98
CA MET E 598 -19.34 -9.23 22.88
C MET E 598 -18.83 -9.81 24.20
N GLU E 599 -19.46 -10.87 24.66
CA GLU E 599 -19.02 -11.60 25.86
C GLU E 599 -18.13 -12.75 25.39
N VAL E 600 -16.85 -12.65 25.71
CA VAL E 600 -15.86 -13.60 25.22
C VAL E 600 -15.64 -14.70 26.25
N ILE E 601 -15.59 -15.94 25.78
CA ILE E 601 -15.26 -17.10 26.61
C ILE E 601 -14.04 -17.77 26.00
N GLU E 602 -12.97 -17.86 26.77
CA GLU E 602 -11.73 -18.49 26.29
C GLU E 602 -11.85 -20.00 26.34
N LEU E 603 -11.31 -20.65 25.31
CA LEU E 603 -11.31 -22.11 25.21
C LEU E 603 -9.86 -22.58 25.25
N THR E 604 -9.41 -22.98 26.44
CA THR E 604 -8.03 -23.44 26.61
C THR E 604 -7.85 -24.78 25.90
N GLY E 605 -6.66 -24.97 25.34
CA GLY E 605 -6.37 -26.22 24.65
C GLY E 605 -6.35 -27.41 25.60
N TYR E 606 -6.62 -28.59 25.04
CA TYR E 606 -6.75 -29.78 25.85
C TYR E 606 -5.38 -30.30 26.30
N VAL E 607 -5.36 -30.91 27.49
CA VAL E 607 -4.16 -31.51 28.05
C VAL E 607 -4.02 -32.89 27.42
N ALA E 608 -2.82 -33.49 27.54
CA ALA E 608 -2.60 -34.81 26.95
C ALA E 608 -3.58 -35.84 27.49
N GLU E 609 -3.80 -35.84 28.80
CA GLU E 609 -4.79 -36.75 29.37
C GLU E 609 -6.20 -36.42 28.88
N ASP E 610 -6.52 -35.12 28.78
CA ASP E 610 -7.80 -34.71 28.24
C ASP E 610 -7.94 -35.15 26.80
N LYS E 611 -6.88 -35.01 26.01
CA LYS E 611 -6.91 -35.45 24.62
C LYS E 611 -7.12 -36.97 24.52
N VAL E 612 -6.46 -37.72 25.40
CA VAL E 612 -6.61 -39.17 25.41
C VAL E 612 -8.06 -39.54 25.74
N LYS E 613 -8.64 -38.89 26.74
CA LYS E 613 -10.03 -39.17 27.09
C LYS E 613 -10.98 -38.80 25.94
N ILE E 614 -10.77 -37.64 25.32
CA ILE E 614 -11.59 -37.24 24.18
C ILE E 614 -11.50 -38.27 23.07
N ALA E 615 -10.28 -38.71 22.76
CA ALA E 615 -10.09 -39.74 21.75
C ALA E 615 -10.90 -40.99 22.11
N GLU E 616 -10.57 -41.60 23.24
CA GLU E 616 -11.16 -42.89 23.61
C GLU E 616 -12.69 -42.81 23.74
N GLN E 617 -13.24 -41.64 24.04
CA GLN E 617 -14.68 -41.55 24.24
C GLN E 617 -15.46 -41.09 23.01
N TYR E 618 -14.84 -40.34 22.10
CA TYR E 618 -15.61 -39.84 20.97
C TYR E 618 -14.98 -40.12 19.63
N LEU E 619 -13.65 -40.06 19.52
CA LEU E 619 -13.01 -40.11 18.21
C LEU E 619 -12.82 -41.54 17.74
N VAL E 620 -12.32 -42.42 18.63
CA VAL E 620 -12.14 -43.82 18.25
C VAL E 620 -13.46 -44.49 17.87
N PRO E 621 -14.53 -44.40 18.66
CA PRO E 621 -15.80 -45.01 18.20
C PRO E 621 -16.34 -44.39 16.92
N SER E 622 -16.19 -43.08 16.75
CA SER E 622 -16.71 -42.43 15.55
C SER E 622 -15.90 -42.81 14.32
N ALA E 623 -14.57 -42.83 14.44
CA ALA E 623 -13.73 -43.25 13.32
C ALA E 623 -13.94 -44.71 12.98
N LYS E 624 -14.10 -45.57 14.00
CA LYS E 624 -14.35 -46.98 13.74
C LYS E 624 -15.70 -47.20 13.07
N LYS E 625 -16.72 -46.45 13.50
CA LYS E 625 -18.04 -46.59 12.90
C LYS E 625 -18.04 -46.16 11.44
N SER E 626 -17.32 -45.09 11.12
CA SER E 626 -17.30 -44.56 9.75
C SER E 626 -16.30 -45.28 8.85
N ALA E 627 -15.52 -46.22 9.39
CA ALA E 627 -14.54 -46.96 8.60
C ALA E 627 -15.03 -48.36 8.23
N GLY E 628 -16.28 -48.72 8.57
CA GLY E 628 -16.82 -50.00 8.25
C GLY E 628 -16.51 -51.11 9.23
N LEU E 629 -15.68 -50.85 10.24
CA LEU E 629 -15.33 -51.84 11.26
C LEU E 629 -16.08 -51.61 12.56
N GLU E 630 -17.31 -51.09 12.48
CA GLU E 630 -18.05 -50.67 13.67
C GLU E 630 -18.33 -51.84 14.61
N ASN E 631 -17.63 -51.86 15.76
CA ASN E 631 -17.90 -52.81 16.84
C ASN E 631 -17.82 -54.26 16.37
N SER E 632 -16.97 -54.55 15.38
CA SER E 632 -16.90 -55.89 14.82
C SER E 632 -15.55 -56.56 15.05
N HIS E 633 -14.46 -55.97 14.57
CA HIS E 633 -13.18 -56.67 14.56
C HIS E 633 -12.06 -55.94 15.29
N VAL E 634 -11.88 -54.65 15.03
CA VAL E 634 -10.62 -53.95 15.33
C VAL E 634 -10.80 -53.07 16.55
N ASP E 635 -9.83 -53.13 17.46
CA ASP E 635 -9.76 -52.26 18.62
C ASP E 635 -8.36 -51.68 18.73
N MET E 636 -8.25 -50.54 19.42
CA MET E 636 -6.98 -49.84 19.60
C MET E 636 -6.70 -49.69 21.09
N THR E 637 -5.48 -50.04 21.49
CA THR E 637 -5.11 -50.05 22.90
C THR E 637 -4.86 -48.63 23.42
N GLU E 638 -4.92 -48.50 24.75
CA GLU E 638 -4.65 -47.21 25.38
C GLU E 638 -3.20 -46.77 25.19
N ASP E 639 -2.27 -47.72 25.24
CA ASP E 639 -0.86 -47.39 25.04
C ASP E 639 -0.63 -46.82 23.63
N ALA E 640 -1.34 -47.36 22.64
CA ALA E 640 -1.24 -46.81 21.29
C ALA E 640 -1.74 -45.37 21.25
N ILE E 641 -2.85 -45.08 21.94
CA ILE E 641 -3.37 -43.72 21.99
C ILE E 641 -2.36 -42.78 22.64
N THR E 642 -1.76 -43.23 23.76
CA THR E 642 -0.78 -42.40 24.44
C THR E 642 0.45 -42.14 23.57
N ALA E 643 0.92 -43.18 22.87
CA ALA E 643 2.06 -43.00 21.97
C ALA E 643 1.73 -42.05 20.83
N LEU E 644 0.53 -42.18 20.25
CA LEU E 644 0.15 -41.29 19.17
C LEU E 644 0.02 -39.85 19.66
N MET E 645 -0.43 -39.67 20.90
CA MET E 645 -0.48 -38.33 21.48
C MET E 645 0.92 -37.76 21.69
N LYS E 646 1.83 -38.58 22.23
CA LYS E 646 3.13 -38.07 22.64
C LYS E 646 4.06 -37.84 21.44
N TYR E 647 4.03 -38.72 20.45
CA TYR E 647 5.00 -38.68 19.37
C TYR E 647 4.46 -38.09 18.07
N TYR E 648 3.16 -37.90 17.94
CA TYR E 648 2.63 -37.43 16.67
C TYR E 648 1.78 -36.17 16.79
N CYS E 649 0.97 -36.05 17.84
CA CYS E 649 0.02 -34.94 17.99
C CYS E 649 0.27 -34.23 19.32
N ARG E 650 1.14 -33.24 19.31
CA ARG E 650 1.47 -32.46 20.49
C ARG E 650 0.73 -31.13 20.55
N GLU E 651 -0.22 -30.90 19.64
CA GLU E 651 -0.91 -29.61 19.58
C GLU E 651 -1.91 -29.49 20.72
N SER E 652 -2.70 -28.43 20.66
CA SER E 652 -3.80 -28.23 21.60
C SER E 652 -5.14 -28.71 21.05
N GLY E 653 -5.31 -28.74 19.73
CA GLY E 653 -6.52 -29.21 19.11
C GLY E 653 -6.52 -30.72 18.93
N VAL E 654 -7.62 -31.22 18.34
CA VAL E 654 -7.79 -32.65 18.14
C VAL E 654 -8.10 -32.95 16.67
N ARG E 655 -7.63 -32.08 15.77
CA ARG E 655 -7.89 -32.30 14.35
C ARG E 655 -6.92 -33.30 13.74
N ASN E 656 -5.61 -33.06 13.92
CA ASN E 656 -4.63 -33.98 13.38
C ASN E 656 -4.68 -35.34 14.08
N LEU E 657 -5.04 -35.35 15.36
CA LEU E 657 -5.27 -36.63 16.05
C LEU E 657 -6.42 -37.40 15.40
N LYS E 658 -7.50 -36.70 15.07
CA LYS E 658 -8.61 -37.35 14.38
C LYS E 658 -8.18 -37.86 13.02
N LYS E 659 -7.37 -37.07 12.30
CA LYS E 659 -6.86 -37.52 11.00
C LYS E 659 -6.01 -38.78 11.16
N HIS E 660 -5.15 -38.81 12.18
CA HIS E 660 -4.30 -39.98 12.40
C HIS E 660 -5.14 -41.21 12.72
N ILE E 661 -6.15 -41.06 13.57
CA ILE E 661 -7.01 -42.19 13.93
C ILE E 661 -7.78 -42.67 12.71
N GLU E 662 -8.28 -41.75 11.89
CA GLU E 662 -9.00 -42.14 10.69
C GLU E 662 -8.08 -42.87 9.71
N LYS E 663 -6.84 -42.41 9.57
CA LYS E 663 -5.89 -43.12 8.71
C LYS E 663 -5.61 -44.52 9.23
N ILE E 664 -5.43 -44.65 10.55
CA ILE E 664 -5.17 -45.96 11.15
C ILE E 664 -6.33 -46.90 10.88
N TYR E 665 -7.57 -46.42 11.07
CA TYR E 665 -8.72 -47.28 10.87
C TYR E 665 -8.96 -47.57 9.39
N ARG E 666 -8.62 -46.63 8.51
CA ARG E 666 -8.71 -46.91 7.07
C ARG E 666 -7.74 -48.01 6.67
N LYS E 667 -6.51 -47.96 7.19
CA LYS E 667 -5.56 -49.02 6.90
C LYS E 667 -6.01 -50.35 7.49
N ALA E 668 -6.61 -50.32 8.69
CA ALA E 668 -7.16 -51.53 9.27
C ALA E 668 -8.26 -52.12 8.41
N ALA E 669 -9.15 -51.26 7.90
CA ALA E 669 -10.23 -51.74 7.03
C ALA E 669 -9.68 -52.32 5.73
N LEU E 670 -8.67 -51.67 5.14
CA LEU E 670 -8.06 -52.21 3.94
C LEU E 670 -7.42 -53.57 4.21
N GLN E 671 -6.74 -53.71 5.35
CA GLN E 671 -6.14 -54.99 5.70
C GLN E 671 -7.21 -56.05 5.90
N VAL E 672 -8.32 -55.69 6.53
CA VAL E 672 -9.42 -56.63 6.72
C VAL E 672 -9.99 -57.08 5.38
N VAL E 673 -10.19 -56.12 4.46
CA VAL E 673 -10.77 -56.46 3.16
C VAL E 673 -9.83 -57.36 2.36
N LYS E 674 -8.56 -56.98 2.28
CA LYS E 674 -7.62 -57.76 1.47
C LYS E 674 -7.35 -59.12 2.09
N LYS E 675 -7.05 -59.16 3.38
CA LYS E 675 -6.76 -60.41 4.05
C LYS E 675 -7.98 -61.31 4.11
N LEU E 676 -9.16 -60.73 4.33
CA LEU E 676 -10.42 -61.47 4.45
C LEU E 676 -10.33 -62.54 5.55
N GLU E 730 -2.46 -66.35 14.67
CA GLU E 730 -2.95 -64.98 14.76
C GLU E 730 -3.87 -64.80 15.97
N LYS E 731 -4.86 -63.92 15.84
CA LYS E 731 -5.79 -63.64 16.92
C LYS E 731 -7.13 -63.23 16.31
N ILE E 732 -8.18 -63.36 17.11
CA ILE E 732 -9.53 -63.08 16.62
C ILE E 732 -9.70 -61.59 16.31
N ASN E 733 -9.06 -60.72 17.10
CA ASN E 733 -9.17 -59.28 16.93
C ASN E 733 -7.79 -58.70 16.61
N VAL E 734 -7.77 -57.68 15.77
CA VAL E 734 -6.53 -57.03 15.34
C VAL E 734 -6.20 -55.92 16.31
N SER E 735 -4.98 -55.95 16.85
CA SER E 735 -4.51 -54.95 17.79
C SER E 735 -3.55 -53.98 17.10
N ILE E 736 -3.66 -52.71 17.46
CA ILE E 736 -2.86 -51.65 16.85
C ILE E 736 -1.98 -51.04 17.93
N SER E 737 -1.53 -51.88 18.86
CA SER E 737 -0.80 -51.44 20.03
C SER E 737 0.48 -50.67 19.65
N GLN E 738 1.09 -50.06 20.66
CA GLN E 738 2.24 -49.17 20.51
C GLN E 738 3.38 -49.79 19.72
N LYS E 739 3.61 -51.09 19.91
CA LYS E 739 4.75 -51.75 19.28
C LYS E 739 4.63 -51.73 17.75
N ASN E 740 3.42 -51.92 17.23
CA ASN E 740 3.17 -51.94 15.80
C ASN E 740 2.49 -50.66 15.31
N LEU E 741 2.56 -49.59 16.09
CA LEU E 741 1.92 -48.34 15.70
C LEU E 741 2.65 -47.64 14.57
N LYS E 742 3.98 -47.77 14.51
CA LYS E 742 4.76 -47.07 13.49
C LYS E 742 4.49 -47.59 12.10
N ASP E 743 3.88 -48.77 11.97
CA ASP E 743 3.62 -49.38 10.68
C ASP E 743 2.21 -49.05 10.18
N TYR E 744 1.56 -48.13 10.90
CA TYR E 744 0.21 -47.72 10.56
C TYR E 744 0.12 -46.21 10.36
N VAL E 745 0.98 -45.46 11.05
CA VAL E 745 0.86 -44.01 11.07
C VAL E 745 2.22 -43.40 10.72
N GLY E 746 3.17 -44.24 10.31
CA GLY E 746 4.46 -43.79 9.93
C GLY E 746 5.40 -43.57 11.10
N PRO E 747 6.62 -43.16 10.83
CA PRO E 747 7.61 -42.94 11.90
C PRO E 747 7.23 -41.75 12.76
N PRO E 748 7.62 -41.75 14.04
CA PRO E 748 7.37 -40.57 14.87
C PRO E 748 8.08 -39.34 14.33
N VAL E 749 7.42 -38.19 14.44
CA VAL E 749 7.95 -36.96 13.88
C VAL E 749 8.24 -35.90 14.95
N TYR E 750 7.69 -36.00 16.15
CA TYR E 750 7.89 -35.00 17.19
C TYR E 750 8.72 -35.56 18.34
N THR E 751 9.77 -36.32 18.01
CA THR E 751 10.69 -36.79 19.04
C THR E 751 11.50 -35.62 19.61
N THR E 752 11.71 -35.65 20.91
CA THR E 752 12.44 -34.59 21.62
C THR E 752 13.85 -35.10 21.90
N ASP E 753 14.80 -34.66 21.09
CA ASP E 753 16.17 -35.16 21.15
C ASP E 753 17.22 -34.06 21.03
N ARG E 754 16.83 -32.78 21.13
CA ARG E 754 17.79 -31.68 21.12
C ARG E 754 18.28 -31.34 22.52
N LEU E 755 17.85 -32.07 23.54
CA LEU E 755 18.25 -31.80 24.90
C LEU E 755 19.72 -32.16 25.12
N TYR E 756 20.18 -31.92 26.35
CA TYR E 756 21.55 -32.20 26.75
C TYR E 756 21.52 -33.19 27.91
N GLU E 757 22.28 -34.28 27.78
CA GLU E 757 22.34 -35.25 28.87
C GLU E 757 22.97 -34.65 30.13
N THR E 758 23.94 -33.76 29.95
CA THR E 758 24.55 -33.02 31.06
C THR E 758 24.85 -31.62 30.55
N THR E 759 24.14 -30.64 31.07
CA THR E 759 24.23 -29.28 30.55
C THR E 759 25.62 -28.70 30.81
N PRO E 760 26.32 -28.22 29.78
CA PRO E 760 27.62 -27.59 29.99
C PRO E 760 27.45 -26.17 30.49
N PRO E 761 28.51 -25.57 31.04
CA PRO E 761 28.41 -24.17 31.49
C PRO E 761 28.07 -23.25 30.34
N GLY E 762 27.21 -22.28 30.62
CA GLY E 762 26.75 -21.32 29.64
C GLY E 762 25.40 -21.65 29.02
N VAL E 763 24.91 -22.87 29.18
CA VAL E 763 23.65 -23.31 28.61
C VAL E 763 22.62 -23.41 29.73
N VAL E 764 21.41 -22.91 29.44
CA VAL E 764 20.31 -22.94 30.39
C VAL E 764 19.04 -23.33 29.65
N MET E 765 18.28 -24.28 30.20
CA MET E 765 17.02 -24.68 29.59
C MET E 765 15.90 -23.73 30.01
N GLY E 766 15.16 -23.22 29.03
CA GLY E 766 14.06 -22.33 29.26
C GLY E 766 12.74 -22.93 28.80
N LEU E 767 11.68 -22.12 28.92
CA LEU E 767 10.35 -22.52 28.53
C LEU E 767 9.75 -21.48 27.58
N ALA E 768 8.86 -21.94 26.71
CA ALA E 768 8.26 -21.08 25.71
C ALA E 768 6.84 -21.54 25.42
N TRP E 769 6.04 -20.61 24.92
CA TRP E 769 4.66 -20.86 24.53
C TRP E 769 4.50 -20.60 23.03
N THR E 770 3.88 -21.54 22.33
CA THR E 770 3.56 -21.41 20.92
C THR E 770 2.12 -21.87 20.71
N ASN E 771 1.63 -21.67 19.48
CA ASN E 771 0.28 -22.12 19.15
C ASN E 771 0.14 -23.62 19.32
N MET E 772 1.20 -24.38 19.04
CA MET E 772 1.19 -25.82 19.29
C MET E 772 1.09 -26.12 20.78
N GLY E 773 1.68 -25.28 21.62
CA GLY E 773 1.63 -25.49 23.06
C GLY E 773 2.94 -25.18 23.77
N GLY E 774 3.29 -26.00 24.75
CA GLY E 774 4.54 -25.79 25.46
C GLY E 774 5.75 -26.19 24.64
N CYS E 775 6.86 -25.49 24.89
CA CYS E 775 8.13 -25.80 24.25
C CYS E 775 9.24 -25.51 25.25
N SER E 776 10.41 -26.09 24.99
CA SER E 776 11.58 -25.94 25.86
C SER E 776 12.73 -25.39 25.02
N LEU E 777 12.79 -24.06 24.91
CA LEU E 777 13.91 -23.43 24.22
C LEU E 777 15.13 -23.39 25.12
N TYR E 778 16.29 -23.61 24.54
CA TYR E 778 17.55 -23.49 25.25
C TYR E 778 18.16 -22.11 25.00
N VAL E 779 19.05 -21.71 25.90
CA VAL E 779 19.78 -20.46 25.79
C VAL E 779 21.25 -20.79 26.01
N GLU E 780 22.08 -20.57 24.98
CA GLU E 780 23.49 -20.92 25.03
C GLU E 780 24.31 -19.65 24.85
N SER E 781 25.02 -19.27 25.91
CA SER E 781 26.00 -18.19 25.86
C SER E 781 27.38 -18.82 25.90
N VAL E 782 28.14 -18.68 24.83
CA VAL E 782 29.44 -19.31 24.73
C VAL E 782 30.51 -18.24 24.50
N LEU E 783 31.71 -18.51 24.98
CA LEU E 783 32.84 -17.63 24.75
C LEU E 783 33.41 -17.93 23.37
N GLU E 784 33.43 -16.93 22.49
CA GLU E 784 33.81 -17.15 21.09
C GLU E 784 35.19 -17.80 20.97
N GLN E 785 36.08 -17.52 21.92
CA GLN E 785 37.40 -18.13 21.98
C GLN E 785 37.91 -17.98 23.40
N PRO E 786 38.84 -18.84 23.84
CA PRO E 786 39.24 -18.83 25.24
C PRO E 786 39.73 -17.46 25.70
N LEU E 787 39.46 -17.15 26.97
CA LEU E 787 39.63 -15.81 27.49
C LEU E 787 41.06 -15.31 27.40
N HIS E 788 42.05 -16.20 27.28
CA HIS E 788 43.43 -15.76 27.27
C HIS E 788 43.89 -15.23 25.93
N ASN E 789 43.07 -15.33 24.88
CA ASN E 789 43.40 -14.73 23.58
C ASN E 789 42.26 -13.86 23.08
N CYS E 790 41.57 -13.19 24.02
CA CYS E 790 40.52 -12.23 23.70
C CYS E 790 40.98 -10.84 24.12
N LYS E 791 40.95 -9.89 23.18
CA LYS E 791 41.22 -8.48 23.50
C LYS E 791 40.10 -7.63 22.90
N HIS E 792 38.97 -7.58 23.61
CA HIS E 792 37.78 -6.78 23.33
C HIS E 792 36.70 -7.12 24.36
N PRO E 793 35.59 -6.38 24.32
CA PRO E 793 34.40 -6.69 25.10
C PRO E 793 33.22 -6.55 24.14
N THR E 794 32.87 -7.63 23.46
CA THR E 794 31.81 -7.60 22.45
C THR E 794 30.68 -8.54 22.84
N PHE E 795 29.46 -8.11 22.57
CA PHE E 795 28.26 -8.85 22.89
C PHE E 795 27.52 -9.16 21.61
N GLU E 796 27.24 -10.45 21.39
CA GLU E 796 26.65 -10.91 20.14
C GLU E 796 25.44 -11.79 20.43
N ARG E 797 24.38 -11.59 19.66
CA ARG E 797 23.15 -12.37 19.76
C ARG E 797 22.79 -12.92 18.41
N THR E 798 22.34 -14.17 18.36
CA THR E 798 21.83 -14.79 17.15
C THR E 798 20.54 -15.53 17.48
N GLY E 799 19.95 -16.13 16.45
CA GLY E 799 18.61 -16.70 16.58
C GLY E 799 17.56 -15.66 16.32
N GLN E 800 16.43 -16.06 15.74
CA GLN E 800 15.38 -15.11 15.39
C GLN E 800 14.71 -14.64 16.68
N LEU E 801 15.19 -13.53 17.23
CA LEU E 801 14.78 -13.06 18.54
C LEU E 801 13.72 -11.97 18.49
N GLY E 802 13.85 -11.00 17.59
CA GLY E 802 12.95 -9.87 17.57
C GLY E 802 13.37 -8.78 18.54
N ASP E 803 12.69 -7.64 18.45
CA ASP E 803 13.11 -6.46 19.20
C ASP E 803 12.96 -6.65 20.70
N VAL E 804 11.82 -7.21 21.14
CA VAL E 804 11.58 -7.38 22.57
C VAL E 804 12.60 -8.34 23.18
N MET E 805 12.84 -9.46 22.51
CA MET E 805 13.76 -10.45 23.04
C MET E 805 15.20 -9.93 23.01
N LYS E 806 15.55 -9.16 21.98
CA LYS E 806 16.88 -8.54 21.94
C LYS E 806 17.06 -7.54 23.07
N GLU E 807 16.01 -6.76 23.36
CA GLU E 807 16.08 -5.82 24.48
C GLU E 807 16.22 -6.56 25.80
N SER E 808 15.50 -7.68 25.96
CA SER E 808 15.64 -8.49 27.16
C SER E 808 17.05 -9.08 27.26
N SER E 809 17.63 -9.45 26.13
CA SER E 809 19.00 -9.97 26.13
C SER E 809 20.00 -8.90 26.56
N ARG E 810 19.84 -7.67 26.07
CA ARG E 810 20.72 -6.58 26.50
C ARG E 810 20.53 -6.28 27.99
N LEU E 811 19.29 -6.32 28.47
CA LEU E 811 19.02 -6.13 29.89
C LEU E 811 19.72 -7.22 30.72
N ALA E 812 19.66 -8.47 30.26
CA ALA E 812 20.33 -9.56 30.96
C ALA E 812 21.84 -9.36 30.94
N TYR E 813 22.37 -8.92 29.80
CA TYR E 813 23.79 -8.56 29.70
C TYR E 813 24.20 -7.61 30.81
N SER E 814 23.54 -6.46 30.89
CA SER E 814 23.90 -5.45 31.88
C SER E 814 23.68 -5.96 33.30
N PHE E 815 22.59 -6.68 33.54
CA PHE E 815 22.29 -7.16 34.87
C PHE E 815 23.35 -8.14 35.35
N ALA E 816 23.77 -9.06 34.48
CA ALA E 816 24.83 -10.00 34.86
C ALA E 816 26.16 -9.29 35.06
N LYS E 817 26.44 -8.28 34.23
CA LYS E 817 27.68 -7.53 34.38
C LYS E 817 27.75 -6.85 35.75
N MET E 818 26.65 -6.25 36.20
CA MET E 818 26.64 -5.68 37.55
C MET E 818 26.62 -6.76 38.62
N TYR E 819 25.94 -7.87 38.38
CA TYR E 819 25.78 -8.89 39.42
C TYR E 819 27.11 -9.53 39.77
N LEU E 820 27.93 -9.84 38.75
CA LEU E 820 29.25 -10.41 39.03
C LEU E 820 30.10 -9.43 39.84
N ALA E 821 30.10 -8.16 39.45
CA ALA E 821 30.91 -7.18 40.16
C ALA E 821 30.43 -6.99 41.59
N GLN E 822 29.13 -7.12 41.83
CA GLN E 822 28.60 -6.98 43.18
C GLN E 822 28.95 -8.20 44.04
N LYS E 823 28.82 -9.40 43.46
CA LYS E 823 29.04 -10.62 44.23
C LYS E 823 30.51 -11.00 44.31
N PHE E 824 31.23 -10.89 43.19
CA PHE E 824 32.64 -11.29 43.10
C PHE E 824 33.44 -10.10 42.59
N PRO E 825 33.94 -9.26 43.49
CA PRO E 825 34.56 -7.99 43.05
C PRO E 825 35.74 -8.15 42.10
N GLU E 826 36.58 -9.17 42.28
CA GLU E 826 37.78 -9.32 41.47
C GLU E 826 37.65 -10.40 40.41
N ASN E 827 36.42 -10.71 39.98
CA ASN E 827 36.19 -11.59 38.84
C ASN E 827 35.98 -10.71 37.61
N ARG E 828 36.94 -10.73 36.70
CA ARG E 828 36.98 -9.81 35.57
C ARG E 828 36.53 -10.45 34.26
N PHE E 829 35.55 -11.35 34.31
CA PHE E 829 35.18 -12.11 33.12
C PHE E 829 34.69 -11.20 32.00
N PHE E 830 33.75 -10.31 32.31
CA PHE E 830 33.10 -9.51 31.28
C PHE E 830 33.96 -8.37 30.76
N GLU E 831 35.13 -8.12 31.36
CA GLU E 831 35.98 -7.04 30.87
C GLU E 831 36.64 -7.39 29.54
N LYS E 832 37.07 -8.63 29.36
CA LYS E 832 37.78 -9.05 28.16
C LYS E 832 37.15 -10.31 27.57
N ALA E 833 35.83 -10.34 27.50
CA ALA E 833 35.10 -11.50 26.98
C ALA E 833 34.29 -11.11 25.76
N SER E 834 34.11 -12.06 24.86
CA SER E 834 33.30 -11.91 23.65
C SER E 834 32.24 -13.01 23.68
N ILE E 835 31.09 -12.71 24.29
CA ILE E 835 30.03 -13.70 24.45
C ILE E 835 29.19 -13.75 23.19
N HIS E 836 28.80 -14.96 22.79
CA HIS E 836 27.88 -15.18 21.69
C HIS E 836 26.66 -15.92 22.24
N LEU E 837 25.49 -15.34 22.01
CA LEU E 837 24.23 -15.85 22.56
C LEU E 837 23.40 -16.44 21.43
N HIS E 838 22.88 -17.64 21.64
CA HIS E 838 22.06 -18.30 20.64
C HIS E 838 20.97 -19.13 21.29
N CYS E 839 19.80 -19.14 20.67
CA CYS E 839 18.72 -20.04 21.06
C CYS E 839 18.57 -21.12 20.01
N PRO E 840 18.76 -22.40 20.36
CA PRO E 840 18.68 -23.48 19.36
C PRO E 840 17.39 -23.47 18.55
N GLU E 841 17.40 -24.19 17.43
CA GLU E 841 16.31 -24.15 16.45
C GLU E 841 16.10 -22.72 15.95
N GLY E 842 17.15 -22.19 15.32
CA GLY E 842 17.14 -20.80 14.86
C GLY E 842 16.15 -20.52 13.75
N ALA E 843 15.63 -21.55 13.08
CA ALA E 843 14.63 -21.33 12.05
C ALA E 843 13.29 -20.91 12.64
N THR E 844 12.96 -21.41 13.82
CA THR E 844 11.70 -21.06 14.46
C THR E 844 11.79 -19.67 15.08
N PRO E 845 10.91 -18.73 14.71
CA PRO E 845 10.95 -17.41 15.34
C PRO E 845 10.61 -17.48 16.82
N LYS E 846 11.24 -16.59 17.59
CA LYS E 846 11.01 -16.49 19.02
C LYS E 846 10.82 -15.02 19.39
N ASP E 847 10.12 -14.79 20.49
CA ASP E 847 9.87 -13.43 20.97
C ASP E 847 9.34 -13.52 22.40
N GLY E 848 9.30 -12.37 23.07
CA GLY E 848 8.76 -12.29 24.40
C GLY E 848 9.84 -12.10 25.46
N PRO E 849 9.50 -11.42 26.55
CA PRO E 849 10.45 -11.20 27.65
C PRO E 849 10.49 -12.31 28.69
N SER E 850 9.72 -13.39 28.51
CA SER E 850 9.64 -14.45 29.49
C SER E 850 10.97 -15.16 29.71
N ALA E 851 11.93 -15.00 28.81
CA ALA E 851 13.25 -15.59 28.95
C ALA E 851 14.26 -14.64 29.59
N GLY E 852 13.78 -13.53 30.16
CA GLY E 852 14.70 -12.54 30.71
C GLY E 852 15.62 -13.11 31.78
N VAL E 853 15.07 -13.90 32.69
CA VAL E 853 15.91 -14.54 33.70
C VAL E 853 16.66 -15.74 33.15
N THR E 854 16.20 -16.31 32.03
CA THR E 854 16.89 -17.44 31.43
C THR E 854 18.26 -17.04 30.89
N MET E 855 18.34 -15.86 30.26
CA MET E 855 19.61 -15.41 29.71
C MET E 855 20.55 -14.92 30.81
N ALA E 856 20.02 -14.18 31.79
CA ALA E 856 20.86 -13.65 32.86
C ALA E 856 21.59 -14.75 33.61
N THR E 857 20.96 -15.92 33.75
CA THR E 857 21.65 -17.06 34.36
C THR E 857 22.76 -17.57 33.46
N SER E 858 22.49 -17.68 32.15
CA SER E 858 23.46 -18.28 31.23
C SER E 858 24.80 -17.57 31.29
N PHE E 859 24.79 -16.23 31.18
CA PHE E 859 26.03 -15.47 31.35
C PHE E 859 26.64 -15.77 32.71
N LEU E 860 25.83 -15.67 33.77
CA LEU E 860 26.32 -15.96 35.11
C LEU E 860 26.78 -17.41 35.24
N SER E 861 26.31 -18.29 34.36
CA SER E 861 26.88 -19.63 34.30
C SER E 861 28.21 -19.61 33.56
N LEU E 862 28.24 -19.01 32.37
CA LEU E 862 29.44 -19.02 31.54
C LEU E 862 30.61 -18.37 32.26
N ALA E 863 30.33 -17.34 33.07
CA ALA E 863 31.38 -16.69 33.83
C ALA E 863 31.91 -17.58 34.95
N LEU E 864 31.03 -18.32 35.60
CA LEU E 864 31.40 -19.11 36.77
C LEU E 864 31.77 -20.54 36.43
N ASN E 865 31.68 -20.93 35.15
CA ASN E 865 32.06 -22.27 34.71
C ASN E 865 31.34 -23.35 35.49
N LYS E 866 30.04 -23.13 35.74
CA LYS E 866 29.23 -24.03 36.53
C LYS E 866 27.98 -24.41 35.76
N SER E 867 27.56 -25.67 35.90
CA SER E 867 26.34 -26.15 35.27
C SER E 867 25.12 -25.68 36.08
N ILE E 868 23.94 -25.90 35.50
CA ILE E 868 22.71 -25.34 36.05
C ILE E 868 21.74 -26.47 36.39
N ASP E 869 22.27 -27.63 36.80
CA ASP E 869 21.44 -28.73 37.28
C ASP E 869 20.39 -29.11 36.24
N PRO E 870 20.79 -29.83 35.17
CA PRO E 870 19.92 -30.00 34.00
C PRO E 870 18.48 -30.40 34.28
N THR E 871 18.18 -30.85 35.50
CA THR E 871 16.80 -31.11 35.91
C THR E 871 16.03 -29.86 36.28
N VAL E 872 16.54 -28.67 35.94
CA VAL E 872 15.95 -27.41 36.33
C VAL E 872 15.53 -26.64 35.08
N ALA E 873 14.26 -26.23 35.04
CA ALA E 873 13.75 -25.35 34.01
C ALA E 873 13.31 -24.04 34.65
N MET E 874 13.41 -22.94 33.90
CA MET E 874 13.18 -21.63 34.47
C MET E 874 12.57 -20.71 33.42
N THR E 875 11.88 -19.68 33.92
CA THR E 875 11.29 -18.65 33.07
C THR E 875 10.96 -17.45 33.95
N GLY E 876 10.85 -16.29 33.31
CA GLY E 876 10.52 -15.08 34.03
C GLY E 876 11.06 -13.81 33.41
N GLU E 877 10.27 -12.74 33.44
CA GLU E 877 10.70 -11.45 32.94
C GLU E 877 11.56 -10.74 33.96
N LEU E 878 12.69 -10.19 33.51
CA LEU E 878 13.68 -9.57 34.39
C LEU E 878 13.77 -8.08 34.12
N THR E 879 14.05 -7.33 35.18
CA THR E 879 14.31 -5.89 35.10
C THR E 879 15.76 -5.61 35.42
N LEU E 880 16.16 -4.34 35.26
CA LEU E 880 17.54 -3.96 35.46
C LEU E 880 17.94 -4.01 36.93
N THR E 881 16.98 -3.89 37.84
CA THR E 881 17.26 -3.89 39.27
C THR E 881 17.19 -5.28 39.89
N GLY E 882 16.94 -6.32 39.10
CA GLY E 882 16.85 -7.67 39.59
C GLY E 882 15.44 -8.17 39.87
N LYS E 883 14.44 -7.31 39.75
CA LYS E 883 13.07 -7.73 39.99
C LYS E 883 12.59 -8.66 38.88
N VAL E 884 11.77 -9.64 39.24
CA VAL E 884 11.22 -10.62 38.31
C VAL E 884 9.72 -10.37 38.20
N LEU E 885 9.25 -10.14 36.98
CA LEU E 885 7.86 -9.76 36.73
C LEU E 885 7.06 -10.93 36.21
N ARG E 886 5.77 -10.69 36.02
CA ARG E 886 4.82 -11.72 35.62
C ARG E 886 5.05 -12.14 34.18
N ILE E 887 4.69 -13.39 33.88
CA ILE E 887 4.82 -13.95 32.53
C ILE E 887 3.44 -14.35 32.03
N GLY E 888 3.28 -14.29 30.71
CA GLY E 888 2.01 -14.56 30.06
C GLY E 888 1.74 -16.01 29.69
N GLY E 889 1.43 -16.84 30.69
CA GLY E 889 1.11 -18.23 30.42
C GLY E 889 2.07 -19.21 31.06
N LEU E 890 1.60 -19.95 32.07
CA LEU E 890 2.43 -20.85 32.86
C LEU E 890 2.14 -22.32 32.62
N ARG E 891 0.88 -22.70 32.37
CA ARG E 891 0.55 -24.12 32.30
C ARG E 891 1.16 -24.78 31.07
N GLU E 892 1.19 -24.09 29.92
CA GLU E 892 1.93 -24.64 28.79
C GLU E 892 3.41 -24.75 29.11
N LYS E 893 3.97 -23.74 29.78
CA LYS E 893 5.36 -23.79 30.21
C LYS E 893 5.59 -24.93 31.19
N ALA E 894 4.65 -25.12 32.13
CA ALA E 894 4.78 -26.21 33.09
C ALA E 894 4.77 -27.57 32.41
N VAL E 895 3.86 -27.76 31.44
CA VAL E 895 3.81 -29.02 30.71
C VAL E 895 5.09 -29.24 29.92
N ALA E 896 5.60 -28.18 29.29
CA ALA E 896 6.84 -28.30 28.53
C ALA E 896 8.01 -28.66 29.42
N ALA E 897 8.06 -28.07 30.62
CA ALA E 897 9.11 -28.43 31.57
C ALA E 897 8.97 -29.88 32.03
N LYS E 898 7.73 -30.32 32.25
CA LYS E 898 7.50 -31.69 32.73
C LYS E 898 7.90 -32.72 31.67
N ARG E 899 7.58 -32.46 30.41
CA ARG E 899 7.92 -33.42 29.35
C ARG E 899 9.41 -33.46 29.04
N SER E 900 10.18 -32.46 29.46
CA SER E 900 11.59 -32.35 29.13
C SER E 900 12.50 -32.88 30.24
N GLY E 901 11.96 -33.62 31.20
CA GLY E 901 12.78 -34.17 32.26
C GLY E 901 13.22 -33.18 33.31
N ALA E 902 12.51 -32.07 33.46
CA ALA E 902 12.83 -31.07 34.47
C ALA E 902 11.98 -31.29 35.70
N LYS E 903 12.63 -31.34 36.87
CA LYS E 903 11.95 -31.56 38.13
C LYS E 903 11.89 -30.31 39.00
N THR E 904 12.29 -29.15 38.48
CA THR E 904 12.26 -27.91 39.23
C THR E 904 11.92 -26.77 38.28
N ILE E 905 10.84 -26.06 38.58
CA ILE E 905 10.39 -24.92 37.79
C ILE E 905 10.63 -23.66 38.59
N ILE E 906 11.35 -22.71 37.99
CA ILE E 906 11.62 -21.41 38.60
C ILE E 906 10.75 -20.40 37.87
N PHE E 907 9.66 -19.98 38.51
CA PHE E 907 8.69 -19.07 37.93
C PHE E 907 8.51 -17.90 38.88
N PRO E 908 8.07 -16.74 38.35
CA PRO E 908 7.96 -15.54 39.19
C PRO E 908 6.93 -15.72 40.30
N LYS E 909 7.19 -15.03 41.42
CA LYS E 909 6.25 -15.07 42.55
C LYS E 909 4.92 -14.46 42.18
N ASP E 910 4.91 -13.48 41.27
CA ASP E 910 3.66 -12.87 40.84
C ASP E 910 2.73 -13.87 40.15
N ASN E 911 3.27 -14.97 39.63
CA ASN E 911 2.49 -16.02 39.02
C ASN E 911 2.13 -17.13 40.00
N LEU E 912 2.47 -16.97 41.28
CA LEU E 912 2.19 -18.01 42.27
C LEU E 912 0.70 -18.33 42.31
N ASN E 913 -0.16 -17.31 42.27
CA ASN E 913 -1.59 -17.55 42.21
C ASN E 913 -1.94 -18.37 40.98
N ASP E 914 -1.37 -18.02 39.83
CA ASP E 914 -1.60 -18.80 38.62
C ASP E 914 -1.11 -20.24 38.79
N TRP E 915 -0.13 -20.46 39.66
CA TRP E 915 0.31 -21.82 39.94
C TRP E 915 -0.75 -22.61 40.67
N GLU E 916 -1.50 -21.96 41.57
CA GLU E 916 -2.47 -22.69 42.38
C GLU E 916 -3.67 -23.14 41.56
N GLU E 917 -4.13 -22.32 40.61
CA GLU E 917 -5.32 -22.64 39.82
C GLU E 917 -5.08 -23.76 38.83
N LEU E 918 -3.84 -24.20 38.64
CA LEU E 918 -3.54 -25.22 37.66
C LEU E 918 -4.09 -26.57 38.09
N PRO E 919 -4.36 -27.47 37.15
CA PRO E 919 -4.81 -28.82 37.53
C PRO E 919 -3.79 -29.52 38.40
N ASP E 920 -4.29 -30.32 39.35
CA ASP E 920 -3.42 -30.94 40.34
C ASP E 920 -2.46 -31.93 39.72
N ASN E 921 -2.89 -32.69 38.71
CA ASN E 921 -2.07 -33.77 38.17
C ASN E 921 -0.76 -33.26 37.58
N VAL E 922 -0.74 -32.02 37.07
CA VAL E 922 0.47 -31.46 36.51
C VAL E 922 1.52 -31.23 37.59
N LYS E 923 1.08 -30.81 38.78
CA LYS E 923 2.00 -30.28 39.78
C LYS E 923 2.95 -31.36 40.32
N GLU E 924 2.53 -32.62 40.33
CA GLU E 924 3.42 -33.68 40.82
C GLU E 924 4.61 -33.85 39.88
N GLY E 925 5.76 -34.15 40.47
CA GLY E 925 7.00 -34.26 39.72
C GLY E 925 7.73 -32.96 39.49
N LEU E 926 7.14 -31.83 39.88
CA LEU E 926 7.76 -30.52 39.71
C LEU E 926 7.88 -29.84 41.06
N GLU E 927 9.04 -29.25 41.32
CA GLU E 927 9.27 -28.53 42.57
C GLU E 927 9.19 -27.04 42.28
N PRO E 928 8.12 -26.36 42.69
CA PRO E 928 7.99 -24.93 42.38
C PRO E 928 9.00 -24.09 43.15
N LEU E 929 9.36 -22.95 42.56
CA LEU E 929 10.23 -21.97 43.21
C LEU E 929 9.76 -20.58 42.79
N ALA E 930 8.99 -19.94 43.66
CA ALA E 930 8.53 -18.58 43.41
C ALA E 930 9.61 -17.60 43.83
N ALA E 931 10.19 -16.89 42.87
CA ALA E 931 11.27 -15.95 43.11
C ALA E 931 10.79 -14.53 42.82
N ASP E 932 10.98 -13.64 43.79
CA ASP E 932 10.65 -12.23 43.61
C ASP E 932 11.84 -11.45 43.05
N TRP E 933 13.00 -11.60 43.68
CA TRP E 933 14.23 -11.02 43.19
C TRP E 933 15.12 -12.13 42.61
N TYR E 934 16.09 -11.72 41.78
CA TYR E 934 17.00 -12.68 41.19
C TYR E 934 17.91 -13.33 42.22
N ASN E 935 18.09 -12.71 43.38
CA ASN E 935 18.93 -13.31 44.42
C ASN E 935 18.39 -14.67 44.84
N ASP E 936 17.08 -14.87 44.80
CA ASP E 936 16.51 -16.17 45.11
C ASP E 936 16.98 -17.23 44.11
N ILE E 937 16.95 -16.88 42.81
CA ILE E 937 17.41 -17.82 41.79
C ILE E 937 18.90 -18.09 41.95
N PHE E 938 19.69 -17.05 42.21
CA PHE E 938 21.13 -17.24 42.37
C PHE E 938 21.44 -18.14 43.56
N GLN E 939 20.73 -17.95 44.67
CA GLN E 939 20.97 -18.80 45.84
C GLN E 939 20.44 -20.21 45.61
N LYS E 940 19.42 -20.37 44.77
CA LYS E 940 18.92 -21.72 44.48
C LYS E 940 19.88 -22.50 43.59
N LEU E 941 20.40 -21.86 42.54
CA LEU E 941 21.23 -22.56 41.57
C LEU E 941 22.70 -22.58 41.98
N PHE E 942 23.31 -21.40 42.14
CA PHE E 942 24.71 -21.30 42.53
C PHE E 942 24.84 -21.36 44.05
N LYS E 943 24.61 -22.57 44.58
CA LYS E 943 24.68 -22.78 46.02
C LYS E 943 26.12 -22.88 46.51
N ASP E 944 26.86 -23.86 45.99
CA ASP E 944 28.20 -24.14 46.51
C ASP E 944 29.23 -23.10 46.10
N VAL E 945 28.94 -22.28 45.10
CA VAL E 945 29.89 -21.26 44.66
C VAL E 945 29.97 -20.17 45.72
N ASN E 946 31.17 -19.92 46.22
CA ASN E 946 31.38 -18.90 47.24
C ASN E 946 32.38 -17.85 46.74
N THR E 947 32.84 -16.98 47.65
CA THR E 947 33.75 -15.90 47.30
C THR E 947 35.19 -16.37 47.13
N LYS E 948 35.45 -17.67 47.08
CA LYS E 948 36.80 -18.19 46.88
C LYS E 948 36.95 -18.91 45.55
N GLU E 949 36.12 -19.92 45.27
CA GLU E 949 36.19 -20.65 44.02
C GLU E 949 35.25 -20.08 42.95
N GLY E 950 34.69 -18.90 43.20
CA GLY E 950 33.87 -18.22 42.22
C GLY E 950 34.39 -16.82 41.95
N ASN E 951 35.20 -16.31 42.86
CA ASN E 951 35.80 -14.99 42.70
C ASN E 951 37.11 -15.01 41.92
N SER E 952 37.70 -16.19 41.73
CA SER E 952 38.98 -16.33 41.04
C SER E 952 38.93 -17.48 40.06
N VAL E 953 37.79 -17.64 39.37
CA VAL E 953 37.68 -18.68 38.36
C VAL E 953 38.61 -18.39 37.19
N TRP E 954 38.61 -17.16 36.70
CA TRP E 954 39.47 -16.75 35.59
C TRP E 954 40.71 -16.04 36.13
N LYS E 955 41.52 -16.78 36.88
CA LYS E 955 42.74 -16.24 37.46
C LYS E 955 43.98 -16.52 36.64
N ALA E 956 44.17 -17.77 36.20
CA ALA E 956 45.33 -18.08 35.36
C ALA E 956 45.20 -17.46 33.98
N GLU E 957 43.97 -17.26 33.50
CA GLU E 957 43.78 -16.69 32.16
C GLU E 957 44.28 -15.25 32.10
N PHE E 958 44.00 -14.46 33.14
CA PHE E 958 44.38 -13.06 33.11
C PHE E 958 45.85 -12.83 33.46
N GLU E 959 46.54 -13.83 34.00
CA GLU E 959 47.99 -13.70 34.14
C GLU E 959 48.66 -13.71 32.78
N ILE E 960 48.10 -14.44 31.81
CA ILE E 960 48.60 -14.39 30.44
C ILE E 960 48.28 -13.04 29.81
N LEU E 961 47.09 -12.51 30.04
CA LEU E 961 46.69 -11.22 29.49
C LEU E 961 47.38 -10.04 30.16
N ASP E 962 48.10 -10.28 31.26
CA ASP E 962 48.79 -9.23 31.99
C ASP E 962 47.84 -8.14 32.47
N ILE F 362 -61.08 8.17 -7.27
CA ILE F 362 -61.91 7.07 -6.80
C ILE F 362 -62.38 7.34 -5.38
N ASP F 363 -61.44 7.37 -4.45
CA ASP F 363 -61.71 7.64 -3.05
C ASP F 363 -61.07 8.97 -2.65
N THR F 364 -61.38 9.42 -1.44
CA THR F 364 -60.92 10.71 -0.94
C THR F 364 -59.72 10.50 -0.01
N TYR F 365 -58.61 11.15 -0.34
CA TYR F 365 -57.41 11.16 0.49
C TYR F 365 -56.90 12.58 0.67
N LYS F 366 -57.83 13.53 0.84
CA LYS F 366 -57.47 14.95 0.87
C LYS F 366 -57.59 15.59 2.25
N GLU F 367 -58.29 14.97 3.19
CA GLU F 367 -58.43 15.57 4.52
C GLU F 367 -57.07 15.70 5.21
N ARG F 368 -56.27 14.63 5.16
CA ARG F 368 -54.97 14.65 5.82
C ARG F 368 -54.04 15.69 5.19
N ILE F 369 -54.05 15.80 3.86
CA ILE F 369 -53.22 16.79 3.20
C ILE F 369 -53.81 18.19 3.33
N LYS F 370 -55.14 18.30 3.49
CA LYS F 370 -55.72 19.60 3.80
C LYS F 370 -55.32 20.09 5.19
N SER F 371 -55.11 19.16 6.12
CA SER F 371 -54.68 19.52 7.46
C SER F 371 -53.16 19.71 7.55
N LEU F 372 -52.44 19.54 6.45
CA LEU F 372 -50.98 19.63 6.46
C LEU F 372 -50.44 21.03 6.23
N LYS F 373 -51.31 22.01 5.94
CA LYS F 373 -50.96 23.40 5.70
C LYS F 373 -49.68 23.54 4.87
N LEU F 374 -49.78 23.04 3.64
CA LEU F 374 -48.63 23.00 2.74
C LEU F 374 -48.18 24.42 2.36
N PRO F 375 -46.88 24.61 2.15
CA PRO F 375 -46.41 25.83 1.49
C PRO F 375 -47.00 25.98 0.09
N ASP F 376 -46.76 27.15 -0.51
CA ASP F 376 -47.41 27.48 -1.78
C ASP F 376 -46.90 26.61 -2.93
N SER F 377 -45.58 26.44 -3.03
CA SER F 377 -45.02 25.70 -4.15
C SER F 377 -45.44 24.24 -4.12
N VAL F 378 -45.36 23.60 -2.96
CA VAL F 378 -45.76 22.21 -2.85
C VAL F 378 -47.27 22.07 -3.04
N GLN F 379 -48.04 23.08 -2.63
CA GLN F 379 -49.48 23.05 -2.89
C GLN F 379 -49.77 23.09 -4.39
N LYS F 380 -49.03 23.94 -5.13
CA LYS F 380 -49.20 23.98 -6.57
C LYS F 380 -48.79 22.66 -7.22
N ILE F 381 -47.71 22.06 -6.74
CA ILE F 381 -47.28 20.77 -7.26
C ILE F 381 -48.35 19.71 -7.01
N PHE F 382 -48.92 19.71 -5.80
CA PHE F 382 -49.97 18.74 -5.46
C PHE F 382 -51.20 18.94 -6.34
N ASP F 383 -51.58 20.20 -6.59
CA ASP F 383 -52.72 20.47 -7.47
C ASP F 383 -52.44 19.99 -8.88
N ASP F 384 -51.23 20.22 -9.39
CA ASP F 384 -50.86 19.75 -10.72
C ASP F 384 -50.92 18.23 -10.80
N GLU F 385 -50.42 17.55 -9.77
CA GLU F 385 -50.47 16.09 -9.77
C GLU F 385 -51.90 15.58 -9.69
N ILE F 386 -52.76 16.26 -8.92
CA ILE F 386 -54.17 15.88 -8.85
C ILE F 386 -54.83 16.03 -10.21
N THR F 387 -54.55 17.14 -10.90
CA THR F 387 -55.12 17.34 -12.24
C THR F 387 -54.61 16.27 -13.21
N LYS F 388 -53.32 15.92 -13.11
CA LYS F 388 -52.78 14.89 -13.99
C LYS F 388 -53.43 13.54 -13.72
N LEU F 389 -53.61 13.20 -12.44
CA LEU F 389 -54.21 11.91 -12.09
C LEU F 389 -55.69 11.85 -12.45
N SER F 390 -56.37 13.00 -12.47
CA SER F 390 -57.79 13.02 -12.81
C SER F 390 -58.04 12.49 -14.22
N THR F 391 -57.06 12.60 -15.10
CA THR F 391 -57.16 12.12 -16.48
C THR F 391 -56.25 10.91 -16.71
N LEU F 392 -56.17 10.03 -15.73
CA LEU F 392 -55.32 8.84 -15.80
C LEU F 392 -56.14 7.59 -15.55
N GLU F 393 -55.66 6.47 -16.09
CA GLU F 393 -56.33 5.19 -15.97
C GLU F 393 -55.35 4.18 -15.38
N THR F 394 -55.90 3.18 -14.66
CA THR F 394 -55.05 2.17 -14.04
C THR F 394 -54.34 1.30 -15.07
N SER F 395 -54.73 1.38 -16.34
CA SER F 395 -54.13 0.53 -17.36
C SER F 395 -52.65 0.82 -17.55
N MET F 396 -52.28 2.11 -17.60
CA MET F 396 -50.89 2.48 -17.82
C MET F 396 -50.21 2.86 -16.50
N SER F 397 -48.89 2.74 -16.49
CA SER F 397 -48.09 2.93 -15.27
C SER F 397 -48.01 4.39 -14.83
N GLU F 398 -48.44 5.34 -15.66
CA GLU F 398 -48.47 6.73 -15.24
C GLU F 398 -49.33 6.90 -13.99
N PHE F 399 -50.48 6.21 -13.95
CA PHE F 399 -51.33 6.26 -12.78
C PHE F 399 -50.61 5.76 -11.54
N GLY F 400 -49.88 4.64 -11.67
CA GLY F 400 -49.14 4.12 -10.53
C GLY F 400 -48.06 5.06 -10.04
N VAL F 401 -47.31 5.65 -10.96
CA VAL F 401 -46.27 6.61 -10.58
C VAL F 401 -46.88 7.80 -9.86
N ILE F 402 -47.99 8.32 -10.41
CA ILE F 402 -48.60 9.51 -9.82
C ILE F 402 -49.20 9.20 -8.46
N ARG F 403 -49.80 8.02 -8.28
CA ARG F 403 -50.38 7.72 -6.97
C ARG F 403 -49.29 7.48 -5.94
N ASN F 404 -48.17 6.86 -6.33
CA ASN F 404 -47.05 6.72 -5.41
C ASN F 404 -46.51 8.08 -5.00
N TYR F 405 -46.35 8.98 -5.96
CA TYR F 405 -45.85 10.31 -5.65
C TYR F 405 -46.81 11.07 -4.73
N LEU F 406 -48.12 10.96 -5.01
CA LEU F 406 -49.11 11.62 -4.18
C LEU F 406 -49.12 11.06 -2.76
N ASP F 407 -49.02 9.74 -2.63
CA ASP F 407 -48.98 9.14 -1.30
C ASP F 407 -47.75 9.60 -0.52
N TRP F 408 -46.59 9.65 -1.19
CA TRP F 408 -45.39 10.13 -0.51
C TRP F 408 -45.53 11.59 -0.10
N LEU F 409 -46.12 12.42 -0.97
CA LEU F 409 -46.30 13.83 -0.63
C LEU F 409 -47.26 14.01 0.55
N THR F 410 -48.38 13.30 0.54
CA THR F 410 -49.37 13.47 1.60
C THR F 410 -48.95 12.81 2.90
N SER F 411 -48.03 11.84 2.85
CA SER F 411 -47.55 11.22 4.07
C SER F 411 -46.59 12.12 4.84
N ILE F 412 -45.83 12.95 4.13
CA ILE F 412 -44.84 13.82 4.77
C ILE F 412 -45.55 14.86 5.63
N PRO F 413 -45.14 15.06 6.89
CA PRO F 413 -45.72 16.11 7.75
C PRO F 413 -45.23 17.49 7.35
N TRP F 414 -45.90 18.07 6.35
CA TRP F 414 -45.42 19.31 5.75
C TRP F 414 -45.47 20.48 6.73
N GLY F 415 -46.55 20.57 7.51
CA GLY F 415 -46.73 21.73 8.36
C GLY F 415 -46.91 21.46 9.84
N LYS F 416 -47.29 20.23 10.21
CA LYS F 416 -47.54 19.90 11.61
C LYS F 416 -46.22 19.74 12.35
N HIS F 417 -46.12 20.35 13.53
CA HIS F 417 -44.95 20.27 14.39
C HIS F 417 -45.31 19.60 15.70
N SER F 418 -44.28 19.29 16.48
CA SER F 418 -44.47 18.72 17.81
C SER F 418 -44.60 19.81 18.86
N LYS F 419 -45.26 19.47 19.96
CA LYS F 419 -45.46 20.42 21.06
C LYS F 419 -44.21 20.46 21.92
N GLU F 420 -43.51 21.59 21.91
CA GLU F 420 -42.29 21.74 22.69
C GLU F 420 -42.62 21.85 24.17
N GLN F 421 -41.72 21.33 25.00
CA GLN F 421 -41.88 21.39 26.45
C GLN F 421 -41.32 22.71 26.97
N TYR F 422 -41.96 23.23 28.03
CA TYR F 422 -41.57 24.50 28.64
C TYR F 422 -41.24 24.36 30.11
N SER F 423 -41.19 23.14 30.64
CA SER F 423 -40.93 22.90 32.05
C SER F 423 -39.49 22.40 32.20
N ILE F 424 -38.61 23.30 32.62
CA ILE F 424 -37.21 22.92 32.84
C ILE F 424 -37.06 21.90 33.97
N PRO F 425 -37.68 22.08 35.14
CA PRO F 425 -37.53 21.05 36.19
C PRO F 425 -38.06 19.69 35.78
N ARG F 426 -39.16 19.65 35.03
CA ARG F 426 -39.70 18.36 34.58
C ARG F 426 -38.74 17.68 33.62
N ALA F 427 -38.15 18.44 32.69
CA ALA F 427 -37.18 17.87 31.77
C ALA F 427 -35.94 17.38 32.50
N LYS F 428 -35.47 18.15 33.48
CA LYS F 428 -34.32 17.72 34.28
C LYS F 428 -34.61 16.43 35.02
N LYS F 429 -35.81 16.33 35.61
CA LYS F 429 -36.19 15.10 36.30
C LYS F 429 -36.23 13.92 35.34
N ILE F 430 -36.94 14.08 34.22
CA ILE F 430 -37.08 12.97 33.27
C ILE F 430 -35.75 12.62 32.61
N LEU F 431 -34.77 13.54 32.63
CA LEU F 431 -33.43 13.22 32.16
C LEU F 431 -32.61 12.51 33.23
N ASP F 432 -32.88 12.78 34.50
CA ASP F 432 -32.09 12.23 35.59
C ASP F 432 -32.57 10.85 36.06
N GLU F 433 -33.66 10.34 35.51
CA GLU F 433 -34.16 9.02 35.88
C GLU F 433 -33.67 7.91 34.97
N ASP F 434 -32.79 8.21 34.02
CA ASP F 434 -32.30 7.19 33.10
C ASP F 434 -30.77 7.14 33.09
N HIS F 435 -30.12 8.28 33.36
CA HIS F 435 -28.68 8.38 33.38
C HIS F 435 -28.24 9.13 34.62
N TYR F 436 -27.00 8.84 35.06
CA TYR F 436 -26.54 9.28 36.38
C TYR F 436 -25.93 10.68 36.35
N GLY F 437 -24.83 10.86 35.61
CA GLY F 437 -24.05 12.07 35.77
C GLY F 437 -23.50 12.69 34.50
N MET F 438 -24.21 12.51 33.39
CA MET F 438 -23.79 13.11 32.12
C MET F 438 -24.18 14.59 32.16
N VAL F 439 -23.38 15.35 32.91
CA VAL F 439 -23.74 16.72 33.27
C VAL F 439 -23.78 17.61 32.03
N ASP F 440 -22.80 17.48 31.14
CA ASP F 440 -22.71 18.38 29.99
C ASP F 440 -23.92 18.23 29.07
N VAL F 441 -24.33 17.00 28.79
CA VAL F 441 -25.46 16.77 27.90
C VAL F 441 -26.76 17.29 28.53
N LYS F 442 -26.94 17.03 29.83
CA LYS F 442 -28.14 17.52 30.51
C LYS F 442 -28.19 19.04 30.53
N ASP F 443 -27.04 19.68 30.77
CA ASP F 443 -26.99 21.14 30.72
C ASP F 443 -27.30 21.65 29.32
N ARG F 444 -26.79 20.98 28.29
CA ARG F 444 -27.08 21.39 26.92
C ARG F 444 -28.58 21.29 26.63
N ILE F 445 -29.23 20.21 27.07
CA ILE F 445 -30.65 20.07 26.84
C ILE F 445 -31.44 21.11 27.62
N LEU F 446 -31.04 21.39 28.86
CA LEU F 446 -31.72 22.41 29.65
C LEU F 446 -31.58 23.78 29.00
N GLU F 447 -30.39 24.09 28.48
CA GLU F 447 -30.20 25.35 27.78
C GLU F 447 -31.04 25.41 26.50
N PHE F 448 -31.17 24.28 25.80
CA PHE F 448 -32.03 24.22 24.63
C PHE F 448 -33.47 24.56 24.99
N ILE F 449 -33.97 23.96 26.07
CA ILE F 449 -35.34 24.23 26.50
C ILE F 449 -35.49 25.69 26.92
N ALA F 450 -34.50 26.21 27.64
CA ALA F 450 -34.58 27.60 28.10
C ALA F 450 -34.59 28.58 26.92
N VAL F 451 -33.74 28.34 25.91
CA VAL F 451 -33.72 29.26 24.78
C VAL F 451 -34.97 29.09 23.93
N GLY F 452 -35.55 27.89 23.88
CA GLY F 452 -36.82 27.73 23.20
C GLY F 452 -37.97 28.38 23.93
N LYS F 453 -37.87 28.51 25.26
CA LYS F 453 -38.90 29.18 26.04
C LYS F 453 -39.00 30.67 25.73
N LEU F 454 -37.92 31.29 25.23
CA LEU F 454 -37.90 32.71 24.97
C LEU F 454 -38.31 33.08 23.56
N LEU F 455 -38.68 32.09 22.73
CA LEU F 455 -39.17 32.34 21.39
C LEU F 455 -40.37 31.43 21.14
N GLY F 456 -40.86 31.43 19.91
CA GLY F 456 -41.91 30.52 19.50
C GLY F 456 -41.40 29.51 18.49
N LYS F 457 -40.21 29.78 17.96
CA LYS F 457 -39.58 28.91 16.98
C LYS F 457 -38.66 27.91 17.68
N VAL F 458 -38.84 26.63 17.39
CA VAL F 458 -38.03 25.57 17.99
C VAL F 458 -36.92 25.25 16.99
N ASP F 459 -35.82 25.98 17.10
CA ASP F 459 -34.69 25.79 16.19
C ASP F 459 -33.95 24.50 16.54
N GLY F 460 -33.65 23.70 15.52
CA GLY F 460 -32.96 22.45 15.70
C GLY F 460 -31.49 22.58 15.31
N LYS F 461 -30.62 22.42 16.30
CA LYS F 461 -29.19 22.53 16.08
C LYS F 461 -28.62 21.16 15.69
N ILE F 462 -27.30 21.08 15.58
CA ILE F 462 -26.61 19.83 15.25
C ILE F 462 -25.65 19.56 16.40
N ILE F 463 -26.11 18.81 17.39
CA ILE F 463 -25.29 18.41 18.52
C ILE F 463 -24.58 17.11 18.17
N CYS F 464 -23.32 17.00 18.58
CA CYS F 464 -22.49 15.86 18.18
C CYS F 464 -21.75 15.34 19.40
N PHE F 465 -21.83 14.03 19.63
CA PHE F 465 -21.27 13.41 20.82
C PHE F 465 -20.10 12.51 20.45
N VAL F 466 -18.99 12.65 21.17
CA VAL F 466 -17.78 11.86 20.94
C VAL F 466 -17.25 11.41 22.30
N GLY F 467 -16.93 10.12 22.39
CA GLY F 467 -16.37 9.57 23.61
C GLY F 467 -15.95 8.12 23.48
N PRO F 468 -15.36 7.57 24.54
CA PRO F 468 -14.97 6.15 24.52
C PRO F 468 -16.20 5.25 24.50
N PRO F 469 -16.05 4.00 24.06
CA PRO F 469 -17.21 3.11 23.98
C PRO F 469 -17.83 2.85 25.34
N GLY F 470 -19.15 2.70 25.35
CA GLY F 470 -19.88 2.34 26.55
C GLY F 470 -20.15 3.47 27.51
N VAL F 471 -20.10 4.73 27.06
CA VAL F 471 -20.38 5.87 27.92
C VAL F 471 -21.82 6.35 27.77
N GLY F 472 -22.67 5.60 27.07
CA GLY F 472 -24.05 6.00 26.93
C GLY F 472 -24.29 7.11 25.95
N LYS F 473 -23.48 7.22 24.89
CA LYS F 473 -23.67 8.25 23.89
C LYS F 473 -24.79 7.92 22.91
N THR F 474 -25.32 6.70 22.94
CA THR F 474 -26.48 6.33 22.13
C THR F 474 -27.74 6.15 22.95
N SER F 475 -27.62 5.61 24.17
CA SER F 475 -28.78 5.39 25.01
C SER F 475 -29.43 6.68 25.48
N ILE F 476 -28.70 7.80 25.44
CA ILE F 476 -29.26 9.07 25.89
C ILE F 476 -30.35 9.55 24.94
N GLY F 477 -30.17 9.32 23.64
CA GLY F 477 -31.08 9.81 22.61
C GLY F 477 -32.56 9.68 22.91
N LYS F 478 -32.99 8.50 23.36
CA LYS F 478 -34.39 8.29 23.68
C LYS F 478 -34.84 9.19 24.84
N SER F 479 -34.03 9.26 25.90
CA SER F 479 -34.37 10.11 27.04
C SER F 479 -34.38 11.59 26.65
N ILE F 480 -33.44 11.99 25.80
CA ILE F 480 -33.39 13.37 25.33
C ILE F 480 -34.64 13.71 24.53
N ALA F 481 -35.05 12.81 23.63
CA ALA F 481 -36.27 13.04 22.87
C ALA F 481 -37.49 13.08 23.77
N ARG F 482 -37.54 12.22 24.79
CA ARG F 482 -38.65 12.25 25.74
C ARG F 482 -38.68 13.56 26.52
N ALA F 483 -37.51 14.06 26.92
CA ALA F 483 -37.43 15.33 27.64
C ALA F 483 -37.84 16.50 26.76
N LEU F 484 -37.50 16.45 25.48
CA LEU F 484 -37.84 17.52 24.55
C LEU F 484 -39.24 17.36 23.97
N ASN F 485 -39.98 16.34 24.40
CA ASN F 485 -41.34 16.08 23.90
C ASN F 485 -41.33 15.91 22.38
N ARG F 486 -40.31 15.23 21.87
CA ARG F 486 -40.16 14.99 20.44
C ARG F 486 -40.22 13.50 20.16
N LYS F 487 -40.34 13.17 18.88
CA LYS F 487 -40.37 11.78 18.45
C LYS F 487 -38.98 11.34 18.00
N PHE F 488 -38.55 10.19 18.49
CA PHE F 488 -37.18 9.73 18.30
C PHE F 488 -37.10 8.76 17.12
N PHE F 489 -36.07 8.95 16.29
CA PHE F 489 -35.78 8.05 15.19
C PHE F 489 -34.28 7.84 15.11
N ARG F 490 -33.86 6.59 15.02
CA ARG F 490 -32.46 6.23 14.93
C ARG F 490 -32.10 5.86 13.50
N PHE F 491 -30.96 6.38 13.03
CA PHE F 491 -30.50 6.18 11.66
C PHE F 491 -29.05 5.69 11.72
N SER F 492 -28.88 4.38 11.64
CA SER F 492 -27.54 3.80 11.68
C SER F 492 -26.84 4.01 10.34
N VAL F 493 -25.61 4.52 10.40
CA VAL F 493 -24.82 4.82 9.21
C VAL F 493 -23.52 4.02 9.29
N GLY F 494 -23.58 2.84 9.92
CA GLY F 494 -22.39 2.03 10.08
C GLY F 494 -21.86 1.47 8.78
N GLY F 495 -22.70 0.82 7.99
CA GLY F 495 -22.24 0.16 6.78
C GLY F 495 -22.74 0.80 5.50
N MET F 496 -23.66 1.76 5.61
CA MET F 496 -24.23 2.38 4.43
C MET F 496 -23.16 3.13 3.65
N THR F 497 -23.08 2.86 2.34
CA THR F 497 -22.06 3.46 1.50
C THR F 497 -22.61 4.01 0.19
N ASP F 498 -23.93 4.09 0.03
CA ASP F 498 -24.55 4.59 -1.19
C ASP F 498 -25.37 5.82 -0.88
N VAL F 499 -25.33 6.81 -1.79
CA VAL F 499 -26.11 8.02 -1.62
C VAL F 499 -27.59 7.77 -1.76
N ALA F 500 -27.98 6.63 -2.35
CA ALA F 500 -29.40 6.30 -2.48
C ALA F 500 -30.08 6.13 -1.15
N GLU F 501 -29.33 5.81 -0.09
CA GLU F 501 -29.89 5.72 1.25
C GLU F 501 -30.02 7.08 1.92
N ILE F 502 -29.51 8.13 1.31
CA ILE F 502 -29.63 9.49 1.84
C ILE F 502 -30.49 10.37 0.94
N LYS F 503 -30.28 10.32 -0.37
CA LYS F 503 -31.03 11.14 -1.31
C LYS F 503 -32.02 10.33 -2.15
N GLY F 504 -31.93 9.01 -2.17
CA GLY F 504 -32.87 8.25 -2.97
C GLY F 504 -32.56 8.32 -4.46
N HIS F 505 -33.57 7.96 -5.25
CA HIS F 505 -33.45 7.93 -6.70
C HIS F 505 -34.63 8.65 -7.33
N ARG F 506 -34.47 8.99 -8.60
CA ARG F 506 -35.51 9.68 -9.35
C ARG F 506 -36.70 8.76 -9.60
N ARG F 507 -37.86 9.37 -9.85
CA ARG F 507 -39.09 8.62 -10.07
C ARG F 507 -39.04 7.79 -11.34
N THR F 508 -38.08 8.04 -12.22
CA THR F 508 -37.99 7.30 -13.48
C THR F 508 -37.74 5.81 -13.26
N TYR F 509 -37.19 5.43 -12.11
CA TYR F 509 -36.81 4.05 -11.85
C TYR F 509 -37.99 3.26 -11.29
N ILE F 510 -37.89 1.94 -11.41
CA ILE F 510 -39.01 1.07 -11.08
C ILE F 510 -39.33 1.12 -9.59
N GLY F 511 -38.31 0.98 -8.75
CA GLY F 511 -38.53 0.89 -7.32
C GLY F 511 -37.82 1.95 -6.51
N ALA F 512 -37.77 3.17 -7.04
CA ALA F 512 -37.07 4.26 -6.35
C ALA F 512 -37.84 4.67 -5.10
N LEU F 513 -37.10 4.83 -4.00
CA LEU F 513 -37.64 5.30 -2.73
C LEU F 513 -36.79 6.46 -2.22
N PRO F 514 -37.37 7.35 -1.42
CA PRO F 514 -36.59 8.48 -0.88
C PRO F 514 -35.52 8.04 0.09
N GLY F 515 -34.73 9.00 0.57
CA GLY F 515 -33.70 8.69 1.55
C GLY F 515 -34.28 8.41 2.92
N ARG F 516 -33.40 8.02 3.84
CA ARG F 516 -33.84 7.67 5.19
C ARG F 516 -34.28 8.89 5.99
N VAL F 517 -33.86 10.10 5.60
CA VAL F 517 -34.34 11.29 6.29
C VAL F 517 -35.81 11.53 5.99
N VAL F 518 -36.20 11.42 4.72
CA VAL F 518 -37.61 11.60 4.35
C VAL F 518 -38.45 10.47 4.94
N GLN F 519 -37.92 9.25 4.95
CA GLN F 519 -38.64 8.14 5.58
C GLN F 519 -38.78 8.34 7.08
N ALA F 520 -37.76 8.90 7.72
CA ALA F 520 -37.86 9.23 9.14
C ALA F 520 -38.92 10.27 9.39
N LEU F 521 -38.98 11.31 8.56
CA LEU F 521 -40.02 12.33 8.69
C LEU F 521 -41.40 11.73 8.51
N LYS F 522 -41.55 10.83 7.53
CA LYS F 522 -42.83 10.16 7.31
C LYS F 522 -43.22 9.29 8.50
N LYS F 523 -42.26 8.54 9.05
CA LYS F 523 -42.55 7.66 10.18
C LYS F 523 -42.93 8.47 11.42
N CYS F 524 -42.22 9.56 11.68
CA CYS F 524 -42.54 10.38 12.84
C CYS F 524 -43.89 11.10 12.67
N GLN F 525 -44.28 11.40 11.44
CA GLN F 525 -45.52 12.12 11.16
C GLN F 525 -45.57 13.46 11.89
N THR F 526 -44.40 14.09 12.03
CA THR F 526 -44.29 15.39 12.68
C THR F 526 -42.97 16.03 12.27
N GLN F 527 -42.93 17.35 12.30
CA GLN F 527 -41.71 18.07 12.07
C GLN F 527 -40.85 18.05 13.34
N ASN F 528 -39.69 18.73 13.27
CA ASN F 528 -38.66 18.82 14.29
C ASN F 528 -38.50 17.54 15.11
N PRO F 529 -38.22 16.40 14.50
CA PRO F 529 -37.97 15.18 15.27
C PRO F 529 -36.52 15.15 15.73
N LEU F 530 -36.16 14.06 16.40
CA LEU F 530 -34.79 13.85 16.87
C LEU F 530 -34.22 12.70 16.06
N ILE F 531 -33.45 13.03 15.02
CA ILE F 531 -32.80 12.04 14.18
C ILE F 531 -31.41 11.79 14.73
N LEU F 532 -31.15 10.55 15.12
CA LEU F 532 -29.87 10.16 15.70
C LEU F 532 -29.04 9.45 14.64
N ILE F 533 -28.00 10.12 14.16
CA ILE F 533 -27.06 9.51 13.22
C ILE F 533 -26.09 8.67 14.03
N ASP F 534 -26.26 7.34 13.97
CA ASP F 534 -25.63 6.46 14.94
C ASP F 534 -24.14 6.26 14.71
N GLU F 535 -23.65 6.42 13.48
CA GLU F 535 -22.23 6.22 13.19
C GLU F 535 -21.77 7.27 12.19
N ILE F 536 -21.05 8.28 12.68
CA ILE F 536 -20.45 9.27 11.79
C ILE F 536 -19.06 8.84 11.34
N ASP F 537 -18.22 8.33 12.26
CA ASP F 537 -16.87 7.93 11.90
C ASP F 537 -16.84 6.78 10.92
N LYS F 538 -17.71 5.78 11.10
CA LYS F 538 -17.68 4.58 10.28
C LYS F 538 -18.57 4.72 9.06
N ILE F 539 -18.15 5.53 8.09
CA ILE F 539 -18.82 5.62 6.80
C ILE F 539 -17.95 5.11 5.66
N GLY F 540 -16.63 5.23 5.77
CA GLY F 540 -15.72 4.84 4.71
C GLY F 540 -15.36 5.96 3.75
N HIS F 541 -15.90 7.17 3.95
CA HIS F 541 -15.61 8.33 3.12
C HIS F 541 -16.04 8.11 1.68
N GLY F 542 -16.82 7.05 1.44
CA GLY F 542 -17.30 6.75 0.11
C GLY F 542 -16.25 6.07 -0.76
N GLY F 543 -16.67 5.06 -1.51
CA GLY F 543 -15.78 4.39 -2.45
C GLY F 543 -16.14 4.72 -3.88
N ILE F 544 -16.82 3.80 -4.55
CA ILE F 544 -17.34 4.05 -5.89
C ILE F 544 -18.86 3.95 -5.85
N HIS F 545 -19.51 4.40 -6.93
CA HIS F 545 -20.97 4.37 -7.05
C HIS F 545 -21.65 5.12 -5.90
N GLY F 546 -21.04 6.22 -5.46
CA GLY F 546 -21.64 7.03 -4.41
C GLY F 546 -20.66 7.50 -3.35
N ASP F 547 -20.87 8.72 -2.85
CA ASP F 547 -20.06 9.29 -1.78
C ASP F 547 -21.00 9.76 -0.67
N PRO F 548 -21.42 8.84 0.21
CA PRO F 548 -22.42 9.19 1.23
C PRO F 548 -21.97 10.28 2.19
N SER F 549 -20.66 10.41 2.44
CA SER F 549 -20.20 11.43 3.37
C SER F 549 -20.53 12.84 2.87
N ALA F 550 -20.34 13.08 1.58
CA ALA F 550 -20.68 14.38 1.01
C ALA F 550 -22.18 14.67 1.10
N ALA F 551 -23.00 13.65 0.84
CA ALA F 551 -24.44 13.82 0.96
C ALA F 551 -24.84 14.16 2.40
N LEU F 552 -24.24 13.46 3.37
CA LEU F 552 -24.53 13.74 4.77
C LEU F 552 -24.08 15.15 5.15
N LEU F 553 -22.92 15.58 4.63
CA LEU F 553 -22.48 16.95 4.84
C LEU F 553 -23.48 17.94 4.26
N GLU F 554 -24.09 17.60 3.13
CA GLU F 554 -25.13 18.44 2.56
C GLU F 554 -26.36 18.48 3.47
N VAL F 555 -26.69 17.35 4.11
CA VAL F 555 -27.81 17.33 5.04
C VAL F 555 -27.49 18.16 6.28
N LEU F 556 -26.29 17.98 6.84
CA LEU F 556 -25.92 18.64 8.10
C LEU F 556 -25.24 19.98 7.83
N ASP F 557 -25.98 20.87 7.19
CA ASP F 557 -25.52 22.23 6.94
C ASP F 557 -26.24 23.17 7.89
N PRO F 558 -25.55 23.81 8.83
CA PRO F 558 -26.27 24.63 9.83
C PRO F 558 -27.09 25.76 9.25
N GLU F 559 -26.66 26.36 8.14
CA GLU F 559 -27.35 27.51 7.56
C GLU F 559 -28.25 27.13 6.39
N GLN F 560 -27.72 26.41 5.41
CA GLN F 560 -28.50 26.01 4.23
C GLN F 560 -29.16 24.66 4.43
N ASN F 561 -29.91 24.52 5.51
CA ASN F 561 -30.64 23.28 5.79
C ASN F 561 -32.11 23.35 5.43
N ASN F 562 -32.66 24.56 5.23
CA ASN F 562 -34.07 24.71 4.89
C ASN F 562 -34.41 24.14 3.52
N SER F 563 -33.41 23.85 2.68
CA SER F 563 -33.63 23.28 1.36
C SER F 563 -32.78 22.02 1.24
N PHE F 564 -33.31 20.89 1.72
CA PHE F 564 -32.59 19.63 1.60
C PHE F 564 -32.60 19.14 0.14
N LEU F 565 -33.73 19.32 -0.55
CA LEU F 565 -33.86 18.97 -1.96
C LEU F 565 -33.59 17.47 -2.18
N ASP F 566 -34.51 16.67 -1.64
CA ASP F 566 -34.47 15.23 -1.86
C ASP F 566 -34.52 14.92 -3.35
N ASN F 567 -33.84 13.84 -3.76
CA ASN F 567 -33.84 13.48 -5.16
C ASN F 567 -35.18 12.89 -5.60
N TYR F 568 -35.77 12.02 -4.78
CA TYR F 568 -37.07 11.47 -5.11
C TYR F 568 -38.16 12.53 -4.95
N LEU F 569 -38.32 13.06 -3.75
CA LEU F 569 -39.17 14.22 -3.51
C LEU F 569 -38.40 15.44 -3.98
N ASP F 570 -38.60 15.82 -5.24
CA ASP F 570 -37.68 16.70 -5.96
C ASP F 570 -37.90 18.19 -5.64
N ILE F 571 -38.53 18.49 -4.51
CA ILE F 571 -38.70 19.88 -4.08
C ILE F 571 -38.01 20.05 -2.73
N PRO F 572 -37.51 21.24 -2.41
CA PRO F 572 -36.81 21.43 -1.13
C PRO F 572 -37.75 21.20 0.05
N ILE F 573 -37.18 20.64 1.13
CA ILE F 573 -37.91 20.37 2.36
C ILE F 573 -37.16 21.02 3.51
N ASP F 574 -37.90 21.55 4.47
CA ASP F 574 -37.32 22.32 5.58
C ASP F 574 -36.78 21.35 6.63
N LEU F 575 -35.45 21.21 6.69
CA LEU F 575 -34.79 20.41 7.70
C LEU F 575 -34.18 21.26 8.81
N SER F 576 -34.47 22.56 8.84
CA SER F 576 -33.87 23.46 9.82
C SER F 576 -34.44 23.26 11.22
N LYS F 577 -35.51 22.47 11.37
CA LYS F 577 -36.10 22.23 12.67
C LYS F 577 -35.67 20.90 13.28
N VAL F 578 -35.15 19.97 12.46
CA VAL F 578 -34.78 18.66 12.95
C VAL F 578 -33.55 18.76 13.83
N LEU F 579 -33.53 17.98 14.91
CA LEU F 579 -32.39 17.91 15.81
C LEU F 579 -31.56 16.68 15.46
N PHE F 580 -30.27 16.90 15.18
CA PHE F 580 -29.36 15.83 14.77
C PHE F 580 -28.36 15.56 15.87
N VAL F 581 -28.16 14.28 16.20
CA VAL F 581 -27.28 13.85 17.28
C VAL F 581 -26.32 12.79 16.73
N CYS F 582 -25.03 12.97 17.00
CA CYS F 582 -24.03 12.00 16.56
C CYS F 582 -23.97 10.80 17.49
N THR F 583 -23.10 9.86 17.13
CA THR F 583 -22.58 8.86 18.05
C THR F 583 -21.23 8.43 17.47
N ALA F 584 -20.15 8.96 18.05
CA ALA F 584 -18.83 8.81 17.46
C ALA F 584 -17.81 8.48 18.55
N ASN F 585 -16.71 7.87 18.13
CA ASN F 585 -15.63 7.49 19.02
C ASN F 585 -14.37 8.31 18.81
N SER F 586 -13.90 8.43 17.57
CA SER F 586 -12.68 9.16 17.26
C SER F 586 -13.02 10.34 16.35
N LEU F 587 -12.48 11.51 16.69
CA LEU F 587 -12.71 12.72 15.92
C LEU F 587 -11.73 12.90 14.77
N GLU F 588 -10.75 12.03 14.64
CA GLU F 588 -9.73 12.15 13.60
C GLU F 588 -10.14 11.52 12.27
N THR F 589 -11.31 10.89 12.21
CA THR F 589 -11.80 10.28 10.98
C THR F 589 -12.73 11.18 10.20
N ILE F 590 -13.55 11.97 10.88
CA ILE F 590 -14.52 12.85 10.21
C ILE F 590 -13.77 13.88 9.38
N PRO F 591 -14.15 14.10 8.12
CA PRO F 591 -13.50 15.16 7.33
C PRO F 591 -13.73 16.53 7.94
N ARG F 592 -12.76 17.41 7.75
CA ARG F 592 -12.85 18.76 8.31
C ARG F 592 -14.09 19.54 7.84
N PRO F 593 -14.47 19.54 6.56
CA PRO F 593 -15.71 20.25 6.19
C PRO F 593 -16.95 19.72 6.91
N LEU F 594 -17.02 18.41 7.14
CA LEU F 594 -18.16 17.85 7.85
C LEU F 594 -18.07 18.14 9.34
N LEU F 595 -16.86 18.07 9.91
CA LEU F 595 -16.70 18.31 11.34
C LEU F 595 -16.94 19.77 11.69
N ASP F 596 -16.68 20.69 10.76
CA ASP F 596 -16.87 22.11 11.03
C ASP F 596 -18.35 22.47 11.20
N ARG F 597 -19.26 21.67 10.66
CA ARG F 597 -20.69 21.95 10.73
C ARG F 597 -21.34 21.42 12.00
N MET F 598 -20.62 20.64 12.80
CA MET F 598 -21.20 19.95 13.95
C MET F 598 -20.62 20.51 15.24
N GLU F 599 -21.49 20.68 16.23
CA GLU F 599 -21.08 21.11 17.57
C GLU F 599 -20.76 19.85 18.37
N VAL F 600 -19.49 19.70 18.75
CA VAL F 600 -19.00 18.48 19.38
C VAL F 600 -18.94 18.65 20.89
N ILE F 601 -19.54 17.72 21.61
CA ILE F 601 -19.47 17.66 23.06
C ILE F 601 -18.65 16.44 23.46
N GLU F 602 -17.60 16.66 24.25
CA GLU F 602 -16.70 15.58 24.64
C GLU F 602 -17.32 14.79 25.79
N LEU F 603 -17.60 13.52 25.55
CA LEU F 603 -18.22 12.64 26.54
C LEU F 603 -17.12 11.82 27.21
N THR F 604 -16.49 12.42 28.21
CA THR F 604 -15.47 11.73 28.99
C THR F 604 -16.09 10.57 29.77
N GLY F 605 -15.31 9.51 29.96
CA GLY F 605 -15.79 8.32 30.65
C GLY F 605 -16.08 8.55 32.12
N TYR F 606 -16.20 7.45 32.87
CA TYR F 606 -16.64 7.51 34.26
C TYR F 606 -15.50 7.12 35.21
N VAL F 607 -15.43 7.82 36.34
CA VAL F 607 -14.48 7.47 37.39
C VAL F 607 -15.04 6.32 38.21
N ALA F 608 -14.14 5.63 38.93
CA ALA F 608 -14.54 4.44 39.69
C ALA F 608 -15.67 4.74 40.67
N GLU F 609 -15.63 5.90 41.33
CA GLU F 609 -16.73 6.30 42.21
C GLU F 609 -18.01 6.47 41.41
N ASP F 610 -17.93 7.15 40.26
CA ASP F 610 -19.08 7.25 39.38
C ASP F 610 -19.50 5.88 38.88
N LYS F 611 -18.54 4.97 38.70
CA LYS F 611 -18.88 3.62 38.27
C LYS F 611 -19.70 2.88 39.32
N VAL F 612 -19.31 2.97 40.58
CA VAL F 612 -20.08 2.27 41.62
C VAL F 612 -21.45 2.93 41.78
N LYS F 613 -21.52 4.26 41.65
CA LYS F 613 -22.82 4.92 41.73
C LYS F 613 -23.73 4.46 40.60
N ILE F 614 -23.20 4.43 39.37
CA ILE F 614 -23.98 3.96 38.22
C ILE F 614 -24.42 2.53 38.43
N ALA F 615 -23.51 1.68 38.90
CA ALA F 615 -23.85 0.29 39.17
C ALA F 615 -25.03 0.20 40.13
N GLU F 616 -24.84 0.68 41.37
CA GLU F 616 -25.85 0.55 42.40
C GLU F 616 -27.15 1.25 42.05
N GLN F 617 -27.13 2.26 41.18
CA GLN F 617 -28.35 2.98 40.86
C GLN F 617 -29.10 2.39 39.67
N TYR F 618 -28.40 1.85 38.68
CA TYR F 618 -29.10 1.43 37.47
C TYR F 618 -28.80 -0.01 37.05
N LEU F 619 -27.57 -0.48 37.24
CA LEU F 619 -27.16 -1.75 36.65
C LEU F 619 -27.48 -2.93 37.56
N VAL F 620 -27.11 -2.83 38.84
CA VAL F 620 -27.39 -3.91 39.78
C VAL F 620 -28.90 -4.18 39.90
N PRO F 621 -29.77 -3.17 40.12
CA PRO F 621 -31.21 -3.48 40.14
C PRO F 621 -31.71 -4.04 38.82
N SER F 622 -31.24 -3.53 37.69
CA SER F 622 -31.73 -4.01 36.40
C SER F 622 -31.26 -5.44 36.13
N ALA F 623 -29.98 -5.73 36.42
CA ALA F 623 -29.48 -7.09 36.23
C ALA F 623 -30.18 -8.05 37.18
N LYS F 624 -30.44 -7.63 38.41
CA LYS F 624 -31.17 -8.47 39.35
C LYS F 624 -32.58 -8.74 38.85
N LYS F 625 -33.26 -7.72 38.33
CA LYS F 625 -34.62 -7.90 37.83
C LYS F 625 -34.66 -8.78 36.59
N SER F 626 -33.66 -8.66 35.72
CA SER F 626 -33.63 -9.44 34.47
C SER F 626 -33.39 -10.94 34.69
N ALA F 627 -33.37 -11.43 35.92
CA ALA F 627 -33.27 -12.85 36.20
C ALA F 627 -34.20 -13.24 37.35
N GLY F 628 -35.40 -12.67 37.37
CA GLY F 628 -36.27 -12.86 38.52
C GLY F 628 -35.66 -12.19 39.74
N LEU F 629 -35.48 -12.96 40.81
CA LEU F 629 -34.67 -12.56 41.97
C LEU F 629 -35.18 -11.25 42.58
N GLU F 630 -36.39 -11.33 43.14
CA GLU F 630 -37.08 -10.14 43.64
C GLU F 630 -37.26 -10.09 45.15
N ASN F 631 -37.72 -11.17 45.78
CA ASN F 631 -38.32 -11.08 47.12
C ASN F 631 -37.27 -11.24 48.21
N SER F 632 -36.64 -10.12 48.56
CA SER F 632 -35.85 -9.95 49.78
C SER F 632 -34.81 -11.06 49.95
N HIS F 633 -33.86 -11.08 49.02
CA HIS F 633 -32.82 -12.10 49.02
C HIS F 633 -31.62 -11.57 48.23
N VAL F 634 -30.79 -12.48 47.72
CA VAL F 634 -29.41 -12.24 47.29
C VAL F 634 -29.20 -10.90 46.60
N ASP F 635 -28.13 -10.21 46.99
CA ASP F 635 -27.76 -8.90 46.48
C ASP F 635 -26.26 -8.74 46.58
N MET F 636 -25.75 -7.69 45.93
CA MET F 636 -24.32 -7.41 45.92
C MET F 636 -24.00 -6.30 46.90
N THR F 637 -23.04 -6.56 47.81
CA THR F 637 -22.65 -5.58 48.79
C THR F 637 -21.81 -4.48 48.16
N GLU F 638 -21.67 -3.37 48.89
CA GLU F 638 -20.92 -2.23 48.38
C GLU F 638 -19.44 -2.56 48.22
N ASP F 639 -18.87 -3.32 49.18
CA ASP F 639 -17.47 -3.71 49.06
C ASP F 639 -17.25 -4.62 47.86
N ALA F 640 -18.25 -5.43 47.50
CA ALA F 640 -18.14 -6.26 46.30
C ALA F 640 -18.01 -5.39 45.06
N ILE F 641 -18.80 -4.33 44.95
CA ILE F 641 -18.71 -3.44 43.80
C ILE F 641 -17.39 -2.68 43.80
N THR F 642 -16.93 -2.27 44.99
CA THR F 642 -15.65 -1.58 45.07
C THR F 642 -14.51 -2.49 44.62
N ALA F 643 -14.54 -3.77 45.05
CA ALA F 643 -13.53 -4.73 44.60
C ALA F 643 -13.65 -5.00 43.12
N LEU F 644 -14.87 -5.01 42.57
CA LEU F 644 -15.04 -5.19 41.14
C LEU F 644 -14.41 -4.05 40.36
N MET F 645 -14.58 -2.82 40.85
CA MET F 645 -13.90 -1.68 40.22
C MET F 645 -12.38 -1.81 40.33
N LYS F 646 -11.90 -2.17 41.52
CA LYS F 646 -10.46 -2.15 41.78
C LYS F 646 -9.73 -3.27 41.05
N TYR F 647 -10.39 -4.41 40.84
CA TYR F 647 -9.71 -5.59 40.35
C TYR F 647 -10.25 -6.15 39.03
N TYR F 648 -11.39 -5.67 38.55
CA TYR F 648 -11.92 -6.28 37.34
C TYR F 648 -12.26 -5.29 36.24
N CYS F 649 -12.77 -4.11 36.57
CA CYS F 649 -13.25 -3.15 35.59
C CYS F 649 -12.52 -1.82 35.79
N ARG F 650 -11.54 -1.55 34.92
CA ARG F 650 -10.80 -0.29 34.94
C ARG F 650 -11.00 0.53 33.67
N GLU F 651 -11.99 0.19 32.86
CA GLU F 651 -12.22 0.88 31.59
C GLU F 651 -12.92 2.22 31.86
N SER F 652 -13.36 2.88 30.80
CA SER F 652 -14.15 4.11 30.93
C SER F 652 -15.64 3.89 30.77
N GLY F 653 -16.05 2.91 29.97
CA GLY F 653 -17.46 2.60 29.82
C GLY F 653 -17.97 1.73 30.95
N VAL F 654 -19.26 1.40 30.87
CA VAL F 654 -19.91 0.61 31.90
C VAL F 654 -20.50 -0.66 31.29
N ARG F 655 -19.88 -1.15 30.21
CA ARG F 655 -20.38 -2.35 29.53
C ARG F 655 -19.78 -3.62 30.13
N ASN F 656 -18.46 -3.64 30.36
CA ASN F 656 -17.84 -4.78 31.02
C ASN F 656 -18.37 -4.94 32.44
N LEU F 657 -18.67 -3.82 33.12
CA LEU F 657 -19.31 -3.88 34.42
C LEU F 657 -20.68 -4.55 34.32
N LYS F 658 -21.43 -4.20 33.28
CA LYS F 658 -22.72 -4.86 33.04
C LYS F 658 -22.54 -6.36 32.85
N LYS F 659 -21.52 -6.76 32.07
CA LYS F 659 -21.27 -8.17 31.87
C LYS F 659 -20.95 -8.88 33.18
N HIS F 660 -20.10 -8.26 34.01
CA HIS F 660 -19.72 -8.90 35.27
C HIS F 660 -20.90 -9.03 36.22
N ILE F 661 -21.72 -7.98 36.35
CA ILE F 661 -22.88 -8.06 37.21
C ILE F 661 -23.87 -9.08 36.68
N GLU F 662 -24.06 -9.12 35.36
CA GLU F 662 -24.97 -10.08 34.76
C GLU F 662 -24.52 -11.50 35.01
N LYS F 663 -23.21 -11.77 34.92
CA LYS F 663 -22.72 -13.12 35.17
C LYS F 663 -22.82 -13.48 36.65
N ILE F 664 -22.60 -12.51 37.55
CA ILE F 664 -22.77 -12.78 38.97
C ILE F 664 -24.20 -13.20 39.27
N TYR F 665 -25.17 -12.41 38.78
CA TYR F 665 -26.57 -12.74 39.05
C TYR F 665 -27.01 -13.97 38.28
N ARG F 666 -26.39 -14.26 37.14
CA ARG F 666 -26.68 -15.49 36.40
C ARG F 666 -26.26 -16.72 37.20
N LYS F 667 -25.06 -16.68 37.79
CA LYS F 667 -24.63 -17.79 38.63
C LYS F 667 -25.47 -17.89 39.89
N ALA F 668 -25.87 -16.74 40.45
CA ALA F 668 -26.76 -16.78 41.62
C ALA F 668 -28.09 -17.43 41.27
N ALA F 669 -28.65 -17.10 40.09
CA ALA F 669 -29.89 -17.72 39.66
C ALA F 669 -29.73 -19.21 39.43
N LEU F 670 -28.59 -19.62 38.85
CA LEU F 670 -28.33 -21.05 38.67
C LEU F 670 -28.27 -21.77 40.02
N GLN F 671 -27.60 -21.17 41.00
CA GLN F 671 -27.55 -21.75 42.33
C GLN F 671 -28.96 -21.86 42.93
N VAL F 672 -29.77 -20.82 42.76
CA VAL F 672 -31.13 -20.84 43.27
C VAL F 672 -31.95 -21.96 42.63
N VAL F 673 -31.81 -22.12 41.31
CA VAL F 673 -32.51 -23.20 40.62
C VAL F 673 -32.07 -24.55 41.14
N LYS F 674 -30.76 -24.73 41.31
CA LYS F 674 -30.24 -26.02 41.76
C LYS F 674 -30.72 -26.35 43.17
N LYS F 675 -30.74 -25.35 44.06
CA LYS F 675 -31.22 -25.56 45.42
C LYS F 675 -32.73 -25.41 45.55
N LEU F 676 -33.43 -25.07 44.46
CA LEU F 676 -34.87 -24.88 44.46
C LEU F 676 -35.31 -23.85 45.50
N LYS F 731 -31.09 -21.36 53.54
CA LYS F 731 -32.00 -20.24 53.41
C LYS F 731 -31.97 -19.66 52.00
N ILE F 732 -32.98 -18.88 51.65
CA ILE F 732 -33.07 -18.29 50.32
C ILE F 732 -32.18 -17.07 50.15
N ASN F 733 -31.42 -16.70 51.17
CA ASN F 733 -30.54 -15.54 51.13
C ASN F 733 -29.12 -15.98 50.78
N VAL F 734 -28.54 -15.35 49.76
CA VAL F 734 -27.17 -15.61 49.34
C VAL F 734 -26.40 -14.30 49.46
N SER F 735 -25.22 -14.36 50.08
CA SER F 735 -24.40 -13.18 50.30
C SER F 735 -23.22 -13.18 49.33
N ILE F 736 -23.03 -12.06 48.64
CA ILE F 736 -21.91 -11.85 47.74
C ILE F 736 -21.13 -10.65 48.23
N SER F 737 -19.85 -10.86 48.54
CA SER F 737 -19.01 -9.81 49.11
C SER F 737 -17.61 -9.94 48.55
N GLN F 738 -16.68 -9.18 49.12
CA GLN F 738 -15.30 -9.19 48.65
C GLN F 738 -14.65 -10.56 48.86
N LYS F 739 -14.89 -11.18 50.00
CA LYS F 739 -14.22 -12.43 50.35
C LYS F 739 -14.67 -13.62 49.52
N ASN F 740 -15.74 -13.49 48.75
CA ASN F 740 -16.24 -14.57 47.90
C ASN F 740 -16.58 -14.05 46.52
N LEU F 741 -16.01 -12.91 46.14
CA LEU F 741 -16.25 -12.35 44.83
C LEU F 741 -15.49 -13.10 43.73
N LYS F 742 -14.29 -13.59 44.03
CA LYS F 742 -13.50 -14.35 43.04
C LYS F 742 -13.96 -15.80 43.02
N ASP F 743 -15.27 -15.96 42.95
CA ASP F 743 -15.90 -17.28 42.79
C ASP F 743 -16.99 -17.14 41.75
N TYR F 744 -17.35 -15.90 41.42
CA TYR F 744 -18.45 -15.60 40.51
C TYR F 744 -17.94 -15.01 39.19
N VAL F 745 -17.08 -13.99 39.28
CA VAL F 745 -16.51 -13.36 38.09
C VAL F 745 -15.18 -14.01 37.74
N GLY F 746 -14.86 -15.11 38.42
CA GLY F 746 -13.63 -15.81 38.16
C GLY F 746 -12.52 -15.42 39.11
N PRO F 747 -11.81 -16.42 39.64
CA PRO F 747 -10.68 -16.15 40.54
C PRO F 747 -9.61 -15.27 39.89
N PRO F 748 -9.39 -15.36 38.55
CA PRO F 748 -8.47 -14.40 37.92
C PRO F 748 -8.85 -12.94 38.20
N VAL F 749 -7.83 -12.10 38.43
CA VAL F 749 -8.04 -10.70 38.76
C VAL F 749 -7.19 -9.84 37.81
N TYR F 750 -7.22 -8.52 38.02
CA TYR F 750 -6.50 -7.59 37.17
C TYR F 750 -5.74 -6.57 38.01
N THR F 751 -5.00 -7.05 39.01
CA THR F 751 -4.21 -6.19 39.86
C THR F 751 -2.76 -6.65 39.91
N THR F 752 -1.86 -5.74 39.51
CA THR F 752 -0.43 -5.94 39.70
C THR F 752 0.19 -4.76 40.44
N ASP F 753 -0.24 -3.55 40.09
CA ASP F 753 0.19 -2.29 40.73
C ASP F 753 1.69 -2.03 40.55
N ARG F 754 2.40 -2.95 39.90
CA ARG F 754 3.85 -2.89 39.76
C ARG F 754 4.53 -2.67 41.11
N LEU F 755 4.93 -1.43 41.38
CA LEU F 755 5.49 -0.99 42.66
C LEU F 755 6.57 -1.14 43.72
N TYR F 756 7.75 -0.84 43.49
CA TYR F 756 8.83 -1.20 44.40
C TYR F 756 8.57 -0.81 45.85
N GLU F 757 8.80 -1.74 46.78
CA GLU F 757 8.53 -1.44 48.18
C GLU F 757 9.36 -0.25 48.66
N THR F 758 10.61 -0.17 48.23
CA THR F 758 11.45 1.00 48.47
C THR F 758 12.31 1.28 47.24
N THR F 759 12.39 2.54 46.84
CA THR F 759 13.04 2.88 45.58
C THR F 759 14.55 2.93 45.75
N PRO F 760 15.31 2.16 44.98
CA PRO F 760 16.77 2.28 45.01
C PRO F 760 17.23 3.46 44.17
N PRO F 761 18.47 3.92 44.37
CA PRO F 761 18.97 5.05 43.57
C PRO F 761 19.04 4.68 42.10
N GLY F 762 18.37 5.48 41.26
CA GLY F 762 18.34 5.24 39.83
C GLY F 762 16.94 5.05 39.30
N VAL F 763 16.04 4.57 40.16
CA VAL F 763 14.66 4.30 39.76
C VAL F 763 13.80 5.52 40.11
N VAL F 764 12.92 5.89 39.19
CA VAL F 764 12.00 7.00 39.41
C VAL F 764 10.63 6.59 38.89
N MET F 765 9.59 6.92 39.66
CA MET F 765 8.22 6.50 39.36
C MET F 765 7.47 7.64 38.67
N GLY F 766 7.28 7.53 37.36
CA GLY F 766 6.44 8.45 36.62
C GLY F 766 5.10 7.83 36.29
N LEU F 767 4.28 8.60 35.59
CA LEU F 767 2.92 8.21 35.27
C LEU F 767 2.73 8.10 33.77
N ALA F 768 1.76 7.29 33.36
CA ALA F 768 1.45 7.10 31.96
C ALA F 768 -0.05 6.93 31.79
N TRP F 769 -0.55 7.32 30.62
CA TRP F 769 -1.97 7.31 30.31
C TRP F 769 -2.29 6.06 29.49
N THR F 770 -3.33 5.33 29.91
CA THR F 770 -3.76 4.13 29.23
C THR F 770 -5.28 4.11 29.16
N ASN F 771 -5.82 3.20 28.34
CA ASN F 771 -7.26 3.02 28.29
C ASN F 771 -7.80 2.53 29.63
N MET F 772 -7.09 1.58 30.25
CA MET F 772 -7.50 1.04 31.54
C MET F 772 -7.13 1.99 32.67
N GLY F 773 -7.77 3.14 32.71
CA GLY F 773 -7.45 4.15 33.72
C GLY F 773 -6.10 4.79 33.45
N GLY F 774 -5.12 4.47 34.28
CA GLY F 774 -3.76 4.95 34.07
C GLY F 774 -2.73 3.86 34.30
N CYS F 775 -1.46 4.23 34.42
CA CYS F 775 -0.42 3.24 34.67
C CYS F 775 0.75 3.93 35.35
N SER F 776 1.48 3.16 36.15
CA SER F 776 2.67 3.62 36.83
C SER F 776 3.89 3.19 36.03
N LEU F 777 4.48 4.13 35.31
CA LEU F 777 5.62 3.87 34.43
C LEU F 777 6.89 4.08 35.22
N TYR F 778 7.66 3.01 35.42
CA TYR F 778 8.93 3.11 36.12
C TYR F 778 10.04 3.40 35.13
N VAL F 779 11.00 4.23 35.55
CA VAL F 779 12.17 4.55 34.74
C VAL F 779 13.39 4.18 35.55
N GLU F 780 14.21 3.28 35.00
CA GLU F 780 15.35 2.73 35.73
C GLU F 780 16.62 3.00 34.94
N SER F 781 17.55 3.71 35.56
CA SER F 781 18.89 3.87 35.03
C SER F 781 19.87 3.14 35.93
N VAL F 782 20.66 2.26 35.33
CA VAL F 782 21.65 1.51 36.09
C VAL F 782 23.01 1.69 35.44
N LEU F 783 24.05 1.73 36.26
CA LEU F 783 25.41 1.74 35.77
C LEU F 783 25.86 0.31 35.56
N GLU F 784 26.21 -0.05 34.32
CA GLU F 784 26.48 -1.44 34.01
C GLU F 784 27.68 -1.99 34.79
N GLN F 785 28.55 -1.11 35.27
CA GLN F 785 29.75 -1.51 36.00
C GLN F 785 29.90 -0.60 37.22
N PRO F 786 30.79 -0.93 38.18
CA PRO F 786 30.81 -0.16 39.44
C PRO F 786 31.50 1.20 39.34
N LEU F 787 31.67 1.71 38.13
CA LEU F 787 32.30 3.00 37.82
C LEU F 787 33.83 2.90 37.89
N HIS F 788 34.36 1.74 38.26
CA HIS F 788 35.71 1.42 37.83
C HIS F 788 35.75 1.38 36.31
N ASN F 789 34.81 0.66 35.71
CA ASN F 789 34.28 0.87 34.35
C ASN F 789 35.33 0.85 33.24
N CYS F 790 35.42 1.91 32.42
CA CYS F 790 36.41 2.02 31.36
C CYS F 790 36.48 3.50 31.02
N LYS F 791 37.16 3.83 29.93
CA LYS F 791 37.33 5.22 29.51
C LYS F 791 36.33 5.62 28.43
N HIS F 792 35.16 4.98 28.40
CA HIS F 792 34.16 5.24 27.37
C HIS F 792 32.80 5.47 28.00
N PRO F 793 32.31 6.71 28.09
CA PRO F 793 30.96 6.94 28.59
C PRO F 793 29.90 6.68 27.54
N THR F 794 29.04 5.68 27.76
CA THR F 794 28.01 5.30 26.81
C THR F 794 26.64 5.55 27.41
N PHE F 795 25.60 5.23 26.64
CA PHE F 795 24.22 5.38 27.05
C PHE F 795 23.34 4.60 26.09
N GLU F 796 22.50 3.72 26.63
CA GLU F 796 21.69 2.83 25.80
C GLU F 796 20.28 2.74 26.35
N ARG F 797 19.31 2.78 25.44
CA ARG F 797 17.90 2.80 25.77
C ARG F 797 17.26 1.45 25.48
N THR F 798 16.41 0.99 26.40
CA THR F 798 15.65 -0.24 26.22
C THR F 798 14.24 -0.03 26.77
N GLY F 799 13.32 -0.87 26.32
CA GLY F 799 11.96 -0.85 26.81
C GLY F 799 10.88 -0.45 25.83
N GLN F 800 11.12 -0.57 24.52
CA GLN F 800 10.15 -0.19 23.49
C GLN F 800 9.72 1.27 23.63
N LEU F 801 10.69 2.18 23.75
CA LEU F 801 10.42 3.56 24.12
C LEU F 801 9.63 4.31 23.05
N GLY F 802 9.89 4.02 21.78
CA GLY F 802 9.24 4.74 20.71
C GLY F 802 10.06 5.92 20.21
N ASP F 803 9.76 6.39 19.01
CA ASP F 803 10.56 7.42 18.36
C ASP F 803 10.55 8.74 19.13
N VAL F 804 9.38 9.13 19.63
CA VAL F 804 9.24 10.40 20.34
C VAL F 804 9.87 10.36 21.74
N MET F 805 9.81 9.22 22.43
CA MET F 805 10.33 9.13 23.78
C MET F 805 11.81 8.76 23.83
N LYS F 806 12.35 8.12 22.78
CA LYS F 806 13.78 8.00 22.64
C LYS F 806 14.45 9.36 22.45
N GLU F 807 13.81 10.25 21.68
CA GLU F 807 14.27 11.62 21.55
C GLU F 807 14.15 12.39 22.86
N SER F 808 13.13 12.09 23.67
CA SER F 808 12.99 12.68 24.99
C SER F 808 13.91 12.04 26.02
N SER F 809 14.45 10.86 25.74
CA SER F 809 15.46 10.24 26.57
C SER F 809 16.86 10.72 26.26
N ARG F 810 17.18 10.92 24.98
CA ARG F 810 18.44 11.53 24.59
C ARG F 810 18.51 12.99 25.01
N LEU F 811 17.37 13.69 25.05
CA LEU F 811 17.30 15.06 25.52
C LEU F 811 17.48 15.17 27.03
N ALA F 812 16.98 14.22 27.81
CA ALA F 812 17.11 14.23 29.26
C ALA F 812 18.51 13.80 29.71
N TYR F 813 19.26 13.13 28.85
CA TYR F 813 20.67 12.84 29.14
C TYR F 813 21.54 14.08 29.05
N SER F 814 21.39 14.87 27.99
CA SER F 814 22.14 16.11 27.83
C SER F 814 21.80 17.15 28.89
N PHE F 815 20.52 17.25 29.27
CA PHE F 815 20.15 18.20 30.31
C PHE F 815 20.70 17.77 31.66
N ALA F 816 20.61 16.48 31.98
CA ALA F 816 21.12 15.98 33.25
C ALA F 816 22.64 16.03 33.34
N LYS F 817 23.34 15.88 32.21
CA LYS F 817 24.80 15.99 32.20
C LYS F 817 25.29 17.42 32.34
N MET F 818 24.50 18.41 31.94
CA MET F 818 24.86 19.81 32.09
C MET F 818 24.37 20.41 33.41
N TYR F 819 23.25 19.94 33.94
CA TYR F 819 22.72 20.47 35.19
C TYR F 819 23.59 20.10 36.38
N LEU F 820 24.06 18.85 36.43
CA LEU F 820 24.91 18.41 37.53
C LEU F 820 26.31 18.99 37.45
N ALA F 821 26.73 19.49 36.29
CA ALA F 821 28.02 20.16 36.14
C ALA F 821 27.92 21.65 36.46
N GLN F 822 26.72 22.13 36.81
CA GLN F 822 26.52 23.50 37.24
C GLN F 822 26.33 23.65 38.74
N LYS F 823 25.82 22.62 39.42
CA LYS F 823 25.60 22.67 40.85
C LYS F 823 26.58 21.84 41.65
N PHE F 824 27.13 20.77 41.06
CA PHE F 824 28.16 19.93 41.67
C PHE F 824 29.31 19.81 40.68
N PRO F 825 30.15 20.83 40.58
CA PRO F 825 31.20 20.84 39.53
C PRO F 825 32.17 19.67 39.60
N GLU F 826 32.50 19.20 40.79
CA GLU F 826 33.51 18.16 40.96
C GLU F 826 32.95 16.75 40.87
N ASN F 827 31.64 16.61 40.64
CA ASN F 827 31.02 15.29 40.49
C ASN F 827 31.12 14.89 39.02
N ARG F 828 32.28 14.31 38.67
CA ARG F 828 32.56 13.93 37.29
C ARG F 828 32.04 12.53 37.02
N PHE F 829 30.78 12.31 37.36
CA PHE F 829 30.17 10.99 37.19
C PHE F 829 29.92 10.66 35.73
N PHE F 830 29.45 11.62 34.92
CA PHE F 830 29.08 11.37 33.54
C PHE F 830 30.29 11.29 32.61
N GLU F 831 31.49 11.55 33.11
CA GLU F 831 32.70 11.44 32.31
C GLU F 831 33.06 9.99 31.99
N LYS F 832 32.70 9.05 32.85
CA LYS F 832 33.00 7.64 32.62
C LYS F 832 31.81 6.72 32.80
N ALA F 833 30.60 7.25 32.97
CA ALA F 833 29.42 6.44 33.26
C ALA F 833 28.88 5.78 32.00
N SER F 834 28.48 4.53 32.15
CA SER F 834 27.82 3.76 31.09
C SER F 834 26.41 3.46 31.57
N ILE F 835 25.47 4.37 31.28
CA ILE F 835 24.11 4.29 31.79
C ILE F 835 23.29 3.34 30.91
N HIS F 836 22.33 2.65 31.52
CA HIS F 836 21.39 1.82 30.75
C HIS F 836 19.99 2.19 31.21
N LEU F 837 19.22 2.84 30.34
CA LEU F 837 17.86 3.24 30.65
C LEU F 837 16.87 2.16 30.25
N HIS F 838 15.89 1.91 31.11
CA HIS F 838 14.88 0.88 30.83
C HIS F 838 13.59 1.21 31.53
N CYS F 839 12.48 0.99 30.84
CA CYS F 839 11.16 1.08 31.46
C CYS F 839 10.59 -0.33 31.62
N PRO F 840 10.30 -0.78 32.84
CA PRO F 840 9.78 -2.14 33.03
C PRO F 840 8.51 -2.39 32.22
N GLU F 841 8.10 -3.66 32.18
CA GLU F 841 7.06 -4.13 31.28
C GLU F 841 7.46 -3.84 29.85
N GLY F 842 8.58 -4.43 29.41
CA GLY F 842 9.09 -4.15 28.08
C GLY F 842 8.17 -4.66 26.98
N ALA F 843 7.33 -5.64 27.30
CA ALA F 843 6.38 -6.17 26.33
C ALA F 843 5.43 -5.08 25.85
N THR F 844 4.93 -4.28 26.78
CA THR F 844 4.01 -3.20 26.44
C THR F 844 4.75 -2.03 25.81
N PRO F 845 4.39 -1.65 24.58
CA PRO F 845 5.04 -0.50 23.96
C PRO F 845 4.62 0.80 24.62
N LYS F 846 5.55 1.75 24.67
CA LYS F 846 5.32 3.07 25.24
C LYS F 846 5.72 4.14 24.24
N ASP F 847 5.25 5.36 24.49
CA ASP F 847 5.57 6.51 23.65
C ASP F 847 5.06 7.76 24.33
N GLY F 848 5.61 8.90 23.92
CA GLY F 848 5.15 10.18 24.40
C GLY F 848 6.23 10.96 25.12
N PRO F 849 6.24 12.28 24.94
CA PRO F 849 7.17 13.14 25.68
C PRO F 849 6.72 13.49 27.08
N SER F 850 5.64 12.91 27.56
CA SER F 850 5.06 13.25 28.86
C SER F 850 5.93 12.81 30.03
N ALA F 851 6.87 11.91 29.82
CA ALA F 851 7.81 11.49 30.87
C ALA F 851 9.21 11.90 30.42
N GLY F 852 9.55 13.16 30.69
CA GLY F 852 10.89 13.64 30.43
C GLY F 852 11.56 14.10 31.70
N VAL F 853 10.78 14.66 32.62
CA VAL F 853 11.28 15.02 33.95
C VAL F 853 11.46 13.81 34.83
N THR F 854 10.84 12.68 34.48
CA THR F 854 11.13 11.40 35.11
C THR F 854 12.52 10.91 34.76
N MET F 855 12.81 10.78 33.46
CA MET F 855 14.12 10.31 33.01
C MET F 855 15.25 11.22 33.46
N ALA F 856 15.06 12.54 33.39
CA ALA F 856 16.04 13.49 33.89
C ALA F 856 16.22 13.40 35.39
N THR F 857 15.24 12.86 36.13
CA THR F 857 15.38 12.63 37.56
C THR F 857 16.01 11.26 37.83
N SER F 858 16.13 10.43 36.80
CA SER F 858 16.70 9.09 36.96
C SER F 858 18.21 9.15 36.76
N PHE F 859 18.68 10.05 35.91
CA PHE F 859 20.11 10.28 35.75
C PHE F 859 20.69 11.16 36.85
N LEU F 860 19.85 11.89 37.60
CA LEU F 860 20.31 12.73 38.69
C LEU F 860 20.16 12.07 40.04
N SER F 861 19.31 11.06 40.18
CA SER F 861 19.22 10.26 41.39
C SER F 861 20.21 9.10 41.39
N LEU F 862 20.74 8.73 40.23
CA LEU F 862 21.79 7.73 40.14
C LEU F 862 23.18 8.35 40.24
N ALA F 863 23.38 9.50 39.61
CA ALA F 863 24.64 10.23 39.70
C ALA F 863 24.91 10.76 41.09
N LEU F 864 23.86 11.11 41.85
CA LEU F 864 24.02 11.57 43.22
C LEU F 864 23.90 10.44 44.24
N ASN F 865 23.63 9.22 43.79
CA ASN F 865 23.49 8.05 44.66
C ASN F 865 22.44 8.31 45.74
N LYS F 866 21.37 8.99 45.36
CA LYS F 866 20.28 9.33 46.27
C LYS F 866 18.99 8.65 45.82
N SER F 867 18.24 8.14 46.78
CA SER F 867 16.99 7.44 46.51
C SER F 867 15.82 8.42 46.59
N ILE F 868 14.98 8.42 45.55
CA ILE F 868 13.84 9.32 45.52
C ILE F 868 12.84 8.90 46.60
N ASP F 869 12.13 9.89 47.16
CA ASP F 869 11.03 9.70 48.10
C ASP F 869 10.14 8.57 47.62
N PRO F 870 9.89 7.55 48.45
CA PRO F 870 9.18 6.36 47.96
C PRO F 870 7.79 6.64 47.40
N THR F 871 7.11 7.69 47.85
CA THR F 871 5.80 8.05 47.31
C THR F 871 5.91 9.43 46.65
N VAL F 872 6.39 9.43 45.40
CA VAL F 872 6.43 10.62 44.56
C VAL F 872 6.23 10.19 43.11
N ALA F 873 5.14 10.65 42.51
CA ALA F 873 4.88 10.42 41.09
C ALA F 873 5.04 11.72 40.33
N MET F 874 5.86 11.68 39.27
CA MET F 874 6.19 12.88 38.51
C MET F 874 5.93 12.65 37.04
N THR F 875 5.68 13.74 36.32
CA THR F 875 5.38 13.68 34.90
C THR F 875 5.49 15.09 34.33
N GLY F 876 6.02 15.19 33.10
CA GLY F 876 6.17 16.47 32.46
C GLY F 876 7.22 16.50 31.37
N GLU F 877 6.94 17.21 30.28
CA GLU F 877 7.91 17.39 29.21
C GLU F 877 8.80 18.60 29.51
N LEU F 878 10.10 18.46 29.30
CA LEU F 878 11.04 19.55 29.52
C LEU F 878 11.80 19.83 28.24
N THR F 879 12.59 20.90 28.28
CA THR F 879 13.49 21.27 27.19
C THR F 879 14.92 21.27 27.70
N LEU F 880 15.85 21.57 26.79
CA LEU F 880 17.27 21.57 27.16
C LEU F 880 17.59 22.64 28.19
N THR F 881 16.78 23.69 28.30
CA THR F 881 16.97 24.72 29.31
C THR F 881 16.31 24.37 30.63
N GLY F 882 15.65 23.23 30.74
CA GLY F 882 14.97 22.85 31.95
C GLY F 882 13.64 23.57 32.13
N LYS F 883 12.84 23.62 31.06
CA LYS F 883 11.56 24.32 31.09
C LYS F 883 10.47 23.26 30.96
N VAL F 884 9.77 22.99 32.07
CA VAL F 884 8.76 21.93 32.08
C VAL F 884 7.54 22.40 31.29
N LEU F 885 7.32 21.80 30.13
CA LEU F 885 6.17 22.13 29.29
C LEU F 885 4.97 21.29 29.72
N ARG F 886 3.80 21.59 29.18
CA ARG F 886 2.55 20.98 29.61
C ARG F 886 2.38 19.59 29.00
N ILE F 887 1.52 18.78 29.61
CA ILE F 887 1.20 17.44 29.14
C ILE F 887 -0.31 17.28 29.10
N GLY F 888 -0.77 16.22 28.44
CA GLY F 888 -2.17 15.88 28.40
C GLY F 888 -2.50 14.67 29.25
N GLY F 889 -3.81 14.43 29.39
CA GLY F 889 -4.30 13.29 30.14
C GLY F 889 -3.93 13.30 31.61
N LEU F 890 -4.10 14.44 32.27
CA LEU F 890 -3.72 14.57 33.67
C LEU F 890 -4.64 13.79 34.62
N ARG F 891 -5.93 13.67 34.28
CA ARG F 891 -6.87 13.01 35.18
C ARG F 891 -6.55 11.54 35.37
N GLU F 892 -6.33 10.80 34.29
CA GLU F 892 -6.04 9.38 34.37
C GLU F 892 -4.62 9.09 34.84
N LYS F 893 -3.77 10.11 34.94
CA LYS F 893 -2.48 9.99 35.61
C LYS F 893 -2.58 10.27 37.10
N ALA F 894 -3.40 11.24 37.50
CA ALA F 894 -3.67 11.46 38.91
C ALA F 894 -4.44 10.30 39.54
N VAL F 895 -5.30 9.62 38.77
CA VAL F 895 -5.93 8.42 39.27
C VAL F 895 -4.90 7.31 39.48
N ALA F 896 -4.01 7.12 38.51
CA ALA F 896 -2.97 6.09 38.59
C ALA F 896 -1.97 6.34 39.70
N ALA F 897 -1.59 7.59 39.95
CA ALA F 897 -0.70 7.90 41.06
C ALA F 897 -1.32 7.61 42.42
N LYS F 898 -2.58 8.01 42.63
CA LYS F 898 -3.25 7.70 43.88
C LYS F 898 -3.45 6.20 44.04
N ARG F 899 -3.79 5.50 42.96
CA ARG F 899 -3.99 4.06 43.01
C ARG F 899 -2.70 3.30 43.28
N SER F 900 -1.56 3.82 42.86
CA SER F 900 -0.28 3.13 42.98
C SER F 900 0.53 3.59 44.19
N GLY F 901 -0.13 4.11 45.23
CA GLY F 901 0.52 4.39 46.49
C GLY F 901 1.21 5.73 46.60
N ALA F 902 1.23 6.53 45.54
CA ALA F 902 1.88 7.83 45.58
C ALA F 902 1.05 8.82 46.39
N LYS F 903 1.73 9.65 47.17
CA LYS F 903 1.08 10.70 47.95
C LYS F 903 1.38 12.11 47.47
N THR F 904 2.44 12.29 46.68
CA THR F 904 2.79 13.58 46.09
C THR F 904 2.90 13.42 44.59
N ILE F 905 2.27 14.33 43.85
CA ILE F 905 2.25 14.28 42.39
C ILE F 905 2.91 15.55 41.87
N ILE F 906 3.80 15.39 40.90
CA ILE F 906 4.51 16.50 40.27
C ILE F 906 4.04 16.58 38.82
N PHE F 907 3.44 17.72 38.47
CA PHE F 907 2.91 17.95 37.13
C PHE F 907 3.28 19.36 36.70
N PRO F 908 3.30 19.61 35.40
CA PRO F 908 3.70 20.94 34.92
C PRO F 908 2.74 22.03 35.39
N LYS F 909 3.30 23.23 35.57
CA LYS F 909 2.50 24.36 36.02
C LYS F 909 1.40 24.72 35.03
N ASP F 910 1.66 24.55 33.73
CA ASP F 910 0.65 24.85 32.72
C ASP F 910 -0.56 23.93 32.84
N ASN F 911 -0.41 22.76 33.45
CA ASN F 911 -1.52 21.85 33.69
C ASN F 911 -2.27 22.16 34.98
N LEU F 912 -1.84 23.20 35.71
CA LEU F 912 -2.46 23.52 37.00
C LEU F 912 -3.96 23.75 36.85
N ASN F 913 -4.37 24.45 35.78
CA ASN F 913 -5.79 24.64 35.53
C ASN F 913 -6.51 23.31 35.42
N ASP F 914 -5.94 22.36 34.69
CA ASP F 914 -6.53 21.03 34.59
C ASP F 914 -6.65 20.38 35.96
N TRP F 915 -5.68 20.64 36.85
CA TRP F 915 -5.75 20.11 38.20
C TRP F 915 -7.00 20.61 38.92
N GLU F 916 -7.38 21.87 38.68
CA GLU F 916 -8.59 22.41 39.28
C GLU F 916 -9.84 21.84 38.65
N GLU F 917 -9.74 21.24 37.45
CA GLU F 917 -10.90 20.65 36.80
C GLU F 917 -11.16 19.21 37.21
N LEU F 918 -10.25 18.60 37.99
CA LEU F 918 -10.43 17.22 38.39
C LEU F 918 -11.52 17.10 39.46
N PRO F 919 -12.19 15.96 39.53
CA PRO F 919 -13.15 15.74 40.60
C PRO F 919 -12.48 15.77 41.97
N ASP F 920 -13.22 16.25 42.97
CA ASP F 920 -12.66 16.37 44.31
C ASP F 920 -12.34 15.02 44.94
N ASN F 921 -12.96 13.94 44.47
CA ASN F 921 -12.65 12.61 44.97
C ASN F 921 -11.34 12.06 44.43
N VAL F 922 -10.78 12.69 43.40
CA VAL F 922 -9.49 12.29 42.86
C VAL F 922 -8.36 13.14 43.43
N LYS F 923 -8.58 14.46 43.53
CA LYS F 923 -7.55 15.35 44.06
C LYS F 923 -7.26 15.12 45.54
N GLU F 924 -8.18 14.48 46.27
CA GLU F 924 -7.98 14.25 47.69
C GLU F 924 -6.87 13.24 47.91
N GLY F 925 -6.07 13.48 48.94
CA GLY F 925 -4.92 12.63 49.24
C GLY F 925 -3.63 13.03 48.57
N LEU F 926 -3.67 13.25 47.26
CA LEU F 926 -2.49 13.67 46.52
C LEU F 926 -2.12 15.10 46.88
N GLU F 927 -0.83 15.34 47.10
CA GLU F 927 -0.34 16.67 47.36
C GLU F 927 0.24 17.24 46.08
N PRO F 928 -0.35 18.26 45.49
CA PRO F 928 0.11 18.74 44.18
C PRO F 928 1.40 19.53 44.28
N LEU F 929 2.11 19.57 43.15
CA LEU F 929 3.30 20.42 43.02
C LEU F 929 3.40 20.84 41.57
N ALA F 930 3.16 22.12 41.29
CA ALA F 930 3.24 22.66 39.94
C ALA F 930 4.65 23.18 39.72
N ALA F 931 5.38 22.53 38.81
CA ALA F 931 6.77 22.87 38.52
C ALA F 931 6.85 23.58 37.18
N ASP F 932 7.54 24.72 37.16
CA ASP F 932 7.80 25.47 35.94
C ASP F 932 9.19 25.18 35.38
N TRP F 933 10.22 25.31 36.21
CA TRP F 933 11.57 24.93 35.87
C TRP F 933 11.98 23.71 36.68
N TYR F 934 13.02 23.02 36.21
CA TYR F 934 13.46 21.81 36.89
C TYR F 934 14.02 22.07 38.28
N ASN F 935 14.38 23.33 38.58
CA ASN F 935 14.85 23.65 39.93
C ASN F 935 13.78 23.36 40.97
N ASP F 936 12.50 23.57 40.62
CA ASP F 936 11.43 23.23 41.55
C ASP F 936 11.51 21.76 41.96
N ILE F 937 11.61 20.87 40.97
CA ILE F 937 11.71 19.45 41.26
C ILE F 937 12.99 19.13 42.01
N PHE F 938 14.09 19.80 41.67
CA PHE F 938 15.36 19.49 42.31
C PHE F 938 15.34 19.82 43.79
N GLN F 939 14.96 21.05 44.13
CA GLN F 939 14.86 21.39 45.55
C GLN F 939 13.65 20.75 46.24
N LYS F 940 12.72 20.18 45.48
CA LYS F 940 11.70 19.36 46.11
C LYS F 940 12.27 18.02 46.54
N LEU F 941 13.06 17.39 45.67
CA LEU F 941 13.60 16.05 45.93
C LEU F 941 15.00 16.08 46.50
N PHE F 942 15.95 16.67 45.77
CA PHE F 942 17.35 16.67 46.17
C PHE F 942 17.70 17.88 47.02
N LYS F 943 16.93 18.10 48.08
CA LYS F 943 17.24 19.15 49.05
C LYS F 943 18.00 18.63 50.25
N ASP F 944 17.95 17.33 50.52
CA ASP F 944 18.73 16.76 51.61
C ASP F 944 20.23 16.86 51.32
N VAL F 945 20.63 16.62 50.08
CA VAL F 945 22.03 16.66 49.70
C VAL F 945 22.49 18.11 49.60
N ASN F 946 23.64 18.40 50.20
CA ASN F 946 24.23 19.73 50.16
C ASN F 946 25.20 19.83 48.98
N THR F 947 25.86 20.98 48.87
CA THR F 947 26.86 21.20 47.83
C THR F 947 28.21 20.59 48.16
N LYS F 948 28.37 20.02 49.35
CA LYS F 948 29.61 19.38 49.76
C LYS F 948 29.58 17.87 49.58
N GLU F 949 28.46 17.23 49.89
CA GLU F 949 28.30 15.79 49.71
C GLU F 949 27.58 15.46 48.41
N GLY F 950 27.51 16.39 47.47
CA GLY F 950 26.91 16.15 46.18
C GLY F 950 27.94 16.03 45.09
N ASN F 951 29.06 16.73 45.24
CA ASN F 951 30.19 16.63 44.32
C ASN F 951 31.30 15.74 44.88
N SER F 952 31.03 15.01 45.95
CA SER F 952 31.99 14.07 46.52
C SER F 952 31.42 12.67 46.63
N VAL F 953 30.33 12.37 45.91
CA VAL F 953 29.70 11.07 45.99
C VAL F 953 30.64 9.98 45.48
N TRP F 954 31.27 10.23 44.33
CA TRP F 954 32.13 9.24 43.68
C TRP F 954 33.61 9.48 43.97
N LYS F 955 33.92 10.10 45.11
CA LYS F 955 35.30 10.15 45.56
C LYS F 955 35.73 8.78 46.08
N ALA F 956 37.04 8.55 46.06
CA ALA F 956 37.61 7.22 46.33
C ALA F 956 37.09 6.18 45.33
N GLU F 957 36.56 6.66 44.20
CA GLU F 957 36.09 5.81 43.12
C GLU F 957 36.81 6.22 41.84
N PHE F 958 37.20 7.48 41.77
CA PHE F 958 38.04 7.98 40.68
C PHE F 958 39.51 8.02 41.05
N GLU F 959 39.85 7.94 42.33
CA GLU F 959 41.24 7.77 42.73
C GLU F 959 41.79 6.44 42.25
N ILE F 960 40.95 5.41 42.20
CA ILE F 960 41.32 4.12 41.63
C ILE F 960 40.96 4.04 40.15
N LEU F 961 40.59 5.17 39.54
CA LEU F 961 40.31 5.25 38.12
C LEU F 961 41.26 6.17 37.36
N ASP F 962 41.96 7.08 38.05
CA ASP F 962 42.90 7.99 37.43
C ASP F 962 44.29 7.39 37.26
N ALA F 963 44.39 6.05 37.27
CA ALA F 963 45.66 5.35 37.09
C ALA F 963 45.48 4.36 35.94
N LYS F 964 45.85 4.79 34.74
CA LYS F 964 45.72 3.96 33.55
C LYS F 964 46.99 3.14 33.33
N UNK G 1 -44.47 2.26 -22.96
CA UNK G 1 -43.80 1.26 -22.15
C UNK G 1 -42.31 1.55 -22.03
N UNK G 2 -41.49 0.49 -22.12
CA UNK G 2 -40.03 0.59 -22.03
C UNK G 2 -39.60 1.26 -20.74
N UNK G 3 -39.92 0.61 -19.62
CA UNK G 3 -39.55 1.12 -18.31
C UNK G 3 -38.04 1.13 -18.15
N UNK G 4 -37.55 2.09 -17.37
CA UNK G 4 -36.12 2.22 -17.14
C UNK G 4 -35.63 1.08 -16.25
N UNK G 5 -34.31 0.86 -16.31
CA UNK G 5 -33.66 -0.19 -15.53
C UNK G 5 -33.26 0.37 -14.16
N UNK G 6 -32.45 -0.40 -13.44
CA UNK G 6 -31.97 -0.01 -12.12
C UNK G 6 -30.58 0.61 -12.23
N UNK G 7 -30.17 1.32 -11.18
CA UNK G 7 -28.85 1.96 -11.18
C UNK G 7 -27.74 0.92 -11.30
N UNK G 8 -27.84 -0.16 -10.53
CA UNK G 8 -26.85 -1.23 -10.59
C UNK G 8 -27.49 -2.56 -10.98
N UNK G 12 -22.05 -3.20 -3.71
CA UNK G 12 -22.51 -2.15 -2.80
C UNK G 12 -22.93 -0.91 -3.58
PG ATP H . -18.16 25.11 3.55
O1G ATP H . -19.28 24.62 2.70
O2G ATP H . -17.94 24.28 4.82
O3G ATP H . -16.83 25.23 2.81
PB ATP H . -18.40 28.09 3.58
O1B ATP H . -17.02 28.61 3.56
O2B ATP H . -19.15 28.15 2.25
O3B ATP H . -18.47 26.58 4.09
PA ATP H . -20.78 29.43 4.72
O1A ATP H . -21.78 28.38 4.98
O2A ATP H . -21.00 30.22 3.43
O3A ATP H . -19.31 28.83 4.66
O5' ATP H . -20.70 30.46 5.91
C5' ATP H . -20.97 30.05 7.27
C4' ATP H . -21.53 31.23 8.04
O4' ATP H . -20.51 32.24 8.20
C3' ATP H . -22.74 31.91 7.41
O3' ATP H . -23.73 32.21 8.39
C2' ATP H . -22.14 33.19 6.80
O2' ATP H . -23.08 34.25 6.77
C1' ATP H . -21.02 33.49 7.80
N9 ATP H . -19.94 34.28 7.24
C8 ATP H . -18.82 33.81 6.60
N7 ATP H . -17.99 34.75 6.21
C5 ATP H . -18.62 35.93 6.60
C6 ATP H . -18.26 37.28 6.47
N6 ATP H . -17.14 37.70 5.88
N1 ATP H . -19.11 38.20 6.97
C2 ATP H . -20.24 37.79 7.56
N3 ATP H . -20.67 36.54 7.74
C4 ATP H . -19.82 35.65 7.24
MG MG I . -24.83 17.47 -1.72
PB ADP J . -9.01 21.51 -24.96
O1B ADP J . -8.44 20.20 -24.46
O2B ADP J . -9.00 22.63 -23.94
O3B ADP J . -10.31 21.35 -25.70
PA ADP J . -6.44 22.35 -25.69
O1A ADP J . -5.53 21.72 -26.71
O2A ADP J . -6.26 22.00 -24.23
O3A ADP J . -7.96 21.99 -26.09
O5' ADP J . -6.34 23.95 -25.86
C5' ADP J . -7.49 24.76 -26.09
C4' ADP J . -7.14 26.23 -25.83
O4' ADP J . -5.82 26.57 -26.29
C3' ADP J . -8.09 27.18 -26.55
O3' ADP J . -9.08 27.67 -25.63
C2' ADP J . -7.22 28.33 -27.04
O2' ADP J . -7.64 29.55 -26.44
C1' ADP J . -5.81 27.97 -26.57
N9 ADP J . -4.80 28.39 -27.59
C8 ADP J . -4.66 27.88 -28.82
N7 ADP J . -3.65 28.49 -29.50
C5 ADP J . -3.13 29.43 -28.69
C6 ADP J . -2.04 30.44 -28.77
N6 ADP J . -1.28 30.59 -29.89
N1 ADP J . -1.83 31.22 -27.69
C2 ADP J . -2.58 31.11 -26.59
N3 ADP J . -3.56 30.20 -26.42
C4 ADP J . -3.89 29.37 -27.43
PB ADP K . 2.96 -7.16 -31.58
O1B ADP K . 3.27 -8.63 -31.50
O2B ADP K . 1.52 -6.80 -31.37
O3B ADP K . 3.95 -6.27 -30.84
PA ADP K . 4.58 -7.28 -33.86
O1A ADP K . 5.74 -6.89 -32.98
O2A ADP K . 4.42 -8.73 -34.26
O3A ADP K . 3.24 -6.79 -33.13
O5' ADP K . 4.64 -6.39 -35.20
C5' ADP K . 5.83 -6.34 -35.97
C4' ADP K . 5.55 -5.72 -37.34
O4' ADP K . 6.73 -5.78 -38.16
C3' ADP K . 4.46 -6.47 -38.08
O3' ADP K . 3.28 -5.66 -38.18
C2' ADP K . 5.01 -6.76 -39.46
O2' ADP K . 4.20 -6.13 -40.45
C1' ADP K . 6.41 -6.17 -39.49
N9 ADP K . 7.37 -7.20 -39.95
C8 ADP K . 8.35 -7.75 -39.21
N7 ADP K . 9.07 -8.65 -39.92
C5 ADP K . 8.54 -8.69 -41.16
C6 ADP K . 8.82 -9.44 -42.41
N6 ADP K . 9.83 -10.33 -42.48
N1 ADP K . 8.03 -9.17 -43.49
C2 ADP K . 7.03 -8.28 -43.43
N3 ADP K . 6.72 -7.57 -42.32
C4 ADP K . 7.43 -7.73 -41.18
PG ATP L . 2.72 -28.90 -11.81
O1G ATP L . 3.27 -28.46 -13.13
O2G ATP L . 3.36 -28.18 -10.62
O3G ATP L . 1.19 -28.77 -11.72
PB ATP L . 4.23 -31.47 -11.55
O1B ATP L . 4.57 -31.91 -10.17
O2B ATP L . 5.36 -30.83 -12.34
O3B ATP L . 3.00 -30.45 -11.56
PA ATP L . 3.19 -32.89 -13.93
O1A ATP L . 3.49 -31.71 -14.77
O2A ATP L . 1.72 -33.29 -13.88
O3A ATP L . 3.67 -32.67 -12.43
O5' ATP L . 4.04 -34.14 -14.38
C5' ATP L . 5.13 -34.01 -15.30
C4' ATP L . 5.00 -35.05 -16.38
O4' ATP L . 5.70 -36.26 -15.99
C3' ATP L . 3.57 -35.47 -16.72
O3' ATP L . 3.39 -35.61 -18.12
C2' ATP L . 3.41 -36.80 -15.99
O2' ATP L . 2.50 -37.66 -16.64
C1' ATP L . 4.83 -37.36 -16.08
N9 ATP L . 5.17 -38.30 -15.01
C8 ATP L . 5.82 -38.02 -13.85
N7 ATP L . 5.99 -39.07 -13.06
C5 ATP L . 5.42 -40.11 -13.78
C6 ATP L . 5.27 -41.48 -13.51
N6 ATP L . 5.70 -42.07 -12.39
N1 ATP L . 4.65 -42.24 -14.44
C2 ATP L . 4.20 -41.66 -15.55
N3 ATP L . 4.29 -40.38 -15.92
C4 ATP L . 4.91 -39.64 -14.99
MG MG M . 3.33 -28.08 -7.85
PG ATP N . -11.78 -23.60 13.51
O1G ATP N . -11.10 -22.65 14.42
O2G ATP N . -10.87 -24.16 12.41
O3G ATP N . -13.05 -23.04 12.87
PB ATP N . -12.84 -25.29 15.74
O1B ATP N . -11.87 -25.04 16.82
O2B ATP N . -14.19 -24.58 15.89
O3B ATP N . -12.27 -24.90 14.32
PA ATP N . -14.31 -27.72 14.95
O1A ATP N . -15.40 -27.92 15.92
O2A ATP N . -14.72 -27.10 13.62
O3A ATP N . -13.15 -26.85 15.55
O5' ATP N . -13.58 -29.10 14.64
C5' ATP N . -12.73 -29.73 15.62
C4' ATP N . -12.91 -31.22 15.52
O4' ATP N . -12.59 -31.83 16.80
C3' ATP N . -14.33 -31.68 15.19
O3' ATP N . -14.31 -32.92 14.48
C2' ATP N . -14.95 -31.84 16.58
O2' ATP N . -16.02 -32.78 16.58
C1' ATP N . -13.77 -32.37 17.39
N9 ATP N . -13.79 -32.01 18.80
C8 ATP N . -13.25 -30.88 19.36
N7 ATP N . -13.41 -30.81 20.66
C5 ATP N . -14.11 -31.96 20.98
C6 ATP N . -14.60 -32.49 22.19
N6 ATP N . -14.45 -31.88 23.37
N1 ATP N . -15.25 -33.67 22.15
C2 ATP N . -15.40 -34.28 20.98
N3 ATP N . -14.99 -33.88 19.77
C4 ATP N . -14.34 -32.72 19.83
MG MG O . -20.01 -39.20 15.41
MG MG P . -70.11 -21.19 49.31
PG ATP Q . -20.56 2.92 21.57
O1G ATP Q . -19.61 4.06 21.64
O2G ATP Q . -21.54 3.01 20.39
O3G ATP Q . -19.88 1.55 21.54
PB ATP Q . -22.34 3.87 23.79
O1B ATP Q . -21.48 4.82 24.51
O2B ATP Q . -23.41 4.50 22.90
O3B ATP Q . -21.50 2.88 22.87
PA ATP Q . -24.59 2.51 25.14
O1A ATP Q . -25.08 1.34 24.37
O2A ATP Q . -25.41 3.78 24.95
O3A ATP Q . -23.09 2.86 24.77
O5' ATP Q . -24.51 2.20 26.68
C5' ATP Q . -24.37 0.84 27.17
C4' ATP Q . -25.11 0.70 28.48
O4' ATP Q . -24.49 1.53 29.49
C3' ATP Q . -26.59 1.08 28.45
O3' ATP Q . -27.38 0.16 29.19
C2' ATP Q . -26.60 2.48 29.08
O2' ATP Q . -27.83 2.75 29.75
C1' ATP Q . -25.46 2.36 30.09
N9 ATP Q . -24.83 3.62 30.44
C8 ATP Q . -23.78 4.22 29.78
N7 ATP Q . -23.41 5.37 30.31
C5 ATP Q . -24.28 5.53 31.37
C6 ATP Q . -24.41 6.55 32.33
N6 ATP Q . -23.64 7.65 32.38
N1 ATP Q . -25.39 6.42 33.27
C2 ATP Q . -26.15 5.34 33.22
N3 ATP Q . -26.12 4.31 32.37
C4 ATP Q . -25.16 4.47 31.47
#